data_7XYE
#
_entry.id   7XYE
#
_cell.length_a   103.694
_cell.length_b   108.507
_cell.length_c   134.911
_cell.angle_alpha   90.121
_cell.angle_beta   89.951
_cell.angle_gamma   83.754
#
_symmetry.space_group_name_H-M   'P 1'
#
loop_
_entity.id
_entity.type
_entity.pdbx_description
1 polymer 'N-formimidoyl fortimicin A synthase'
2 non-polymer 'FLAVIN-ADENINE DINUCLEOTIDE'
3 water water
#
_entity_poly.entity_id   1
_entity_poly.type   'polypeptide(L)'
_entity_poly.pdbx_seq_one_letter_code
;MGSSHHHHHHSSGLVPRGSHMMSKTADAPGQTDVIVVGNGVLGLSVGVEIARTRPDVRVTLLGKPARQYGATPAAGAMLG
AFGEVTAHALASEHGRKKHALAVQAQRLWPEWIESLEATGTAADGRIKTADDTVVLLNTVGHSALDDANFAAVLTALKEA
NAPHEEIAVESVDWIDPDPNSRPLRALHIEGEGSVDSGILLAALERSFLQAGGRLHPVDATEIRASHGRVEGVVTDDGDF
LPAGHVVVAAGARSQRLVAALPGLAHRIPRIYDGVGVSALVDTWDGSGPATVLRTSNRAFACGLHLVPRAGGSVYIGATN
AVCLEPRGAASIEETVFLFNCATHQLHRGLNGSELRKVQVGSRPAPIDGFPLIGGTSVEGLWMLSGTYRDGLHMSPLLAR
HVVSLMDGGTGVDGLREFRPERDLISAWSREEILDDVVRHTMATGYEFPWRLPLEWPHMMETFLQGPFAELADRLSDTYT
PPADLMTAIMFSEREQQDELIAYYADVHREWH
;
_entity_poly.pdbx_strand_id   A,B,C,D,E,F,G,H
#
# COMPACT_ATOMS: atom_id res chain seq x y z
N THR A 32 -54.18 -23.43 14.71
CA THR A 32 -53.48 -24.75 14.47
C THR A 32 -52.22 -24.76 15.36
N ASP A 33 -51.96 -25.86 16.07
CA ASP A 33 -50.72 -25.98 16.90
C ASP A 33 -49.62 -26.58 16.04
N VAL A 34 -48.42 -25.97 16.10
CA VAL A 34 -47.16 -26.53 15.52
C VAL A 34 -46.26 -27.00 16.68
N ILE A 35 -45.74 -28.22 16.57
CA ILE A 35 -44.68 -28.78 17.45
C ILE A 35 -43.41 -28.99 16.62
N VAL A 36 -42.31 -28.33 17.01
CA VAL A 36 -40.93 -28.60 16.48
C VAL A 36 -40.26 -29.57 17.46
N VAL A 37 -39.88 -30.74 16.99
CA VAL A 37 -39.15 -31.77 17.79
C VAL A 37 -37.66 -31.57 17.51
N GLY A 38 -36.92 -31.03 18.48
CA GLY A 38 -35.47 -30.85 18.43
C GLY A 38 -35.08 -29.40 18.65
N ASN A 39 -34.03 -29.18 19.43
CA ASN A 39 -33.59 -27.83 19.89
C ASN A 39 -32.15 -27.58 19.44
N GLY A 40 -31.76 -28.15 18.30
CA GLY A 40 -30.51 -27.77 17.61
C GLY A 40 -30.69 -26.47 16.86
N VAL A 41 -29.71 -26.10 16.03
CA VAL A 41 -29.81 -24.90 15.16
C VAL A 41 -30.98 -25.04 14.19
N LEU A 42 -31.26 -26.24 13.65
CA LEU A 42 -32.33 -26.38 12.63
C LEU A 42 -33.70 -26.23 13.30
N GLY A 43 -33.96 -26.96 14.38
CA GLY A 43 -35.22 -26.87 15.15
C GLY A 43 -35.52 -25.44 15.56
N LEU A 44 -34.60 -24.80 16.25
CA LEU A 44 -34.76 -23.42 16.77
C LEU A 44 -34.84 -22.42 15.61
N SER A 45 -34.16 -22.65 14.50
CA SER A 45 -34.18 -21.70 13.36
C SER A 45 -35.54 -21.78 12.66
N VAL A 46 -36.12 -22.96 12.55
CA VAL A 46 -37.46 -23.17 11.90
C VAL A 46 -38.52 -22.63 12.89
N GLY A 47 -38.35 -22.88 14.19
CA GLY A 47 -39.21 -22.35 15.26
C GLY A 47 -39.26 -20.83 15.23
N VAL A 48 -38.10 -20.19 15.14
CA VAL A 48 -38.03 -18.70 15.13
C VAL A 48 -38.78 -18.20 13.90
N GLU A 49 -38.59 -18.82 12.73
CA GLU A 49 -39.18 -18.34 11.45
C GLU A 49 -40.69 -18.59 11.47
N ILE A 50 -41.17 -19.71 12.00
CA ILE A 50 -42.63 -19.99 12.14
C ILE A 50 -43.23 -18.91 13.04
N ALA A 51 -42.71 -18.72 14.26
CA ALA A 51 -43.25 -17.80 15.29
C ALA A 51 -43.35 -16.37 14.74
N ARG A 52 -42.33 -15.89 14.04
CA ARG A 52 -42.26 -14.51 13.48
C ARG A 52 -43.21 -14.35 12.29
N THR A 53 -43.46 -15.41 11.51
CA THR A 53 -44.13 -15.38 10.17
C THR A 53 -45.60 -15.73 10.31
N ARG A 54 -46.00 -16.38 11.41
CA ARG A 54 -47.37 -16.91 11.63
C ARG A 54 -47.83 -16.54 13.05
N PRO A 55 -48.10 -15.25 13.36
CA PRO A 55 -48.59 -14.87 14.70
C PRO A 55 -49.91 -15.56 15.08
N ASP A 56 -50.65 -16.04 14.07
CA ASP A 56 -51.92 -16.82 14.19
C ASP A 56 -51.71 -18.11 14.98
N VAL A 57 -50.64 -18.87 14.70
CA VAL A 57 -50.48 -20.27 15.19
C VAL A 57 -49.59 -20.32 16.45
N ARG A 58 -49.89 -21.27 17.32
CA ARG A 58 -49.14 -21.54 18.58
C ARG A 58 -48.03 -22.53 18.29
N VAL A 59 -46.77 -22.13 18.46
CA VAL A 59 -45.58 -22.98 18.12
C VAL A 59 -44.86 -23.39 19.41
N THR A 60 -44.72 -24.71 19.62
CA THR A 60 -44.04 -25.34 20.78
C THR A 60 -42.80 -26.10 20.28
N LEU A 61 -41.66 -25.96 20.96
CA LEU A 61 -40.36 -26.60 20.61
C LEU A 61 -39.91 -27.51 21.76
N LEU A 62 -39.73 -28.81 21.48
CA LEU A 62 -39.28 -29.87 22.42
C LEU A 62 -37.76 -30.01 22.38
N GLY A 63 -37.18 -30.61 23.43
CA GLY A 63 -35.72 -30.81 23.59
C GLY A 63 -35.22 -30.23 24.90
N LYS A 64 -34.21 -30.87 25.50
CA LYS A 64 -33.69 -30.56 26.87
C LYS A 64 -32.43 -29.73 26.78
N PRO A 65 -32.08 -28.93 27.81
CA PRO A 65 -30.83 -28.16 27.80
C PRO A 65 -29.52 -28.98 27.73
N ALA A 66 -29.55 -30.26 28.09
CA ALA A 66 -28.41 -31.21 27.95
C ALA A 66 -27.98 -31.38 26.48
N ARG A 67 -28.94 -31.29 25.54
CA ARG A 67 -28.71 -31.47 24.08
C ARG A 67 -27.87 -32.73 23.86
N GLN A 68 -28.34 -33.86 24.37
CA GLN A 68 -27.71 -35.19 24.19
C GLN A 68 -27.39 -35.42 22.71
N TYR A 69 -26.12 -35.70 22.40
CA TYR A 69 -25.57 -36.01 21.05
C TYR A 69 -25.62 -34.78 20.14
N GLY A 70 -25.85 -33.60 20.70
CA GLY A 70 -26.13 -32.37 19.91
C GLY A 70 -24.93 -31.94 19.08
N ALA A 71 -25.08 -31.92 17.76
CA ALA A 71 -24.06 -31.45 16.80
C ALA A 71 -23.76 -29.96 17.04
N THR A 72 -24.80 -29.13 17.20
CA THR A 72 -24.68 -27.65 17.20
C THR A 72 -23.75 -27.17 18.32
N PRO A 73 -23.94 -27.58 19.60
CA PRO A 73 -23.09 -27.06 20.69
C PRO A 73 -21.63 -27.49 20.52
N ALA A 74 -21.37 -28.57 19.78
CA ALA A 74 -19.99 -29.09 19.50
C ALA A 74 -19.34 -28.36 18.32
N ALA A 75 -20.07 -27.49 17.62
CA ALA A 75 -19.60 -26.85 16.37
C ALA A 75 -18.90 -25.52 16.67
N GLY A 76 -17.96 -25.11 15.82
CA GLY A 76 -17.11 -23.93 16.05
C GLY A 76 -17.90 -22.63 16.15
N ALA A 77 -18.57 -22.23 15.06
CA ALA A 77 -18.68 -23.01 13.83
C ALA A 77 -18.32 -22.13 12.63
N MET A 78 -17.80 -22.74 11.57
CA MET A 78 -17.48 -22.08 10.29
C MET A 78 -18.76 -21.87 9.46
N LEU A 79 -18.90 -20.69 8.85
CA LEU A 79 -19.92 -20.45 7.81
C LEU A 79 -19.34 -20.92 6.47
N GLY A 80 -19.24 -22.24 6.30
CA GLY A 80 -18.47 -22.88 5.22
C GLY A 80 -19.27 -23.00 3.94
N ALA A 81 -18.79 -22.34 2.89
CA ALA A 81 -19.24 -22.48 1.48
C ALA A 81 -18.06 -22.95 0.62
N PHE A 82 -17.13 -22.05 0.30
CA PHE A 82 -15.92 -22.34 -0.51
C PHE A 82 -14.95 -23.25 0.26
N GLY A 83 -14.82 -23.07 1.58
CA GLY A 83 -13.99 -23.92 2.46
C GLY A 83 -14.40 -25.39 2.39
N GLU A 84 -15.68 -25.67 2.11
CA GLU A 84 -16.26 -27.03 2.09
C GLU A 84 -16.11 -27.67 0.70
N VAL A 85 -15.55 -26.94 -0.25
CA VAL A 85 -15.38 -27.45 -1.65
C VAL A 85 -14.34 -28.57 -1.64
N THR A 86 -14.70 -29.72 -2.22
CA THR A 86 -13.80 -30.84 -2.55
C THR A 86 -13.97 -31.18 -4.05
N ALA A 87 -12.92 -31.70 -4.69
CA ALA A 87 -13.01 -32.27 -6.06
C ALA A 87 -14.13 -33.32 -6.13
N HIS A 88 -14.24 -34.24 -5.16
CA HIS A 88 -15.26 -35.35 -5.17
C HIS A 88 -16.69 -34.80 -5.13
N ALA A 89 -16.94 -33.74 -4.37
CA ALA A 89 -18.26 -33.07 -4.27
C ALA A 89 -18.61 -32.45 -5.63
N LEU A 90 -17.71 -31.64 -6.18
CA LEU A 90 -17.90 -30.87 -7.45
C LEU A 90 -17.79 -31.78 -8.69
N ALA A 91 -17.80 -33.11 -8.52
CA ALA A 91 -17.74 -34.08 -9.63
C ALA A 91 -19.10 -34.76 -9.80
N SER A 92 -19.99 -34.66 -8.80
CA SER A 92 -21.39 -35.16 -8.87
C SER A 92 -22.31 -33.96 -9.09
N GLU A 93 -23.46 -34.19 -9.74
CA GLU A 93 -24.52 -33.17 -9.96
C GLU A 93 -25.07 -32.74 -8.59
N HIS A 94 -25.52 -33.73 -7.77
CA HIS A 94 -26.05 -33.53 -6.41
C HIS A 94 -25.10 -32.62 -5.59
N GLY A 95 -23.78 -32.79 -5.74
CA GLY A 95 -22.75 -32.02 -5.02
C GLY A 95 -22.64 -30.56 -5.49
N ARG A 96 -22.77 -30.32 -6.80
CA ARG A 96 -22.66 -28.95 -7.39
C ARG A 96 -23.88 -28.11 -6.93
N LYS A 97 -25.03 -28.76 -6.76
CA LYS A 97 -26.29 -28.15 -6.26
C LYS A 97 -26.09 -27.71 -4.80
N LYS A 98 -25.63 -28.63 -3.96
CA LYS A 98 -25.33 -28.40 -2.52
C LYS A 98 -24.39 -27.20 -2.40
N HIS A 99 -23.36 -27.11 -3.26
CA HIS A 99 -22.39 -25.97 -3.22
C HIS A 99 -23.14 -24.66 -3.49
N ALA A 100 -24.05 -24.66 -4.47
CA ALA A 100 -24.79 -23.44 -4.90
C ALA A 100 -25.66 -22.93 -3.73
N LEU A 101 -26.37 -23.83 -3.06
CA LEU A 101 -27.21 -23.51 -1.88
C LEU A 101 -26.35 -22.85 -0.79
N ALA A 102 -25.14 -23.35 -0.54
CA ALA A 102 -24.23 -22.86 0.52
C ALA A 102 -23.83 -21.41 0.20
N VAL A 103 -23.62 -21.09 -1.07
CA VAL A 103 -23.29 -19.69 -1.48
C VAL A 103 -24.51 -18.81 -1.17
N GLN A 104 -25.71 -19.32 -1.50
CA GLN A 104 -27.00 -18.61 -1.26
C GLN A 104 -27.15 -18.34 0.24
N ALA A 105 -26.97 -19.36 1.07
CA ALA A 105 -27.11 -19.27 2.54
C ALA A 105 -26.17 -18.20 3.10
N GLN A 106 -24.94 -18.06 2.57
CA GLN A 106 -23.93 -17.06 3.03
C GLN A 106 -24.51 -15.64 2.98
N ARG A 107 -25.38 -15.36 1.99
CA ARG A 107 -25.91 -13.99 1.74
C ARG A 107 -26.98 -13.64 2.79
N LEU A 108 -27.60 -14.63 3.44
CA LEU A 108 -28.65 -14.42 4.47
C LEU A 108 -28.03 -14.15 5.85
N TRP A 109 -26.76 -14.46 6.08
CA TRP A 109 -26.22 -14.49 7.47
C TRP A 109 -26.17 -13.10 8.08
N PRO A 110 -25.67 -12.04 7.40
CA PRO A 110 -25.62 -10.70 7.99
C PRO A 110 -26.95 -10.21 8.57
N GLU A 111 -28.06 -10.33 7.84
CA GLU A 111 -29.41 -9.87 8.28
C GLU A 111 -29.94 -10.79 9.39
N TRP A 112 -29.73 -12.11 9.27
CA TRP A 112 -30.20 -13.15 10.22
C TRP A 112 -29.57 -12.89 11.60
N ILE A 113 -28.26 -12.64 11.63
CA ILE A 113 -27.50 -12.31 12.86
C ILE A 113 -28.09 -11.03 13.48
N GLU A 114 -28.23 -9.97 12.68
CA GLU A 114 -28.75 -8.65 13.12
C GLU A 114 -30.14 -8.84 13.74
N SER A 115 -30.99 -9.66 13.12
CA SER A 115 -32.37 -9.92 13.56
C SER A 115 -32.38 -10.73 14.86
N LEU A 116 -31.34 -11.53 15.14
CA LEU A 116 -31.25 -12.35 16.37
C LEU A 116 -30.60 -11.52 17.49
N GLU A 117 -29.54 -10.75 17.18
CA GLU A 117 -28.84 -9.91 18.19
C GLU A 117 -29.79 -8.80 18.72
N ALA A 118 -30.72 -8.33 17.88
CA ALA A 118 -31.66 -7.20 18.16
C ALA A 118 -32.59 -7.52 19.34
N THR A 119 -32.85 -8.80 19.62
CA THR A 119 -33.75 -9.25 20.72
C THR A 119 -33.01 -9.35 22.06
N GLY A 120 -31.70 -9.05 22.08
CA GLY A 120 -30.88 -9.08 23.29
C GLY A 120 -30.14 -7.76 23.48
N THR A 121 -29.15 -7.75 24.38
CA THR A 121 -28.36 -6.56 24.79
C THR A 121 -26.87 -6.86 24.70
N ALA A 122 -26.02 -5.85 24.91
CA ALA A 122 -24.53 -5.91 24.83
C ALA A 122 -23.98 -7.13 25.58
N ALA A 123 -24.53 -7.46 26.75
CA ALA A 123 -23.97 -8.49 27.67
C ALA A 123 -24.18 -9.93 27.15
N ASP A 124 -25.03 -10.12 26.13
CA ASP A 124 -25.37 -11.46 25.56
C ASP A 124 -24.27 -11.91 24.59
N GLY A 125 -23.38 -11.00 24.19
CA GLY A 125 -22.19 -11.29 23.36
C GLY A 125 -22.51 -11.32 21.88
N ARG A 126 -21.47 -11.37 21.03
CA ARG A 126 -21.59 -11.28 19.56
C ARG A 126 -21.69 -12.71 18.98
N ILE A 127 -22.63 -12.92 18.06
CA ILE A 127 -22.79 -14.20 17.31
C ILE A 127 -21.61 -14.35 16.35
N LYS A 128 -21.27 -13.31 15.60
CA LYS A 128 -20.19 -13.36 14.59
C LYS A 128 -18.85 -13.30 15.32
N THR A 129 -17.93 -14.22 14.98
CA THR A 129 -16.61 -14.38 15.64
C THR A 129 -15.47 -14.06 14.65
N ALA A 130 -15.71 -14.12 13.34
CA ALA A 130 -14.74 -13.71 12.30
C ALA A 130 -15.43 -13.50 10.95
N ASP A 131 -14.88 -12.64 10.11
CA ASP A 131 -15.46 -12.27 8.79
C ASP A 131 -14.81 -13.11 7.69
N ASP A 132 -13.55 -13.51 7.87
CA ASP A 132 -12.69 -14.12 6.83
C ASP A 132 -12.12 -15.48 7.27
N THR A 133 -11.65 -16.26 6.30
CA THR A 133 -11.09 -17.62 6.45
C THR A 133 -9.76 -17.70 5.69
N VAL A 134 -8.74 -18.33 6.26
CA VAL A 134 -7.50 -18.72 5.54
C VAL A 134 -7.46 -20.25 5.42
N VAL A 135 -7.40 -20.76 4.20
CA VAL A 135 -7.23 -22.21 3.91
C VAL A 135 -5.74 -22.45 3.74
N LEU A 136 -5.19 -23.40 4.49
CA LEU A 136 -3.74 -23.72 4.49
C LEU A 136 -3.52 -25.05 3.78
N LEU A 137 -2.46 -25.16 3.00
CA LEU A 137 -2.04 -26.44 2.39
C LEU A 137 -0.67 -26.82 2.98
N ASN A 138 -0.63 -27.96 3.67
CA ASN A 138 0.59 -28.58 4.22
C ASN A 138 0.68 -30.00 3.67
N THR A 139 1.73 -30.74 4.01
CA THR A 139 1.98 -32.09 3.44
C THR A 139 1.59 -33.17 4.46
N VAL A 140 0.87 -32.80 5.51
CA VAL A 140 0.47 -33.76 6.57
C VAL A 140 -0.86 -34.38 6.15
N GLY A 141 -0.85 -35.10 5.03
CA GLY A 141 -2.09 -35.63 4.44
C GLY A 141 -1.84 -36.21 3.07
N HIS A 142 -2.87 -36.77 2.46
CA HIS A 142 -2.80 -37.45 1.14
C HIS A 142 -2.82 -36.36 0.07
N SER A 143 -1.92 -36.44 -0.91
CA SER A 143 -1.90 -35.59 -2.13
C SER A 143 -3.24 -35.72 -2.88
N ALA A 144 -3.80 -36.93 -2.94
CA ALA A 144 -5.02 -37.24 -3.73
C ALA A 144 -6.25 -36.53 -3.14
N LEU A 145 -6.21 -36.13 -1.86
CA LEU A 145 -7.27 -35.28 -1.26
C LEU A 145 -6.79 -33.82 -1.22
N ASP A 146 -5.76 -33.51 -0.44
CA ASP A 146 -5.42 -32.10 -0.08
C ASP A 146 -5.01 -31.31 -1.33
N ASP A 147 -4.21 -31.87 -2.25
CA ASP A 147 -3.74 -31.15 -3.48
C ASP A 147 -4.94 -30.91 -4.40
N ALA A 148 -5.73 -31.95 -4.68
CA ALA A 148 -6.92 -31.87 -5.56
C ALA A 148 -7.90 -30.85 -4.96
N ASN A 149 -8.11 -30.88 -3.64
CA ASN A 149 -9.14 -30.06 -2.95
C ASN A 149 -8.68 -28.61 -2.87
N PHE A 150 -7.39 -28.33 -2.80
CA PHE A 150 -6.90 -26.93 -2.80
C PHE A 150 -7.17 -26.30 -4.17
N ALA A 151 -6.86 -27.03 -5.24
CA ALA A 151 -7.13 -26.63 -6.64
C ALA A 151 -8.64 -26.43 -6.84
N ALA A 152 -9.48 -27.36 -6.40
CA ALA A 152 -10.96 -27.31 -6.53
C ALA A 152 -11.50 -26.04 -5.86
N VAL A 153 -10.98 -25.68 -4.69
CA VAL A 153 -11.41 -24.48 -3.91
C VAL A 153 -11.05 -23.23 -4.73
N LEU A 154 -9.80 -23.14 -5.19
CA LEU A 154 -9.26 -21.99 -5.96
C LEU A 154 -10.10 -21.81 -7.23
N THR A 155 -10.43 -22.90 -7.90
CA THR A 155 -11.24 -22.94 -9.16
C THR A 155 -12.65 -22.43 -8.86
N ALA A 156 -13.28 -22.92 -7.79
CA ALA A 156 -14.68 -22.60 -7.44
C ALA A 156 -14.80 -21.10 -7.07
N LEU A 157 -13.79 -20.55 -6.40
CA LEU A 157 -13.72 -19.09 -6.04
C LEU A 157 -13.66 -18.24 -7.31
N LYS A 158 -12.84 -18.63 -8.29
CA LYS A 158 -12.69 -17.89 -9.57
C LYS A 158 -14.01 -17.97 -10.36
N GLU A 159 -14.62 -19.15 -10.50
CA GLU A 159 -15.89 -19.38 -11.24
C GLU A 159 -17.03 -18.52 -10.67
N ALA A 160 -17.12 -18.36 -9.34
CA ALA A 160 -18.18 -17.57 -8.67
C ALA A 160 -17.75 -16.10 -8.54
N ASN A 161 -16.57 -15.74 -9.01
CA ASN A 161 -16.05 -14.34 -8.95
C ASN A 161 -16.05 -13.84 -7.50
N ALA A 162 -15.85 -14.74 -6.54
CA ALA A 162 -15.82 -14.44 -5.09
C ALA A 162 -14.51 -13.73 -4.77
N PRO A 163 -14.50 -12.77 -3.82
CA PRO A 163 -13.27 -12.07 -3.47
C PRO A 163 -12.36 -12.98 -2.61
N HIS A 164 -11.09 -13.06 -2.98
CA HIS A 164 -10.09 -14.01 -2.41
C HIS A 164 -8.73 -13.65 -2.95
N GLU A 165 -7.68 -14.17 -2.32
CA GLU A 165 -6.28 -13.94 -2.73
C GLU A 165 -5.44 -15.11 -2.21
N GLU A 166 -4.65 -15.73 -3.09
CA GLU A 166 -3.55 -16.63 -2.69
C GLU A 166 -2.46 -15.73 -2.11
N ILE A 167 -2.02 -16.00 -0.88
CA ILE A 167 -1.10 -15.11 -0.12
C ILE A 167 0.15 -15.89 0.26
N ALA A 168 1.25 -15.19 0.46
CA ALA A 168 2.48 -15.75 1.05
C ALA A 168 2.14 -16.28 2.44
N VAL A 169 2.61 -17.49 2.76
CA VAL A 169 2.37 -18.11 4.09
C VAL A 169 2.98 -17.20 5.17
N GLU A 170 4.11 -16.56 4.87
CA GLU A 170 4.82 -15.64 5.80
C GLU A 170 3.86 -14.53 6.26
N SER A 171 2.87 -14.17 5.45
CA SER A 171 1.92 -13.06 5.72
C SER A 171 0.71 -13.54 6.54
N VAL A 172 0.56 -14.84 6.82
CA VAL A 172 -0.55 -15.34 7.70
C VAL A 172 -0.17 -15.00 9.15
N ASP A 173 -1.01 -14.19 9.80
CA ASP A 173 -0.77 -13.70 11.18
C ASP A 173 -0.99 -14.88 12.14
N TRP A 174 -0.25 -14.85 13.25
CA TRP A 174 -0.54 -15.61 14.49
C TRP A 174 0.07 -17.01 14.43
N ILE A 175 -0.17 -17.78 13.36
CA ILE A 175 0.24 -19.21 13.24
C ILE A 175 1.74 -19.34 13.56
N ASP A 176 2.09 -20.42 14.25
CA ASP A 176 3.50 -20.78 14.58
C ASP A 176 3.61 -22.29 14.49
N PRO A 177 3.48 -22.87 13.29
CA PRO A 177 3.51 -24.33 13.13
C PRO A 177 4.93 -24.87 13.35
N ASP A 178 5.02 -26.17 13.64
CA ASP A 178 6.23 -27.00 13.45
C ASP A 178 6.68 -26.90 12.00
N PRO A 179 7.90 -26.42 11.72
CA PRO A 179 8.38 -26.33 10.33
C PRO A 179 8.16 -27.61 9.50
N ASN A 180 8.24 -28.81 10.10
CA ASN A 180 8.05 -30.06 9.34
C ASN A 180 6.57 -30.27 9.00
N SER A 181 5.66 -29.55 9.65
CA SER A 181 4.19 -29.64 9.42
C SER A 181 3.64 -28.33 8.83
N ARG A 182 4.49 -27.41 8.36
CA ARG A 182 4.06 -26.02 8.02
C ARG A 182 3.32 -26.00 6.69
N PRO A 183 2.50 -24.95 6.44
CA PRO A 183 1.88 -24.76 5.15
C PRO A 183 2.86 -24.10 4.18
N LEU A 184 2.77 -24.42 2.89
CA LEU A 184 3.61 -23.84 1.81
C LEU A 184 2.75 -23.00 0.87
N ARG A 185 1.42 -23.11 0.98
CA ARG A 185 0.45 -22.26 0.26
C ARG A 185 -0.68 -21.91 1.21
N ALA A 186 -1.21 -20.69 1.07
CA ALA A 186 -2.33 -20.15 1.86
C ALA A 186 -3.27 -19.38 0.94
N LEU A 187 -4.54 -19.36 1.31
CA LEU A 187 -5.65 -18.81 0.51
C LEU A 187 -6.56 -18.03 1.47
N HIS A 188 -6.59 -16.70 1.34
CA HIS A 188 -7.48 -15.76 2.08
C HIS A 188 -8.83 -15.68 1.36
N ILE A 189 -9.93 -16.06 2.01
CA ILE A 189 -11.31 -15.95 1.47
C ILE A 189 -12.05 -14.84 2.25
N GLU A 190 -12.45 -13.76 1.57
CA GLU A 190 -13.22 -12.64 2.19
C GLU A 190 -14.70 -13.02 2.32
N GLY A 191 -15.32 -12.71 3.47
CA GLY A 191 -16.77 -12.83 3.67
C GLY A 191 -17.19 -14.27 3.96
N GLU A 192 -16.22 -15.15 4.21
CA GLU A 192 -16.46 -16.52 4.72
C GLU A 192 -15.91 -16.58 6.15
N GLY A 193 -16.80 -16.59 7.13
CA GLY A 193 -16.43 -16.36 8.54
C GLY A 193 -16.92 -17.45 9.47
N SER A 194 -17.15 -17.08 10.73
CA SER A 194 -17.53 -18.02 11.81
C SER A 194 -18.49 -17.34 12.78
N VAL A 195 -19.28 -18.16 13.45
CA VAL A 195 -20.18 -17.76 14.57
C VAL A 195 -19.78 -18.59 15.79
N ASP A 196 -20.05 -18.06 16.98
CA ASP A 196 -20.02 -18.81 18.26
C ASP A 196 -21.33 -19.61 18.35
N SER A 197 -21.27 -20.93 18.22
CA SER A 197 -22.45 -21.81 18.17
C SER A 197 -23.26 -21.69 19.45
N GLY A 198 -22.61 -21.45 20.59
CA GLY A 198 -23.28 -21.35 21.91
C GLY A 198 -24.10 -20.08 22.00
N ILE A 199 -23.53 -18.95 21.56
CA ILE A 199 -24.19 -17.63 21.58
C ILE A 199 -25.31 -17.65 20.54
N LEU A 200 -25.11 -18.32 19.39
CA LEU A 200 -26.18 -18.48 18.35
C LEU A 200 -27.37 -19.21 18.98
N LEU A 201 -27.14 -20.32 19.69
CA LEU A 201 -28.24 -21.11 20.31
C LEU A 201 -28.99 -20.23 21.31
N ALA A 202 -28.28 -19.50 22.17
CA ALA A 202 -28.86 -18.59 23.19
C ALA A 202 -29.71 -17.52 22.49
N ALA A 203 -29.23 -16.95 21.37
CA ALA A 203 -29.91 -15.89 20.61
C ALA A 203 -31.18 -16.44 19.94
N LEU A 204 -31.11 -17.68 19.39
CA LEU A 204 -32.27 -18.35 18.75
C LEU A 204 -33.36 -18.58 19.81
N GLU A 205 -33.01 -19.13 20.97
CA GLU A 205 -33.96 -19.40 22.07
C GLU A 205 -34.65 -18.09 22.48
N ARG A 206 -33.86 -17.06 22.81
CA ARG A 206 -34.34 -15.73 23.23
C ARG A 206 -35.27 -15.17 22.14
N SER A 207 -34.87 -15.24 20.88
CA SER A 207 -35.63 -14.70 19.72
C SER A 207 -36.94 -15.49 19.54
N PHE A 208 -36.93 -16.78 19.88
CA PHE A 208 -38.11 -17.66 19.79
C PHE A 208 -39.16 -17.23 20.82
N LEU A 209 -38.76 -17.07 22.09
CA LEU A 209 -39.64 -16.64 23.20
C LEU A 209 -40.22 -15.26 22.86
N GLN A 210 -39.38 -14.34 22.37
CA GLN A 210 -39.78 -12.95 22.07
C GLN A 210 -40.90 -12.93 21.01
N ALA A 211 -40.85 -13.83 20.03
CA ALA A 211 -41.83 -13.90 18.92
C ALA A 211 -43.04 -14.77 19.33
N GLY A 212 -43.08 -15.25 20.57
CA GLY A 212 -44.27 -15.89 21.15
C GLY A 212 -44.21 -17.39 21.16
N GLY A 213 -43.05 -17.99 20.87
CA GLY A 213 -42.89 -19.46 20.92
C GLY A 213 -42.82 -19.95 22.36
N ARG A 214 -43.12 -21.24 22.58
CA ARG A 214 -43.05 -21.84 23.94
C ARG A 214 -42.02 -22.98 23.91
N LEU A 215 -41.01 -22.89 24.80
CA LEU A 215 -40.00 -23.96 25.03
C LEU A 215 -40.55 -24.93 26.08
N HIS A 216 -40.73 -26.19 25.71
CA HIS A 216 -41.17 -27.28 26.63
C HIS A 216 -40.02 -28.29 26.72
N PRO A 217 -39.18 -28.24 27.79
CA PRO A 217 -37.93 -29.01 27.84
C PRO A 217 -38.15 -30.49 28.19
N VAL A 218 -38.80 -31.22 27.28
CA VAL A 218 -38.92 -32.71 27.29
C VAL A 218 -38.56 -33.23 25.89
N ASP A 219 -38.42 -34.54 25.75
CA ASP A 219 -38.16 -35.22 24.45
C ASP A 219 -39.46 -35.87 23.97
N ALA A 220 -39.69 -35.86 22.66
CA ALA A 220 -40.71 -36.69 21.98
C ALA A 220 -40.28 -38.16 22.06
N THR A 221 -41.16 -39.06 22.46
CA THR A 221 -40.93 -40.53 22.40
C THR A 221 -41.63 -41.12 21.17
N GLU A 222 -42.74 -40.52 20.72
CA GLU A 222 -43.63 -41.09 19.69
C GLU A 222 -44.42 -40.00 18.99
N ILE A 223 -44.54 -40.07 17.67
CA ILE A 223 -45.46 -39.20 16.86
C ILE A 223 -46.76 -39.97 16.67
N ARG A 224 -47.89 -39.32 16.95
CA ARG A 224 -49.23 -39.91 16.80
C ARG A 224 -49.84 -39.49 15.46
N ALA A 225 -50.28 -40.48 14.68
CA ALA A 225 -50.98 -40.29 13.40
C ALA A 225 -52.05 -41.36 13.23
N SER A 226 -53.18 -40.98 12.66
CA SER A 226 -54.26 -41.89 12.18
C SER A 226 -54.97 -41.22 11.01
N HIS A 227 -55.52 -42.04 10.10
CA HIS A 227 -56.17 -41.57 8.85
C HIS A 227 -55.21 -40.63 8.11
N GLY A 228 -53.91 -40.98 8.06
CA GLY A 228 -52.85 -40.29 7.30
C GLY A 228 -52.64 -38.83 7.70
N ARG A 229 -52.76 -38.52 9.00
CA ARG A 229 -52.70 -37.11 9.51
C ARG A 229 -52.06 -37.12 10.90
N VAL A 230 -51.20 -36.13 11.20
CA VAL A 230 -50.58 -35.98 12.55
C VAL A 230 -51.65 -35.51 13.53
N GLU A 231 -51.73 -36.17 14.69
CA GLU A 231 -52.58 -35.78 15.85
C GLU A 231 -51.72 -35.01 16.85
N GLY A 232 -50.46 -35.44 17.03
CA GLY A 232 -49.47 -34.73 17.87
C GLY A 232 -48.33 -35.65 18.30
N VAL A 233 -47.87 -35.48 19.54
CA VAL A 233 -46.57 -36.02 20.04
C VAL A 233 -46.72 -36.45 21.51
N VAL A 234 -46.44 -37.72 21.80
CA VAL A 234 -46.27 -38.27 23.18
C VAL A 234 -44.85 -37.92 23.64
N THR A 235 -44.73 -37.32 24.83
CA THR A 235 -43.44 -36.85 25.42
C THR A 235 -42.93 -37.87 26.45
N ASP A 236 -41.67 -37.73 26.87
CA ASP A 236 -40.95 -38.74 27.70
C ASP A 236 -41.30 -38.61 29.19
N ASP A 237 -42.22 -37.69 29.56
CA ASP A 237 -42.80 -37.63 30.92
C ASP A 237 -44.25 -38.16 30.91
N GLY A 238 -44.65 -38.87 29.84
CA GLY A 238 -45.94 -39.58 29.75
C GLY A 238 -47.05 -38.76 29.10
N ASP A 239 -46.86 -37.44 28.95
CA ASP A 239 -47.89 -36.47 28.49
C ASP A 239 -48.18 -36.70 26.99
N PHE A 240 -49.22 -36.04 26.46
CA PHE A 240 -49.53 -35.96 25.00
C PHE A 240 -49.83 -34.51 24.62
N LEU A 241 -49.09 -33.95 23.65
CA LEU A 241 -49.33 -32.60 23.10
C LEU A 241 -49.99 -32.73 21.72
N PRO A 242 -51.18 -32.11 21.50
CA PRO A 242 -51.83 -32.18 20.20
C PRO A 242 -51.26 -31.12 19.24
N ALA A 243 -51.35 -31.38 17.93
CA ALA A 243 -50.90 -30.45 16.87
C ALA A 243 -51.38 -30.93 15.50
N GLY A 244 -51.58 -29.98 14.57
CA GLY A 244 -51.85 -30.24 13.15
C GLY A 244 -50.56 -30.27 12.34
N HIS A 245 -49.46 -29.79 12.91
CA HIS A 245 -48.12 -29.74 12.27
C HIS A 245 -47.05 -30.21 13.26
N VAL A 246 -46.20 -31.15 12.85
CA VAL A 246 -45.01 -31.65 13.60
C VAL A 246 -43.80 -31.58 12.66
N VAL A 247 -42.81 -30.76 12.98
CA VAL A 247 -41.52 -30.62 12.26
C VAL A 247 -40.47 -31.41 13.03
N VAL A 248 -39.91 -32.47 12.45
CA VAL A 248 -38.85 -33.31 13.09
C VAL A 248 -37.49 -32.74 12.69
N ALA A 249 -36.77 -32.17 13.66
CA ALA A 249 -35.41 -31.61 13.54
C ALA A 249 -34.59 -32.08 14.73
N ALA A 250 -34.61 -33.39 14.97
CA ALA A 250 -33.99 -34.06 16.14
C ALA A 250 -32.58 -34.59 15.77
N GLY A 251 -31.89 -33.91 14.87
CA GLY A 251 -30.56 -34.33 14.38
C GLY A 251 -30.58 -35.82 14.07
N ALA A 252 -29.61 -36.57 14.59
CA ALA A 252 -29.38 -37.99 14.24
C ALA A 252 -30.52 -38.91 14.73
N ARG A 253 -31.45 -38.41 15.53
CA ARG A 253 -32.59 -39.22 16.07
C ARG A 253 -33.83 -39.09 15.18
N SER A 254 -33.77 -38.23 14.15
CA SER A 254 -34.94 -37.79 13.33
C SER A 254 -35.62 -38.97 12.62
N GLN A 255 -34.87 -39.80 11.90
CA GLN A 255 -35.46 -40.95 11.15
C GLN A 255 -36.00 -41.99 12.13
N ARG A 256 -35.25 -42.35 13.17
CA ARG A 256 -35.65 -43.39 14.16
C ARG A 256 -37.03 -43.01 14.73
N LEU A 257 -37.35 -41.71 14.79
CA LEU A 257 -38.60 -41.18 15.38
C LEU A 257 -39.77 -41.38 14.41
N VAL A 258 -39.56 -41.06 13.13
CA VAL A 258 -40.61 -41.09 12.07
C VAL A 258 -40.82 -42.52 11.55
N ALA A 259 -39.79 -43.38 11.66
CA ALA A 259 -39.77 -44.75 11.10
C ALA A 259 -40.79 -45.66 11.81
N ALA A 260 -41.24 -45.29 13.01
CA ALA A 260 -42.19 -46.07 13.84
C ALA A 260 -43.60 -46.03 13.22
N LEU A 261 -43.91 -44.99 12.44
CA LEU A 261 -45.20 -44.86 11.70
C LEU A 261 -45.28 -45.89 10.58
N PRO A 262 -46.50 -46.32 10.15
CA PRO A 262 -46.66 -47.45 9.23
C PRO A 262 -45.99 -47.26 7.86
N GLY A 263 -45.21 -48.26 7.40
CA GLY A 263 -44.56 -48.30 6.08
C GLY A 263 -43.28 -47.48 6.00
N LEU A 264 -43.12 -46.48 6.87
CA LEU A 264 -42.09 -45.40 6.78
C LEU A 264 -40.69 -45.91 7.11
N ALA A 265 -40.56 -47.11 7.68
CA ALA A 265 -39.27 -47.71 8.09
C ALA A 265 -38.35 -47.81 6.87
N HIS A 266 -38.90 -48.00 5.67
CA HIS A 266 -38.15 -48.22 4.41
C HIS A 266 -38.46 -47.11 3.39
N ARG A 267 -39.09 -46.02 3.82
CA ARG A 267 -39.47 -44.89 2.92
C ARG A 267 -38.76 -43.60 3.33
N ILE A 268 -38.31 -43.52 4.59
CA ILE A 268 -37.43 -42.42 5.11
C ILE A 268 -36.03 -43.01 5.23
N PRO A 269 -35.06 -42.53 4.41
CA PRO A 269 -33.68 -43.02 4.51
C PRO A 269 -33.12 -42.86 5.94
N ARG A 270 -32.38 -43.87 6.39
CA ARG A 270 -31.75 -43.87 7.73
C ARG A 270 -30.76 -42.70 7.83
N ILE A 271 -30.68 -42.17 9.05
CA ILE A 271 -29.67 -41.16 9.47
C ILE A 271 -28.84 -41.81 10.57
N TYR A 272 -27.52 -41.85 10.40
CA TYR A 272 -26.57 -42.36 11.41
C TYR A 272 -25.87 -41.16 12.08
N ASP A 273 -25.09 -41.46 13.12
CA ASP A 273 -24.32 -40.47 13.92
C ASP A 273 -22.92 -40.28 13.34
N GLY A 274 -22.66 -39.12 12.75
CA GLY A 274 -21.30 -38.66 12.39
C GLY A 274 -20.63 -38.00 13.59
N VAL A 275 -20.10 -38.82 14.48
CA VAL A 275 -19.58 -38.39 15.80
C VAL A 275 -18.37 -37.49 15.57
N GLY A 276 -18.38 -36.33 16.20
CA GLY A 276 -17.37 -35.28 16.01
C GLY A 276 -16.86 -34.81 17.36
N VAL A 277 -15.54 -34.72 17.46
CA VAL A 277 -14.85 -34.21 18.67
C VAL A 277 -14.22 -32.87 18.31
N SER A 278 -14.38 -31.91 19.21
CA SER A 278 -13.74 -30.59 19.14
C SER A 278 -13.30 -30.21 20.55
N ALA A 279 -12.63 -29.08 20.72
CA ALA A 279 -12.12 -28.67 22.05
C ALA A 279 -12.08 -27.15 22.15
N LEU A 280 -12.36 -26.66 23.36
CA LEU A 280 -12.15 -25.25 23.76
C LEU A 280 -10.82 -25.18 24.50
N VAL A 281 -9.97 -24.25 24.09
CA VAL A 281 -8.60 -24.09 24.63
C VAL A 281 -8.42 -22.62 25.02
N ASP A 282 -7.94 -22.40 26.25
CA ASP A 282 -7.51 -21.06 26.74
C ASP A 282 -6.06 -20.88 26.34
N THR A 283 -5.80 -19.98 25.40
CA THR A 283 -4.45 -19.81 24.79
C THR A 283 -3.49 -19.31 25.88
N TRP A 284 -2.24 -19.79 25.82
CA TRP A 284 -1.12 -19.45 26.73
C TRP A 284 -1.08 -17.94 27.05
N ASP A 285 -1.34 -17.06 26.07
CA ASP A 285 -1.17 -15.59 26.20
C ASP A 285 -2.51 -14.86 25.97
N GLY A 286 -3.62 -15.59 25.90
CA GLY A 286 -4.97 -15.01 25.69
C GLY A 286 -5.22 -14.55 24.26
N SER A 287 -4.27 -14.72 23.33
CA SER A 287 -4.40 -14.30 21.91
C SER A 287 -5.23 -15.32 21.11
N GLY A 288 -5.57 -14.95 19.88
CA GLY A 288 -6.30 -15.77 18.90
C GLY A 288 -6.11 -15.21 17.50
N PRO A 289 -6.35 -16.01 16.44
CA PRO A 289 -6.23 -15.48 15.08
C PRO A 289 -7.45 -14.59 14.79
N ALA A 290 -7.30 -13.65 13.86
CA ALA A 290 -8.39 -12.72 13.46
C ALA A 290 -9.33 -13.45 12.50
N THR A 291 -8.83 -14.41 11.74
CA THR A 291 -9.63 -15.20 10.76
C THR A 291 -9.81 -16.64 11.25
N VAL A 292 -10.75 -17.34 10.64
CA VAL A 292 -10.80 -18.82 10.68
C VAL A 292 -9.52 -19.30 10.02
N LEU A 293 -8.91 -20.36 10.56
CA LEU A 293 -7.78 -21.10 9.96
C LEU A 293 -8.28 -22.51 9.71
N ARG A 294 -8.16 -23.03 8.49
CA ARG A 294 -8.62 -24.40 8.17
C ARG A 294 -7.78 -25.02 7.06
N THR A 295 -7.83 -26.34 6.99
CA THR A 295 -7.45 -27.15 5.80
C THR A 295 -8.72 -27.42 4.99
N SER A 296 -8.56 -27.92 3.77
CA SER A 296 -9.63 -28.60 3.00
C SER A 296 -10.12 -29.79 3.83
N ASN A 297 -11.27 -30.36 3.47
CA ASN A 297 -11.83 -31.58 4.10
C ASN A 297 -10.88 -32.75 3.82
N ARG A 298 -10.73 -33.62 4.81
CA ARG A 298 -9.71 -34.70 4.86
C ARG A 298 -10.43 -36.05 5.05
N ALA A 299 -9.69 -37.10 5.45
CA ALA A 299 -10.16 -38.50 5.45
C ALA A 299 -11.54 -38.57 6.08
N PHE A 300 -12.51 -39.14 5.33
CA PHE A 300 -13.87 -39.46 5.82
C PHE A 300 -14.52 -38.20 6.42
N ALA A 301 -14.30 -37.06 5.76
CA ALA A 301 -15.00 -35.77 6.03
C ALA A 301 -14.63 -35.25 7.43
N CYS A 302 -13.45 -35.61 7.97
CA CYS A 302 -12.82 -34.87 9.10
C CYS A 302 -12.13 -33.63 8.51
N GLY A 303 -11.41 -32.86 9.33
CA GLY A 303 -10.69 -31.66 8.88
C GLY A 303 -10.13 -30.90 10.06
N LEU A 304 -9.12 -30.06 9.85
CA LEU A 304 -8.47 -29.31 10.95
C LEU A 304 -8.86 -27.85 10.77
N HIS A 305 -9.45 -27.26 11.79
CA HIS A 305 -9.75 -25.81 11.82
C HIS A 305 -9.66 -25.27 13.23
N LEU A 306 -9.41 -23.97 13.27
CA LEU A 306 -9.44 -23.14 14.48
C LEU A 306 -10.43 -22.01 14.19
N VAL A 307 -11.48 -21.93 15.00
CA VAL A 307 -12.51 -20.85 14.94
C VAL A 307 -12.25 -19.93 16.13
N PRO A 308 -12.06 -18.61 15.90
CA PRO A 308 -11.85 -17.68 17.01
C PRO A 308 -13.08 -17.60 17.93
N ARG A 309 -12.84 -17.24 19.18
CA ARG A 309 -13.87 -17.01 20.23
C ARG A 309 -13.45 -15.76 21.00
N ALA A 310 -14.38 -15.14 21.73
CA ALA A 310 -14.11 -14.00 22.65
C ALA A 310 -13.48 -14.53 23.94
N GLY A 311 -12.63 -13.71 24.59
CA GLY A 311 -12.19 -13.91 25.99
C GLY A 311 -11.03 -14.87 26.17
N GLY A 312 -10.10 -14.93 25.21
CA GLY A 312 -8.84 -15.69 25.37
C GLY A 312 -9.02 -17.18 25.13
N SER A 313 -10.13 -17.57 24.52
CA SER A 313 -10.44 -18.97 24.12
C SER A 313 -10.29 -19.10 22.60
N VAL A 314 -9.93 -20.30 22.11
CA VAL A 314 -10.12 -20.70 20.68
C VAL A 314 -10.88 -22.03 20.66
N TYR A 315 -11.63 -22.27 19.59
CA TYR A 315 -12.23 -23.59 19.25
C TYR A 315 -11.28 -24.30 18.29
N ILE A 316 -10.98 -25.57 18.54
CA ILE A 316 -10.28 -26.44 17.56
C ILE A 316 -11.15 -27.65 17.26
N GLY A 317 -11.23 -28.00 15.98
CA GLY A 317 -11.96 -29.18 15.51
C GLY A 317 -11.40 -29.64 14.18
N ALA A 318 -11.97 -30.69 13.60
CA ALA A 318 -13.01 -31.51 14.22
C ALA A 318 -12.95 -32.89 13.58
N THR A 319 -13.03 -33.95 14.38
CA THR A 319 -12.94 -35.34 13.90
C THR A 319 -14.31 -35.72 13.35
N ASN A 320 -14.38 -36.79 12.58
CA ASN A 320 -15.66 -37.34 12.09
C ASN A 320 -15.50 -38.84 11.94
N ALA A 321 -16.46 -39.57 12.49
CA ALA A 321 -16.52 -41.04 12.37
C ALA A 321 -17.99 -41.43 12.37
N VAL A 322 -18.45 -42.06 11.30
CA VAL A 322 -19.87 -42.53 11.25
C VAL A 322 -19.94 -43.77 12.12
N CYS A 323 -20.85 -43.76 13.10
CA CYS A 323 -21.12 -44.87 14.05
C CYS A 323 -22.57 -45.34 13.84
N LEU A 324 -22.76 -46.65 13.88
CA LEU A 324 -24.09 -47.28 13.65
C LEU A 324 -24.94 -47.13 14.91
N GLU A 325 -24.33 -46.93 16.07
CA GLU A 325 -25.03 -46.59 17.34
C GLU A 325 -24.47 -45.25 17.84
N PRO A 326 -25.29 -44.45 18.55
CA PRO A 326 -24.80 -43.16 19.07
C PRO A 326 -23.75 -43.31 20.17
N ARG A 327 -22.95 -42.26 20.35
CA ARG A 327 -21.83 -42.22 21.32
C ARG A 327 -21.67 -40.78 21.77
N GLY A 328 -21.59 -40.56 23.07
CA GLY A 328 -21.65 -39.22 23.69
C GLY A 328 -20.32 -38.80 24.26
N ALA A 329 -19.29 -39.65 24.15
CA ALA A 329 -17.94 -39.41 24.69
C ALA A 329 -16.90 -39.59 23.58
N ALA A 330 -15.87 -38.74 23.59
CA ALA A 330 -14.71 -38.83 22.68
C ALA A 330 -13.94 -40.11 22.99
N SER A 331 -13.30 -40.68 22.00
CA SER A 331 -12.28 -41.75 22.16
C SER A 331 -10.92 -41.07 22.41
N ILE A 332 -10.00 -41.79 23.05
CA ILE A 332 -8.61 -41.32 23.27
C ILE A 332 -8.03 -40.94 21.89
N GLU A 333 -8.21 -41.82 20.90
CA GLU A 333 -7.63 -41.67 19.54
C GLU A 333 -8.01 -40.31 18.94
N GLU A 334 -9.29 -39.93 19.07
CA GLU A 334 -9.86 -38.69 18.49
C GLU A 334 -9.24 -37.48 19.18
N THR A 335 -9.14 -37.49 20.50
CA THR A 335 -8.58 -36.35 21.28
C THR A 335 -7.11 -36.17 20.88
N VAL A 336 -6.35 -37.27 20.83
CA VAL A 336 -4.89 -37.22 20.50
C VAL A 336 -4.73 -36.65 19.09
N PHE A 337 -5.50 -37.17 18.13
CA PHE A 337 -5.38 -36.79 16.70
C PHE A 337 -5.68 -35.29 16.57
N LEU A 338 -6.81 -34.85 17.12
CA LEU A 338 -7.21 -33.41 17.10
C LEU A 338 -6.11 -32.54 17.69
N PHE A 339 -5.57 -32.88 18.87
CA PHE A 339 -4.55 -32.05 19.56
C PHE A 339 -3.22 -32.10 18.81
N ASN A 340 -2.84 -33.24 18.27
CA ASN A 340 -1.56 -33.38 17.53
C ASN A 340 -1.60 -32.52 16.27
N CYS A 341 -2.71 -32.54 15.52
CA CYS A 341 -2.87 -31.76 14.28
C CYS A 341 -2.81 -30.26 14.59
N ALA A 342 -3.59 -29.78 15.56
CA ALA A 342 -3.66 -28.34 15.93
C ALA A 342 -2.28 -27.84 16.41
N THR A 343 -1.57 -28.59 17.24
CA THR A 343 -0.29 -28.11 17.83
C THR A 343 0.83 -28.07 16.78
N HIS A 344 0.84 -29.00 15.81
CA HIS A 344 1.88 -29.10 14.76
C HIS A 344 1.56 -28.17 13.57
N GLN A 345 0.31 -28.17 13.10
CA GLN A 345 -0.08 -27.56 11.80
C GLN A 345 -0.53 -26.10 11.98
N LEU A 346 -1.01 -25.69 13.15
CA LEU A 346 -1.54 -24.33 13.37
C LEU A 346 -0.65 -23.54 14.34
N HIS A 347 -0.51 -23.97 15.60
CA HIS A 347 0.29 -23.22 16.60
C HIS A 347 0.84 -24.13 17.71
N ARG A 348 2.17 -24.17 17.82
CA ARG A 348 2.90 -24.93 18.87
C ARG A 348 2.57 -24.39 20.27
N GLY A 349 2.22 -23.12 20.40
CA GLY A 349 1.77 -22.50 21.66
C GLY A 349 0.53 -23.17 22.24
N LEU A 350 -0.30 -23.82 21.42
CA LEU A 350 -1.49 -24.59 21.89
C LEU A 350 -1.03 -25.75 22.77
N ASN A 351 0.21 -26.20 22.61
CA ASN A 351 0.77 -27.35 23.38
C ASN A 351 0.78 -26.98 24.87
N GLY A 352 1.16 -25.74 25.20
CA GLY A 352 1.28 -25.25 26.59
C GLY A 352 0.00 -24.57 27.06
N SER A 353 -1.04 -24.57 26.23
CA SER A 353 -2.33 -23.93 26.54
C SER A 353 -3.21 -24.90 27.32
N GLU A 354 -4.20 -24.36 28.03
CA GLU A 354 -5.07 -25.11 28.97
C GLU A 354 -6.30 -25.62 28.22
N LEU A 355 -6.57 -26.91 28.36
CA LEU A 355 -7.79 -27.57 27.86
C LEU A 355 -8.95 -27.21 28.80
N ARG A 356 -9.95 -26.46 28.30
CA ARG A 356 -11.16 -26.12 29.09
C ARG A 356 -12.22 -27.20 28.92
N LYS A 357 -12.37 -27.77 27.73
CA LYS A 357 -13.56 -28.61 27.43
C LYS A 357 -13.30 -29.44 26.18
N VAL A 358 -13.60 -30.73 26.26
CA VAL A 358 -13.68 -31.65 25.10
C VAL A 358 -15.17 -31.80 24.76
N GLN A 359 -15.55 -31.48 23.53
CA GLN A 359 -16.96 -31.46 23.08
C GLN A 359 -17.17 -32.63 22.14
N VAL A 360 -18.36 -33.24 22.22
CA VAL A 360 -18.79 -34.34 21.32
C VAL A 360 -20.22 -34.07 20.86
N GLY A 361 -20.46 -34.15 19.56
CA GLY A 361 -21.80 -34.09 18.95
C GLY A 361 -21.91 -35.01 17.76
N SER A 362 -23.13 -35.33 17.35
CA SER A 362 -23.44 -36.25 16.22
C SER A 362 -23.86 -35.44 15.00
N ARG A 363 -22.99 -35.32 14.00
CA ARG A 363 -23.43 -34.87 12.66
C ARG A 363 -24.49 -35.87 12.16
N PRO A 364 -25.70 -35.42 11.80
CA PRO A 364 -26.70 -36.31 11.21
C PRO A 364 -26.23 -36.81 9.85
N ALA A 365 -25.87 -38.09 9.75
CA ALA A 365 -25.22 -38.68 8.55
C ALA A 365 -26.25 -39.53 7.79
N PRO A 366 -26.83 -39.00 6.71
CA PRO A 366 -27.86 -39.74 5.97
C PRO A 366 -27.24 -40.91 5.17
N ILE A 367 -27.90 -42.06 5.17
CA ILE A 367 -27.36 -43.31 4.54
C ILE A 367 -27.09 -43.13 3.04
N ASP A 368 -27.74 -42.20 2.35
CA ASP A 368 -27.55 -41.98 0.89
C ASP A 368 -26.82 -40.66 0.65
N GLY A 369 -26.33 -40.00 1.69
CA GLY A 369 -25.38 -38.87 1.59
C GLY A 369 -26.04 -37.55 1.22
N PHE A 370 -27.38 -37.46 1.36
CA PHE A 370 -28.11 -36.21 1.05
C PHE A 370 -29.14 -35.92 2.14
N PRO A 371 -29.41 -34.61 2.40
CA PRO A 371 -30.32 -34.20 3.46
C PRO A 371 -31.75 -34.75 3.28
N LEU A 372 -32.52 -34.71 4.37
CA LEU A 372 -33.97 -35.03 4.44
C LEU A 372 -34.71 -33.76 4.83
N ILE A 373 -35.27 -33.05 3.85
CA ILE A 373 -35.90 -31.71 4.03
C ILE A 373 -37.23 -31.66 3.28
N GLY A 374 -38.33 -31.54 4.00
CA GLY A 374 -39.63 -31.21 3.41
C GLY A 374 -40.73 -32.08 3.95
N GLY A 375 -41.75 -32.31 3.11
CA GLY A 375 -43.03 -32.92 3.49
C GLY A 375 -42.95 -34.43 3.40
N THR A 376 -43.99 -35.10 3.88
CA THR A 376 -44.13 -36.57 4.06
C THR A 376 -45.46 -36.99 3.43
N SER A 377 -45.73 -38.30 3.34
CA SER A 377 -47.01 -38.88 2.89
C SER A 377 -48.06 -38.71 4.00
N VAL A 378 -47.64 -38.26 5.18
CA VAL A 378 -48.49 -37.97 6.37
C VAL A 378 -48.70 -36.45 6.43
N GLU A 379 -49.96 -36.01 6.39
CA GLU A 379 -50.34 -34.57 6.37
C GLU A 379 -49.84 -33.93 7.68
N GLY A 380 -49.19 -32.77 7.56
CA GLY A 380 -48.66 -31.98 8.69
C GLY A 380 -47.36 -32.50 9.27
N LEU A 381 -46.80 -33.60 8.74
CA LEU A 381 -45.51 -34.18 9.21
C LEU A 381 -44.37 -33.69 8.30
N TRP A 382 -43.45 -32.92 8.86
CA TRP A 382 -42.30 -32.34 8.15
C TRP A 382 -41.01 -32.83 8.82
N MET A 383 -39.92 -32.86 8.07
CA MET A 383 -38.59 -33.36 8.48
C MET A 383 -37.53 -32.33 8.04
N LEU A 384 -36.54 -32.09 8.91
CA LEU A 384 -35.41 -31.16 8.65
C LEU A 384 -34.17 -31.74 9.33
N SER A 385 -33.42 -32.59 8.61
CA SER A 385 -32.27 -33.35 9.15
C SER A 385 -31.35 -33.87 8.03
N GLY A 386 -30.34 -34.66 8.41
CA GLY A 386 -29.35 -35.27 7.51
C GLY A 386 -28.41 -34.26 6.89
N THR A 387 -28.12 -33.15 7.58
CA THR A 387 -27.31 -32.03 7.01
C THR A 387 -25.81 -32.31 7.16
N TYR A 388 -25.43 -33.36 7.86
CA TYR A 388 -24.02 -33.81 8.01
C TYR A 388 -23.11 -32.65 8.50
N ARG A 389 -22.31 -32.04 7.62
CA ARG A 389 -21.22 -31.09 7.99
C ARG A 389 -21.70 -29.63 8.00
N ASP A 390 -22.83 -29.29 7.37
CA ASP A 390 -23.14 -27.87 7.03
C ASP A 390 -24.59 -27.48 7.29
N GLY A 391 -25.35 -28.22 8.10
CA GLY A 391 -26.70 -27.81 8.53
C GLY A 391 -26.69 -26.43 9.19
N LEU A 392 -25.74 -26.16 10.10
CA LEU A 392 -25.65 -24.89 10.82
C LEU A 392 -25.49 -23.76 9.79
N HIS A 393 -24.56 -23.89 8.86
CA HIS A 393 -24.31 -22.86 7.82
C HIS A 393 -25.60 -22.61 7.02
N MET A 394 -26.34 -23.68 6.70
CA MET A 394 -27.50 -23.59 5.78
C MET A 394 -28.79 -23.28 6.55
N SER A 395 -28.74 -23.21 7.88
CA SER A 395 -29.93 -23.11 8.78
C SER A 395 -30.89 -22.02 8.30
N PRO A 396 -30.47 -20.75 8.08
CA PRO A 396 -31.42 -19.72 7.70
C PRO A 396 -32.14 -20.07 6.39
N LEU A 397 -31.42 -20.58 5.40
CA LEU A 397 -32.02 -20.97 4.08
C LEU A 397 -32.99 -22.13 4.30
N LEU A 398 -32.58 -23.18 5.02
CA LEU A 398 -33.39 -24.39 5.23
C LEU A 398 -34.65 -24.03 6.03
N ALA A 399 -34.51 -23.15 7.02
CA ALA A 399 -35.62 -22.68 7.87
C ALA A 399 -36.70 -22.05 6.99
N ARG A 400 -36.29 -21.08 6.15
CA ARG A 400 -37.20 -20.29 5.28
C ARG A 400 -37.84 -21.23 4.24
N HIS A 401 -37.10 -22.23 3.75
CA HIS A 401 -37.63 -23.21 2.78
C HIS A 401 -38.78 -24.00 3.43
N VAL A 402 -38.57 -24.58 4.60
CA VAL A 402 -39.59 -25.47 5.23
C VAL A 402 -40.82 -24.62 5.59
N VAL A 403 -40.60 -23.41 6.11
CA VAL A 403 -41.70 -22.45 6.49
C VAL A 403 -42.54 -22.12 5.25
N SER A 404 -41.87 -21.86 4.12
CA SER A 404 -42.55 -21.57 2.83
C SER A 404 -43.41 -22.77 2.41
N LEU A 405 -42.89 -24.00 2.49
CA LEU A 405 -43.64 -25.24 2.14
C LEU A 405 -44.86 -25.39 3.06
N MET A 406 -44.71 -25.02 4.32
CA MET A 406 -45.76 -25.18 5.36
C MET A 406 -46.91 -24.18 5.09
N ASP A 407 -46.59 -23.06 4.44
CA ASP A 407 -47.52 -21.94 4.15
C ASP A 407 -48.10 -22.09 2.74
N GLY A 408 -47.83 -23.19 2.04
CA GLY A 408 -48.38 -23.48 0.70
C GLY A 408 -47.47 -23.05 -0.44
N GLY A 409 -46.29 -22.48 -0.15
CA GLY A 409 -45.29 -22.03 -1.15
C GLY A 409 -44.44 -23.18 -1.67
N THR A 410 -43.42 -22.87 -2.47
CA THR A 410 -42.48 -23.83 -3.10
C THR A 410 -41.07 -23.67 -2.53
N GLY A 411 -40.85 -22.74 -1.60
CA GLY A 411 -39.55 -22.48 -0.96
C GLY A 411 -38.44 -22.20 -1.97
N VAL A 412 -37.28 -22.81 -1.79
CA VAL A 412 -36.05 -22.60 -2.62
C VAL A 412 -35.97 -23.71 -3.67
N ASP A 413 -35.61 -23.37 -4.92
CA ASP A 413 -35.51 -24.36 -6.02
C ASP A 413 -34.36 -25.32 -5.70
N GLY A 414 -34.51 -26.55 -6.13
CA GLY A 414 -33.42 -27.56 -6.07
C GLY A 414 -33.27 -28.21 -4.71
N LEU A 415 -33.96 -27.72 -3.66
CA LEU A 415 -34.12 -28.45 -2.36
C LEU A 415 -35.28 -29.45 -2.45
N ARG A 416 -36.12 -29.36 -3.49
CA ARG A 416 -37.19 -30.36 -3.81
C ARG A 416 -36.58 -31.76 -3.84
N GLU A 417 -35.40 -31.92 -4.45
CA GLU A 417 -34.72 -33.23 -4.67
C GLU A 417 -34.44 -33.94 -3.34
N PHE A 418 -34.34 -33.21 -2.22
CA PHE A 418 -33.95 -33.77 -0.88
C PHE A 418 -35.19 -34.00 -0.02
N ARG A 419 -36.37 -34.12 -0.62
CA ARG A 419 -37.62 -34.57 0.04
C ARG A 419 -37.31 -35.79 0.90
N PRO A 420 -37.78 -35.84 2.16
CA PRO A 420 -37.39 -36.91 3.08
C PRO A 420 -37.92 -38.30 2.75
N GLU A 421 -39.09 -38.39 2.12
CA GLU A 421 -39.74 -39.68 1.79
C GLU A 421 -39.37 -40.02 0.34
N ARG A 422 -38.41 -40.92 0.17
CA ARG A 422 -37.77 -41.23 -1.13
C ARG A 422 -37.11 -42.61 -1.06
N ASP A 423 -36.89 -43.20 -2.22
CA ASP A 423 -35.88 -44.28 -2.47
C ASP A 423 -34.51 -43.67 -2.13
N LEU A 424 -33.60 -44.47 -1.58
CA LEU A 424 -32.17 -44.08 -1.42
C LEU A 424 -31.66 -43.56 -2.77
N ILE A 425 -30.98 -42.42 -2.75
CA ILE A 425 -30.28 -41.83 -3.92
C ILE A 425 -29.00 -42.63 -4.21
N SER A 426 -28.64 -42.74 -5.49
CA SER A 426 -27.38 -43.35 -6.00
C SER A 426 -26.59 -42.29 -6.79
N ALA A 427 -25.90 -41.39 -6.10
CA ALA A 427 -25.23 -40.20 -6.69
C ALA A 427 -23.88 -40.57 -7.29
N TRP A 428 -23.34 -41.73 -6.92
CA TRP A 428 -22.01 -42.20 -7.39
C TRP A 428 -22.11 -43.67 -7.79
N SER A 429 -21.34 -44.08 -8.79
CA SER A 429 -21.14 -45.49 -9.19
C SER A 429 -20.40 -46.20 -8.05
N ARG A 430 -20.67 -47.50 -7.88
CA ARG A 430 -19.95 -48.41 -6.97
C ARG A 430 -18.45 -48.22 -7.14
N GLU A 431 -17.97 -48.15 -8.39
CA GLU A 431 -16.56 -47.99 -8.77
C GLU A 431 -16.00 -46.70 -8.16
N GLU A 432 -16.73 -45.58 -8.26
CA GLU A 432 -16.27 -44.26 -7.75
C GLU A 432 -16.08 -44.35 -6.22
N ILE A 433 -17.02 -45.02 -5.53
CA ILE A 433 -17.03 -45.09 -4.05
C ILE A 433 -15.86 -45.97 -3.58
N LEU A 434 -15.62 -47.11 -4.24
CA LEU A 434 -14.53 -48.06 -3.90
C LEU A 434 -13.17 -47.36 -4.05
N ASP A 435 -12.96 -46.56 -5.10
CA ASP A 435 -11.74 -45.71 -5.25
C ASP A 435 -11.67 -44.74 -4.08
N ASP A 436 -12.81 -44.14 -3.72
CA ASP A 436 -12.88 -43.08 -2.67
C ASP A 436 -12.51 -43.70 -1.32
N VAL A 437 -13.08 -44.86 -0.96
CA VAL A 437 -12.94 -45.47 0.39
C VAL A 437 -11.48 -45.89 0.59
N VAL A 438 -10.82 -46.37 -0.46
CA VAL A 438 -9.39 -46.82 -0.39
C VAL A 438 -8.50 -45.59 -0.22
N ARG A 439 -8.75 -44.55 -1.02
CA ARG A 439 -7.97 -43.29 -0.98
C ARG A 439 -8.07 -42.69 0.44
N HIS A 440 -9.29 -42.59 0.97
CA HIS A 440 -9.59 -41.96 2.28
C HIS A 440 -8.95 -42.83 3.38
N THR A 441 -9.06 -44.16 3.28
CA THR A 441 -8.42 -45.11 4.22
C THR A 441 -6.91 -44.81 4.26
N MET A 442 -6.25 -44.73 3.10
CA MET A 442 -4.81 -44.41 3.04
C MET A 442 -4.57 -43.03 3.65
N ALA A 443 -5.48 -42.09 3.42
CA ALA A 443 -5.37 -40.72 3.95
C ALA A 443 -5.31 -40.70 5.48
N THR A 444 -5.94 -41.65 6.17
CA THR A 444 -5.88 -41.68 7.66
C THR A 444 -4.44 -41.94 8.07
N GLY A 445 -3.65 -42.62 7.22
CA GLY A 445 -2.21 -42.86 7.42
C GLY A 445 -1.43 -41.59 7.26
N TYR A 446 -1.62 -40.88 6.14
CA TYR A 446 -0.77 -39.73 5.77
C TYR A 446 -1.09 -38.56 6.71
N GLU A 447 -2.28 -38.54 7.30
CA GLU A 447 -2.76 -37.46 8.19
C GLU A 447 -2.23 -37.65 9.62
N PHE A 448 -1.75 -38.82 9.98
CA PHE A 448 -1.33 -39.13 11.36
C PHE A 448 -0.20 -38.20 11.83
N PRO A 449 0.91 -37.97 11.07
CA PRO A 449 1.28 -38.73 9.88
C PRO A 449 2.10 -39.95 10.30
N TRP A 450 1.93 -41.07 9.60
CA TRP A 450 2.73 -42.28 9.89
C TRP A 450 4.14 -42.10 9.32
N ARG A 451 5.05 -42.98 9.73
CA ARG A 451 6.39 -43.19 9.12
C ARG A 451 6.54 -44.69 8.91
N LEU A 452 6.64 -45.11 7.65
CA LEU A 452 6.55 -46.51 7.17
C LEU A 452 7.72 -46.75 6.25
N PRO A 453 8.10 -48.01 6.01
CA PRO A 453 8.96 -48.33 4.87
C PRO A 453 8.24 -47.90 3.58
N LEU A 454 8.99 -47.48 2.58
CA LEU A 454 8.44 -46.73 1.42
C LEU A 454 7.57 -47.62 0.52
N GLU A 455 7.68 -48.95 0.59
CA GLU A 455 6.92 -49.87 -0.31
C GLU A 455 5.59 -50.25 0.36
N TRP A 456 5.43 -50.01 1.65
CA TRP A 456 4.26 -50.49 2.45
C TRP A 456 2.98 -49.83 1.96
N PRO A 457 2.93 -48.50 1.73
CA PRO A 457 1.70 -47.87 1.26
C PRO A 457 1.13 -48.49 -0.02
N HIS A 458 1.94 -48.73 -1.05
CA HIS A 458 1.48 -49.37 -2.31
C HIS A 458 0.92 -50.77 -2.00
N MET A 459 1.53 -51.51 -1.08
CA MET A 459 1.08 -52.89 -0.73
C MET A 459 -0.30 -52.81 -0.06
N MET A 460 -0.50 -51.88 0.88
CA MET A 460 -1.79 -51.72 1.59
C MET A 460 -2.86 -51.25 0.58
N GLU A 461 -2.52 -50.33 -0.34
CA GLU A 461 -3.43 -49.84 -1.39
C GLU A 461 -4.01 -51.06 -2.12
N THR A 462 -3.16 -51.97 -2.62
CA THR A 462 -3.61 -53.09 -3.49
C THR A 462 -4.39 -54.12 -2.67
N PHE A 463 -4.09 -54.29 -1.38
CA PHE A 463 -4.74 -55.33 -0.52
C PHE A 463 -6.02 -54.78 0.13
N LEU A 464 -6.30 -53.48 -0.02
CA LEU A 464 -7.55 -52.85 0.52
C LEU A 464 -8.69 -53.00 -0.49
N GLN A 465 -8.37 -52.99 -1.79
CA GLN A 465 -9.35 -53.02 -2.91
C GLN A 465 -10.30 -54.21 -2.77
N GLY A 466 -9.75 -55.41 -2.60
CA GLY A 466 -10.50 -56.69 -2.55
C GLY A 466 -11.56 -56.71 -1.45
N PRO A 467 -11.17 -56.57 -0.16
CA PRO A 467 -12.13 -56.64 0.93
C PRO A 467 -13.30 -55.65 0.85
N PHE A 468 -13.07 -54.44 0.30
CA PHE A 468 -14.10 -53.38 0.17
C PHE A 468 -15.00 -53.69 -1.05
N ALA A 469 -14.42 -54.20 -2.14
CA ALA A 469 -15.18 -54.66 -3.34
C ALA A 469 -16.12 -55.81 -2.92
N GLU A 470 -15.61 -56.76 -2.13
CA GLU A 470 -16.36 -57.93 -1.61
C GLU A 470 -17.54 -57.43 -0.74
N LEU A 471 -17.30 -56.45 0.13
CA LEU A 471 -18.32 -55.92 1.07
C LEU A 471 -19.45 -55.26 0.26
N ALA A 472 -19.11 -54.41 -0.71
CA ALA A 472 -20.07 -53.66 -1.55
C ALA A 472 -20.99 -54.63 -2.31
N ASP A 473 -20.45 -55.72 -2.86
CA ASP A 473 -21.20 -56.73 -3.65
C ASP A 473 -22.15 -57.49 -2.73
N ARG A 474 -21.75 -57.74 -1.49
CA ARG A 474 -22.48 -58.54 -0.49
C ARG A 474 -23.67 -57.76 0.06
N LEU A 475 -23.58 -56.42 0.13
CA LEU A 475 -24.56 -55.55 0.83
C LEU A 475 -25.86 -55.44 0.00
N SER A 476 -25.74 -55.27 -1.32
CA SER A 476 -26.90 -55.05 -2.23
C SER A 476 -26.42 -55.12 -3.67
N ASP A 477 -27.33 -55.47 -4.59
CA ASP A 477 -27.06 -55.47 -6.06
C ASP A 477 -27.35 -54.09 -6.65
N THR A 478 -27.93 -53.15 -5.89
CA THR A 478 -28.36 -51.82 -6.45
C THR A 478 -27.78 -50.67 -5.60
N TYR A 479 -27.83 -50.74 -4.28
CA TYR A 479 -27.41 -49.61 -3.38
C TYR A 479 -25.95 -49.79 -2.93
N THR A 480 -25.21 -48.69 -2.91
CA THR A 480 -23.83 -48.63 -2.36
C THR A 480 -23.73 -47.49 -1.34
N PRO A 481 -23.36 -47.78 -0.08
CA PRO A 481 -23.17 -46.73 0.92
C PRO A 481 -22.03 -45.82 0.49
N PRO A 482 -22.10 -44.49 0.72
CA PRO A 482 -20.95 -43.62 0.48
C PRO A 482 -19.78 -44.00 1.44
N ALA A 483 -18.58 -43.55 1.08
CA ALA A 483 -17.29 -43.97 1.70
C ALA A 483 -17.34 -43.84 3.22
N ASP A 484 -17.82 -42.70 3.72
CA ASP A 484 -17.87 -42.38 5.17
C ASP A 484 -18.60 -43.50 5.90
N LEU A 485 -19.67 -44.01 5.31
CA LEU A 485 -20.53 -45.04 5.94
C LEU A 485 -19.94 -46.43 5.65
N MET A 486 -19.41 -46.64 4.45
CA MET A 486 -18.85 -47.96 4.05
C MET A 486 -17.72 -48.36 5.03
N THR A 487 -16.82 -47.45 5.40
CA THR A 487 -15.72 -47.78 6.35
C THR A 487 -16.32 -48.21 7.69
N ALA A 488 -17.32 -47.49 8.19
CA ALA A 488 -18.03 -47.87 9.44
C ALA A 488 -18.63 -49.28 9.30
N ILE A 489 -19.29 -49.58 8.19
CA ILE A 489 -19.92 -50.92 7.98
C ILE A 489 -18.84 -52.02 7.96
N MET A 490 -17.74 -51.78 7.24
CA MET A 490 -16.58 -52.71 7.13
C MET A 490 -16.07 -53.17 8.51
N PHE A 491 -16.09 -52.29 9.52
CA PHE A 491 -15.48 -52.55 10.85
C PHE A 491 -16.57 -52.73 11.92
N SER A 492 -17.82 -52.88 11.50
CA SER A 492 -18.98 -53.19 12.39
C SER A 492 -19.07 -54.71 12.58
N GLU A 493 -19.97 -55.19 13.44
CA GLU A 493 -20.18 -56.64 13.70
C GLU A 493 -20.88 -57.30 12.51
N ARG A 494 -20.77 -58.61 12.37
CA ARG A 494 -21.42 -59.42 11.30
C ARG A 494 -22.95 -59.23 11.38
N GLU A 495 -23.52 -59.18 12.58
CA GLU A 495 -24.98 -59.04 12.81
C GLU A 495 -25.43 -57.68 12.26
N GLN A 496 -24.68 -56.62 12.54
CA GLN A 496 -24.97 -55.22 12.09
C GLN A 496 -24.91 -55.12 10.57
N GLN A 497 -23.96 -55.83 9.94
CA GLN A 497 -23.82 -55.92 8.46
C GLN A 497 -25.04 -56.63 7.88
N ASP A 498 -25.41 -57.79 8.44
CA ASP A 498 -26.55 -58.62 7.95
C ASP A 498 -27.85 -57.81 8.05
N GLU A 499 -28.04 -57.10 9.16
CA GLU A 499 -29.21 -56.20 9.41
C GLU A 499 -29.27 -55.14 8.29
N LEU A 500 -28.13 -54.65 7.81
CA LEU A 500 -28.05 -53.63 6.72
C LEU A 500 -28.38 -54.26 5.38
N ILE A 501 -28.04 -55.54 5.19
CA ILE A 501 -28.38 -56.29 3.94
C ILE A 501 -29.91 -56.41 3.87
N ALA A 502 -30.55 -56.73 5.00
CA ALA A 502 -32.02 -56.86 5.16
C ALA A 502 -32.68 -55.49 4.93
N TYR A 503 -32.15 -54.42 5.50
CA TYR A 503 -32.63 -53.02 5.31
C TYR A 503 -32.60 -52.66 3.83
N TYR A 504 -31.46 -52.81 3.16
CA TYR A 504 -31.27 -52.44 1.73
C TYR A 504 -32.26 -53.22 0.87
N ALA A 505 -32.44 -54.51 1.14
CA ALA A 505 -33.34 -55.43 0.40
C ALA A 505 -34.80 -54.98 0.60
N ASP A 506 -35.19 -54.68 1.83
CA ASP A 506 -36.54 -54.16 2.20
C ASP A 506 -36.80 -52.82 1.49
N VAL A 507 -35.82 -51.94 1.38
CA VAL A 507 -35.98 -50.62 0.69
C VAL A 507 -36.24 -50.89 -0.79
N HIS A 508 -35.55 -51.87 -1.38
CA HIS A 508 -35.69 -52.23 -2.82
C HIS A 508 -37.12 -52.75 -3.09
N ARG A 509 -37.59 -53.64 -2.22
CA ARG A 509 -38.97 -54.20 -2.22
C ARG A 509 -40.00 -53.05 -2.24
N GLU A 510 -39.83 -52.05 -1.36
CA GLU A 510 -40.79 -50.92 -1.18
C GLU A 510 -40.87 -50.06 -2.45
N TRP A 511 -39.76 -49.83 -3.13
CA TRP A 511 -39.62 -48.75 -4.17
C TRP A 511 -39.55 -49.31 -5.59
N HIS A 512 -39.31 -50.61 -5.76
CA HIS A 512 -39.15 -51.27 -7.09
C HIS A 512 -40.01 -52.55 -7.16
N GLN B 31 -9.65 -22.61 74.32
CA GLN B 31 -10.65 -23.67 74.07
C GLN B 31 -9.93 -25.02 74.05
N THR B 32 -10.67 -26.14 74.04
CA THR B 32 -10.15 -27.49 73.69
C THR B 32 -10.66 -27.92 72.31
N ASP B 33 -11.24 -26.99 71.54
CA ASP B 33 -11.72 -27.23 70.16
C ASP B 33 -10.54 -27.43 69.20
N VAL B 34 -10.67 -28.40 68.29
CA VAL B 34 -9.70 -28.66 67.19
C VAL B 34 -10.33 -28.23 65.86
N ILE B 35 -9.59 -27.47 65.06
CA ILE B 35 -9.92 -27.15 63.64
C ILE B 35 -8.87 -27.80 62.74
N VAL B 36 -9.29 -28.70 61.84
CA VAL B 36 -8.47 -29.22 60.72
C VAL B 36 -8.78 -28.36 59.49
N VAL B 37 -7.77 -27.70 58.94
CA VAL B 37 -7.88 -26.87 57.71
C VAL B 37 -7.46 -27.75 56.53
N GLY B 38 -8.42 -28.19 55.72
CA GLY B 38 -8.19 -28.99 54.52
C GLY B 38 -8.94 -30.30 54.56
N ASN B 39 -9.55 -30.68 53.42
CA ASN B 39 -10.46 -31.84 53.30
C ASN B 39 -9.91 -32.81 52.24
N GLY B 40 -8.59 -32.89 52.12
CA GLY B 40 -7.93 -33.95 51.36
C GLY B 40 -7.87 -35.23 52.18
N VAL B 41 -7.14 -36.23 51.72
CA VAL B 41 -6.91 -37.49 52.47
C VAL B 41 -6.20 -37.18 53.79
N LEU B 42 -5.24 -36.23 53.83
CA LEU B 42 -4.48 -35.98 55.09
C LEU B 42 -5.38 -35.30 56.11
N GLY B 43 -6.06 -34.22 55.74
CA GLY B 43 -7.00 -33.50 56.63
C GLY B 43 -8.03 -34.44 57.22
N LEU B 44 -8.77 -35.15 56.36
CA LEU B 44 -9.85 -36.07 56.77
C LEU B 44 -9.28 -37.26 57.56
N SER B 45 -8.07 -37.73 57.27
CA SER B 45 -7.47 -38.89 57.97
C SER B 45 -7.07 -38.46 59.40
N VAL B 46 -6.55 -37.25 59.56
CA VAL B 46 -6.13 -36.72 60.88
C VAL B 46 -7.40 -36.36 61.67
N GLY B 47 -8.42 -35.82 60.99
CA GLY B 47 -9.73 -35.52 61.57
C GLY B 47 -10.38 -36.77 62.11
N VAL B 48 -10.39 -37.86 61.34
CA VAL B 48 -11.01 -39.13 61.78
C VAL B 48 -10.27 -39.62 63.04
N GLU B 49 -8.95 -39.56 63.06
CA GLU B 49 -8.13 -40.12 64.17
C GLU B 49 -8.30 -39.23 65.42
N ILE B 50 -8.34 -37.91 65.27
CA ILE B 50 -8.62 -36.98 66.41
C ILE B 50 -10.00 -37.30 66.98
N ALA B 51 -11.05 -37.30 66.16
CA ALA B 51 -12.46 -37.54 66.58
C ALA B 51 -12.60 -38.87 67.32
N ARG B 52 -11.99 -39.94 66.84
CA ARG B 52 -12.06 -41.32 67.42
C ARG B 52 -11.28 -41.37 68.74
N THR B 53 -10.21 -40.58 68.90
CA THR B 53 -9.21 -40.65 70.01
C THR B 53 -9.55 -39.66 71.13
N ARG B 54 -10.37 -38.63 70.83
CA ARG B 54 -10.74 -37.55 71.76
C ARG B 54 -12.24 -37.29 71.68
N PRO B 55 -13.12 -38.24 72.11
CA PRO B 55 -14.58 -38.03 72.05
C PRO B 55 -15.05 -36.83 72.88
N ASP B 56 -14.22 -36.42 73.85
CA ASP B 56 -14.39 -35.26 74.75
C ASP B 56 -14.50 -33.95 73.95
N VAL B 57 -13.62 -33.73 72.95
CA VAL B 57 -13.45 -32.40 72.29
C VAL B 57 -14.24 -32.34 70.96
N ARG B 58 -14.61 -31.12 70.57
CA ARG B 58 -15.22 -30.76 69.28
C ARG B 58 -14.12 -30.58 68.21
N VAL B 59 -14.15 -31.43 67.17
CA VAL B 59 -13.26 -31.37 65.99
C VAL B 59 -14.09 -30.88 64.79
N THR B 60 -13.64 -29.79 64.17
CA THR B 60 -14.25 -29.13 62.98
C THR B 60 -13.26 -29.24 61.81
N LEU B 61 -13.73 -29.64 60.62
CA LEU B 61 -12.90 -29.76 59.40
C LEU B 61 -13.42 -28.83 58.31
N LEU B 62 -12.56 -27.91 57.85
CA LEU B 62 -12.84 -26.87 56.83
C LEU B 62 -12.44 -27.41 55.45
N GLY B 63 -12.98 -26.79 54.39
CA GLY B 63 -12.78 -27.19 52.97
C GLY B 63 -14.09 -27.46 52.26
N LYS B 64 -14.17 -27.15 50.97
CA LYS B 64 -15.41 -27.17 50.14
C LYS B 64 -15.44 -28.43 49.29
N PRO B 65 -16.63 -28.91 48.88
CA PRO B 65 -16.72 -30.11 48.02
C PRO B 65 -16.06 -29.99 46.64
N ALA B 66 -15.82 -28.78 46.12
CA ALA B 66 -15.09 -28.51 44.85
C ALA B 66 -13.65 -29.05 44.92
N ARG B 67 -13.02 -29.02 46.11
CA ARG B 67 -11.62 -29.45 46.35
C ARG B 67 -10.74 -28.83 45.27
N GLN B 68 -10.75 -27.51 45.17
CA GLN B 68 -9.92 -26.75 44.21
C GLN B 68 -8.45 -27.19 44.34
N TYR B 69 -7.84 -27.62 43.23
CA TYR B 69 -6.42 -28.03 43.11
C TYR B 69 -6.15 -29.33 43.90
N GLY B 70 -7.21 -30.04 44.29
CA GLY B 70 -7.11 -31.19 45.21
C GLY B 70 -6.33 -32.34 44.58
N ALA B 71 -5.21 -32.72 45.19
CA ALA B 71 -4.37 -33.87 44.80
C ALA B 71 -5.18 -35.18 44.90
N THR B 72 -5.89 -35.38 46.01
CA THR B 72 -6.53 -36.68 46.38
C THR B 72 -7.54 -37.11 45.31
N PRO B 73 -8.52 -36.26 44.89
CA PRO B 73 -9.53 -36.71 43.92
C PRO B 73 -8.91 -37.04 42.56
N ALA B 74 -7.72 -36.48 42.25
CA ALA B 74 -6.99 -36.73 40.98
C ALA B 74 -6.15 -38.01 41.05
N ALA B 75 -6.07 -38.67 42.21
CA ALA B 75 -5.16 -39.82 42.44
C ALA B 75 -5.90 -41.13 42.14
N GLY B 76 -5.16 -42.16 41.75
CA GLY B 76 -5.72 -43.44 41.29
C GLY B 76 -6.52 -44.17 42.36
N ALA B 77 -5.86 -44.56 43.45
CA ALA B 77 -4.46 -44.26 43.74
C ALA B 77 -3.72 -45.55 44.11
N MET B 78 -2.43 -45.59 43.82
CA MET B 78 -1.53 -46.72 44.19
C MET B 78 -1.13 -46.61 45.66
N LEU B 79 -1.14 -47.73 46.38
CA LEU B 79 -0.53 -47.85 47.73
C LEU B 79 0.96 -48.16 47.51
N GLY B 80 1.71 -47.15 47.07
CA GLY B 80 3.08 -47.31 46.56
C GLY B 80 4.12 -47.26 47.67
N ALA B 81 4.84 -48.37 47.83
CA ALA B 81 6.04 -48.52 48.69
C ALA B 81 7.24 -48.91 47.81
N PHE B 82 7.30 -50.17 47.38
CA PHE B 82 8.38 -50.71 46.52
C PHE B 82 8.29 -50.12 45.10
N GLY B 83 7.07 -49.91 44.56
CA GLY B 83 6.86 -49.25 43.27
C GLY B 83 7.47 -47.85 43.20
N GLU B 84 7.58 -47.17 44.35
CA GLU B 84 8.08 -45.76 44.44
C GLU B 84 9.60 -45.75 44.60
N VAL B 85 10.24 -46.89 44.66
CA VAL B 85 11.73 -46.99 44.82
C VAL B 85 12.41 -46.48 43.56
N THR B 86 13.35 -45.55 43.72
CA THR B 86 14.32 -45.11 42.68
C THR B 86 15.75 -45.26 43.22
N ALA B 87 16.73 -45.48 42.36
CA ALA B 87 18.17 -45.45 42.72
C ALA B 87 18.51 -44.12 43.40
N HIS B 88 18.04 -42.97 42.89
CA HIS B 88 18.36 -41.60 43.41
C HIS B 88 17.82 -41.44 44.85
N ALA B 89 16.63 -41.98 45.14
CA ALA B 89 16.02 -41.94 46.50
C ALA B 89 16.87 -42.77 47.47
N LEU B 90 17.16 -44.02 47.12
CA LEU B 90 17.92 -44.99 47.96
C LEU B 90 19.42 -44.68 48.00
N ALA B 91 19.85 -43.50 47.54
CA ALA B 91 21.26 -43.07 47.56
C ALA B 91 21.46 -41.97 48.61
N SER B 92 20.37 -41.35 49.07
CA SER B 92 20.38 -40.34 50.17
C SER B 92 19.85 -41.01 51.44
N GLU B 93 20.29 -40.53 52.61
CA GLU B 93 19.81 -41.00 53.93
C GLU B 93 18.33 -40.66 54.07
N HIS B 94 17.97 -39.38 53.86
CA HIS B 94 16.57 -38.88 53.90
C HIS B 94 15.65 -39.78 53.06
N GLY B 95 16.11 -40.28 51.90
CA GLY B 95 15.34 -41.14 50.99
C GLY B 95 15.14 -42.56 51.51
N ARG B 96 16.16 -43.13 52.18
CA ARG B 96 16.09 -44.51 52.74
C ARG B 96 15.08 -44.54 53.90
N LYS B 97 14.99 -43.42 54.65
CA LYS B 97 14.03 -43.23 55.76
C LYS B 97 12.60 -43.23 55.21
N LYS B 98 12.35 -42.38 54.21
CA LYS B 98 11.05 -42.23 53.49
C LYS B 98 10.60 -43.62 53.02
N HIS B 99 11.51 -44.42 52.44
CA HIS B 99 11.16 -45.78 51.95
C HIS B 99 10.67 -46.65 53.11
N ALA B 100 11.35 -46.57 54.26
CA ALA B 100 11.06 -47.42 55.44
C ALA B 100 9.63 -47.10 55.97
N LEU B 101 9.31 -45.81 56.07
CA LEU B 101 7.98 -45.33 56.51
C LEU B 101 6.89 -45.90 55.59
N ALA B 102 7.11 -45.91 54.27
CA ALA B 102 6.13 -46.38 53.27
C ALA B 102 5.84 -47.87 53.49
N VAL B 103 6.86 -48.65 53.84
CA VAL B 103 6.66 -50.10 54.13
C VAL B 103 5.79 -50.21 55.38
N GLN B 104 6.07 -49.39 56.39
CA GLN B 104 5.32 -49.35 57.68
C GLN B 104 3.85 -49.00 57.40
N ALA B 105 3.61 -47.94 56.62
CA ALA B 105 2.25 -47.48 56.26
C ALA B 105 1.46 -48.61 55.58
N GLN B 106 2.09 -49.43 54.73
CA GLN B 106 1.43 -50.55 54.00
C GLN B 106 0.77 -51.51 54.98
N ARG B 107 1.33 -51.70 56.17
CA ARG B 107 0.87 -52.69 57.17
C ARG B 107 -0.42 -52.19 57.85
N LEU B 108 -0.67 -50.88 57.84
CA LEU B 108 -1.89 -50.27 58.47
C LEU B 108 -3.09 -50.32 57.54
N TRP B 109 -2.92 -50.54 56.23
CA TRP B 109 -4.02 -50.30 55.26
C TRP B 109 -5.18 -51.27 55.45
N PRO B 110 -4.95 -52.60 55.59
CA PRO B 110 -6.05 -53.55 55.75
C PRO B 110 -7.03 -53.19 56.90
N GLU B 111 -6.52 -52.86 58.09
CA GLU B 111 -7.35 -52.51 59.28
C GLU B 111 -8.04 -51.15 59.06
N TRP B 112 -7.29 -50.17 58.51
CA TRP B 112 -7.76 -48.78 58.26
C TRP B 112 -8.96 -48.80 57.33
N ILE B 113 -8.87 -49.56 56.24
CA ILE B 113 -9.97 -49.75 55.25
C ILE B 113 -11.18 -50.37 55.96
N GLU B 114 -10.97 -51.46 56.70
CA GLU B 114 -12.06 -52.20 57.43
C GLU B 114 -12.76 -51.23 58.38
N SER B 115 -12.00 -50.39 59.09
CA SER B 115 -12.51 -49.41 60.08
C SER B 115 -13.29 -48.29 59.37
N LEU B 116 -13.00 -48.01 58.10
CA LEU B 116 -13.70 -46.94 57.32
C LEU B 116 -14.94 -47.55 56.63
N GLU B 117 -14.83 -48.74 56.06
CA GLU B 117 -15.97 -49.42 55.39
C GLU B 117 -17.08 -49.76 56.39
N ALA B 118 -16.72 -50.02 57.66
CA ALA B 118 -17.62 -50.44 58.76
C ALA B 118 -18.69 -49.37 59.07
N THR B 119 -18.41 -48.09 58.78
CA THR B 119 -19.33 -46.95 59.04
C THR B 119 -20.31 -46.75 57.89
N GLY B 120 -20.25 -47.58 56.84
CA GLY B 120 -21.17 -47.52 55.68
C GLY B 120 -21.80 -48.85 55.41
N THR B 121 -22.42 -49.00 54.24
CA THR B 121 -23.20 -50.20 53.81
C THR B 121 -22.69 -50.67 52.43
N ALA B 122 -23.20 -51.81 51.96
CA ALA B 122 -22.80 -52.48 50.70
C ALA B 122 -22.75 -51.48 49.52
N ALA B 123 -23.73 -50.57 49.43
CA ALA B 123 -23.95 -49.72 48.23
C ALA B 123 -22.91 -48.59 48.15
N ASP B 124 -22.12 -48.35 49.20
CA ASP B 124 -21.09 -47.27 49.25
C ASP B 124 -19.83 -47.68 48.48
N GLY B 125 -19.72 -48.99 48.15
CA GLY B 125 -18.65 -49.54 47.30
C GLY B 125 -17.38 -49.83 48.08
N ARG B 126 -16.43 -50.51 47.45
CA ARG B 126 -15.19 -51.00 48.08
C ARG B 126 -14.08 -49.95 47.90
N ILE B 127 -13.35 -49.66 48.98
CA ILE B 127 -12.17 -48.75 48.96
C ILE B 127 -11.04 -49.44 48.18
N LYS B 128 -10.78 -50.72 48.46
CA LYS B 128 -9.66 -51.46 47.83
C LYS B 128 -10.07 -51.85 46.40
N THR B 129 -9.21 -51.59 45.42
CA THR B 129 -9.47 -51.87 43.99
C THR B 129 -8.51 -52.96 43.46
N ALA B 130 -7.37 -53.19 44.12
CA ALA B 130 -6.43 -54.28 43.75
C ALA B 130 -5.49 -54.59 44.92
N ASP B 131 -5.02 -55.84 45.00
CA ASP B 131 -4.12 -56.33 46.08
C ASP B 131 -2.68 -56.26 45.60
N ASP B 132 -2.43 -56.40 44.29
CA ASP B 132 -1.07 -56.61 43.72
C ASP B 132 -0.76 -55.57 42.62
N THR B 133 0.53 -55.44 42.32
CA THR B 133 1.12 -54.48 41.35
C THR B 133 2.07 -55.23 40.43
N VAL B 134 2.03 -54.95 39.12
CA VAL B 134 3.08 -55.41 38.16
C VAL B 134 3.85 -54.18 37.69
N VAL B 135 5.16 -54.17 37.90
CA VAL B 135 6.08 -53.11 37.39
C VAL B 135 6.63 -53.62 36.06
N LEU B 136 6.50 -52.80 35.01
CA LEU B 136 6.90 -53.16 33.63
C LEU B 136 8.14 -52.37 33.25
N LEU B 137 9.08 -52.99 32.57
CA LEU B 137 10.26 -52.30 32.00
C LEU B 137 10.17 -52.39 30.48
N ASN B 138 10.07 -51.23 29.83
CA ASN B 138 10.09 -51.06 28.35
C ASN B 138 11.20 -50.07 28.03
N THR B 139 11.45 -49.78 26.75
CA THR B 139 12.60 -48.94 26.32
C THR B 139 12.09 -47.55 25.94
N VAL B 140 10.86 -47.20 26.33
CA VAL B 140 10.26 -45.88 25.99
C VAL B 140 10.65 -44.91 27.11
N GLY B 141 11.95 -44.67 27.25
CA GLY B 141 12.46 -43.90 28.39
C GLY B 141 13.97 -43.96 28.46
N HIS B 142 14.56 -43.22 29.41
CA HIS B 142 16.02 -43.11 29.61
C HIS B 142 16.50 -44.36 30.32
N SER B 143 17.58 -44.99 29.84
CA SER B 143 18.27 -46.11 30.53
C SER B 143 18.73 -45.66 31.93
N ALA B 144 19.20 -44.41 32.05
CA ALA B 144 19.80 -43.88 33.30
C ALA B 144 18.74 -43.76 34.40
N LEU B 145 17.46 -43.69 34.06
CA LEU B 145 16.35 -43.76 35.04
C LEU B 145 15.76 -45.18 35.09
N ASP B 146 15.15 -45.64 34.00
CA ASP B 146 14.28 -46.86 34.02
C ASP B 146 15.11 -48.11 34.36
N ASP B 147 16.32 -48.28 33.80
CA ASP B 147 17.16 -49.48 34.05
C ASP B 147 17.63 -49.47 35.51
N ALA B 148 18.19 -48.35 35.96
CA ALA B 148 18.69 -48.18 37.35
C ALA B 148 17.53 -48.42 38.33
N ASN B 149 16.34 -47.87 38.04
CA ASN B 149 15.20 -47.87 38.97
C ASN B 149 14.56 -49.27 39.02
N PHE B 150 14.61 -50.05 37.92
CA PHE B 150 14.09 -51.43 37.94
C PHE B 150 14.97 -52.29 38.86
N ALA B 151 16.29 -52.16 38.73
CA ALA B 151 17.29 -52.85 39.57
C ALA B 151 17.10 -52.44 41.04
N ALA B 152 16.97 -51.14 41.33
CA ALA B 152 16.79 -50.59 42.70
C ALA B 152 15.53 -51.20 43.35
N VAL B 153 14.44 -51.35 42.59
CA VAL B 153 13.16 -51.91 43.08
C VAL B 153 13.39 -53.39 43.45
N LEU B 154 14.00 -54.16 42.54
CA LEU B 154 14.27 -55.61 42.69
C LEU B 154 15.15 -55.82 43.93
N THR B 155 16.16 -54.96 44.11
CA THR B 155 17.13 -55.00 45.24
C THR B 155 16.38 -54.71 46.54
N ALA B 156 15.53 -53.68 46.57
CA ALA B 156 14.81 -53.24 47.80
C ALA B 156 13.81 -54.31 48.24
N LEU B 157 13.17 -55.01 47.30
CA LEU B 157 12.24 -56.15 47.57
C LEU B 157 12.98 -57.31 48.24
N LYS B 158 14.17 -57.66 47.74
CA LYS B 158 15.01 -58.76 48.28
C LYS B 158 15.49 -58.38 49.70
N GLU B 159 16.01 -57.17 49.90
CA GLU B 159 16.53 -56.66 51.19
C GLU B 159 15.43 -56.71 52.28
N ALA B 160 14.18 -56.36 51.96
CA ALA B 160 13.05 -56.35 52.90
C ALA B 160 12.36 -57.72 52.96
N ASN B 161 12.84 -58.70 52.19
CA ASN B 161 12.27 -60.07 52.16
C ASN B 161 10.78 -60.02 51.82
N ALA B 162 10.36 -59.03 51.03
CA ALA B 162 8.96 -58.82 50.60
C ALA B 162 8.60 -59.87 49.55
N PRO B 163 7.35 -60.37 49.52
CA PRO B 163 6.96 -61.37 48.53
C PRO B 163 6.78 -60.73 47.15
N HIS B 164 7.38 -61.35 46.13
CA HIS B 164 7.49 -60.81 44.75
C HIS B 164 8.07 -61.90 43.86
N GLU B 165 7.95 -61.70 42.55
CA GLU B 165 8.49 -62.64 41.54
C GLU B 165 8.71 -61.83 40.25
N GLU B 166 9.90 -61.94 39.65
CA GLU B 166 10.15 -61.52 38.26
C GLU B 166 9.45 -62.56 37.38
N ILE B 167 8.56 -62.14 36.48
CA ILE B 167 7.67 -63.04 35.70
C ILE B 167 7.91 -62.79 34.21
N ALA B 168 7.63 -63.80 33.40
CA ALA B 168 7.58 -63.68 31.93
C ALA B 168 6.53 -62.62 31.59
N VAL B 169 6.86 -61.71 30.68
CA VAL B 169 5.91 -60.66 30.21
C VAL B 169 4.69 -61.35 29.59
N GLU B 170 4.88 -62.47 28.91
CA GLU B 170 3.78 -63.26 28.26
C GLU B 170 2.73 -63.64 29.32
N SER B 171 3.11 -63.77 30.59
CA SER B 171 2.21 -64.17 31.70
C SER B 171 1.47 -62.96 32.32
N VAL B 172 1.76 -61.72 31.92
CA VAL B 172 1.00 -60.53 32.41
C VAL B 172 -0.36 -60.50 31.69
N ASP B 173 -1.43 -60.61 32.47
CA ASP B 173 -2.82 -60.69 31.93
C ASP B 173 -3.20 -59.30 31.40
N TRP B 174 -4.04 -59.29 30.36
CA TRP B 174 -4.85 -58.15 29.91
C TRP B 174 -4.05 -57.25 28.94
N ILE B 175 -2.81 -56.86 29.29
CA ILE B 175 -2.01 -55.86 28.51
C ILE B 175 -1.94 -56.31 27.04
N ASP B 176 -1.99 -55.33 26.14
CA ASP B 176 -1.86 -55.53 24.69
C ASP B 176 -1.11 -54.33 24.13
N PRO B 177 0.18 -54.17 24.47
CA PRO B 177 0.96 -53.02 24.03
C PRO B 177 1.28 -53.10 22.53
N ASP B 178 1.61 -51.95 21.94
CA ASP B 178 2.36 -51.83 20.67
C ASP B 178 3.67 -52.60 20.81
N PRO B 179 3.94 -53.62 19.98
CA PRO B 179 5.21 -54.35 20.06
C PRO B 179 6.45 -53.45 20.16
N ASN B 180 6.48 -52.29 19.48
CA ASN B 180 7.66 -51.40 19.52
C ASN B 180 7.77 -50.69 20.88
N SER B 181 6.70 -50.68 21.69
CA SER B 181 6.67 -50.06 23.04
C SER B 181 6.49 -51.11 24.15
N ARG B 182 6.67 -52.39 23.86
CA ARG B 182 6.27 -53.49 24.80
C ARG B 182 7.30 -53.61 25.93
N PRO B 183 6.90 -54.23 27.06
CA PRO B 183 7.84 -54.53 28.14
C PRO B 183 8.58 -55.84 27.82
N LEU B 184 9.84 -55.96 28.24
CA LEU B 184 10.64 -57.20 28.08
C LEU B 184 10.94 -57.82 29.45
N ARG B 185 10.67 -57.07 30.52
CA ARG B 185 10.78 -57.57 31.92
C ARG B 185 9.57 -57.06 32.71
N ALA B 186 9.07 -57.90 33.61
CA ALA B 186 7.91 -57.64 34.47
C ALA B 186 8.20 -58.17 35.88
N LEU B 187 7.61 -57.52 36.87
CA LEU B 187 7.87 -57.75 38.29
C LEU B 187 6.52 -57.71 39.02
N HIS B 188 6.05 -58.87 39.51
CA HIS B 188 4.81 -59.04 40.31
C HIS B 188 5.13 -58.76 41.77
N ILE B 189 4.52 -57.75 42.39
CA ILE B 189 4.68 -57.43 43.84
C ILE B 189 3.38 -57.77 44.56
N GLU B 190 3.41 -58.73 45.50
CA GLU B 190 2.22 -59.14 46.30
C GLU B 190 1.98 -58.13 47.44
N GLY B 191 0.72 -57.75 47.67
CA GLY B 191 0.31 -56.94 48.83
C GLY B 191 0.60 -55.46 48.64
N GLU B 192 0.96 -55.06 47.43
CA GLU B 192 1.09 -53.64 47.02
C GLU B 192 -0.03 -53.36 46.00
N GLY B 193 -1.06 -52.65 46.44
CA GLY B 193 -2.31 -52.54 45.67
C GLY B 193 -2.76 -51.10 45.45
N SER B 194 -4.07 -50.91 45.33
CA SER B 194 -4.69 -49.60 44.99
C SER B 194 -6.02 -49.44 45.72
N VAL B 195 -6.40 -48.19 45.91
CA VAL B 195 -7.72 -47.77 46.46
C VAL B 195 -8.36 -46.84 45.43
N ASP B 196 -9.68 -46.79 45.42
CA ASP B 196 -10.48 -45.76 44.70
C ASP B 196 -10.45 -44.50 45.56
N SER B 197 -9.75 -43.45 45.13
CA SER B 197 -9.54 -42.21 45.91
C SER B 197 -10.88 -41.54 46.21
N GLY B 198 -11.86 -41.66 45.29
CA GLY B 198 -13.19 -41.04 45.47
C GLY B 198 -13.98 -41.72 46.57
N ILE B 199 -13.98 -43.05 46.58
CA ILE B 199 -14.69 -43.87 47.59
C ILE B 199 -13.98 -43.71 48.93
N LEU B 200 -12.64 -43.60 48.94
CA LEU B 200 -11.86 -43.35 50.18
C LEU B 200 -12.31 -42.01 50.78
N LEU B 201 -12.41 -40.95 49.99
CA LEU B 201 -12.81 -39.61 50.49
C LEU B 201 -14.21 -39.68 51.10
N ALA B 202 -15.15 -40.32 50.41
CA ALA B 202 -16.54 -40.51 50.86
C ALA B 202 -16.56 -41.27 52.20
N ALA B 203 -15.73 -42.32 52.33
CA ALA B 203 -15.63 -43.17 53.55
C ALA B 203 -15.02 -42.37 54.71
N LEU B 204 -14.01 -41.54 54.43
CA LEU B 204 -13.35 -40.68 55.46
C LEU B 204 -14.36 -39.66 56.00
N GLU B 205 -15.09 -38.98 55.12
CA GLU B 205 -16.13 -37.98 55.51
C GLU B 205 -17.16 -38.66 56.41
N ARG B 206 -17.76 -39.75 55.93
CA ARG B 206 -18.77 -40.54 56.65
C ARG B 206 -18.22 -40.98 58.01
N SER B 207 -17.00 -41.48 58.05
CA SER B 207 -16.33 -41.99 59.27
C SER B 207 -16.03 -40.83 60.23
N PHE B 208 -15.81 -39.63 59.70
CA PHE B 208 -15.56 -38.41 60.50
C PHE B 208 -16.84 -38.01 61.24
N LEU B 209 -17.97 -37.94 60.53
CA LEU B 209 -19.30 -37.62 61.12
C LEU B 209 -19.64 -38.68 62.17
N GLN B 210 -19.43 -39.96 61.87
CA GLN B 210 -19.75 -41.11 62.75
C GLN B 210 -19.02 -40.96 64.09
N ALA B 211 -17.77 -40.51 64.07
CA ALA B 211 -16.93 -40.35 65.28
C ALA B 211 -17.18 -39.00 65.97
N GLY B 212 -18.11 -38.18 65.45
CA GLY B 212 -18.58 -36.96 66.12
C GLY B 212 -17.96 -35.69 65.59
N GLY B 213 -17.25 -35.76 64.46
CA GLY B 213 -16.69 -34.56 63.81
C GLY B 213 -17.76 -33.73 63.12
N ARG B 214 -17.48 -32.46 62.87
CA ARG B 214 -18.42 -31.55 62.16
C ARG B 214 -17.74 -30.99 60.91
N LEU B 215 -18.37 -31.19 59.75
CA LEU B 215 -17.91 -30.65 58.44
C LEU B 215 -18.49 -29.26 58.25
N HIS B 216 -17.63 -28.25 58.11
CA HIS B 216 -18.02 -26.84 57.83
C HIS B 216 -17.45 -26.46 56.47
N PRO B 217 -18.24 -26.50 55.37
CA PRO B 217 -17.71 -26.37 54.01
C PRO B 217 -17.40 -24.93 53.61
N VAL B 218 -16.40 -24.33 54.29
CA VAL B 218 -15.79 -23.03 53.94
C VAL B 218 -14.27 -23.20 53.96
N ASP B 219 -13.53 -22.20 53.49
CA ASP B 219 -12.05 -22.18 53.50
C ASP B 219 -11.57 -21.24 54.62
N ALA B 220 -10.48 -21.59 55.30
CA ALA B 220 -9.72 -20.70 56.19
C ALA B 220 -9.04 -19.62 55.34
N THR B 221 -9.15 -18.34 55.71
CA THR B 221 -8.41 -17.22 55.09
C THR B 221 -7.20 -16.85 55.94
N GLU B 222 -7.28 -17.04 57.26
CA GLU B 222 -6.29 -16.50 58.22
C GLU B 222 -6.31 -17.34 59.50
N ILE B 223 -5.12 -17.66 60.04
CA ILE B 223 -4.95 -18.29 61.38
C ILE B 223 -4.68 -17.17 62.36
N ARG B 224 -5.41 -17.14 63.49
CA ARG B 224 -5.24 -16.13 64.56
C ARG B 224 -4.35 -16.72 65.66
N ALA B 225 -3.31 -15.98 66.02
CA ALA B 225 -2.43 -16.28 67.18
C ALA B 225 -1.99 -14.98 67.86
N SER B 226 -1.86 -15.02 69.19
CA SER B 226 -1.22 -13.96 70.01
C SER B 226 -0.60 -14.62 71.24
N HIS B 227 0.46 -14.02 71.79
CA HIS B 227 1.23 -14.54 72.95
C HIS B 227 1.63 -16.01 72.66
N GLY B 228 2.07 -16.28 71.41
CA GLY B 228 2.61 -17.57 70.94
C GLY B 228 1.65 -18.74 71.07
N ARG B 229 0.35 -18.53 70.85
CA ARG B 229 -0.71 -19.54 71.02
C ARG B 229 -1.82 -19.33 69.98
N VAL B 230 -2.37 -20.41 69.41
CA VAL B 230 -3.49 -20.32 68.42
C VAL B 230 -4.77 -19.93 69.17
N GLU B 231 -5.50 -18.96 68.62
CA GLU B 231 -6.84 -18.52 69.10
C GLU B 231 -7.91 -19.20 68.24
N GLY B 232 -7.66 -19.31 66.93
CA GLY B 232 -8.53 -20.02 65.98
C GLY B 232 -8.30 -19.61 64.54
N VAL B 233 -9.39 -19.53 63.76
CA VAL B 233 -9.36 -19.45 62.27
C VAL B 233 -10.49 -18.54 61.78
N VAL B 234 -10.15 -17.48 61.02
CA VAL B 234 -11.10 -16.64 60.24
C VAL B 234 -11.39 -17.39 58.94
N THR B 235 -12.67 -17.56 58.59
CA THR B 235 -13.15 -18.30 57.38
C THR B 235 -13.52 -17.30 56.28
N ASP B 236 -13.73 -17.80 55.04
CA ASP B 236 -13.87 -16.96 53.82
C ASP B 236 -15.32 -16.46 53.67
N ASP B 237 -16.21 -16.73 54.63
CA ASP B 237 -17.55 -16.09 54.72
C ASP B 237 -17.57 -15.04 55.85
N GLY B 238 -16.41 -14.63 56.35
CA GLY B 238 -16.26 -13.51 57.32
C GLY B 238 -16.25 -13.96 58.78
N ASP B 239 -16.65 -15.21 59.07
CA ASP B 239 -16.85 -15.77 60.43
C ASP B 239 -15.50 -15.95 61.13
N PHE B 240 -15.49 -16.22 62.44
CA PHE B 240 -14.30 -16.61 63.24
C PHE B 240 -14.64 -17.82 64.10
N LEU B 241 -13.90 -18.93 63.94
CA LEU B 241 -14.05 -20.16 64.76
C LEU B 241 -12.90 -20.23 65.76
N PRO B 242 -13.18 -20.32 67.08
CA PRO B 242 -12.12 -20.42 68.08
C PRO B 242 -11.64 -21.86 68.21
N ALA B 243 -10.39 -22.04 68.65
CA ALA B 243 -9.77 -23.37 68.89
C ALA B 243 -8.45 -23.23 69.64
N GLY B 244 -8.11 -24.25 70.42
CA GLY B 244 -6.79 -24.42 71.06
C GLY B 244 -5.84 -25.23 70.18
N HIS B 245 -6.34 -25.87 69.13
CA HIS B 245 -5.57 -26.68 68.16
C HIS B 245 -6.04 -26.38 66.74
N VAL B 246 -5.09 -26.08 65.85
CA VAL B 246 -5.31 -25.91 64.39
C VAL B 246 -4.30 -26.79 63.64
N VAL B 247 -4.78 -27.81 62.92
CA VAL B 247 -3.95 -28.71 62.07
C VAL B 247 -4.12 -28.22 60.63
N VAL B 248 -3.03 -27.76 60.00
CA VAL B 248 -3.04 -27.28 58.59
C VAL B 248 -2.68 -28.46 57.68
N ALA B 249 -3.66 -28.93 56.89
CA ALA B 249 -3.53 -30.00 55.88
C ALA B 249 -4.23 -29.55 54.61
N ALA B 250 -3.88 -28.36 54.14
CA ALA B 250 -4.49 -27.65 52.99
C ALA B 250 -3.68 -27.91 51.73
N GLY B 251 -3.06 -29.09 51.61
CA GLY B 251 -2.22 -29.43 50.45
C GLY B 251 -1.29 -28.28 50.13
N ALA B 252 -1.23 -27.87 48.87
CA ALA B 252 -0.24 -26.90 48.35
C ALA B 252 -0.48 -25.48 48.91
N ARG B 253 -1.59 -25.24 49.60
CA ARG B 253 -1.91 -23.90 50.17
C ARG B 253 -1.42 -23.78 51.63
N SER B 254 -0.88 -24.87 52.19
CA SER B 254 -0.59 -25.03 53.64
C SER B 254 0.43 -23.99 54.13
N GLN B 255 1.57 -23.85 53.46
CA GLN B 255 2.63 -22.89 53.88
C GLN B 255 2.13 -21.45 53.74
N ARG B 256 1.53 -21.10 52.59
CA ARG B 256 1.03 -19.72 52.32
C ARG B 256 0.12 -19.28 53.48
N LEU B 257 -0.57 -20.22 54.12
CA LEU B 257 -1.55 -19.95 55.20
C LEU B 257 -0.82 -19.64 56.52
N VAL B 258 0.20 -20.44 56.86
CA VAL B 258 0.95 -20.34 58.14
C VAL B 258 2.00 -19.22 58.06
N ALA B 259 2.48 -18.89 56.87
CA ALA B 259 3.56 -17.91 56.61
C ALA B 259 3.14 -16.48 56.98
N ALA B 260 1.83 -16.23 57.08
CA ALA B 260 1.24 -14.90 57.38
C ALA B 260 1.49 -14.53 58.86
N LEU B 261 1.68 -15.53 59.73
CA LEU B 261 2.03 -15.33 61.16
C LEU B 261 3.43 -14.76 61.28
N PRO B 262 3.75 -14.00 62.36
CA PRO B 262 5.03 -13.29 62.48
C PRO B 262 6.28 -14.18 62.45
N GLY B 263 7.27 -13.84 61.62
CA GLY B 263 8.59 -14.52 61.54
C GLY B 263 8.56 -15.78 60.70
N LEU B 264 7.38 -16.41 60.55
CA LEU B 264 7.20 -17.79 60.02
C LEU B 264 7.40 -17.84 58.50
N ALA B 265 7.43 -16.68 57.82
CA ALA B 265 7.59 -16.57 56.36
C ALA B 265 8.86 -17.28 55.90
N HIS B 266 9.90 -17.26 56.74
CA HIS B 266 11.24 -17.81 56.41
C HIS B 266 11.61 -18.97 57.36
N ARG B 267 10.65 -19.49 58.11
CA ARG B 267 10.87 -20.60 59.08
C ARG B 267 10.08 -21.85 58.69
N ILE B 268 9.03 -21.68 57.89
CA ILE B 268 8.25 -22.79 57.27
C ILE B 268 8.65 -22.86 55.80
N PRO B 269 9.33 -23.94 55.35
CA PRO B 269 9.70 -24.08 53.95
C PRO B 269 8.48 -24.00 53.00
N ARG B 270 8.66 -23.31 51.89
CA ARG B 270 7.61 -23.13 50.87
C ARG B 270 7.18 -24.48 50.30
N ILE B 271 5.89 -24.56 49.97
CA ILE B 271 5.27 -25.71 49.25
C ILE B 271 4.73 -25.16 47.93
N TYR B 272 5.15 -25.75 46.81
CA TYR B 272 4.67 -25.40 45.46
C TYR B 272 3.71 -26.49 44.96
N ASP B 273 3.08 -26.24 43.81
CA ASP B 273 2.09 -27.14 43.17
C ASP B 273 2.78 -28.08 42.18
N GLY B 274 2.84 -29.37 42.51
CA GLY B 274 3.18 -30.44 41.57
C GLY B 274 1.96 -30.88 40.77
N VAL B 275 1.64 -30.12 39.73
CA VAL B 275 0.39 -30.29 38.94
C VAL B 275 0.42 -31.64 38.24
N GLY B 276 -0.65 -32.41 38.40
CA GLY B 276 -0.75 -33.79 37.92
C GLY B 276 -2.04 -33.99 37.14
N VAL B 277 -1.91 -34.61 35.97
CA VAL B 277 -3.05 -34.92 35.09
C VAL B 277 -3.21 -36.44 35.07
N SER B 278 -4.44 -36.89 35.20
CA SER B 278 -4.84 -38.30 35.10
C SER B 278 -6.17 -38.35 34.35
N ALA B 279 -6.70 -39.54 34.07
CA ALA B 279 -7.95 -39.66 33.29
C ALA B 279 -8.70 -40.92 33.71
N LEU B 280 -10.02 -40.83 33.68
CA LEU B 280 -10.95 -41.98 33.79
C LEU B 280 -11.36 -42.36 32.38
N VAL B 281 -11.26 -43.65 32.07
CA VAL B 281 -11.55 -44.21 30.72
C VAL B 281 -12.51 -45.39 30.89
N ASP B 282 -13.59 -45.39 30.11
CA ASP B 282 -14.53 -46.54 29.99
C ASP B 282 -13.97 -47.45 28.90
N THR B 283 -13.50 -48.63 29.29
CA THR B 283 -12.80 -49.56 28.37
C THR B 283 -13.78 -50.03 27.31
N TRP B 284 -13.29 -50.20 26.07
CA TRP B 284 -14.01 -50.68 24.87
C TRP B 284 -14.94 -51.86 25.21
N ASP B 285 -14.52 -52.81 26.06
CA ASP B 285 -15.27 -54.07 26.34
C ASP B 285 -15.62 -54.17 27.83
N GLY B 286 -15.45 -53.09 28.60
CA GLY B 286 -15.78 -53.06 30.04
C GLY B 286 -14.77 -53.79 30.92
N SER B 287 -13.69 -54.36 30.35
CA SER B 287 -12.66 -55.12 31.12
C SER B 287 -11.68 -54.16 31.79
N GLY B 288 -10.84 -54.71 32.66
CA GLY B 288 -9.74 -54.02 33.38
C GLY B 288 -8.73 -55.04 33.87
N PRO B 289 -7.49 -54.61 34.19
CA PRO B 289 -6.51 -55.54 34.74
C PRO B 289 -6.88 -55.86 36.20
N ALA B 290 -6.47 -57.03 36.70
CA ALA B 290 -6.72 -57.46 38.08
C ALA B 290 -5.72 -56.77 39.00
N THR B 291 -4.53 -56.43 38.51
CA THR B 291 -3.49 -55.74 39.30
C THR B 291 -3.31 -54.29 38.84
N VAL B 292 -2.66 -53.49 39.66
CA VAL B 292 -2.04 -52.21 39.21
C VAL B 292 -0.99 -52.58 38.17
N LEU B 293 -0.89 -51.77 37.12
CA LEU B 293 0.17 -51.84 36.10
C LEU B 293 0.92 -50.52 36.17
N ARG B 294 2.24 -50.54 36.31
CA ARG B 294 3.04 -49.29 36.41
C ARG B 294 4.46 -49.49 35.87
N THR B 295 5.08 -48.38 35.51
CA THR B 295 6.55 -48.25 35.35
C THR B 295 7.14 -47.74 36.66
N SER B 296 8.46 -47.78 36.79
CA SER B 296 9.22 -47.01 37.81
C SER B 296 8.94 -45.53 37.56
N ASN B 297 9.28 -44.68 38.52
CA ASN B 297 9.15 -43.21 38.40
C ASN B 297 10.09 -42.72 37.29
N ARG B 298 9.64 -41.73 36.52
CA ARG B 298 10.25 -41.24 35.27
C ARG B 298 10.55 -39.74 35.40
N ALA B 299 10.78 -39.05 34.28
CA ALA B 299 11.32 -37.67 34.25
C ALA B 299 10.55 -36.79 35.23
N PHE B 300 11.25 -36.15 36.15
CA PHE B 300 10.69 -35.12 37.09
C PHE B 300 9.52 -35.73 37.85
N ALA B 301 9.64 -36.98 38.25
CA ALA B 301 8.70 -37.69 39.16
C ALA B 301 7.30 -37.83 38.51
N CYS B 302 7.22 -37.85 37.18
CA CYS B 302 6.02 -38.38 36.46
C CYS B 302 6.12 -39.91 36.45
N GLY B 303 5.19 -40.59 35.80
CA GLY B 303 5.20 -42.07 35.70
C GLY B 303 3.95 -42.53 34.98
N LEU B 304 3.96 -43.75 34.44
CA LEU B 304 2.79 -44.32 33.75
C LEU B 304 2.24 -45.43 34.64
N HIS B 305 0.96 -45.34 34.98
CA HIS B 305 0.25 -46.42 35.69
C HIS B 305 -1.22 -46.45 35.29
N LEU B 306 -1.78 -47.64 35.48
CA LEU B 306 -3.21 -47.95 35.31
C LEU B 306 -3.65 -48.56 36.64
N VAL B 307 -4.59 -47.91 37.31
CA VAL B 307 -5.20 -48.39 38.58
C VAL B 307 -6.59 -48.89 38.24
N PRO B 308 -6.95 -50.15 38.59
CA PRO B 308 -8.28 -50.68 38.34
C PRO B 308 -9.35 -49.88 39.10
N ARG B 309 -10.56 -49.90 38.56
CA ARG B 309 -11.78 -49.30 39.15
C ARG B 309 -12.92 -50.30 38.92
N ALA B 310 -14.01 -50.18 39.68
CA ALA B 310 -15.25 -50.95 39.49
C ALA B 310 -16.04 -50.34 38.31
N GLY B 311 -16.82 -51.18 37.60
CA GLY B 311 -17.89 -50.72 36.69
C GLY B 311 -17.40 -50.36 35.28
N GLY B 312 -16.38 -51.05 34.78
CA GLY B 312 -15.97 -50.91 33.36
C GLY B 312 -15.11 -49.68 33.11
N SER B 313 -14.60 -49.07 34.18
CA SER B 313 -13.71 -47.89 34.15
C SER B 313 -12.28 -48.33 34.49
N VAL B 314 -11.27 -47.64 33.98
CA VAL B 314 -9.87 -47.67 34.52
C VAL B 314 -9.42 -46.24 34.77
N TYR B 315 -8.52 -46.06 35.74
CA TYR B 315 -7.75 -44.80 35.97
C TYR B 315 -6.41 -44.94 35.24
N ILE B 316 -6.00 -43.92 34.48
CA ILE B 316 -4.62 -43.81 33.94
C ILE B 316 -4.01 -42.52 34.43
N GLY B 317 -2.74 -42.59 34.84
CA GLY B 317 -1.95 -41.43 35.26
C GLY B 317 -0.48 -41.73 35.08
N ALA B 318 0.39 -40.78 35.45
CA ALA B 318 0.00 -39.43 35.88
C ALA B 318 1.19 -38.51 35.61
N THR B 319 0.94 -37.33 35.05
CA THR B 319 1.99 -36.37 34.71
C THR B 319 2.37 -35.62 35.99
N ASN B 320 3.51 -34.94 36.00
CA ASN B 320 3.92 -34.09 37.13
C ASN B 320 4.75 -32.92 36.58
N ALA B 321 4.40 -31.72 36.99
CA ALA B 321 5.12 -30.49 36.62
C ALA B 321 5.02 -29.51 37.78
N VAL B 322 6.16 -29.14 38.36
CA VAL B 322 6.15 -28.16 39.48
C VAL B 322 5.90 -26.78 38.87
N CYS B 323 4.86 -26.09 39.33
CA CYS B 323 4.48 -24.72 38.91
C CYS B 323 4.59 -23.79 40.13
N LEU B 324 5.10 -22.59 39.89
CA LEU B 324 5.31 -21.56 40.96
C LEU B 324 3.96 -20.93 41.33
N GLU B 325 2.99 -20.97 40.42
CA GLU B 325 1.57 -20.56 40.69
C GLU B 325 0.68 -21.76 40.43
N PRO B 326 -0.45 -21.88 41.15
CA PRO B 326 -1.36 -23.02 40.95
C PRO B 326 -2.06 -22.98 39.58
N ARG B 327 -2.52 -24.13 39.12
CA ARG B 327 -3.16 -24.32 37.79
C ARG B 327 -4.16 -25.46 37.93
N GLY B 328 -5.39 -25.25 37.48
CA GLY B 328 -6.54 -26.17 37.74
C GLY B 328 -6.96 -26.90 36.48
N ALA B 329 -6.28 -26.66 35.35
CA ALA B 329 -6.62 -27.25 34.05
C ALA B 329 -5.37 -27.92 33.47
N ALA B 330 -5.58 -29.08 32.82
CA ALA B 330 -4.52 -29.80 32.08
C ALA B 330 -4.10 -28.96 30.88
N SER B 331 -2.84 -29.09 30.47
CA SER B 331 -2.33 -28.59 29.18
C SER B 331 -2.60 -29.66 28.12
N ILE B 332 -2.65 -29.25 26.86
CA ILE B 332 -2.78 -30.18 25.70
C ILE B 332 -1.64 -31.19 25.80
N GLU B 333 -0.42 -30.70 26.02
CA GLU B 333 0.82 -31.52 26.03
C GLU B 333 0.69 -32.68 27.02
N GLU B 334 0.17 -32.40 28.22
CA GLU B 334 0.00 -33.39 29.33
C GLU B 334 -1.00 -34.46 28.90
N THR B 335 -2.13 -34.06 28.34
CA THR B 335 -3.21 -35.02 27.94
C THR B 335 -2.64 -35.92 26.85
N VAL B 336 -1.97 -35.35 25.85
CA VAL B 336 -1.43 -36.12 24.70
C VAL B 336 -0.42 -37.14 25.25
N PHE B 337 0.51 -36.69 26.10
CA PHE B 337 1.62 -37.52 26.62
C PHE B 337 1.02 -38.69 27.42
N LEU B 338 0.12 -38.39 28.35
CA LEU B 338 -0.58 -39.41 29.18
C LEU B 338 -1.27 -40.45 28.27
N PHE B 339 -2.05 -40.01 27.28
CA PHE B 339 -2.83 -40.92 26.40
C PHE B 339 -1.90 -41.73 25.49
N ASN B 340 -0.84 -41.09 24.97
CA ASN B 340 0.11 -41.80 24.07
C ASN B 340 0.81 -42.91 24.83
N CYS B 341 1.27 -42.64 26.06
CA CYS B 341 1.98 -43.63 26.89
C CYS B 341 1.06 -44.81 27.20
N ALA B 342 -0.13 -44.56 27.71
CA ALA B 342 -1.10 -45.61 28.09
C ALA B 342 -1.47 -46.49 26.88
N THR B 343 -1.74 -45.90 25.72
CA THR B 343 -2.23 -46.66 24.52
C THR B 343 -1.11 -47.53 23.93
N HIS B 344 0.14 -47.09 23.98
CA HIS B 344 1.32 -47.79 23.39
C HIS B 344 1.88 -48.81 24.39
N GLN B 345 2.05 -48.41 25.67
CA GLN B 345 2.85 -49.17 26.66
C GLN B 345 1.98 -50.16 27.44
N LEU B 346 0.67 -49.91 27.60
CA LEU B 346 -0.22 -50.76 28.41
C LEU B 346 -1.24 -51.49 27.51
N HIS B 347 -2.12 -50.79 26.81
CA HIS B 347 -3.19 -51.43 26.00
C HIS B 347 -3.66 -50.55 24.84
N ARG B 348 -3.48 -51.04 23.60
CA ARG B 348 -3.93 -50.39 22.35
C ARG B 348 -5.46 -50.24 22.32
N GLY B 349 -6.20 -51.12 23.00
CA GLY B 349 -7.66 -51.03 23.17
C GLY B 349 -8.11 -49.74 23.83
N LEU B 350 -7.27 -49.10 24.64
CA LEU B 350 -7.57 -47.79 25.28
C LEU B 350 -7.74 -46.73 24.20
N ASN B 351 -7.16 -46.93 23.03
CA ASN B 351 -7.23 -45.97 21.90
C ASN B 351 -8.70 -45.81 21.47
N GLY B 352 -9.46 -46.90 21.42
CA GLY B 352 -10.87 -46.91 20.98
C GLY B 352 -11.82 -46.77 22.16
N SER B 353 -11.29 -46.58 23.36
CA SER B 353 -12.09 -46.46 24.61
C SER B 353 -12.52 -45.00 24.78
N GLU B 354 -13.56 -44.79 25.59
CA GLU B 354 -14.24 -43.49 25.77
C GLU B 354 -13.60 -42.75 26.96
N LEU B 355 -13.21 -41.50 26.74
CA LEU B 355 -12.73 -40.58 27.79
C LEU B 355 -13.92 -40.08 28.61
N ARG B 356 -14.00 -40.46 29.89
CA ARG B 356 -15.07 -39.96 30.81
C ARG B 356 -14.64 -38.65 31.46
N LYS B 357 -13.36 -38.48 31.83
CA LYS B 357 -12.95 -37.35 32.70
C LYS B 357 -11.44 -37.17 32.62
N VAL B 358 -10.99 -35.94 32.43
CA VAL B 358 -9.59 -35.50 32.63
C VAL B 358 -9.51 -34.83 34.01
N GLN B 359 -8.64 -35.33 34.88
CA GLN B 359 -8.53 -34.89 36.29
C GLN B 359 -7.22 -34.12 36.44
N VAL B 360 -7.26 -33.07 37.25
CA VAL B 360 -6.07 -32.26 37.61
C VAL B 360 -6.06 -32.02 39.12
N GLY B 361 -4.93 -32.27 39.76
CA GLY B 361 -4.68 -31.94 41.18
C GLY B 361 -3.25 -31.50 41.40
N SER B 362 -2.98 -30.84 42.52
CA SER B 362 -1.65 -30.30 42.90
C SER B 362 -1.01 -31.19 43.96
N ARG B 363 -0.02 -31.99 43.57
CA ARG B 363 0.88 -32.62 44.56
C ARG B 363 1.55 -31.51 45.35
N PRO B 364 1.45 -31.49 46.70
CA PRO B 364 2.15 -30.49 47.50
C PRO B 364 3.67 -30.73 47.41
N ALA B 365 4.38 -29.83 46.73
CA ALA B 365 5.82 -29.98 46.38
C ALA B 365 6.66 -29.09 47.29
N PRO B 366 7.28 -29.64 48.36
CA PRO B 366 8.06 -28.82 49.29
C PRO B 366 9.38 -28.36 48.65
N ILE B 367 9.77 -27.11 48.87
CA ILE B 367 10.96 -26.49 48.22
C ILE B 367 12.26 -27.26 48.53
N ASP B 368 12.33 -28.01 49.63
CA ASP B 368 13.57 -28.76 50.01
C ASP B 368 13.34 -30.27 49.85
N GLY B 369 12.21 -30.68 49.28
CA GLY B 369 11.97 -32.06 48.80
C GLY B 369 11.60 -33.02 49.93
N PHE B 370 11.21 -32.48 51.10
CA PHE B 370 10.80 -33.33 52.24
C PHE B 370 9.53 -32.77 52.88
N PRO B 371 8.69 -33.67 53.45
CA PRO B 371 7.41 -33.27 54.02
C PRO B 371 7.55 -32.27 55.18
N LEU B 372 6.44 -31.60 55.50
CA LEU B 372 6.25 -30.72 56.67
C LEU B 372 5.21 -31.35 57.58
N ILE B 373 5.67 -32.05 58.63
CA ILE B 373 4.80 -32.87 59.54
C ILE B 373 5.19 -32.59 60.98
N GLY B 374 4.30 -31.99 61.75
CA GLY B 374 4.42 -31.93 63.21
C GLY B 374 4.13 -30.54 63.73
N GLY B 375 4.80 -30.20 64.84
CA GLY B 375 4.51 -29.01 65.66
C GLY B 375 5.24 -27.80 65.14
N THR B 376 4.90 -26.65 65.71
CA THR B 376 5.38 -25.29 65.34
C THR B 376 5.88 -24.61 66.63
N SER B 377 6.49 -23.43 66.51
CA SER B 377 6.90 -22.57 67.64
C SER B 377 5.66 -21.91 68.26
N VAL B 378 4.51 -22.06 67.61
CA VAL B 378 3.17 -21.58 68.07
C VAL B 378 2.43 -22.77 68.68
N GLU B 379 2.04 -22.67 69.94
CA GLU B 379 1.36 -23.74 70.72
C GLU B 379 0.02 -24.04 70.03
N GLY B 380 -0.27 -25.32 69.83
CA GLY B 380 -1.52 -25.79 69.21
C GLY B 380 -1.57 -25.68 67.69
N LEU B 381 -0.52 -25.15 67.04
CA LEU B 381 -0.44 -25.04 65.55
C LEU B 381 0.36 -26.21 64.98
N TRP B 382 -0.30 -27.07 64.21
CA TRP B 382 0.29 -28.29 63.61
C TRP B 382 0.14 -28.20 62.09
N MET B 383 1.02 -28.88 61.37
CA MET B 383 1.11 -28.88 59.89
C MET B 383 1.23 -30.33 59.43
N LEU B 384 0.54 -30.66 58.34
CA LEU B 384 0.56 -32.00 57.71
C LEU B 384 0.46 -31.80 56.19
N SER B 385 1.59 -31.65 55.51
CA SER B 385 1.68 -31.29 54.07
C SER B 385 3.05 -31.60 53.48
N GLY B 386 3.23 -31.26 52.20
CA GLY B 386 4.48 -31.47 51.45
C GLY B 386 4.75 -32.93 51.15
N THR B 387 3.72 -33.74 51.01
CA THR B 387 3.86 -35.21 50.84
C THR B 387 4.11 -35.58 49.37
N TYR B 388 4.02 -34.62 48.46
CA TYR B 388 4.34 -34.79 47.01
C TYR B 388 3.57 -36.01 46.43
N ARG B 389 4.23 -37.15 46.20
CA ARG B 389 3.69 -38.30 45.42
C ARG B 389 2.97 -39.33 46.30
N ASP B 390 3.17 -39.32 47.63
CA ASP B 390 2.79 -40.49 48.46
C ASP B 390 2.11 -40.10 49.79
N GLY B 391 1.58 -38.88 49.94
CA GLY B 391 0.77 -38.51 51.12
C GLY B 391 -0.41 -39.47 51.33
N LEU B 392 -1.15 -39.78 50.27
CA LEU B 392 -2.33 -40.68 50.34
C LEU B 392 -1.89 -42.03 50.92
N HIS B 393 -0.82 -42.62 50.36
CA HIS B 393 -0.32 -43.94 50.83
C HIS B 393 0.04 -43.86 52.31
N MET B 394 0.65 -42.76 52.74
CA MET B 394 1.20 -42.63 54.11
C MET B 394 0.16 -42.10 55.08
N SER B 395 -1.04 -41.73 54.61
CA SER B 395 -2.09 -41.03 55.40
C SER B 395 -2.32 -41.70 56.76
N PRO B 396 -2.60 -43.02 56.86
CA PRO B 396 -2.89 -43.61 58.15
C PRO B 396 -1.72 -43.44 59.13
N LEU B 397 -0.49 -43.65 58.67
CA LEU B 397 0.73 -43.51 59.52
C LEU B 397 0.87 -42.05 59.95
N LEU B 398 0.77 -41.11 59.00
CA LEU B 398 0.96 -39.66 59.26
C LEU B 398 -0.11 -39.16 60.22
N ALA B 399 -1.35 -39.65 60.06
CA ALA B 399 -2.50 -39.28 60.91
C ALA B 399 -2.18 -39.65 62.36
N ARG B 400 -1.80 -40.92 62.60
CA ARG B 400 -1.50 -41.47 63.94
C ARG B 400 -0.28 -40.76 64.54
N HIS B 401 0.70 -40.40 63.73
CA HIS B 401 1.91 -39.67 64.19
C HIS B 401 1.49 -38.30 64.75
N VAL B 402 0.74 -37.52 63.99
CA VAL B 402 0.38 -36.14 64.40
C VAL B 402 -0.50 -36.19 65.66
N VAL B 403 -1.44 -37.13 65.70
CA VAL B 403 -2.37 -37.35 66.85
C VAL B 403 -1.55 -37.69 68.10
N SER B 404 -0.55 -38.56 67.97
CA SER B 404 0.37 -38.94 69.08
C SER B 404 1.11 -37.70 69.59
N LEU B 405 1.66 -36.86 68.71
CA LEU B 405 2.38 -35.61 69.09
C LEU B 405 1.43 -34.68 69.83
N MET B 406 0.16 -34.63 69.39
CA MET B 406 -0.87 -33.72 69.96
C MET B 406 -1.22 -34.15 71.38
N ASP B 407 -1.08 -35.45 71.67
CA ASP B 407 -1.48 -36.10 72.94
C ASP B 407 -0.27 -36.22 73.87
N GLY B 408 0.88 -35.62 73.51
CA GLY B 408 2.10 -35.58 74.35
C GLY B 408 3.08 -36.70 74.03
N GLY B 409 2.78 -37.58 73.06
CA GLY B 409 3.65 -38.71 72.65
C GLY B 409 4.75 -38.28 71.71
N THR B 410 5.51 -39.23 71.16
CA THR B 410 6.63 -39.01 70.19
C THR B 410 6.27 -39.58 68.80
N GLY B 411 5.08 -40.17 68.65
CA GLY B 411 4.62 -40.73 67.36
C GLY B 411 5.58 -41.76 66.79
N VAL B 412 5.85 -41.68 65.49
CA VAL B 412 6.71 -42.64 64.73
C VAL B 412 8.13 -42.05 64.62
N ASP B 413 9.17 -42.88 64.77
CA ASP B 413 10.56 -42.44 65.07
C ASP B 413 11.14 -41.52 63.98
N GLY B 414 11.24 -41.94 62.72
CA GLY B 414 12.06 -41.21 61.72
C GLY B 414 11.42 -39.92 61.19
N LEU B 415 10.21 -39.59 61.64
CA LEU B 415 9.39 -38.47 61.10
C LEU B 415 9.72 -37.17 61.85
N ARG B 416 10.46 -37.23 62.97
CA ARG B 416 10.95 -36.04 63.70
C ARG B 416 11.73 -35.11 62.75
N GLU B 417 12.54 -35.68 61.85
CA GLU B 417 13.39 -34.97 60.87
C GLU B 417 12.58 -34.00 60.01
N PHE B 418 11.28 -34.29 59.78
CA PHE B 418 10.40 -33.55 58.82
C PHE B 418 9.52 -32.57 59.56
N ARG B 419 9.89 -32.18 60.77
CA ARG B 419 9.26 -31.06 61.54
C ARG B 419 9.09 -29.87 60.59
N PRO B 420 7.92 -29.20 60.57
CA PRO B 420 7.65 -28.16 59.58
C PRO B 420 8.45 -26.87 59.75
N GLU B 421 8.83 -26.53 60.98
CA GLU B 421 9.57 -25.28 61.30
C GLU B 421 11.05 -25.63 61.35
N ARG B 422 11.77 -25.31 60.27
CA ARG B 422 13.17 -25.75 60.05
C ARG B 422 13.82 -24.83 59.02
N ASP B 423 15.16 -24.80 59.04
CA ASP B 423 16.02 -24.40 57.91
C ASP B 423 15.70 -25.36 56.74
N LEU B 424 15.75 -24.87 55.50
CA LEU B 424 15.67 -25.74 54.30
C LEU B 424 16.72 -26.85 54.45
N ILE B 425 16.32 -28.09 54.18
CA ILE B 425 17.23 -29.27 54.14
C ILE B 425 18.07 -29.23 52.86
N SER B 426 19.32 -29.71 52.94
CA SER B 426 20.26 -29.90 51.81
C SER B 426 20.64 -31.39 51.74
N ALA B 427 19.77 -32.21 51.17
CA ALA B 427 19.87 -33.70 51.19
C ALA B 427 20.81 -34.19 50.09
N TRP B 428 21.10 -33.32 49.11
CA TRP B 428 21.99 -33.63 47.96
C TRP B 428 22.95 -32.46 47.75
N SER B 429 24.17 -32.78 47.31
CA SER B 429 25.17 -31.79 46.83
C SER B 429 24.62 -31.14 45.55
N ARG B 430 24.99 -29.88 45.33
CA ARG B 430 24.72 -29.13 44.08
C ARG B 430 25.08 -30.00 42.87
N GLU B 431 26.23 -30.66 42.92
CA GLU B 431 26.76 -31.53 41.84
C GLU B 431 25.75 -32.66 41.55
N GLU B 432 25.21 -33.32 42.58
CA GLU B 432 24.26 -34.46 42.42
C GLU B 432 23.01 -33.95 41.70
N ILE B 433 22.51 -32.77 42.07
CA ILE B 433 21.25 -32.20 41.54
C ILE B 433 21.44 -31.81 40.07
N LEU B 434 22.57 -31.19 39.73
CA LEU B 434 22.88 -30.76 38.33
C LEU B 434 22.97 -31.99 37.41
N ASP B 435 23.58 -33.09 37.85
CA ASP B 435 23.56 -34.38 37.10
C ASP B 435 22.10 -34.84 36.93
N ASP B 436 21.31 -34.72 38.00
CA ASP B 436 19.91 -35.22 38.04
C ASP B 436 19.06 -34.42 37.04
N VAL B 437 19.16 -33.08 37.05
CA VAL B 437 18.27 -32.18 36.27
C VAL B 437 18.55 -32.39 34.77
N VAL B 438 19.79 -32.63 34.40
CA VAL B 438 20.20 -32.83 32.98
C VAL B 438 19.69 -34.19 32.52
N ARG B 439 19.88 -35.22 33.35
CA ARG B 439 19.44 -36.60 33.05
C ARG B 439 17.92 -36.60 32.82
N HIS B 440 17.18 -35.99 33.75
CA HIS B 440 15.71 -35.95 33.76
C HIS B 440 15.24 -35.16 32.54
N THR B 441 15.87 -34.01 32.25
CA THR B 441 15.55 -33.20 31.05
C THR B 441 15.68 -34.09 29.80
N MET B 442 16.80 -34.79 29.66
CA MET B 442 17.00 -35.72 28.50
C MET B 442 15.90 -36.78 28.51
N ALA B 443 15.52 -37.27 29.69
CA ALA B 443 14.49 -38.32 29.85
C ALA B 443 13.15 -37.86 29.27
N THR B 444 12.82 -36.56 29.29
CA THR B 444 11.54 -36.08 28.71
C THR B 444 11.56 -36.37 27.21
N GLY B 445 12.76 -36.39 26.60
CA GLY B 445 12.96 -36.75 25.19
C GLY B 445 12.71 -38.23 24.96
N TYR B 446 13.35 -39.09 25.74
CA TYR B 446 13.34 -40.55 25.49
C TYR B 446 11.95 -41.10 25.80
N GLU B 447 11.20 -40.42 26.66
CA GLU B 447 9.85 -40.85 27.12
C GLU B 447 8.78 -40.47 26.08
N PHE B 448 9.07 -39.56 25.16
CA PHE B 448 8.06 -39.06 24.20
C PHE B 448 7.49 -40.19 23.34
N PRO B 449 8.26 -41.09 22.71
CA PRO B 449 9.71 -40.99 22.56
C PRO B 449 10.04 -40.19 21.30
N TRP B 450 11.10 -39.40 21.34
CA TRP B 450 11.53 -38.62 20.15
C TRP B 450 12.24 -39.55 19.16
N ARG B 451 12.45 -39.06 17.94
CA ARG B 451 13.33 -39.66 16.92
C ARG B 451 14.21 -38.53 16.38
N LEU B 452 15.51 -38.62 16.62
CA LEU B 452 16.52 -37.55 16.42
C LEU B 452 17.69 -38.16 15.65
N PRO B 453 18.51 -37.34 14.99
CA PRO B 453 19.82 -37.80 14.54
C PRO B 453 20.63 -38.23 15.77
N LEU B 454 21.48 -39.23 15.62
CA LEU B 454 22.09 -39.95 16.76
C LEU B 454 23.10 -39.08 17.52
N GLU B 455 23.61 -37.97 16.96
CA GLU B 455 24.64 -37.15 17.66
C GLU B 455 23.95 -36.04 18.46
N TRP B 456 22.67 -35.78 18.22
CA TRP B 456 21.93 -34.64 18.82
C TRP B 456 21.84 -34.79 20.34
N PRO B 457 21.48 -35.97 20.88
CA PRO B 457 21.37 -36.13 22.33
C PRO B 457 22.66 -35.74 23.09
N HIS B 458 23.83 -36.20 22.65
CA HIS B 458 25.12 -35.83 23.30
C HIS B 458 25.31 -34.30 23.24
N MET B 459 24.94 -33.66 22.13
CA MET B 459 25.11 -32.19 21.96
C MET B 459 24.21 -31.46 22.97
N MET B 460 22.95 -31.88 23.11
CA MET B 460 21.99 -31.23 24.05
C MET B 460 22.46 -31.48 25.50
N GLU B 461 22.96 -32.69 25.81
CA GLU B 461 23.52 -33.03 27.15
C GLU B 461 24.56 -31.96 27.50
N THR B 462 25.55 -31.70 26.64
CA THR B 462 26.71 -30.83 26.98
C THR B 462 26.25 -29.36 27.04
N PHE B 463 25.23 -28.96 26.27
CA PHE B 463 24.76 -27.54 26.21
C PHE B 463 23.71 -27.26 27.30
N LEU B 464 23.26 -28.29 28.03
CA LEU B 464 22.30 -28.13 29.15
C LEU B 464 23.06 -27.85 30.44
N GLN B 465 24.26 -28.41 30.61
CA GLN B 465 25.07 -28.37 31.86
C GLN B 465 25.30 -26.92 32.28
N GLY B 466 25.79 -26.07 31.35
CA GLY B 466 26.17 -24.67 31.60
C GLY B 466 25.01 -23.85 32.18
N PRO B 467 23.90 -23.69 31.44
CA PRO B 467 22.79 -22.86 31.90
C PRO B 467 22.19 -23.25 33.27
N PHE B 468 22.20 -24.54 33.63
CA PHE B 468 21.67 -25.05 34.92
C PHE B 468 22.71 -24.82 36.03
N ALA B 469 24.00 -24.98 35.74
CA ALA B 469 25.11 -24.68 36.67
C ALA B 469 25.08 -23.19 37.01
N GLU B 470 24.89 -22.32 35.99
CA GLU B 470 24.80 -20.85 36.11
C GLU B 470 23.61 -20.48 37.01
N LEU B 471 22.45 -21.13 36.81
CA LEU B 471 21.21 -20.84 37.55
C LEU B 471 21.43 -21.16 39.04
N ALA B 472 21.97 -22.35 39.33
CA ALA B 472 22.20 -22.84 40.71
C ALA B 472 23.11 -21.89 41.49
N ASP B 473 24.19 -21.39 40.85
CA ASP B 473 25.18 -20.48 41.46
C ASP B 473 24.53 -19.12 41.76
N ARG B 474 23.63 -18.69 40.89
CA ARG B 474 22.97 -17.37 40.94
C ARG B 474 21.92 -17.34 42.06
N LEU B 475 21.29 -18.47 42.37
CA LEU B 475 20.12 -18.55 43.28
C LEU B 475 20.56 -18.36 44.74
N SER B 476 21.66 -19.00 45.15
CA SER B 476 22.15 -19.01 46.55
C SER B 476 23.54 -19.64 46.60
N ASP B 477 24.33 -19.25 47.61
CA ASP B 477 25.67 -19.83 47.87
C ASP B 477 25.54 -21.08 48.75
N THR B 478 24.36 -21.38 49.31
CA THR B 478 24.19 -22.51 50.27
C THR B 478 23.04 -23.44 49.82
N TYR B 479 21.89 -22.92 49.40
CA TYR B 479 20.68 -23.75 49.07
C TYR B 479 20.63 -24.07 47.58
N THR B 480 20.28 -25.32 47.26
CA THR B 480 20.02 -25.77 45.87
C THR B 480 18.64 -26.42 45.77
N PRO B 481 17.73 -25.93 44.92
CA PRO B 481 16.43 -26.57 44.73
C PRO B 481 16.63 -27.96 44.15
N PRO B 482 15.84 -28.97 44.53
CA PRO B 482 15.89 -30.27 43.87
C PRO B 482 15.45 -30.15 42.41
N ALA B 483 15.79 -31.14 41.60
CA ALA B 483 15.67 -31.15 40.12
C ALA B 483 14.26 -30.73 39.69
N ASP B 484 13.23 -31.34 40.30
CA ASP B 484 11.80 -31.13 39.93
C ASP B 484 11.51 -29.62 39.97
N LEU B 485 12.04 -28.94 40.98
CA LEU B 485 11.77 -27.50 41.20
C LEU B 485 12.72 -26.67 40.35
N MET B 486 13.98 -27.10 40.23
CA MET B 486 15.00 -26.34 39.44
C MET B 486 14.54 -26.17 37.99
N THR B 487 13.99 -27.21 37.35
CA THR B 487 13.52 -27.10 35.93
C THR B 487 12.40 -26.05 35.87
N ALA B 488 11.46 -26.05 36.80
CA ALA B 488 10.39 -25.02 36.89
C ALA B 488 11.00 -23.63 37.02
N ILE B 489 12.00 -23.45 37.90
CA ILE B 489 12.64 -22.12 38.12
C ILE B 489 13.34 -21.67 36.83
N MET B 490 14.09 -22.57 36.17
CA MET B 490 14.81 -22.32 34.89
C MET B 490 13.90 -21.70 33.83
N PHE B 491 12.63 -22.10 33.76
CA PHE B 491 11.69 -21.69 32.67
C PHE B 491 10.62 -20.73 33.21
N SER B 492 10.81 -20.21 34.42
CA SER B 492 9.97 -19.15 35.03
C SER B 492 10.48 -17.78 34.57
N GLU B 493 9.77 -16.71 34.92
CA GLU B 493 10.14 -15.31 34.54
C GLU B 493 11.30 -14.84 35.41
N ARG B 494 12.02 -13.81 34.94
CA ARG B 494 13.17 -13.20 35.67
C ARG B 494 12.72 -12.70 37.04
N GLU B 495 11.52 -12.10 37.14
CA GLU B 495 10.97 -11.55 38.41
C GLU B 495 10.79 -12.68 39.41
N GLN B 496 10.23 -13.81 38.97
CA GLN B 496 9.96 -15.00 39.83
C GLN B 496 11.27 -15.60 40.34
N GLN B 497 12.32 -15.62 39.50
CA GLN B 497 13.68 -16.07 39.86
C GLN B 497 14.27 -15.14 40.92
N ASP B 498 14.20 -13.82 40.71
CA ASP B 498 14.78 -12.79 41.61
C ASP B 498 14.08 -12.90 42.98
N GLU B 499 12.77 -13.07 42.98
CA GLU B 499 11.94 -13.26 44.21
C GLU B 499 12.45 -14.49 44.98
N LEU B 500 12.88 -15.55 44.28
CA LEU B 500 13.43 -16.79 44.90
C LEU B 500 14.83 -16.53 45.48
N ILE B 501 15.62 -15.65 44.85
CA ILE B 501 16.97 -15.28 45.35
C ILE B 501 16.79 -14.55 46.69
N ALA B 502 15.81 -13.63 46.76
CA ALA B 502 15.44 -12.87 47.98
C ALA B 502 14.94 -13.82 49.07
N TYR B 503 14.07 -14.77 48.73
CA TYR B 503 13.54 -15.81 49.66
C TYR B 503 14.71 -16.61 50.25
N TYR B 504 15.58 -17.19 49.41
CA TYR B 504 16.70 -18.05 49.85
C TYR B 504 17.62 -17.25 50.78
N ALA B 505 17.92 -15.99 50.44
CA ALA B 505 18.79 -15.09 51.22
C ALA B 505 18.15 -14.80 52.58
N ASP B 506 16.85 -14.48 52.61
CA ASP B 506 16.05 -14.22 53.84
C ASP B 506 16.05 -15.47 54.73
N VAL B 507 15.96 -16.69 54.16
CA VAL B 507 15.96 -17.94 54.95
C VAL B 507 17.34 -18.11 55.61
N HIS B 508 18.41 -17.76 54.90
CA HIS B 508 19.81 -17.87 55.39
C HIS B 508 20.01 -16.91 56.58
N ARG B 509 19.54 -15.67 56.44
CA ARG B 509 19.52 -14.61 57.50
C ARG B 509 18.86 -15.17 58.77
N GLU B 510 17.68 -15.81 58.65
CA GLU B 510 16.85 -16.29 59.79
C GLU B 510 17.59 -17.40 60.55
N TRP B 511 18.30 -18.30 59.85
CA TRP B 511 18.76 -19.60 60.42
C TRP B 511 20.28 -19.62 60.67
N HIS B 512 21.06 -18.70 60.10
CA HIS B 512 22.54 -18.68 60.22
C HIS B 512 23.00 -17.32 60.75
N GLN C 31 39.55 -93.44 -14.71
CA GLN C 31 39.98 -92.22 -13.99
C GLN C 31 39.51 -92.29 -12.54
N THR C 32 40.42 -92.03 -11.60
CA THR C 32 40.14 -91.80 -10.16
C THR C 32 40.37 -90.32 -9.81
N ASP C 33 40.41 -89.44 -10.81
CA ASP C 33 40.51 -87.97 -10.66
C ASP C 33 39.22 -87.40 -10.05
N VAL C 34 39.36 -86.47 -9.10
CA VAL C 34 38.23 -85.73 -8.49
C VAL C 34 38.27 -84.28 -8.98
N ILE C 35 37.12 -83.77 -9.44
CA ILE C 35 36.90 -82.33 -9.74
C ILE C 35 35.88 -81.77 -8.75
N VAL C 36 36.28 -80.75 -7.98
CA VAL C 36 35.36 -79.94 -7.14
C VAL C 36 34.99 -78.69 -7.96
N VAL C 37 33.70 -78.51 -8.23
CA VAL C 37 33.17 -77.33 -8.96
C VAL C 37 32.73 -76.31 -7.91
N GLY C 38 33.49 -75.21 -7.75
CA GLY C 38 33.16 -74.13 -6.80
C GLY C 38 34.27 -73.92 -5.78
N ASN C 39 34.59 -72.66 -5.51
CA ASN C 39 35.75 -72.22 -4.66
C ASN C 39 35.24 -71.40 -3.47
N GLY C 40 34.02 -71.68 -3.00
CA GLY C 40 33.53 -71.11 -1.74
C GLY C 40 34.10 -71.88 -0.57
N VAL C 41 33.59 -71.65 0.64
CA VAL C 41 33.97 -72.44 1.84
C VAL C 41 33.65 -73.93 1.63
N LEU C 42 32.53 -74.28 0.99
CA LEU C 42 32.13 -75.70 0.84
C LEU C 42 33.07 -76.39 -0.13
N GLY C 43 33.26 -75.84 -1.33
CA GLY C 43 34.16 -76.41 -2.35
C GLY C 43 35.56 -76.63 -1.79
N LEU C 44 36.18 -75.58 -1.25
CA LEU C 44 37.55 -75.63 -0.68
C LEU C 44 37.61 -76.56 0.53
N SER C 45 36.56 -76.66 1.33
CA SER C 45 36.55 -77.52 2.54
C SER C 45 36.51 -78.99 2.13
N VAL C 46 35.74 -79.32 1.09
CA VAL C 46 35.62 -80.71 0.58
C VAL C 46 36.91 -81.05 -0.16
N GLY C 47 37.46 -80.10 -0.91
CA GLY C 47 38.76 -80.23 -1.61
C GLY C 47 39.87 -80.53 -0.62
N VAL C 48 39.94 -79.77 0.48
CA VAL C 48 41.01 -79.98 1.49
C VAL C 48 40.88 -81.39 2.05
N GLU C 49 39.66 -81.84 2.37
CA GLU C 49 39.43 -83.13 3.05
C GLU C 49 39.73 -84.29 2.07
N ILE C 50 39.34 -84.16 0.80
CA ILE C 50 39.68 -85.16 -0.25
C ILE C 50 41.20 -85.27 -0.38
N ALA C 51 41.89 -84.14 -0.62
CA ALA C 51 43.36 -84.09 -0.85
C ALA C 51 44.13 -84.73 0.31
N ARG C 52 43.75 -84.43 1.55
CA ARG C 52 44.43 -84.94 2.78
C ARG C 52 44.15 -86.43 2.99
N THR C 53 43.00 -86.93 2.55
CA THR C 53 42.45 -88.28 2.87
C THR C 53 42.78 -89.27 1.74
N ARG C 54 43.08 -88.78 0.54
CA ARG C 54 43.37 -89.59 -0.67
C ARG C 54 44.62 -89.05 -1.37
N PRO C 55 45.85 -89.15 -0.78
CA PRO C 55 47.07 -88.66 -1.44
C PRO C 55 47.34 -89.37 -2.79
N ASP C 56 46.73 -90.54 -2.97
CA ASP C 56 46.77 -91.39 -4.21
C ASP C 56 46.20 -90.62 -5.41
N VAL C 57 45.06 -89.94 -5.27
CA VAL C 57 44.26 -89.37 -6.40
C VAL C 57 44.56 -87.88 -6.62
N ARG C 58 44.39 -87.43 -7.86
CA ARG C 58 44.48 -86.01 -8.29
C ARG C 58 43.14 -85.31 -8.03
N VAL C 59 43.14 -84.28 -7.17
CA VAL C 59 41.94 -83.44 -6.89
C VAL C 59 42.17 -82.04 -7.48
N THR C 60 41.26 -81.63 -8.36
CA THR C 60 41.28 -80.32 -9.06
C THR C 60 40.05 -79.51 -8.61
N LEU C 61 40.23 -78.23 -8.28
CA LEU C 61 39.14 -77.32 -7.84
C LEU C 61 39.00 -76.14 -8.81
N LEU C 62 37.80 -75.98 -9.39
CA LEU C 62 37.44 -74.90 -10.36
C LEU C 62 36.84 -73.69 -9.62
N GLY C 63 36.86 -72.52 -10.25
CA GLY C 63 36.33 -71.24 -9.73
C GLY C 63 37.36 -70.13 -9.79
N LYS C 64 36.92 -68.88 -10.01
CA LYS C 64 37.76 -67.70 -10.26
C LYS C 64 37.87 -66.84 -9.00
N PRO C 65 38.97 -66.08 -8.81
CA PRO C 65 39.15 -65.28 -7.60
C PRO C 65 38.10 -64.16 -7.37
N ALA C 66 37.38 -63.72 -8.41
CA ALA C 66 36.26 -62.74 -8.32
C ALA C 66 35.12 -63.26 -7.42
N ARG C 67 34.90 -64.59 -7.40
CA ARG C 67 33.82 -65.24 -6.62
C ARG C 67 32.50 -64.47 -6.82
N GLN C 68 32.08 -64.32 -8.08
CA GLN C 68 30.81 -63.65 -8.46
C GLN C 68 29.65 -64.24 -7.64
N TYR C 69 28.90 -63.38 -6.94
CA TYR C 69 27.71 -63.69 -6.12
C TYR C 69 28.09 -64.51 -4.89
N GLY C 70 29.39 -64.58 -4.56
CA GLY C 70 29.92 -65.48 -3.52
C GLY C 70 29.39 -65.12 -2.15
N ALA C 71 28.68 -66.07 -1.52
CA ALA C 71 28.17 -65.96 -0.14
C ALA C 71 29.34 -65.82 0.86
N THR C 72 30.37 -66.65 0.73
CA THR C 72 31.47 -66.77 1.73
C THR C 72 32.18 -65.43 1.95
N PRO C 73 32.68 -64.73 0.90
CA PRO C 73 33.43 -63.48 1.12
C PRO C 73 32.55 -62.39 1.74
N ALA C 74 31.23 -62.47 1.57
CA ALA C 74 30.25 -61.49 2.13
C ALA C 74 29.90 -61.83 3.59
N ALA C 75 30.37 -62.96 4.13
CA ALA C 75 29.98 -63.48 5.46
C ALA C 75 30.97 -62.94 6.51
N GLY C 76 30.48 -62.80 7.74
CA GLY C 76 31.22 -62.17 8.85
C GLY C 76 32.50 -62.93 9.19
N ALA C 77 32.37 -64.18 9.66
CA ALA C 77 31.12 -64.91 9.72
C ALA C 77 30.92 -65.51 11.11
N MET C 78 29.67 -65.66 11.54
CA MET C 78 29.33 -66.32 12.82
C MET C 78 29.38 -67.84 12.66
N LEU C 79 29.94 -68.53 13.66
CA LEU C 79 29.80 -70.01 13.80
C LEU C 79 28.48 -70.28 14.52
N GLY C 80 27.37 -70.06 13.81
CA GLY C 80 26.01 -69.98 14.35
C GLY C 80 25.39 -71.36 14.47
N ALA C 81 25.11 -71.77 15.70
CA ALA C 81 24.34 -72.98 16.06
C ALA C 81 23.12 -72.55 16.87
N PHE C 82 23.34 -72.16 18.11
CA PHE C 82 22.29 -71.72 19.07
C PHE C 82 21.77 -70.34 18.64
N GLY C 83 22.63 -69.46 18.14
CA GLY C 83 22.23 -68.14 17.63
C GLY C 83 21.23 -68.22 16.50
N GLU C 84 21.23 -69.32 15.75
CA GLU C 84 20.36 -69.54 14.56
C GLU C 84 19.02 -70.17 14.98
N VAL C 85 18.84 -70.48 16.25
CA VAL C 85 17.61 -71.13 16.77
C VAL C 85 16.44 -70.16 16.65
N THR C 86 15.35 -70.64 16.02
CA THR C 86 14.01 -70.00 16.05
C THR C 86 13.00 -71.02 16.59
N ALA C 87 11.92 -70.53 17.22
CA ALA C 87 10.77 -71.35 17.64
C ALA C 87 10.21 -72.12 16.43
N HIS C 88 10.07 -71.46 15.29
CA HIS C 88 9.50 -72.03 14.04
C HIS C 88 10.34 -73.20 13.50
N ALA C 89 11.67 -73.11 13.59
CA ALA C 89 12.60 -74.17 13.14
C ALA C 89 12.43 -75.39 14.06
N LEU C 90 12.50 -75.18 15.38
CA LEU C 90 12.43 -76.23 16.43
C LEU C 90 10.99 -76.75 16.63
N ALA C 91 10.06 -76.44 15.73
CA ALA C 91 8.65 -76.90 15.78
C ALA C 91 8.41 -77.93 14.68
N SER C 92 9.30 -78.03 13.70
CA SER C 92 9.27 -79.08 12.64
C SER C 92 10.34 -80.13 12.97
N GLU C 93 10.13 -81.38 12.53
CA GLU C 93 11.11 -82.49 12.67
C GLU C 93 12.36 -82.13 11.85
N HIS C 94 12.18 -81.82 10.55
CA HIS C 94 13.26 -81.41 9.62
C HIS C 94 14.13 -80.33 10.26
N GLY C 95 13.54 -79.38 10.97
CA GLY C 95 14.25 -78.26 11.64
C GLY C 95 15.05 -78.69 12.85
N ARG C 96 14.56 -79.64 13.65
CA ARG C 96 15.25 -80.15 14.86
C ARG C 96 16.51 -80.93 14.42
N LYS C 97 16.45 -81.60 13.26
CA LYS C 97 17.58 -82.36 12.65
C LYS C 97 18.67 -81.36 12.23
N LYS C 98 18.30 -80.33 11.47
CA LYS C 98 19.20 -79.24 11.00
C LYS C 98 19.90 -78.64 12.21
N HIS C 99 19.17 -78.38 13.31
CA HIS C 99 19.76 -77.78 14.54
C HIS C 99 20.80 -78.75 15.11
N ALA C 100 20.52 -80.06 15.14
CA ALA C 100 21.42 -81.10 15.71
C ALA C 100 22.73 -81.13 14.93
N LEU C 101 22.67 -81.10 13.61
CA LEU C 101 23.88 -81.06 12.72
C LEU C 101 24.75 -79.84 13.09
N ALA C 102 24.14 -78.67 13.30
CA ALA C 102 24.85 -77.41 13.61
C ALA C 102 25.59 -77.56 14.95
N VAL C 103 24.98 -78.22 15.93
CA VAL C 103 25.64 -78.48 17.25
C VAL C 103 26.85 -79.38 17.00
N GLN C 104 26.68 -80.41 16.16
CA GLN C 104 27.76 -81.38 15.80
C GLN C 104 28.91 -80.63 15.14
N ALA C 105 28.61 -79.80 14.14
CA ALA C 105 29.60 -79.00 13.40
C ALA C 105 30.40 -78.12 14.36
N GLN C 106 29.79 -77.54 15.38
CA GLN C 106 30.45 -76.64 16.38
C GLN C 106 31.63 -77.37 17.04
N ARG C 107 31.51 -78.68 17.25
CA ARG C 107 32.51 -79.49 18.00
C ARG C 107 33.76 -79.70 17.13
N LEU C 108 33.64 -79.62 15.80
CA LEU C 108 34.76 -79.82 14.85
C LEU C 108 35.59 -78.55 14.67
N TRP C 109 35.10 -77.38 15.04
CA TRP C 109 35.74 -76.10 14.62
C TRP C 109 37.11 -75.92 15.25
N PRO C 110 37.30 -76.14 16.58
CA PRO C 110 38.61 -75.94 17.19
C PRO C 110 39.74 -76.71 16.49
N GLU C 111 39.56 -78.00 16.21
CA GLU C 111 40.60 -78.87 15.56
C GLU C 111 40.76 -78.46 14.07
N TRP C 112 39.66 -78.16 13.38
CA TRP C 112 39.61 -77.78 11.94
C TRP C 112 40.45 -76.51 11.73
N ILE C 113 40.25 -75.51 12.59
CA ILE C 113 41.01 -74.23 12.57
C ILE C 113 42.49 -74.54 12.80
N GLU C 114 42.82 -75.31 13.84
CA GLU C 114 44.22 -75.68 14.21
C GLU C 114 44.88 -76.37 13.00
N SER C 115 44.16 -77.26 12.32
CA SER C 115 44.67 -78.03 11.16
C SER C 115 44.87 -77.12 9.94
N LEU C 116 44.14 -76.00 9.85
CA LEU C 116 44.27 -75.03 8.73
C LEU C 116 45.35 -73.99 9.07
N GLU C 117 45.41 -73.51 10.30
CA GLU C 117 46.42 -72.52 10.74
C GLU C 117 47.83 -73.16 10.71
N ALA C 118 47.94 -74.47 10.92
CA ALA C 118 49.21 -75.24 11.01
C ALA C 118 49.98 -75.21 9.67
N THR C 119 49.31 -75.00 8.55
CA THR C 119 49.92 -74.94 7.19
C THR C 119 50.43 -73.53 6.89
N GLY C 120 50.25 -72.56 7.79
CA GLY C 120 50.72 -71.17 7.63
C GLY C 120 51.58 -70.74 8.82
N THR C 121 51.82 -69.44 8.96
CA THR C 121 52.61 -68.82 10.06
C THR C 121 51.79 -67.68 10.69
N ALA C 122 52.31 -67.10 11.78
CA ALA C 122 51.69 -66.00 12.56
C ALA C 122 51.21 -64.87 11.64
N ALA C 123 51.97 -64.51 10.62
CA ALA C 123 51.77 -63.32 9.76
C ALA C 123 50.59 -63.49 8.80
N ASP C 124 50.03 -64.70 8.66
CA ASP C 124 48.87 -65.00 7.77
C ASP C 124 47.55 -64.56 8.42
N GLY C 125 47.60 -64.21 9.71
CA GLY C 125 46.45 -63.73 10.50
C GLY C 125 45.74 -64.90 11.14
N ARG C 126 44.88 -64.60 12.11
CA ARG C 126 44.07 -65.61 12.85
C ARG C 126 42.73 -65.79 12.14
N ILE C 127 42.31 -67.05 11.97
CA ILE C 127 40.97 -67.41 11.41
C ILE C 127 39.91 -67.01 12.44
N LYS C 128 40.13 -67.33 13.71
CA LYS C 128 39.19 -67.04 14.81
C LYS C 128 39.22 -65.56 15.15
N THR C 129 38.06 -64.91 15.23
CA THR C 129 37.92 -63.47 15.56
C THR C 129 37.21 -63.27 16.89
N ALA C 130 36.46 -64.27 17.37
CA ALA C 130 35.86 -64.27 18.73
C ALA C 130 35.48 -65.69 19.15
N ASP C 131 35.47 -65.94 20.45
CA ASP C 131 35.17 -67.28 21.04
C ASP C 131 33.69 -67.38 21.40
N ASP C 132 33.10 -66.24 21.77
CA ASP C 132 31.77 -66.13 22.42
C ASP C 132 30.85 -65.18 21.63
N THR C 133 29.54 -65.31 21.91
CA THR C 133 28.44 -64.56 21.27
C THR C 133 27.53 -64.01 22.37
N VAL C 134 27.07 -62.77 22.23
CA VAL C 134 25.97 -62.21 23.07
C VAL C 134 24.76 -62.01 22.18
N VAL C 135 23.64 -62.65 22.52
CA VAL C 135 22.32 -62.45 21.86
C VAL C 135 21.59 -61.37 22.66
N LEU C 136 21.15 -60.32 21.97
CA LEU C 136 20.49 -59.15 22.59
C LEU C 136 19.00 -59.20 22.24
N LEU C 137 18.15 -58.86 23.20
CA LEU C 137 16.71 -58.71 22.97
C LEU C 137 16.35 -57.25 23.19
N ASN C 138 15.88 -56.59 22.13
CA ASN C 138 15.35 -55.21 22.15
C ASN C 138 13.94 -55.30 21.55
N THR C 139 13.23 -54.17 21.53
CA THR C 139 11.82 -54.09 21.14
C THR C 139 11.71 -53.52 19.73
N VAL C 140 12.80 -53.48 18.98
CA VAL C 140 12.79 -52.95 17.59
C VAL C 140 12.47 -54.14 16.67
N GLY C 141 11.30 -54.72 16.84
CA GLY C 141 10.92 -55.94 16.13
C GLY C 141 9.61 -56.49 16.64
N HIS C 142 9.16 -57.59 16.04
CA HIS C 142 7.89 -58.26 16.36
C HIS C 142 8.09 -59.08 17.63
N SER C 143 7.17 -58.99 18.59
CA SER C 143 7.12 -59.90 19.78
C SER C 143 7.00 -61.35 19.32
N ALA C 144 6.21 -61.61 18.28
CA ALA C 144 5.88 -62.98 17.81
C ALA C 144 7.12 -63.65 17.20
N LEU C 145 8.15 -62.89 16.79
CA LEU C 145 9.46 -63.47 16.40
C LEU C 145 10.46 -63.34 17.57
N ASP C 146 10.83 -62.13 17.97
CA ASP C 146 12.01 -61.90 18.86
C ASP C 146 11.77 -62.54 20.25
N ASP C 147 10.58 -62.41 20.84
CA ASP C 147 10.28 -62.94 22.20
C ASP C 147 10.28 -64.48 22.14
N ALA C 148 9.57 -65.06 21.18
CA ALA C 148 9.46 -66.52 20.99
C ALA C 148 10.86 -67.09 20.73
N ASN C 149 11.66 -66.40 19.90
CA ASN C 149 13.00 -66.90 19.46
C ASN C 149 14.00 -66.78 20.61
N PHE C 150 13.87 -65.81 21.50
CA PHE C 150 14.79 -65.69 22.66
C PHE C 150 14.56 -66.87 23.62
N ALA C 151 13.29 -67.18 23.88
CA ALA C 151 12.86 -68.32 24.73
C ALA C 151 13.36 -69.64 24.08
N ALA C 152 13.15 -69.82 22.77
CA ALA C 152 13.55 -71.03 22.01
C ALA C 152 15.08 -71.24 22.11
N VAL C 153 15.85 -70.16 22.05
CA VAL C 153 17.35 -70.19 22.13
C VAL C 153 17.73 -70.67 23.53
N LEU C 154 17.15 -70.06 24.57
CA LEU C 154 17.44 -70.36 26.00
C LEU C 154 17.13 -71.84 26.27
N THR C 155 16.01 -72.33 25.73
CA THR C 155 15.53 -73.71 25.89
C THR C 155 16.51 -74.68 25.19
N ALA C 156 16.91 -74.36 23.97
CA ALA C 156 17.77 -75.23 23.13
C ALA C 156 19.17 -75.35 23.76
N LEU C 157 19.68 -74.28 24.38
CA LEU C 157 20.97 -74.26 25.11
C LEU C 157 20.92 -75.20 26.32
N LYS C 158 19.83 -75.18 27.08
CA LYS C 158 19.63 -76.03 28.29
C LYS C 158 19.55 -77.50 27.84
N GLU C 159 18.73 -77.82 26.83
CA GLU C 159 18.53 -79.19 26.30
C GLU C 159 19.86 -79.82 25.85
N ALA C 160 20.74 -79.06 25.20
CA ALA C 160 22.04 -79.54 24.67
C ALA C 160 23.14 -79.37 25.73
N ASN C 161 22.81 -78.89 26.93
CA ASN C 161 23.78 -78.78 28.06
C ASN C 161 24.95 -77.88 27.64
N ALA C 162 24.72 -76.93 26.76
CA ALA C 162 25.74 -75.97 26.26
C ALA C 162 25.99 -74.93 27.34
N PRO C 163 27.25 -74.45 27.52
CA PRO C 163 27.56 -73.46 28.55
C PRO C 163 27.08 -72.08 28.09
N HIS C 164 26.38 -71.37 28.97
CA HIS C 164 25.69 -70.08 28.64
C HIS C 164 25.18 -69.46 29.93
N GLU C 165 24.80 -68.18 29.87
CA GLU C 165 24.36 -67.40 31.05
C GLU C 165 23.56 -66.21 30.53
N GLU C 166 22.35 -66.01 31.06
CA GLU C 166 21.60 -64.74 30.92
C GLU C 166 22.33 -63.72 31.79
N ILE C 167 22.73 -62.59 31.21
CA ILE C 167 23.59 -61.58 31.90
C ILE C 167 22.86 -60.24 31.92
N ALA C 168 23.19 -59.40 32.87
CA ALA C 168 22.72 -58.00 32.92
C ALA C 168 23.21 -57.32 31.63
N VAL C 169 22.34 -56.55 30.99
CA VAL C 169 22.69 -55.74 29.79
C VAL C 169 23.82 -54.78 30.16
N GLU C 170 23.80 -54.23 31.38
CA GLU C 170 24.80 -53.27 31.91
C GLU C 170 26.20 -53.90 31.81
N SER C 171 26.31 -55.22 31.87
CA SER C 171 27.60 -55.96 31.86
C SER C 171 28.08 -56.24 30.42
N VAL C 172 27.30 -55.95 29.37
CA VAL C 172 27.75 -56.14 27.96
C VAL C 172 28.72 -55.01 27.61
N ASP C 173 29.96 -55.39 27.27
CA ASP C 173 31.08 -54.48 26.94
C ASP C 173 30.75 -53.77 25.62
N TRP C 174 31.19 -52.52 25.51
CA TRP C 174 31.40 -51.79 24.23
C TRP C 174 30.11 -51.12 23.73
N ILE C 175 28.98 -51.85 23.68
CA ILE C 175 27.71 -51.36 23.07
C ILE C 175 27.32 -50.00 23.66
N ASP C 176 26.80 -49.12 22.81
CA ASP C 176 26.30 -47.77 23.19
C ASP C 176 25.08 -47.49 22.32
N PRO C 177 23.97 -48.24 22.53
CA PRO C 177 22.78 -48.07 21.71
C PRO C 177 22.05 -46.77 22.05
N ASP C 178 21.21 -46.32 21.13
CA ASP C 178 20.10 -45.36 21.37
C ASP C 178 19.21 -45.95 22.48
N PRO C 179 19.03 -45.25 23.63
CA PRO C 179 18.18 -45.76 24.69
C PRO C 179 16.80 -46.28 24.21
N ASN C 180 16.20 -45.65 23.19
CA ASN C 180 14.86 -46.09 22.70
C ASN C 180 14.98 -47.39 21.91
N SER C 181 16.18 -47.79 21.49
CA SER C 181 16.44 -49.03 20.74
C SER C 181 17.27 -50.05 21.57
N ARG C 182 17.44 -49.83 22.87
CA ARG C 182 18.43 -50.60 23.68
C ARG C 182 17.91 -52.00 24.01
N PRO C 183 18.82 -52.93 24.33
CA PRO C 183 18.40 -54.27 24.77
C PRO C 183 18.06 -54.24 26.27
N LEU C 184 17.10 -55.06 26.69
CA LEU C 184 16.67 -55.18 28.11
C LEU C 184 17.01 -56.58 28.63
N ARG C 185 17.39 -57.50 27.76
CA ARG C 185 17.91 -58.85 28.13
C ARG C 185 19.06 -59.20 27.20
N ALA C 186 20.05 -59.91 27.74
CA ALA C 186 21.26 -60.37 27.02
C ALA C 186 21.57 -61.80 27.44
N LEU C 187 22.17 -62.55 26.54
CA LEU C 187 22.46 -64.00 26.66
C LEU C 187 23.88 -64.23 26.15
N HIS C 188 24.81 -64.56 27.06
CA HIS C 188 26.21 -64.94 26.76
C HIS C 188 26.28 -66.42 26.41
N ILE C 189 26.71 -66.75 25.19
CA ILE C 189 26.92 -68.16 24.73
C ILE C 189 28.42 -68.42 24.62
N GLU C 190 28.97 -69.35 25.41
CA GLU C 190 30.41 -69.74 25.39
C GLU C 190 30.66 -70.70 24.23
N GLY C 191 31.75 -70.48 23.48
CA GLY C 191 32.23 -71.43 22.44
C GLY C 191 31.43 -71.33 21.16
N GLU C 192 30.61 -70.28 21.04
CA GLU C 192 29.91 -69.90 19.79
C GLU C 192 30.53 -68.58 19.35
N GLY C 193 31.39 -68.63 18.32
CA GLY C 193 32.27 -67.51 17.96
C GLY C 193 32.13 -67.12 16.51
N SER C 194 33.22 -66.54 15.99
CA SER C 194 33.27 -66.00 14.62
C SER C 194 34.65 -66.26 14.03
N VAL C 195 34.67 -66.34 12.70
CA VAL C 195 35.90 -66.42 11.88
C VAL C 195 35.90 -65.23 10.94
N ASP C 196 37.08 -64.78 10.52
CA ASP C 196 37.27 -63.87 9.38
C ASP C 196 37.14 -64.70 8.11
N SER C 197 36.06 -64.52 7.34
CA SER C 197 35.74 -65.37 6.17
C SER C 197 36.87 -65.26 5.13
N GLY C 198 37.53 -64.11 5.03
CA GLY C 198 38.61 -63.87 4.05
C GLY C 198 39.86 -64.66 4.41
N ILE C 199 40.25 -64.63 5.68
CA ILE C 199 41.43 -65.36 6.19
C ILE C 199 41.14 -66.86 6.15
N LEU C 200 39.89 -67.28 6.42
CA LEU C 200 39.48 -68.71 6.31
C LEU C 200 39.69 -69.17 4.85
N LEU C 201 39.24 -68.40 3.87
CA LEU C 201 39.37 -68.77 2.44
C LEU C 201 40.86 -68.92 2.09
N ALA C 202 41.70 -67.96 2.49
CA ALA C 202 43.16 -67.96 2.28
C ALA C 202 43.78 -69.21 2.91
N ALA C 203 43.36 -69.58 4.13
CA ALA C 203 43.90 -70.76 4.87
C ALA C 203 43.46 -72.05 4.18
N LEU C 204 42.21 -72.13 3.68
CA LEU C 204 41.69 -73.32 2.94
C LEU C 204 42.50 -73.51 1.64
N GLU C 205 42.70 -72.45 0.87
CA GLU C 205 43.49 -72.48 -0.39
C GLU C 205 44.90 -73.00 -0.09
N ARG C 206 45.60 -72.35 0.84
CA ARG C 206 46.97 -72.70 1.28
C ARG C 206 47.00 -74.18 1.70
N SER C 207 46.04 -74.61 2.51
CA SER C 207 45.96 -76.00 3.05
C SER C 207 45.67 -76.98 1.91
N PHE C 208 44.95 -76.54 0.88
CA PHE C 208 44.60 -77.37 -0.31
C PHE C 208 45.88 -77.65 -1.12
N LEU C 209 46.65 -76.61 -1.44
CA LEU C 209 47.92 -76.72 -2.20
C LEU C 209 48.90 -77.60 -1.41
N GLN C 210 49.00 -77.41 -0.10
CA GLN C 210 49.93 -78.15 0.80
C GLN C 210 49.64 -79.66 0.70
N ALA C 211 48.37 -80.05 0.64
CA ALA C 211 47.95 -81.46 0.61
C ALA C 211 47.96 -82.01 -0.84
N GLY C 212 48.38 -81.20 -1.81
CA GLY C 212 48.65 -81.65 -3.19
C GLY C 212 47.53 -81.35 -4.15
N GLY C 213 46.55 -80.52 -3.76
CA GLY C 213 45.43 -80.16 -4.65
C GLY C 213 45.88 -79.19 -5.73
N ARG C 214 45.15 -79.11 -6.83
CA ARG C 214 45.50 -78.17 -7.93
C ARG C 214 44.32 -77.20 -8.14
N LEU C 215 44.62 -75.90 -8.06
CA LEU C 215 43.66 -74.80 -8.33
C LEU C 215 43.71 -74.48 -9.83
N HIS C 216 42.60 -74.63 -10.53
CA HIS C 216 42.44 -74.27 -11.97
C HIS C 216 41.40 -73.16 -12.07
N PRO C 217 41.81 -71.87 -12.17
CA PRO C 217 40.87 -70.74 -12.02
C PRO C 217 40.04 -70.49 -13.28
N VAL C 218 39.16 -71.43 -13.61
CA VAL C 218 38.09 -71.32 -14.64
C VAL C 218 36.78 -71.80 -14.02
N ASP C 219 35.66 -71.61 -14.71
CA ASP C 219 34.32 -72.07 -14.30
C ASP C 219 33.94 -73.30 -15.12
N ALA C 220 33.26 -74.27 -14.51
CA ALA C 220 32.55 -75.37 -15.20
C ALA C 220 31.36 -74.77 -15.95
N THR C 221 31.17 -75.12 -17.23
CA THR C 221 29.95 -74.76 -18.02
C THR C 221 29.00 -75.95 -18.06
N GLU C 222 29.52 -77.18 -17.99
CA GLU C 222 28.71 -78.41 -18.24
C GLU C 222 29.39 -79.62 -17.58
N ILE C 223 28.60 -80.48 -16.95
CA ILE C 223 29.03 -81.80 -16.42
C ILE C 223 28.72 -82.85 -17.48
N ARG C 224 29.70 -83.69 -17.81
CA ARG C 224 29.53 -84.78 -18.82
C ARG C 224 29.24 -86.10 -18.09
N ALA C 225 28.16 -86.76 -18.50
CA ALA C 225 27.77 -88.10 -18.02
C ALA C 225 27.10 -88.87 -19.15
N SER C 226 27.37 -90.17 -19.23
CA SER C 226 26.70 -91.15 -20.12
C SER C 226 26.71 -92.51 -19.43
N HIS C 227 25.70 -93.34 -19.72
CA HIS C 227 25.52 -94.69 -19.12
C HIS C 227 25.58 -94.56 -17.59
N GLY C 228 24.92 -93.51 -17.05
CA GLY C 228 24.72 -93.25 -15.60
C GLY C 228 26.04 -93.09 -14.83
N ARG C 229 27.05 -92.46 -15.42
CA ARG C 229 28.40 -92.31 -14.81
C ARG C 229 29.01 -90.97 -15.24
N VAL C 230 29.69 -90.26 -14.34
CA VAL C 230 30.39 -88.99 -14.65
C VAL C 230 31.64 -89.30 -15.48
N GLU C 231 31.84 -88.56 -16.57
CA GLU C 231 33.06 -88.60 -17.43
C GLU C 231 33.98 -87.45 -17.03
N GLY C 232 33.41 -86.27 -16.75
CA GLY C 232 34.15 -85.09 -16.26
C GLY C 232 33.39 -83.79 -16.47
N VAL C 233 34.11 -82.72 -16.82
CA VAL C 233 33.63 -81.30 -16.76
C VAL C 233 34.21 -80.50 -17.93
N VAL C 234 33.35 -79.90 -18.76
CA VAL C 234 33.72 -78.88 -19.79
C VAL C 234 33.83 -77.53 -19.07
N THR C 235 34.94 -76.81 -19.27
CA THR C 235 35.25 -75.50 -18.63
C THR C 235 34.94 -74.35 -19.59
N ASP C 236 34.93 -73.10 -19.09
CA ASP C 236 34.43 -71.91 -19.82
C ASP C 236 35.52 -71.33 -20.74
N ASP C 237 36.69 -71.98 -20.84
CA ASP C 237 37.73 -71.65 -21.86
C ASP C 237 37.74 -72.74 -22.94
N GLY C 238 36.71 -73.59 -23.03
CA GLY C 238 36.49 -74.58 -24.10
C GLY C 238 37.05 -75.96 -23.79
N ASP C 239 37.89 -76.09 -22.77
CA ASP C 239 38.66 -77.32 -22.43
C ASP C 239 37.70 -78.39 -21.88
N PHE C 240 38.19 -79.64 -21.72
CA PHE C 240 37.47 -80.76 -21.04
C PHE C 240 38.41 -81.46 -20.06
N LEU C 241 38.05 -81.52 -18.78
CA LEU C 241 38.82 -82.22 -17.71
C LEU C 241 38.10 -83.52 -17.39
N PRO C 242 38.75 -84.70 -17.49
CA PRO C 242 38.12 -85.97 -17.15
C PRO C 242 38.18 -86.23 -15.64
N ALA C 243 37.25 -87.04 -15.12
CA ALA C 243 37.19 -87.44 -13.69
C ALA C 243 36.18 -88.57 -13.49
N GLY C 244 36.42 -89.39 -12.45
CA GLY C 244 35.48 -90.40 -11.95
C GLY C 244 34.59 -89.85 -10.84
N HIS C 245 34.92 -88.68 -10.30
CA HIS C 245 34.16 -87.99 -9.23
C HIS C 245 34.07 -86.49 -9.54
N VAL C 246 32.85 -85.94 -9.50
CA VAL C 246 32.57 -84.48 -9.60
C VAL C 246 31.70 -84.07 -8.42
N VAL C 247 32.24 -83.21 -7.54
CA VAL C 247 31.51 -82.64 -6.37
C VAL C 247 31.07 -81.22 -6.75
N VAL C 248 29.75 -80.97 -6.81
CA VAL C 248 29.19 -79.64 -7.16
C VAL C 248 28.97 -78.86 -5.88
N ALA C 249 29.73 -77.78 -5.69
CA ALA C 249 29.64 -76.82 -4.56
C ALA C 249 29.75 -75.41 -5.12
N ALA C 250 28.89 -75.12 -6.10
CA ALA C 250 28.88 -73.86 -6.87
C ALA C 250 27.82 -72.89 -6.29
N GLY C 251 27.61 -72.94 -4.97
CA GLY C 251 26.60 -72.10 -4.29
C GLY C 251 25.31 -72.09 -5.08
N ALA C 252 24.77 -70.91 -5.35
CA ALA C 252 23.39 -70.73 -5.90
C ALA C 252 23.32 -71.22 -7.36
N ARG C 253 24.43 -71.56 -7.99
CA ARG C 253 24.47 -72.03 -9.42
C ARG C 253 24.43 -73.57 -9.48
N SER C 254 24.47 -74.25 -8.32
CA SER C 254 24.69 -75.72 -8.20
C SER C 254 23.59 -76.53 -8.89
N GLN C 255 22.30 -76.25 -8.62
CA GLN C 255 21.16 -77.01 -9.23
C GLN C 255 21.13 -76.75 -10.73
N ARG C 256 21.22 -75.48 -11.16
CA ARG C 256 21.14 -75.08 -12.59
C ARG C 256 22.16 -75.92 -13.39
N LEU C 257 23.28 -76.30 -12.75
CA LEU C 257 24.40 -77.02 -13.39
C LEU C 257 24.06 -78.50 -13.56
N VAL C 258 23.49 -79.13 -12.53
CA VAL C 258 23.19 -80.58 -12.49
C VAL C 258 21.86 -80.87 -13.24
N ALA C 259 20.96 -79.89 -13.31
CA ALA C 259 19.60 -80.03 -13.88
C ALA C 259 19.64 -80.29 -15.39
N ALA C 260 20.77 -79.97 -16.05
CA ALA C 260 20.97 -80.12 -17.51
C ALA C 260 21.07 -81.60 -17.89
N LEU C 261 21.49 -82.46 -16.96
CA LEU C 261 21.57 -83.94 -17.15
C LEU C 261 20.16 -84.52 -17.25
N PRO C 262 19.97 -85.67 -17.95
CA PRO C 262 18.63 -86.21 -18.24
C PRO C 262 17.77 -86.53 -17.00
N GLY C 263 16.53 -86.07 -16.98
CA GLY C 263 15.52 -86.38 -15.94
C GLY C 263 15.66 -85.52 -14.69
N LEU C 264 16.86 -84.98 -14.43
CA LEU C 264 17.28 -84.36 -13.15
C LEU C 264 16.62 -82.99 -12.93
N ALA C 265 16.03 -82.40 -13.98
CA ALA C 265 15.42 -81.04 -13.92
C ALA C 265 14.36 -80.99 -12.83
N HIS C 266 13.65 -82.12 -12.58
CA HIS C 266 12.54 -82.19 -11.61
C HIS C 266 12.85 -83.19 -10.49
N ARG C 267 14.11 -83.60 -10.35
CA ARG C 267 14.55 -84.57 -9.30
C ARG C 267 15.54 -83.91 -8.33
N ILE C 268 16.19 -82.82 -8.76
CA ILE C 268 17.05 -81.95 -7.90
C ILE C 268 16.27 -80.68 -7.59
N PRO C 269 15.86 -80.44 -6.33
CA PRO C 269 15.15 -79.22 -5.98
C PRO C 269 15.92 -77.95 -6.36
N ARG C 270 15.20 -76.96 -6.89
CA ARG C 270 15.77 -75.66 -7.31
C ARG C 270 16.42 -74.94 -6.13
N ILE C 271 17.50 -74.24 -6.42
CA ILE C 271 18.20 -73.33 -5.47
C ILE C 271 18.08 -71.92 -6.07
N TYR C 272 17.58 -70.96 -5.28
CA TYR C 272 17.50 -69.52 -5.65
C TYR C 272 18.58 -68.75 -4.88
N ASP C 273 18.74 -67.46 -5.20
CA ASP C 273 19.71 -66.52 -4.57
C ASP C 273 19.08 -65.80 -3.37
N GLY C 274 19.54 -66.13 -2.18
CA GLY C 274 19.25 -65.39 -0.93
C GLY C 274 20.22 -64.23 -0.79
N VAL C 275 19.96 -63.13 -1.50
CA VAL C 275 20.90 -61.98 -1.64
C VAL C 275 21.06 -61.34 -0.26
N GLY C 276 22.30 -61.14 0.14
CA GLY C 276 22.65 -60.65 1.48
C GLY C 276 23.62 -59.50 1.38
N VAL C 277 23.33 -58.44 2.11
CA VAL C 277 24.19 -57.24 2.18
C VAL C 277 24.81 -57.18 3.57
N SER C 278 26.09 -56.89 3.61
CA SER C 278 26.86 -56.67 4.85
C SER C 278 27.81 -55.50 4.58
N ALA C 279 28.55 -55.05 5.58
CA ALA C 279 29.46 -53.90 5.43
C ALA C 279 30.67 -54.06 6.35
N LEU C 280 31.81 -53.59 5.88
CA LEU C 280 33.04 -53.40 6.68
C LEU C 280 33.10 -51.92 7.07
N VAL C 281 33.30 -51.65 8.34
CA VAL C 281 33.32 -50.29 8.91
C VAL C 281 34.58 -50.12 9.74
N ASP C 282 35.31 -49.03 9.52
CA ASP C 282 36.47 -48.61 10.36
C ASP C 282 35.89 -47.79 11.50
N THR C 283 35.95 -48.32 12.72
CA THR C 283 35.33 -47.68 13.90
C THR C 283 36.04 -46.35 14.18
N TRP C 284 35.26 -45.36 14.61
CA TRP C 284 35.70 -43.98 14.97
C TRP C 284 37.00 -44.00 15.79
N ASP C 285 37.19 -44.93 16.72
CA ASP C 285 38.33 -44.97 17.68
C ASP C 285 39.14 -46.26 17.50
N GLY C 286 38.89 -47.05 16.45
CA GLY C 286 39.62 -48.29 16.18
C GLY C 286 39.23 -49.46 17.09
N SER C 287 38.27 -49.28 18.00
CA SER C 287 37.82 -50.34 18.96
C SER C 287 36.85 -51.32 18.27
N GLY C 288 36.55 -52.42 18.99
CA GLY C 288 35.59 -53.45 18.57
C GLY C 288 35.14 -54.27 19.78
N PRO C 289 33.99 -54.97 19.69
CA PRO C 289 33.55 -55.80 20.81
C PRO C 289 34.41 -57.06 20.89
N ALA C 290 34.51 -57.65 22.07
CA ALA C 290 35.28 -58.88 22.35
C ALA C 290 34.49 -60.09 21.85
N THR C 291 33.16 -60.03 21.87
CA THR C 291 32.28 -61.13 21.41
C THR C 291 31.57 -60.75 20.12
N VAL C 292 30.97 -61.73 19.46
CA VAL C 292 29.89 -61.49 18.46
C VAL C 292 28.73 -60.84 19.23
N LEU C 293 28.09 -59.87 18.61
CA LEU C 293 26.84 -59.24 19.09
C LEU C 293 25.77 -59.54 18.04
N ARG C 294 24.64 -60.13 18.43
CA ARG C 294 23.57 -60.45 17.46
C ARG C 294 22.19 -60.41 18.13
N THR C 295 21.16 -60.28 17.31
CA THR C 295 19.76 -60.60 17.63
C THR C 295 19.48 -62.01 17.18
N SER C 296 18.34 -62.57 17.58
CA SER C 296 17.74 -63.77 16.95
C SER C 296 17.45 -63.43 15.50
N ASN C 297 17.19 -64.44 14.67
CA ASN C 297 16.77 -64.26 13.26
C ASN C 297 15.44 -63.51 13.21
N ARG C 298 15.31 -62.61 12.24
CA ARG C 298 14.20 -61.64 12.11
C ARG C 298 13.50 -61.84 10.76
N ALA C 299 12.72 -60.86 10.31
CA ALA C 299 11.80 -60.99 9.16
C ALA C 299 12.53 -61.64 7.99
N PHE C 300 11.98 -62.75 7.50
CA PHE C 300 12.43 -63.43 6.25
C PHE C 300 13.93 -63.75 6.35
N ALA C 301 14.36 -64.17 7.54
CA ALA C 301 15.71 -64.71 7.82
C ALA C 301 16.79 -63.64 7.61
N CYS C 302 16.46 -62.36 7.74
N CYS C 302 16.46 -62.35 7.73
CA CYS C 302 17.46 -61.29 7.98
CA CYS C 302 17.45 -61.28 7.96
C CYS C 302 17.85 -61.34 9.47
C CYS C 302 17.85 -61.34 9.46
N GLY C 303 18.72 -60.43 9.92
CA GLY C 303 19.15 -60.39 11.31
C GLY C 303 20.20 -59.32 11.48
N LEU C 304 20.41 -58.83 12.70
CA LEU C 304 21.44 -57.82 12.98
C LEU C 304 22.56 -58.48 13.76
N HIS C 305 23.78 -58.39 13.25
CA HIS C 305 24.98 -58.84 14.00
C HIS C 305 26.18 -57.98 13.64
N LEU C 306 27.10 -57.96 14.59
CA LEU C 306 28.42 -57.35 14.48
C LEU C 306 29.42 -58.47 14.80
N VAL C 307 30.29 -58.79 13.84
CA VAL C 307 31.38 -59.80 13.98
C VAL C 307 32.67 -59.01 14.09
N PRO C 308 33.49 -59.21 15.15
CA PRO C 308 34.76 -58.50 15.28
C PRO C 308 35.73 -58.88 14.15
N ARG C 309 36.65 -57.98 13.86
CA ARG C 309 37.76 -58.15 12.88
C ARG C 309 39.01 -57.53 13.51
N ALA C 310 40.20 -57.92 13.05
CA ALA C 310 41.49 -57.30 13.43
C ALA C 310 41.65 -55.95 12.71
N GLY C 311 42.38 -55.01 13.33
CA GLY C 311 42.91 -53.79 12.67
C GLY C 311 41.91 -52.64 12.61
N GLY C 312 41.03 -52.50 13.61
CA GLY C 312 40.15 -51.33 13.75
C GLY C 312 38.94 -51.38 12.84
N SER C 313 38.63 -52.56 12.29
CA SER C 313 37.45 -52.83 11.44
C SER C 313 36.42 -53.61 12.25
N VAL C 314 35.13 -53.45 11.95
CA VAL C 314 34.06 -54.43 12.34
C VAL C 314 33.29 -54.83 11.09
N TYR C 315 32.74 -56.03 11.08
CA TYR C 315 31.73 -56.51 10.09
C TYR C 315 30.34 -56.26 10.68
N ILE C 316 29.43 -55.68 9.89
CA ILE C 316 27.99 -55.60 10.26
C ILE C 316 27.19 -56.28 9.15
N GLY C 317 26.22 -57.08 9.56
CA GLY C 317 25.26 -57.72 8.64
C GLY C 317 23.97 -58.00 9.39
N ALA C 318 23.00 -58.62 8.71
CA ALA C 318 23.07 -58.93 7.29
C ALA C 318 21.64 -59.06 6.78
N THR C 319 21.33 -58.47 5.63
CA THR C 319 19.98 -58.49 5.05
C THR C 319 19.79 -59.82 4.33
N ASN C 320 18.55 -60.18 4.03
CA ASN C 320 18.27 -61.37 3.19
C ASN C 320 17.03 -61.10 2.36
N ALA C 321 17.11 -61.40 1.08
CA ALA C 321 15.96 -61.32 0.16
C ALA C 321 16.12 -62.43 -0.87
N VAL C 322 15.16 -63.34 -0.94
CA VAL C 322 15.19 -64.42 -1.98
C VAL C 322 14.78 -63.75 -3.30
N CYS C 323 15.65 -63.85 -4.30
CA CYS C 323 15.47 -63.30 -5.66
C CYS C 323 15.45 -64.46 -6.65
N LEU C 324 14.54 -64.39 -7.63
CA LEU C 324 14.33 -65.46 -8.64
C LEU C 324 15.46 -65.40 -9.68
N GLU C 325 16.10 -64.22 -9.84
CA GLU C 325 17.34 -64.07 -10.64
C GLU C 325 18.44 -63.55 -9.74
N PRO C 326 19.73 -63.85 -10.04
CA PRO C 326 20.84 -63.34 -9.22
C PRO C 326 21.00 -61.81 -9.36
N ARG C 327 21.64 -61.20 -8.37
CA ARG C 327 21.82 -59.74 -8.25
C ARG C 327 23.15 -59.53 -7.50
N GLY C 328 24.01 -58.66 -8.01
CA GLY C 328 25.40 -58.52 -7.52
C GLY C 328 25.61 -57.21 -6.77
N ALA C 329 24.57 -56.39 -6.67
CA ALA C 329 24.64 -55.06 -6.03
C ALA C 329 23.54 -54.93 -4.97
N ALA C 330 23.88 -54.28 -3.86
CA ALA C 330 22.93 -53.91 -2.77
C ALA C 330 21.92 -52.92 -3.32
N SER C 331 20.70 -52.95 -2.79
CA SER C 331 19.67 -51.91 -2.97
C SER C 331 19.89 -50.82 -1.92
N ILE C 332 19.42 -49.60 -2.20
CA ILE C 332 19.44 -48.47 -1.25
C ILE C 332 18.76 -48.94 0.05
N GLU C 333 17.59 -49.57 -0.08
CA GLU C 333 16.75 -49.99 1.06
C GLU C 333 17.56 -50.86 2.03
N GLU C 334 18.31 -51.83 1.48
CA GLU C 334 19.12 -52.81 2.24
C GLU C 334 20.22 -52.08 3.01
N THR C 335 20.93 -51.17 2.35
CA THR C 335 22.06 -50.42 2.98
C THR C 335 21.50 -49.59 4.12
N VAL C 336 20.41 -48.87 3.88
CA VAL C 336 19.83 -47.95 4.90
C VAL C 336 19.40 -48.79 6.10
N PHE C 337 18.68 -49.89 5.87
CA PHE C 337 18.12 -50.75 6.94
C PHE C 337 19.28 -51.30 7.79
N LEU C 338 20.28 -51.90 7.15
CA LEU C 338 21.49 -52.43 7.82
C LEU C 338 22.15 -51.35 8.69
N PHE C 339 22.39 -50.16 8.14
CA PHE C 339 23.11 -49.07 8.85
C PHE C 339 22.23 -48.50 9.98
N ASN C 340 20.92 -48.36 9.76
CA ASN C 340 20.01 -47.82 10.80
C ASN C 340 19.96 -48.78 12.00
N CYS C 341 19.86 -50.08 11.75
CA CYS C 341 19.78 -51.11 12.81
C CYS C 341 21.08 -51.08 13.63
N ALA C 342 22.25 -51.17 12.98
CA ALA C 342 23.57 -51.20 13.65
C ALA C 342 23.79 -49.94 14.48
N THR C 343 23.48 -48.75 13.96
CA THR C 343 23.80 -47.48 14.67
C THR C 343 22.88 -47.29 15.89
N HIS C 344 21.62 -47.73 15.83
CA HIS C 344 20.61 -47.58 16.91
C HIS C 344 20.74 -48.70 17.95
N GLN C 345 20.86 -49.95 17.51
CA GLN C 345 20.69 -51.16 18.36
C GLN C 345 22.03 -51.64 18.93
N LEU C 346 23.16 -51.35 18.29
CA LEU C 346 24.49 -51.82 18.75
C LEU C 346 25.35 -50.64 19.23
N HIS C 347 25.70 -49.68 18.36
CA HIS C 347 26.61 -48.57 18.75
C HIS C 347 26.40 -47.31 17.90
N ARG C 348 26.02 -46.21 18.56
CA ARG C 348 25.81 -44.88 17.93
C ARG C 348 27.12 -44.35 17.34
N GLY C 349 28.28 -44.74 17.89
CA GLY C 349 29.61 -44.42 17.34
C GLY C 349 29.80 -44.87 15.90
N LEU C 350 29.09 -45.93 15.47
CA LEU C 350 29.14 -46.43 14.07
C LEU C 350 28.63 -45.35 13.12
N ASN C 351 27.81 -44.42 13.61
CA ASN C 351 27.22 -43.33 12.80
C ASN C 351 28.36 -42.46 12.24
N GLY C 352 29.36 -42.15 13.05
CA GLY C 352 30.49 -41.28 12.68
C GLY C 352 31.67 -42.09 12.15
N SER C 353 31.51 -43.39 12.01
CA SER C 353 32.58 -44.31 11.54
C SER C 353 32.57 -44.34 10.01
N GLU C 354 33.71 -44.73 9.42
CA GLU C 354 33.92 -44.72 7.96
C GLU C 354 33.50 -46.06 7.35
N LEU C 355 32.67 -45.98 6.32
CA LEU C 355 32.25 -47.14 5.49
C LEU C 355 33.42 -47.50 4.56
N ARG C 356 34.02 -48.68 4.73
CA ARG C 356 35.11 -49.17 3.87
C ARG C 356 34.53 -49.93 2.66
N LYS C 357 33.45 -50.70 2.84
CA LYS C 357 33.02 -51.67 1.81
C LYS C 357 31.59 -52.10 2.10
N VAL C 358 30.75 -52.08 1.07
CA VAL C 358 29.42 -52.74 1.06
C VAL C 358 29.60 -54.06 0.30
N GLN C 359 29.26 -55.18 0.94
CA GLN C 359 29.47 -56.54 0.39
C GLN C 359 28.11 -57.12 0.03
N VAL C 360 28.07 -57.88 -1.06
CA VAL C 360 26.88 -58.62 -1.53
C VAL C 360 27.29 -60.05 -1.88
N GLY C 361 26.57 -61.03 -1.33
CA GLY C 361 26.71 -62.47 -1.67
C GLY C 361 25.33 -63.12 -1.76
N SER C 362 25.26 -64.27 -2.42
CA SER C 362 24.01 -65.05 -2.60
C SER C 362 24.04 -66.25 -1.66
N ARG C 363 23.24 -66.21 -0.61
CA ARG C 363 22.92 -67.44 0.16
C ARG C 363 22.23 -68.39 -0.81
N PRO C 364 22.73 -69.63 -1.00
CA PRO C 364 22.01 -70.63 -1.78
C PRO C 364 20.69 -71.00 -1.08
N ALA C 365 19.57 -70.59 -1.65
CA ALA C 365 18.22 -70.70 -1.03
C ALA C 365 17.44 -71.84 -1.70
N PRO C 366 17.39 -73.03 -1.07
CA PRO C 366 16.69 -74.17 -1.66
C PRO C 366 15.17 -73.98 -1.63
N ILE C 367 14.47 -74.34 -2.71
CA ILE C 367 13.01 -74.10 -2.86
C ILE C 367 12.20 -74.80 -1.75
N ASP C 368 12.71 -75.86 -1.11
CA ASP C 368 11.96 -76.57 -0.03
C ASP C 368 12.60 -76.30 1.34
N GLY C 369 13.58 -75.40 1.41
CA GLY C 369 14.09 -74.83 2.68
C GLY C 369 15.09 -75.75 3.37
N PHE C 370 15.61 -76.76 2.67
CA PHE C 370 16.59 -77.71 3.26
C PHE C 370 17.74 -77.95 2.28
N PRO C 371 18.96 -78.22 2.83
CA PRO C 371 20.15 -78.38 2.01
C PRO C 371 20.06 -79.54 1.02
N LEU C 372 20.96 -79.53 0.02
CA LEU C 372 21.16 -80.61 -0.97
C LEU C 372 22.57 -81.16 -0.77
N ILE C 373 22.71 -82.27 -0.03
CA ILE C 373 24.02 -82.83 0.39
C ILE C 373 24.02 -84.34 0.17
N GLY C 374 24.90 -84.80 -0.71
CA GLY C 374 25.19 -86.24 -0.85
C GLY C 374 25.21 -86.69 -2.28
N GLY C 375 24.84 -87.95 -2.49
CA GLY C 375 24.95 -88.66 -3.77
C GLY C 375 23.77 -88.43 -4.67
N THR C 376 23.90 -88.88 -5.90
CA THR C 376 22.95 -88.71 -7.02
C THR C 376 22.67 -90.10 -7.62
N SER C 377 21.70 -90.21 -8.54
CA SER C 377 21.42 -91.43 -9.33
C SER C 377 22.53 -91.65 -10.37
N VAL C 378 23.41 -90.66 -10.53
CA VAL C 378 24.61 -90.70 -11.41
C VAL C 378 25.84 -91.01 -10.56
N GLU C 379 26.54 -92.10 -10.87
CA GLU C 379 27.71 -92.60 -10.12
C GLU C 379 28.81 -91.53 -10.19
N GLY C 380 29.43 -91.21 -9.04
CA GLY C 380 30.53 -90.25 -8.95
C GLY C 380 30.07 -88.78 -8.94
N LEU C 381 28.77 -88.51 -9.07
CA LEU C 381 28.22 -87.12 -9.05
C LEU C 381 27.70 -86.80 -7.63
N TRP C 382 28.34 -85.83 -6.97
CA TRP C 382 27.99 -85.41 -5.59
C TRP C 382 27.65 -83.93 -5.60
N MET C 383 26.83 -83.51 -4.64
CA MET C 383 26.31 -82.13 -4.51
C MET C 383 26.50 -81.68 -3.06
N LEU C 384 26.87 -80.42 -2.89
CA LEU C 384 27.06 -79.79 -1.57
C LEU C 384 26.63 -78.32 -1.65
N SER C 385 25.33 -78.04 -1.44
CA SER C 385 24.73 -76.71 -1.65
C SER C 385 23.39 -76.57 -0.92
N GLY C 386 22.76 -75.40 -1.06
CA GLY C 386 21.44 -75.07 -0.48
C GLY C 386 21.53 -74.85 1.00
N THR C 387 22.67 -74.38 1.49
CA THR C 387 22.97 -74.25 2.94
C THR C 387 22.41 -72.94 3.49
N TYR C 388 21.91 -72.05 2.63
CA TYR C 388 21.23 -70.80 3.03
C TYR C 388 22.12 -70.00 4.00
N ARG C 389 21.83 -69.98 5.31
CA ARG C 389 22.45 -69.06 6.30
C ARG C 389 23.70 -69.64 6.97
N ASP C 390 23.92 -70.96 6.90
CA ASP C 390 24.88 -71.65 7.81
C ASP C 390 25.73 -72.71 7.08
N GLY C 391 25.88 -72.67 5.77
CA GLY C 391 26.87 -73.50 5.03
C GLY C 391 28.28 -73.38 5.58
N LEU C 392 28.74 -72.15 5.80
CA LEU C 392 30.10 -71.85 6.32
C LEU C 392 30.26 -72.58 7.65
N HIS C 393 29.32 -72.40 8.57
CA HIS C 393 29.36 -73.02 9.90
C HIS C 393 29.42 -74.56 9.78
N MET C 394 28.69 -75.14 8.83
CA MET C 394 28.53 -76.59 8.71
C MET C 394 29.62 -77.20 7.84
N SER C 395 30.47 -76.37 7.22
CA SER C 395 31.48 -76.79 6.22
C SER C 395 32.27 -78.02 6.67
N PRO C 396 32.93 -78.04 7.85
CA PRO C 396 33.75 -79.18 8.23
C PRO C 396 32.92 -80.47 8.30
N LEU C 397 31.72 -80.42 8.87
CA LEU C 397 30.84 -81.60 8.99
C LEU C 397 30.43 -82.06 7.59
N LEU C 398 29.99 -81.14 6.73
CA LEU C 398 29.47 -81.46 5.38
C LEU C 398 30.61 -82.03 4.53
N ALA C 399 31.81 -81.48 4.67
CA ALA C 399 33.02 -81.94 3.96
C ALA C 399 33.27 -83.42 4.28
N ARG C 400 33.35 -83.75 5.58
CA ARG C 400 33.64 -85.11 6.09
C ARG C 400 32.52 -86.07 5.70
N HIS C 401 31.27 -85.61 5.66
CA HIS C 401 30.11 -86.44 5.27
C HIS C 401 30.29 -86.87 3.81
N VAL C 402 30.52 -85.93 2.90
CA VAL C 402 30.60 -86.23 1.44
C VAL C 402 31.81 -87.14 1.18
N VAL C 403 32.94 -86.86 1.83
CA VAL C 403 34.20 -87.64 1.71
C VAL C 403 33.93 -89.09 2.15
N SER C 404 33.23 -89.27 3.28
CA SER C 404 32.87 -90.61 3.82
C SER C 404 32.01 -91.35 2.80
N LEU C 405 30.99 -90.70 2.21
CA LEU C 405 30.11 -91.33 1.20
C LEU C 405 30.92 -91.74 -0.03
N MET C 406 31.91 -90.93 -0.41
CA MET C 406 32.75 -91.14 -1.62
C MET C 406 33.66 -92.36 -1.41
N ASP C 407 33.99 -92.66 -0.15
CA ASP C 407 34.96 -93.71 0.27
C ASP C 407 34.20 -94.99 0.63
N GLY C 408 32.87 -95.04 0.41
CA GLY C 408 32.02 -96.23 0.64
C GLY C 408 31.38 -96.25 2.02
N GLY C 409 31.58 -95.20 2.84
CA GLY C 409 30.98 -95.07 4.19
C GLY C 409 29.55 -94.57 4.13
N THR C 410 28.96 -94.28 5.29
CA THR C 410 27.57 -93.73 5.43
C THR C 410 27.60 -92.28 5.97
N GLY C 411 28.79 -91.74 6.22
CA GLY C 411 28.97 -90.36 6.73
C GLY C 411 28.24 -90.14 8.04
N VAL C 412 27.56 -89.00 8.18
CA VAL C 412 26.87 -88.53 9.42
C VAL C 412 25.39 -88.92 9.33
N ASP C 413 24.82 -89.37 10.46
CA ASP C 413 23.51 -90.07 10.51
C ASP C 413 22.36 -89.18 10.00
N GLY C 414 22.11 -88.00 10.58
CA GLY C 414 20.87 -87.26 10.33
C GLY C 414 20.87 -86.46 9.04
N LEU C 415 21.87 -86.64 8.17
CA LEU C 415 21.99 -85.94 6.86
C LEU C 415 21.17 -86.67 5.78
N ARG C 416 20.68 -87.88 6.04
CA ARG C 416 20.03 -88.76 5.02
C ARG C 416 18.88 -88.00 4.32
N GLU C 417 18.06 -87.29 5.11
CA GLU C 417 16.84 -86.61 4.61
C GLU C 417 17.20 -85.54 3.56
N PHE C 418 18.42 -85.00 3.59
CA PHE C 418 18.86 -83.85 2.78
C PHE C 418 19.64 -84.31 1.55
N ARG C 419 19.52 -85.60 1.18
CA ARG C 419 20.01 -86.16 -0.12
C ARG C 419 19.55 -85.21 -1.22
N PRO C 420 20.41 -84.87 -2.21
CA PRO C 420 20.06 -83.88 -3.22
C PRO C 420 18.97 -84.30 -4.21
N GLU C 421 18.89 -85.59 -4.50
CA GLU C 421 17.90 -86.14 -5.47
C GLU C 421 16.69 -86.63 -4.67
N ARG C 422 15.62 -85.84 -4.65
CA ARG C 422 14.44 -86.05 -3.78
C ARG C 422 13.24 -85.30 -4.36
N ASP C 423 12.04 -85.75 -3.97
CA ASP C 423 10.79 -84.95 -3.99
C ASP C 423 11.02 -83.73 -3.09
N LEU C 424 10.46 -82.57 -3.44
CA LEU C 424 10.43 -81.39 -2.54
C LEU C 424 9.89 -81.84 -1.18
N ILE C 425 10.56 -81.43 -0.10
CA ILE C 425 10.14 -81.68 1.30
C ILE C 425 8.97 -80.74 1.64
N SER C 426 8.05 -81.24 2.48
CA SER C 426 6.90 -80.51 3.05
C SER C 426 7.02 -80.55 4.57
N ALA C 427 7.86 -79.68 5.14
CA ALA C 427 8.26 -79.72 6.57
C ALA C 427 7.20 -79.06 7.44
N TRP C 428 6.30 -78.29 6.82
CA TRP C 428 5.24 -77.51 7.50
C TRP C 428 3.94 -77.66 6.71
N SER C 429 2.80 -77.64 7.42
CA SER C 429 1.45 -77.52 6.82
C SER C 429 1.34 -76.14 6.15
N ARG C 430 0.54 -76.06 5.09
CA ARG C 430 0.18 -74.80 4.40
C ARG C 430 -0.27 -73.76 5.44
N GLU C 431 -1.07 -74.17 6.41
CA GLU C 431 -1.62 -73.31 7.49
C GLU C 431 -0.45 -72.70 8.29
N GLU C 432 0.55 -73.49 8.67
CA GLU C 432 1.72 -73.01 9.47
C GLU C 432 2.48 -71.93 8.67
N ILE C 433 2.65 -72.14 7.38
CA ILE C 433 3.44 -71.23 6.50
C ILE C 433 2.68 -69.91 6.34
N LEU C 434 1.38 -69.95 6.12
CA LEU C 434 0.51 -68.75 5.94
C LEU C 434 0.53 -67.90 7.21
N ASP C 435 0.47 -68.49 8.40
CA ASP C 435 0.68 -67.77 9.68
C ASP C 435 2.06 -67.13 9.69
N ASP C 436 3.08 -67.87 9.24
CA ASP C 436 4.49 -67.44 9.28
C ASP C 436 4.67 -66.22 8.34
N VAL C 437 4.17 -66.31 7.09
CA VAL C 437 4.42 -65.27 6.05
C VAL C 437 3.77 -63.95 6.47
N VAL C 438 2.62 -64.00 7.13
CA VAL C 438 1.88 -62.80 7.60
C VAL C 438 2.64 -62.19 8.77
N ARG C 439 3.08 -63.02 9.71
CA ARG C 439 3.82 -62.59 10.91
C ARG C 439 5.11 -61.89 10.47
N HIS C 440 5.86 -62.51 9.56
CA HIS C 440 7.16 -62.01 9.05
C HIS C 440 6.93 -60.70 8.28
N THR C 441 5.88 -60.66 7.45
CA THR C 441 5.49 -59.44 6.71
C THR C 441 5.28 -58.30 7.73
N MET C 442 4.48 -58.53 8.78
CA MET C 442 4.23 -57.53 9.84
C MET C 442 5.58 -57.17 10.50
N ALA C 443 6.45 -58.14 10.69
CA ALA C 443 7.76 -57.94 11.34
C ALA C 443 8.61 -56.95 10.54
N THR C 444 8.45 -56.85 9.22
CA THR C 444 9.25 -55.87 8.43
C THR C 444 8.84 -54.47 8.89
N GLY C 445 7.59 -54.30 9.37
CA GLY C 445 7.08 -53.06 9.94
C GLY C 445 7.75 -52.75 11.27
N TYR C 446 7.71 -53.71 12.19
CA TYR C 446 8.14 -53.48 13.59
C TYR C 446 9.66 -53.30 13.64
N GLU C 447 10.37 -53.87 12.66
CA GLU C 447 11.85 -53.84 12.59
C GLU C 447 12.35 -52.52 11.98
N PHE C 448 11.50 -51.74 11.34
CA PHE C 448 11.92 -50.49 10.65
C PHE C 448 12.53 -49.50 11.64
N PRO C 449 11.96 -49.17 12.82
CA PRO C 449 10.59 -49.50 13.19
C PRO C 449 9.65 -48.42 12.68
N TRP C 450 8.44 -48.80 12.26
CA TRP C 450 7.44 -47.83 11.79
C TRP C 450 6.81 -47.11 12.99
N ARG C 451 6.03 -46.06 12.71
CA ARG C 451 5.08 -45.42 13.64
C ARG C 451 3.76 -45.26 12.86
N LEU C 452 2.70 -45.89 13.34
CA LEU C 452 1.36 -45.89 12.67
C LEU C 452 0.30 -45.61 13.70
N PRO C 453 -0.94 -45.28 13.29
CA PRO C 453 -2.09 -45.33 14.18
C PRO C 453 -2.24 -46.76 14.70
N LEU C 454 -2.70 -46.90 15.94
CA LEU C 454 -2.62 -48.17 16.69
C LEU C 454 -3.56 -49.23 16.10
N GLU C 455 -4.57 -48.89 15.30
CA GLU C 455 -5.53 -49.89 14.76
C GLU C 455 -5.04 -50.42 13.42
N TRP C 456 -4.06 -49.76 12.79
CA TRP C 456 -3.58 -50.12 11.42
C TRP C 456 -2.98 -51.53 11.40
N PRO C 457 -2.10 -51.90 12.35
CA PRO C 457 -1.48 -53.22 12.33
C PRO C 457 -2.49 -54.38 12.29
N HIS C 458 -3.52 -54.36 13.15
CA HIS C 458 -4.57 -55.41 13.17
C HIS C 458 -5.28 -55.45 11.81
N MET C 459 -5.53 -54.29 11.19
CA MET C 459 -6.24 -54.21 9.90
C MET C 459 -5.38 -54.86 8.81
N MET C 460 -4.08 -54.57 8.76
N MET C 460 -4.08 -54.57 8.76
CA MET C 460 -3.16 -55.14 7.75
CA MET C 460 -3.16 -55.13 7.75
C MET C 460 -3.01 -56.65 7.99
C MET C 460 -3.01 -56.65 7.99
N GLU C 461 -2.93 -57.08 9.25
CA GLU C 461 -2.87 -58.53 9.61
C GLU C 461 -4.03 -59.25 8.90
N THR C 462 -5.27 -58.78 9.08
CA THR C 462 -6.48 -59.50 8.58
C THR C 462 -6.55 -59.41 7.05
N PHE C 463 -6.05 -58.35 6.43
CA PHE C 463 -6.15 -58.13 4.96
C PHE C 463 -4.97 -58.77 4.23
N LEU C 464 -3.97 -59.28 4.96
CA LEU C 464 -2.80 -59.97 4.37
C LEU C 464 -3.10 -61.45 4.17
N GLN C 465 -3.92 -62.03 5.07
CA GLN C 465 -4.25 -63.49 5.08
C GLN C 465 -4.81 -63.92 3.73
N GLY C 466 -5.81 -63.19 3.20
CA GLY C 466 -6.53 -63.54 1.95
C GLY C 466 -5.58 -63.69 0.75
N PRO C 467 -4.87 -62.61 0.35
CA PRO C 467 -4.01 -62.66 -0.83
C PRO C 467 -2.92 -63.76 -0.81
N PHE C 468 -2.39 -64.10 0.37
CA PHE C 468 -1.34 -65.14 0.53
C PHE C 468 -1.98 -66.54 0.52
N ALA C 469 -3.16 -66.70 1.11
CA ALA C 469 -3.95 -67.95 1.07
C ALA C 469 -4.30 -68.26 -0.39
N GLU C 470 -4.75 -67.25 -1.14
CA GLU C 470 -5.11 -67.34 -2.58
C GLU C 470 -3.88 -67.78 -3.38
N LEU C 471 -2.70 -67.20 -3.11
CA LEU C 471 -1.44 -67.49 -3.84
C LEU C 471 -1.06 -68.96 -3.61
N ALA C 472 -1.06 -69.41 -2.36
CA ALA C 472 -0.67 -70.78 -1.96
C ALA C 472 -1.55 -71.83 -2.65
N ASP C 473 -2.86 -71.60 -2.73
CA ASP C 473 -3.85 -72.51 -3.35
C ASP C 473 -3.62 -72.59 -4.86
N ARG C 474 -3.23 -71.47 -5.47
CA ARG C 474 -3.05 -71.31 -6.93
C ARG C 474 -1.77 -72.01 -7.39
N LEU C 475 -0.74 -72.09 -6.53
CA LEU C 475 0.63 -72.56 -6.91
C LEU C 475 0.64 -74.08 -7.09
N SER C 476 -0.02 -74.83 -6.20
CA SER C 476 0.00 -76.32 -6.19
C SER C 476 -1.01 -76.82 -5.17
N ASP C 477 -1.52 -78.04 -5.35
CA ASP C 477 -2.45 -78.70 -4.40
C ASP C 477 -1.64 -79.44 -3.31
N THR C 478 -0.32 -79.59 -3.45
CA THR C 478 0.50 -80.42 -2.53
C THR C 478 1.70 -79.61 -1.99
N TYR C 479 2.42 -78.84 -2.81
CA TYR C 479 3.65 -78.12 -2.39
C TYR C 479 3.32 -76.68 -1.98
N THR C 480 3.94 -76.23 -0.89
CA THR C 480 3.88 -74.84 -0.41
C THR C 480 5.30 -74.31 -0.20
N PRO C 481 5.69 -73.20 -0.88
CA PRO C 481 7.00 -72.60 -0.67
C PRO C 481 7.09 -72.10 0.76
N PRO C 482 8.27 -72.18 1.42
CA PRO C 482 8.45 -71.54 2.73
C PRO C 482 8.31 -70.02 2.60
N ALA C 483 8.06 -69.36 3.73
CA ALA C 483 7.72 -67.92 3.82
C ALA C 483 8.71 -67.06 3.03
N ASP C 484 10.01 -67.28 3.22
CA ASP C 484 11.10 -66.48 2.60
C ASP C 484 10.88 -66.44 1.08
N LEU C 485 10.48 -67.57 0.51
CA LEU C 485 10.31 -67.71 -0.96
C LEU C 485 8.92 -67.22 -1.35
N MET C 486 7.91 -67.52 -0.54
CA MET C 486 6.51 -67.13 -0.84
C MET C 486 6.40 -65.62 -0.99
N THR C 487 7.03 -64.82 -0.13
CA THR C 487 6.96 -63.34 -0.22
C THR C 487 7.57 -62.91 -1.56
N ALA C 488 8.72 -63.47 -1.95
CA ALA C 488 9.37 -63.19 -3.25
C ALA C 488 8.41 -63.53 -4.40
N ILE C 489 7.75 -64.69 -4.36
CA ILE C 489 6.78 -65.12 -5.42
C ILE C 489 5.61 -64.14 -5.49
N MET C 490 5.03 -63.77 -4.33
CA MET C 490 3.90 -62.81 -4.19
C MET C 490 4.15 -61.50 -4.96
N PHE C 491 5.41 -61.00 -4.97
CA PHE C 491 5.76 -59.68 -5.53
C PHE C 491 6.56 -59.84 -6.82
N SER C 492 6.61 -61.04 -7.39
CA SER C 492 7.21 -61.33 -8.72
C SER C 492 6.16 -61.10 -9.80
N GLU C 493 6.55 -61.20 -11.07
CA GLU C 493 5.64 -60.98 -12.24
C GLU C 493 4.75 -62.22 -12.42
N ARG C 494 3.64 -62.05 -13.12
CA ARG C 494 2.65 -63.13 -13.42
C ARG C 494 3.34 -64.28 -14.15
N GLU C 495 4.26 -63.98 -15.09
CA GLU C 495 4.99 -64.99 -15.90
C GLU C 495 5.82 -65.88 -14.97
N GLN C 496 6.53 -65.26 -14.02
CA GLN C 496 7.44 -65.95 -13.05
C GLN C 496 6.62 -66.84 -12.13
N GLN C 497 5.42 -66.40 -11.72
CA GLN C 497 4.47 -67.18 -10.91
C GLN C 497 3.99 -68.41 -11.71
N ASP C 498 3.56 -68.20 -12.96
CA ASP C 498 3.01 -69.28 -13.83
C ASP C 498 4.10 -70.33 -14.07
N GLU C 499 5.34 -69.89 -14.31
CA GLU C 499 6.53 -70.77 -14.49
C GLU C 499 6.72 -71.65 -13.24
N LEU C 500 6.44 -71.11 -12.04
CA LEU C 500 6.55 -71.86 -10.76
C LEU C 500 5.42 -72.88 -10.63
N ILE C 501 4.22 -72.56 -11.16
CA ILE C 501 3.06 -73.50 -11.14
C ILE C 501 3.43 -74.71 -12.02
N ALA C 502 4.04 -74.47 -13.19
CA ALA C 502 4.50 -75.49 -14.15
C ALA C 502 5.60 -76.36 -13.50
N TYR C 503 6.57 -75.73 -12.83
CA TYR C 503 7.68 -76.42 -12.12
C TYR C 503 7.09 -77.36 -11.06
N TYR C 504 6.24 -76.85 -10.17
CA TYR C 504 5.64 -77.63 -9.05
C TYR C 504 4.87 -78.83 -9.61
N ALA C 505 4.09 -78.61 -10.68
CA ALA C 505 3.25 -79.65 -11.34
C ALA C 505 4.16 -80.74 -11.95
N ASP C 506 5.23 -80.33 -12.66
CA ASP C 506 6.26 -81.23 -13.25
C ASP C 506 6.92 -82.08 -12.14
N VAL C 507 7.22 -81.49 -10.98
CA VAL C 507 7.88 -82.23 -9.87
C VAL C 507 6.89 -83.29 -9.34
N HIS C 508 5.59 -82.96 -9.26
CA HIS C 508 4.52 -83.88 -8.78
C HIS C 508 4.41 -85.08 -9.72
N ARG C 509 4.40 -84.83 -11.03
CA ARG C 509 4.39 -85.83 -12.11
C ARG C 509 5.55 -86.82 -11.90
N GLU C 510 6.76 -86.32 -11.66
CA GLU C 510 8.01 -87.13 -11.55
C GLU C 510 7.93 -88.08 -10.34
N TRP C 511 7.38 -87.62 -9.21
CA TRP C 511 7.55 -88.28 -7.88
C TRP C 511 6.28 -88.99 -7.40
N HIS C 512 5.11 -88.71 -7.98
CA HIS C 512 3.81 -89.30 -7.54
C HIS C 512 3.14 -89.99 -8.74
N VAL D 34 55.31 -23.65 -18.38
CA VAL D 34 54.18 -23.51 -17.43
C VAL D 34 53.90 -24.88 -16.80
N ILE D 35 53.79 -24.91 -15.46
CA ILE D 35 53.37 -26.10 -14.67
C ILE D 35 52.02 -25.79 -14.00
N VAL D 36 50.99 -26.57 -14.31
CA VAL D 36 49.69 -26.58 -13.59
C VAL D 36 49.76 -27.69 -12.54
N VAL D 37 49.63 -27.34 -11.26
CA VAL D 37 49.62 -28.30 -10.12
C VAL D 37 48.16 -28.63 -9.81
N GLY D 38 47.70 -29.83 -10.16
CA GLY D 38 46.34 -30.31 -9.89
C GLY D 38 45.59 -30.68 -11.16
N ASN D 39 44.87 -31.81 -11.13
CA ASN D 39 44.21 -32.43 -12.30
C ASN D 39 42.70 -32.53 -12.07
N GLY D 40 42.15 -31.59 -11.31
CA GLY D 40 40.68 -31.41 -11.20
C GLY D 40 40.16 -30.68 -12.42
N VAL D 41 38.90 -30.27 -12.39
CA VAL D 41 38.27 -29.45 -13.48
C VAL D 41 39.04 -28.12 -13.63
N LEU D 42 39.48 -27.48 -12.53
CA LEU D 42 40.13 -26.15 -12.62
C LEU D 42 41.51 -26.30 -13.26
N GLY D 43 42.35 -27.21 -12.75
CA GLY D 43 43.69 -27.46 -13.30
C GLY D 43 43.62 -27.77 -14.79
N LEU D 44 42.84 -28.78 -15.18
CA LEU D 44 42.70 -29.22 -16.58
C LEU D 44 42.06 -28.11 -17.44
N SER D 45 41.17 -27.30 -16.90
CA SER D 45 40.47 -26.24 -17.68
C SER D 45 41.47 -25.11 -17.97
N VAL D 46 42.33 -24.78 -17.02
CA VAL D 46 43.36 -23.70 -17.17
C VAL D 46 44.46 -24.24 -18.10
N GLY D 47 44.81 -25.52 -17.95
CA GLY D 47 45.77 -26.22 -18.82
C GLY D 47 45.30 -26.21 -20.27
N VAL D 48 44.04 -26.54 -20.51
CA VAL D 48 43.50 -26.59 -21.90
C VAL D 48 43.58 -25.19 -22.49
N GLU D 49 43.22 -24.15 -21.73
CA GLU D 49 43.15 -22.75 -22.24
C GLU D 49 44.56 -22.23 -22.49
N ILE D 50 45.53 -22.52 -21.60
CA ILE D 50 46.95 -22.14 -21.82
C ILE D 50 47.46 -22.81 -23.11
N ALA D 51 47.34 -24.14 -23.23
CA ALA D 51 47.87 -24.93 -24.37
C ALA D 51 47.30 -24.41 -25.70
N ARG D 52 46.01 -24.12 -25.77
CA ARG D 52 45.31 -23.64 -27.00
C ARG D 52 45.71 -22.20 -27.35
N THR D 53 46.03 -21.38 -26.35
CA THR D 53 46.20 -19.89 -26.47
C THR D 53 47.69 -19.53 -26.62
N ARG D 54 48.60 -20.43 -26.23
CA ARG D 54 50.07 -20.22 -26.25
C ARG D 54 50.75 -21.44 -26.85
N PRO D 55 50.61 -21.73 -28.17
CA PRO D 55 51.27 -22.89 -28.78
C PRO D 55 52.80 -22.82 -28.67
N ASP D 56 53.34 -21.61 -28.45
CA ASP D 56 54.77 -21.28 -28.24
C ASP D 56 55.33 -22.02 -27.01
N VAL D 57 54.62 -22.04 -25.88
CA VAL D 57 55.15 -22.48 -24.55
C VAL D 57 54.76 -23.94 -24.25
N ARG D 58 55.60 -24.61 -23.47
CA ARG D 58 55.42 -26.00 -22.98
C ARG D 58 54.59 -25.95 -21.69
N VAL D 59 53.42 -26.58 -21.68
CA VAL D 59 52.53 -26.64 -20.48
C VAL D 59 52.47 -28.08 -19.98
N THR D 60 52.85 -28.28 -18.71
CA THR D 60 52.88 -29.59 -18.00
C THR D 60 51.86 -29.55 -16.86
N LEU D 61 51.04 -30.60 -16.71
CA LEU D 61 50.00 -30.71 -15.66
C LEU D 61 50.28 -31.92 -14.75
N LEU D 62 50.45 -31.68 -13.45
CA LEU D 62 50.73 -32.71 -12.39
C LEU D 62 49.42 -33.20 -11.77
N GLY D 63 49.46 -34.37 -11.13
CA GLY D 63 48.31 -35.04 -10.50
C GLY D 63 48.13 -36.46 -11.01
N LYS D 64 47.66 -37.37 -10.14
CA LYS D 64 47.59 -38.84 -10.40
C LYS D 64 46.16 -39.23 -10.78
N PRO D 65 45.98 -40.35 -11.52
CA PRO D 65 44.63 -40.81 -11.88
C PRO D 65 43.70 -41.18 -10.70
N ALA D 66 44.26 -41.49 -9.52
CA ALA D 66 43.50 -41.76 -8.27
C ALA D 66 42.66 -40.55 -7.85
N ARG D 67 43.14 -39.33 -8.12
CA ARG D 67 42.48 -38.05 -7.72
C ARG D 67 42.05 -38.16 -6.26
N GLN D 68 43.01 -38.45 -5.37
CA GLN D 68 42.77 -38.52 -3.90
C GLN D 68 42.06 -37.23 -3.44
N TYR D 69 40.92 -37.38 -2.76
CA TYR D 69 40.09 -36.30 -2.17
C TYR D 69 39.45 -35.44 -3.27
N GLY D 70 39.46 -35.90 -4.51
CA GLY D 70 39.05 -35.10 -5.68
C GLY D 70 37.58 -34.74 -5.63
N ALA D 71 37.29 -33.43 -5.56
CA ALA D 71 35.91 -32.87 -5.61
C ALA D 71 35.24 -33.22 -6.94
N THR D 72 35.95 -33.03 -8.07
CA THR D 72 35.37 -33.10 -9.44
C THR D 72 34.75 -34.46 -9.71
N PRO D 73 35.46 -35.61 -9.51
CA PRO D 73 34.89 -36.92 -9.84
C PRO D 73 33.67 -37.24 -8.97
N ALA D 74 33.55 -36.62 -7.79
CA ALA D 74 32.42 -36.83 -6.85
C ALA D 74 31.22 -35.95 -7.21
N ALA D 75 31.35 -35.05 -8.19
CA ALA D 75 30.32 -34.05 -8.54
C ALA D 75 29.37 -34.61 -9.61
N GLY D 76 28.13 -34.14 -9.63
CA GLY D 76 27.06 -34.66 -10.50
C GLY D 76 27.38 -34.51 -11.99
N ALA D 77 27.50 -33.27 -12.47
CA ALA D 77 27.47 -32.05 -11.66
C ALA D 77 26.47 -31.07 -12.24
N MET D 78 25.86 -30.26 -11.38
CA MET D 78 24.93 -29.18 -11.80
C MET D 78 25.72 -27.96 -12.29
N LEU D 79 25.27 -27.35 -13.39
CA LEU D 79 25.75 -26.01 -13.82
C LEU D 79 24.94 -24.97 -13.05
N GLY D 80 25.23 -24.84 -11.76
CA GLY D 80 24.43 -24.12 -10.76
C GLY D 80 24.78 -22.66 -10.74
N ALA D 81 23.80 -21.81 -11.10
CA ALA D 81 23.83 -20.34 -10.99
C ALA D 81 22.67 -19.90 -10.09
N PHE D 82 21.46 -19.95 -10.62
CA PHE D 82 20.20 -19.56 -9.91
C PHE D 82 19.88 -20.62 -8.83
N GLY D 83 20.13 -21.90 -9.10
CA GLY D 83 19.96 -22.99 -8.12
C GLY D 83 20.77 -22.79 -6.86
N GLU D 84 21.90 -22.09 -6.95
CA GLU D 84 22.85 -21.86 -5.82
C GLU D 84 22.47 -20.61 -5.04
N VAL D 85 21.42 -19.90 -5.45
CA VAL D 85 20.99 -18.64 -4.79
C VAL D 85 20.44 -18.98 -3.40
N THR D 86 20.95 -18.28 -2.38
CA THR D 86 20.37 -18.22 -1.02
C THR D 86 20.09 -16.77 -0.66
N ALA D 87 19.11 -16.51 0.20
CA ALA D 87 18.83 -15.16 0.76
C ALA D 87 20.10 -14.62 1.43
N HIS D 88 20.80 -15.46 2.20
CA HIS D 88 22.02 -15.09 2.98
C HIS D 88 23.16 -14.65 2.06
N ALA D 89 23.33 -15.29 0.90
CA ALA D 89 24.36 -14.95 -0.11
C ALA D 89 24.03 -13.59 -0.71
N LEU D 90 22.80 -13.41 -1.19
CA LEU D 90 22.31 -12.18 -1.88
C LEU D 90 22.04 -11.04 -0.89
N ALA D 91 22.50 -11.14 0.36
CA ALA D 91 22.35 -10.09 1.40
C ALA D 91 23.70 -9.43 1.66
N SER D 92 24.81 -10.05 1.23
CA SER D 92 26.17 -9.47 1.27
C SER D 92 26.55 -9.00 -0.13
N GLU D 93 27.41 -7.98 -0.21
CA GLU D 93 27.96 -7.46 -1.49
C GLU D 93 28.79 -8.57 -2.16
N HIS D 94 29.76 -9.12 -1.43
CA HIS D 94 30.65 -10.23 -1.84
C HIS D 94 29.81 -11.35 -2.49
N GLY D 95 28.65 -11.67 -1.91
CA GLY D 95 27.74 -12.74 -2.39
C GLY D 95 27.04 -12.40 -3.70
N ARG D 96 26.62 -11.14 -3.89
CA ARG D 96 25.93 -10.67 -5.12
C ARG D 96 26.92 -10.71 -6.29
N LYS D 97 28.21 -10.45 -6.03
CA LYS D 97 29.31 -10.51 -7.03
C LYS D 97 29.50 -11.95 -7.50
N LYS D 98 29.65 -12.89 -6.55
CA LYS D 98 29.79 -14.35 -6.80
C LYS D 98 28.62 -14.78 -7.69
N HIS D 99 27.39 -14.37 -7.37
CA HIS D 99 26.20 -14.76 -8.15
C HIS D 99 26.32 -14.25 -9.59
N ALA D 100 26.80 -13.02 -9.79
CA ALA D 100 26.92 -12.38 -11.12
C ALA D 100 27.90 -13.17 -11.99
N LEU D 101 29.05 -13.56 -11.43
CA LEU D 101 30.07 -14.39 -12.12
C LEU D 101 29.44 -15.70 -12.61
N ALA D 102 28.62 -16.35 -11.78
CA ALA D 102 27.98 -17.65 -12.08
C ALA D 102 27.04 -17.49 -13.28
N VAL D 103 26.32 -16.37 -13.37
CA VAL D 103 25.43 -16.08 -14.53
C VAL D 103 26.31 -15.96 -15.78
N GLN D 104 27.44 -15.26 -15.66
CA GLN D 104 28.42 -15.04 -16.76
C GLN D 104 28.94 -16.39 -17.24
N ALA D 105 29.40 -17.23 -16.31
CA ALA D 105 29.96 -18.58 -16.59
C ALA D 105 28.94 -19.42 -17.37
N GLN D 106 27.64 -19.33 -17.04
CA GLN D 106 26.56 -20.11 -17.71
C GLN D 106 26.59 -19.89 -19.23
N ARG D 107 26.94 -18.67 -19.67
CA ARG D 107 26.86 -18.26 -21.10
C ARG D 107 28.01 -18.90 -21.89
N LEU D 108 29.11 -19.29 -21.22
CA LEU D 108 30.29 -19.90 -21.88
C LEU D 108 30.12 -21.42 -22.08
N TRP D 109 29.16 -22.06 -21.42
CA TRP D 109 29.15 -23.55 -21.37
C TRP D 109 28.87 -24.16 -22.73
N PRO D 110 27.85 -23.70 -23.50
CA PRO D 110 27.53 -24.33 -24.79
C PRO D 110 28.75 -24.42 -25.75
N GLU D 111 29.50 -23.34 -25.92
CA GLU D 111 30.69 -23.30 -26.83
C GLU D 111 31.83 -24.13 -26.25
N TRP D 112 32.06 -24.05 -24.93
CA TRP D 112 33.13 -24.77 -24.19
C TRP D 112 32.96 -26.28 -24.36
N ILE D 113 31.74 -26.77 -24.19
CA ILE D 113 31.37 -28.21 -24.39
C ILE D 113 31.67 -28.60 -25.84
N GLU D 114 31.17 -27.81 -26.81
CA GLU D 114 31.33 -28.08 -28.26
C GLU D 114 32.83 -28.17 -28.59
N SER D 115 33.64 -27.28 -28.01
CA SER D 115 35.11 -27.21 -28.24
C SER D 115 35.82 -28.41 -27.61
N LEU D 116 35.24 -29.02 -26.56
CA LEU D 116 35.85 -30.19 -25.87
C LEU D 116 35.37 -31.49 -26.55
N GLU D 117 34.09 -31.57 -26.92
CA GLU D 117 33.52 -32.77 -27.61
C GLU D 117 34.16 -32.93 -29.00
N ALA D 118 34.57 -31.83 -29.65
CA ALA D 118 35.11 -31.80 -31.04
C ALA D 118 36.43 -32.58 -31.14
N THR D 119 37.18 -32.74 -30.05
CA THR D 119 38.47 -33.46 -30.00
C THR D 119 38.27 -34.97 -29.81
N GLY D 120 37.03 -35.43 -29.69
CA GLY D 120 36.69 -36.86 -29.53
C GLY D 120 35.67 -37.31 -30.56
N THR D 121 35.07 -38.48 -30.35
CA THR D 121 34.09 -39.13 -31.27
C THR D 121 32.84 -39.54 -30.47
N ALA D 122 31.80 -40.02 -31.17
CA ALA D 122 30.49 -40.42 -30.60
C ALA D 122 30.67 -41.34 -29.38
N ALA D 123 31.62 -42.27 -29.40
CA ALA D 123 31.77 -43.35 -28.40
C ALA D 123 32.33 -42.82 -27.06
N ASP D 124 32.84 -41.58 -27.01
CA ASP D 124 33.41 -40.95 -25.79
C ASP D 124 32.30 -40.43 -24.87
N GLY D 125 31.06 -40.39 -25.37
CA GLY D 125 29.85 -40.01 -24.61
C GLY D 125 29.64 -38.51 -24.62
N ARG D 126 28.47 -38.06 -24.18
CA ARG D 126 28.06 -36.64 -24.16
C ARG D 126 28.42 -36.02 -22.81
N ILE D 127 29.02 -34.83 -22.82
CA ILE D 127 29.34 -34.04 -21.60
C ILE D 127 28.03 -33.53 -20.99
N LYS D 128 27.13 -32.97 -21.80
CA LYS D 128 25.86 -32.39 -21.31
C LYS D 128 24.90 -33.53 -21.02
N THR D 129 24.29 -33.52 -19.83
CA THR D 129 23.37 -34.58 -19.33
C THR D 129 21.94 -34.04 -19.19
N ALA D 130 21.76 -32.71 -19.07
CA ALA D 130 20.42 -32.07 -19.05
C ALA D 130 20.53 -30.56 -19.33
N ASP D 131 19.47 -29.97 -19.89
CA ASP D 131 19.43 -28.54 -20.28
C ASP D 131 18.79 -27.69 -19.17
N ASP D 132 17.86 -28.29 -18.42
CA ASP D 132 16.97 -27.57 -17.48
C ASP D 132 17.05 -28.18 -16.07
N THR D 133 16.57 -27.40 -15.09
CA THR D 133 16.57 -27.71 -13.64
C THR D 133 15.17 -27.43 -13.08
N VAL D 134 14.65 -28.32 -12.23
CA VAL D 134 13.43 -28.05 -11.42
C VAL D 134 13.86 -27.94 -9.96
N VAL D 135 13.57 -26.81 -9.32
CA VAL D 135 13.80 -26.58 -7.87
C VAL D 135 12.49 -26.92 -7.17
N LEU D 136 12.55 -27.82 -6.19
CA LEU D 136 11.36 -28.30 -5.43
C LEU D 136 11.40 -27.69 -4.04
N LEU D 137 10.24 -27.28 -3.55
CA LEU D 137 10.07 -26.85 -2.15
C LEU D 137 9.17 -27.85 -1.43
N ASN D 138 9.71 -28.51 -0.41
CA ASN D 138 8.99 -29.43 0.50
C ASN D 138 9.23 -28.91 1.92
N THR D 139 8.62 -29.56 2.92
CA THR D 139 8.63 -29.10 4.32
C THR D 139 9.62 -29.95 5.12
N VAL D 140 10.49 -30.72 4.44
CA VAL D 140 11.48 -31.58 5.14
C VAL D 140 12.73 -30.73 5.37
N GLY D 141 12.59 -29.67 6.15
CA GLY D 141 13.67 -28.70 6.34
C GLY D 141 13.17 -27.50 7.11
N HIS D 142 14.06 -26.55 7.37
CA HIS D 142 13.78 -25.32 8.15
C HIS D 142 13.09 -24.33 7.22
N SER D 143 12.00 -23.70 7.66
CA SER D 143 11.33 -22.56 6.96
C SER D 143 12.33 -21.41 6.77
N ALA D 144 13.19 -21.16 7.76
CA ALA D 144 14.11 -20.00 7.78
C ALA D 144 15.20 -20.15 6.70
N LEU D 145 15.44 -21.37 6.20
CA LEU D 145 16.31 -21.59 5.02
C LEU D 145 15.45 -21.79 3.75
N ASP D 146 14.67 -22.87 3.69
CA ASP D 146 14.02 -23.33 2.42
C ASP D 146 13.04 -22.27 1.90
N ASP D 147 12.20 -21.66 2.76
CA ASP D 147 11.18 -20.65 2.34
C ASP D 147 11.89 -19.38 1.85
N ALA D 148 12.82 -18.87 2.65
CA ALA D 148 13.61 -17.65 2.32
C ALA D 148 14.36 -17.88 1.00
N ASN D 149 14.97 -19.05 0.83
CA ASN D 149 15.85 -19.37 -0.32
C ASN D 149 15.01 -19.58 -1.58
N PHE D 150 13.77 -20.07 -1.47
CA PHE D 150 12.90 -20.24 -2.66
C PHE D 150 12.51 -18.85 -3.20
N ALA D 151 12.15 -17.93 -2.29
CA ALA D 151 11.80 -16.52 -2.61
C ALA D 151 13.02 -15.84 -3.25
N ALA D 152 14.22 -15.98 -2.64
CA ALA D 152 15.47 -15.37 -3.14
C ALA D 152 15.78 -15.85 -4.56
N VAL D 153 15.56 -17.12 -4.85
CA VAL D 153 15.81 -17.74 -6.19
C VAL D 153 14.86 -17.09 -7.20
N LEU D 154 13.57 -17.04 -6.86
CA LEU D 154 12.49 -16.50 -7.73
C LEU D 154 12.80 -15.03 -8.05
N THR D 155 13.24 -14.28 -7.05
CA THR D 155 13.59 -12.84 -7.14
C THR D 155 14.81 -12.68 -8.07
N ALA D 156 15.85 -13.49 -7.88
CA ALA D 156 17.12 -13.38 -8.63
C ALA D 156 16.90 -13.72 -10.12
N LEU D 157 16.01 -14.67 -10.42
CA LEU D 157 15.61 -15.05 -11.81
C LEU D 157 14.93 -13.87 -12.51
N LYS D 158 14.01 -13.18 -11.81
CA LYS D 158 13.28 -12.02 -12.35
C LYS D 158 14.27 -10.86 -12.60
N GLU D 159 15.11 -10.53 -11.62
CA GLU D 159 16.12 -9.43 -11.71
C GLU D 159 17.06 -9.62 -12.91
N ALA D 160 17.50 -10.85 -13.20
CA ALA D 160 18.42 -11.18 -14.31
C ALA D 160 17.65 -11.48 -15.60
N ASN D 161 16.32 -11.38 -15.58
CA ASN D 161 15.46 -11.59 -16.79
C ASN D 161 15.73 -12.99 -17.38
N ALA D 162 16.07 -13.97 -16.53
CA ALA D 162 16.32 -15.36 -16.94
C ALA D 162 14.99 -16.04 -17.25
N PRO D 163 14.91 -16.94 -18.25
CA PRO D 163 13.67 -17.64 -18.55
C PRO D 163 13.43 -18.75 -17.50
N HIS D 164 12.21 -18.80 -16.98
CA HIS D 164 11.80 -19.66 -15.84
C HIS D 164 10.28 -19.58 -15.69
N GLU D 165 9.72 -20.50 -14.92
CA GLU D 165 8.25 -20.57 -14.69
C GLU D 165 8.04 -21.36 -13.39
N GLU D 166 7.24 -20.82 -12.46
CA GLU D 166 6.67 -21.58 -11.34
C GLU D 166 5.60 -22.48 -11.94
N ILE D 167 5.69 -23.80 -11.69
CA ILE D 167 4.82 -24.82 -12.33
C ILE D 167 4.07 -25.60 -11.26
N ALA D 168 2.94 -26.17 -11.62
CA ALA D 168 2.21 -27.11 -10.76
C ALA D 168 3.14 -28.31 -10.48
N VAL D 169 3.20 -28.76 -9.23
CA VAL D 169 4.00 -29.96 -8.85
C VAL D 169 3.48 -31.16 -9.64
N GLU D 170 2.16 -31.23 -9.87
CA GLU D 170 1.49 -32.33 -10.62
C GLU D 170 2.13 -32.46 -12.00
N SER D 171 2.66 -31.38 -12.57
CA SER D 171 3.27 -31.36 -13.93
C SER D 171 4.74 -31.79 -13.92
N VAL D 172 5.37 -32.00 -12.76
CA VAL D 172 6.79 -32.47 -12.70
C VAL D 172 6.81 -33.97 -13.03
N ASP D 173 7.50 -34.33 -14.12
CA ASP D 173 7.56 -35.71 -14.64
C ASP D 173 8.45 -36.53 -13.71
N TRP D 174 8.16 -37.82 -13.61
CA TRP D 174 9.09 -38.87 -13.13
C TRP D 174 8.99 -39.00 -11.60
N ILE D 175 9.10 -37.90 -10.84
CA ILE D 175 9.18 -37.92 -9.35
C ILE D 175 7.99 -38.72 -8.79
N ASP D 176 8.25 -39.47 -7.73
CA ASP D 176 7.23 -40.26 -6.98
C ASP D 176 7.59 -40.19 -5.51
N PRO D 177 7.49 -39.01 -4.88
CA PRO D 177 7.88 -38.86 -3.48
C PRO D 177 6.87 -39.53 -2.56
N ASP D 178 7.29 -39.81 -1.33
CA ASP D 178 6.42 -40.04 -0.16
C ASP D 178 5.50 -38.82 0.01
N PRO D 179 4.16 -38.97 -0.05
CA PRO D 179 3.27 -37.84 0.16
C PRO D 179 3.62 -36.96 1.37
N ASN D 180 4.10 -37.52 2.47
CA ASN D 180 4.43 -36.73 3.69
C ASN D 180 5.72 -35.92 3.47
N SER D 181 6.52 -36.24 2.44
CA SER D 181 7.77 -35.53 2.09
C SER D 181 7.66 -34.79 0.76
N ARG D 182 6.46 -34.64 0.19
CA ARG D 182 6.30 -34.20 -1.23
C ARG D 182 6.51 -32.69 -1.35
N PRO D 183 6.81 -32.20 -2.58
CA PRO D 183 6.90 -30.75 -2.81
C PRO D 183 5.50 -30.18 -3.03
N LEU D 184 5.28 -28.93 -2.62
CA LEU D 184 4.00 -28.19 -2.82
C LEU D 184 4.21 -27.03 -3.80
N ARG D 185 5.46 -26.69 -4.10
CA ARG D 185 5.83 -25.68 -5.12
C ARG D 185 7.04 -26.19 -5.90
N ALA D 186 7.07 -25.88 -7.19
CA ALA D 186 8.14 -26.27 -8.14
C ALA D 186 8.45 -25.08 -9.05
N LEU D 187 9.69 -25.01 -9.50
CA LEU D 187 10.26 -23.90 -10.28
C LEU D 187 11.11 -24.50 -11.41
N HIS D 188 10.66 -24.37 -12.67
CA HIS D 188 11.37 -24.79 -13.90
C HIS D 188 12.34 -23.65 -14.30
N ILE D 189 13.64 -23.92 -14.34
CA ILE D 189 14.68 -22.96 -14.80
C ILE D 189 15.22 -23.44 -16.15
N GLU D 190 15.03 -22.68 -17.23
CA GLU D 190 15.54 -23.02 -18.59
C GLU D 190 17.02 -22.68 -18.70
N GLY D 191 17.82 -23.56 -19.29
CA GLY D 191 19.22 -23.29 -19.65
C GLY D 191 20.15 -23.42 -18.47
N GLU D 192 19.66 -23.95 -17.34
CA GLU D 192 20.48 -24.32 -16.16
C GLU D 192 20.43 -25.85 -16.07
N GLY D 193 21.53 -26.50 -16.44
CA GLY D 193 21.56 -27.96 -16.67
C GLY D 193 22.66 -28.65 -15.91
N SER D 194 23.15 -29.75 -16.46
CA SER D 194 24.14 -30.63 -15.80
C SER D 194 25.08 -31.22 -16.83
N VAL D 195 26.27 -31.59 -16.38
CA VAL D 195 27.31 -32.33 -17.14
C VAL D 195 27.61 -33.61 -16.37
N ASP D 196 28.06 -34.65 -17.07
CA ASP D 196 28.71 -35.84 -16.46
C ASP D 196 30.15 -35.45 -16.13
N SER D 197 30.49 -35.31 -14.84
CA SER D 197 31.81 -34.83 -14.38
C SER D 197 32.91 -35.77 -14.87
N GLY D 198 32.63 -37.07 -15.00
CA GLY D 198 33.62 -38.08 -15.43
C GLY D 198 33.98 -37.91 -16.90
N ILE D 199 32.95 -37.72 -17.74
CA ILE D 199 33.12 -37.53 -19.20
C ILE D 199 33.76 -36.15 -19.44
N LEU D 200 33.43 -35.14 -18.63
CA LEU D 200 34.07 -33.79 -18.71
C LEU D 200 35.57 -33.95 -18.45
N LEU D 201 35.97 -34.68 -17.40
CA LEU D 201 37.41 -34.86 -17.06
C LEU D 201 38.12 -35.56 -18.23
N ALA D 202 37.54 -36.62 -18.78
CA ALA D 202 38.07 -37.39 -19.93
C ALA D 202 38.23 -36.46 -21.15
N ALA D 203 37.25 -35.58 -21.40
CA ALA D 203 37.25 -34.62 -22.54
C ALA D 203 38.32 -33.54 -22.34
N LEU D 204 38.50 -33.05 -21.10
CA LEU D 204 39.54 -32.04 -20.77
C LEU D 204 40.93 -32.63 -20.99
N GLU D 205 41.18 -33.84 -20.48
CA GLU D 205 42.47 -34.55 -20.65
C GLU D 205 42.78 -34.70 -22.15
N ARG D 206 41.85 -35.30 -22.90
CA ARG D 206 41.97 -35.54 -24.36
C ARG D 206 42.25 -34.21 -25.06
N SER D 207 41.50 -33.15 -24.73
CA SER D 207 41.60 -31.82 -25.36
C SER D 207 42.96 -31.19 -25.01
N PHE D 208 43.49 -31.49 -23.82
CA PHE D 208 44.80 -30.98 -23.34
C PHE D 208 45.94 -31.57 -24.18
N LEU D 209 45.94 -32.91 -24.33
CA LEU D 209 46.96 -33.64 -25.14
C LEU D 209 46.90 -33.14 -26.59
N GLN D 210 45.70 -32.99 -27.15
CA GLN D 210 45.49 -32.57 -28.55
C GLN D 210 46.13 -31.19 -28.80
N ALA D 211 46.04 -30.28 -27.84
CA ALA D 211 46.56 -28.90 -27.95
C ALA D 211 48.04 -28.84 -27.55
N GLY D 212 48.66 -29.99 -27.24
CA GLY D 212 50.12 -30.11 -27.07
C GLY D 212 50.56 -30.11 -25.62
N GLY D 213 49.63 -30.24 -24.67
CA GLY D 213 49.97 -30.31 -23.24
C GLY D 213 50.57 -31.66 -22.88
N ARG D 214 51.34 -31.73 -21.78
CA ARG D 214 51.94 -33.00 -21.31
C ARG D 214 51.41 -33.32 -19.91
N LEU D 215 50.80 -34.51 -19.76
CA LEU D 215 50.33 -35.05 -18.46
C LEU D 215 51.49 -35.82 -17.81
N HIS D 216 51.93 -35.38 -16.63
CA HIS D 216 52.98 -36.05 -15.82
C HIS D 216 52.33 -36.51 -14.51
N PRO D 217 51.95 -37.81 -14.40
CA PRO D 217 51.12 -38.28 -13.28
C PRO D 217 51.91 -38.48 -11.98
N VAL D 218 52.41 -37.37 -11.41
CA VAL D 218 53.01 -37.30 -10.06
C VAL D 218 52.38 -36.10 -9.33
N ASP D 219 52.65 -35.98 -8.03
CA ASP D 219 52.18 -34.85 -7.19
C ASP D 219 53.37 -33.90 -6.93
N ALA D 220 53.11 -32.60 -6.89
CA ALA D 220 54.04 -31.58 -6.37
C ALA D 220 54.18 -31.77 -4.85
N THR D 221 55.41 -31.80 -4.32
CA THR D 221 55.70 -31.78 -2.86
C THR D 221 56.02 -30.34 -2.43
N GLU D 222 56.63 -29.54 -3.31
CA GLU D 222 57.22 -28.22 -2.93
C GLU D 222 57.28 -27.31 -4.16
N ILE D 223 56.94 -26.04 -4.00
CA ILE D 223 57.15 -24.97 -5.03
C ILE D 223 58.47 -24.28 -4.70
N ARG D 224 59.34 -24.13 -5.69
CA ARG D 224 60.67 -23.46 -5.53
C ARG D 224 60.54 -22.00 -5.99
N ALA D 225 60.94 -21.07 -5.13
CA ALA D 225 60.98 -19.62 -5.41
C ALA D 225 62.12 -18.98 -4.63
N SER D 226 62.83 -18.05 -5.28
CA SER D 226 63.91 -17.23 -4.68
C SER D 226 63.94 -15.89 -5.43
N HIS D 227 64.35 -14.82 -4.75
CA HIS D 227 64.36 -13.44 -5.27
C HIS D 227 62.98 -13.11 -5.86
N GLY D 228 61.90 -13.52 -5.16
CA GLY D 228 60.49 -13.21 -5.47
C GLY D 228 60.04 -13.71 -6.84
N ARG D 229 60.51 -14.88 -7.28
CA ARG D 229 60.21 -15.44 -8.62
C ARG D 229 60.14 -16.98 -8.54
N VAL D 230 59.18 -17.60 -9.23
CA VAL D 230 59.05 -19.09 -9.28
C VAL D 230 60.19 -19.65 -10.14
N GLU D 231 60.86 -20.69 -9.64
CA GLU D 231 61.90 -21.47 -10.36
C GLU D 231 61.27 -22.74 -10.93
N GLY D 232 60.38 -23.38 -10.15
CA GLY D 232 59.60 -24.55 -10.59
C GLY D 232 59.04 -25.35 -9.43
N VAL D 233 59.02 -26.68 -9.57
CA VAL D 233 58.23 -27.61 -8.71
C VAL D 233 59.03 -28.91 -8.50
N VAL D 234 59.30 -29.26 -7.23
CA VAL D 234 59.83 -30.58 -6.80
C VAL D 234 58.64 -31.55 -6.73
N THR D 235 58.74 -32.73 -7.36
CA THR D 235 57.68 -33.76 -7.44
C THR D 235 57.94 -34.87 -6.43
N ASP D 236 56.94 -35.74 -6.19
CA ASP D 236 56.94 -36.73 -5.07
C ASP D 236 57.72 -38.00 -5.45
N ASP D 237 58.35 -38.03 -6.63
CA ASP D 237 59.34 -39.10 -7.00
C ASP D 237 60.76 -38.53 -6.95
N GLY D 238 60.97 -37.37 -6.32
CA GLY D 238 62.30 -36.78 -6.05
C GLY D 238 62.78 -35.79 -7.13
N ASP D 239 62.13 -35.76 -8.28
CA ASP D 239 62.54 -34.99 -9.49
C ASP D 239 62.34 -33.48 -9.23
N PHE D 240 62.84 -32.61 -10.12
CA PHE D 240 62.58 -31.15 -10.14
C PHE D 240 62.24 -30.71 -11.57
N LEU D 241 61.07 -30.09 -11.78
CA LEU D 241 60.65 -29.53 -13.09
C LEU D 241 60.78 -28.01 -13.03
N PRO D 242 61.55 -27.37 -13.95
CA PRO D 242 61.68 -25.91 -13.95
C PRO D 242 60.49 -25.26 -14.69
N ALA D 243 60.18 -24.01 -14.35
CA ALA D 243 59.13 -23.21 -15.01
C ALA D 243 59.21 -21.74 -14.58
N GLY D 244 58.77 -20.83 -15.46
CA GLY D 244 58.57 -19.40 -15.17
C GLY D 244 57.15 -19.11 -14.70
N HIS D 245 56.24 -20.08 -14.84
CA HIS D 245 54.82 -19.96 -14.40
C HIS D 245 54.40 -21.26 -13.71
N VAL D 246 53.83 -21.14 -12.50
CA VAL D 246 53.20 -22.25 -11.74
C VAL D 246 51.79 -21.83 -11.33
N VAL D 247 50.77 -22.53 -11.85
CA VAL D 247 49.34 -22.33 -11.50
C VAL D 247 48.96 -23.41 -10.49
N VAL D 248 48.60 -23.02 -9.26
CA VAL D 248 48.20 -23.98 -8.19
C VAL D 248 46.68 -24.14 -8.24
N ALA D 249 46.22 -25.34 -8.62
CA ALA D 249 44.79 -25.74 -8.70
C ALA D 249 44.65 -27.14 -8.11
N ALA D 250 45.19 -27.30 -6.89
CA ALA D 250 45.29 -28.59 -6.18
C ALA D 250 44.13 -28.74 -5.19
N GLY D 251 42.96 -28.20 -5.53
CA GLY D 251 41.78 -28.23 -4.67
C GLY D 251 42.16 -27.87 -3.23
N ALA D 252 41.75 -28.70 -2.28
CA ALA D 252 41.86 -28.41 -0.83
C ALA D 252 43.32 -28.42 -0.36
N ARG D 253 44.29 -28.82 -1.19
CA ARG D 253 45.73 -28.88 -0.82
C ARG D 253 46.44 -27.58 -1.24
N SER D 254 45.75 -26.69 -1.95
CA SER D 254 46.33 -25.52 -2.68
C SER D 254 47.04 -24.55 -1.73
N GLN D 255 46.39 -24.12 -0.64
CA GLN D 255 46.99 -23.13 0.30
C GLN D 255 48.16 -23.78 1.03
N ARG D 256 48.00 -25.00 1.56
CA ARG D 256 49.06 -25.72 2.32
C ARG D 256 50.35 -25.75 1.48
N LEU D 257 50.22 -25.76 0.15
CA LEU D 257 51.37 -25.86 -0.80
C LEU D 257 52.08 -24.51 -0.92
N VAL D 258 51.33 -23.43 -1.06
CA VAL D 258 51.86 -22.05 -1.28
C VAL D 258 52.31 -21.43 0.05
N ALA D 259 51.74 -21.87 1.17
CA ALA D 259 51.97 -21.29 2.52
C ALA D 259 53.40 -21.55 3.01
N ALA D 260 54.10 -22.52 2.42
CA ALA D 260 55.48 -22.93 2.78
C ALA D 260 56.49 -21.84 2.36
N LEU D 261 56.15 -21.04 1.34
CA LEU D 261 56.97 -19.91 0.83
C LEU D 261 56.96 -18.79 1.88
N PRO D 262 58.04 -17.95 1.96
CA PRO D 262 58.20 -16.99 3.06
C PRO D 262 57.08 -15.93 3.17
N GLY D 263 56.54 -15.73 4.37
CA GLY D 263 55.55 -14.68 4.69
C GLY D 263 54.12 -15.05 4.31
N LEU D 264 53.96 -15.98 3.35
CA LEU D 264 52.67 -16.30 2.67
C LEU D 264 51.74 -17.09 3.59
N ALA D 265 52.25 -17.64 4.70
CA ALA D 265 51.47 -18.45 5.66
C ALA D 265 50.24 -17.68 6.15
N HIS D 266 50.36 -16.35 6.28
CA HIS D 266 49.30 -15.48 6.84
C HIS D 266 48.81 -14.46 5.80
N ARG D 267 49.16 -14.65 4.52
CA ARG D 267 48.77 -13.73 3.42
C ARG D 267 47.86 -14.45 2.41
N ILE D 268 47.93 -15.78 2.36
CA ILE D 268 47.00 -16.64 1.57
C ILE D 268 46.01 -17.27 2.54
N PRO D 269 44.71 -16.92 2.47
CA PRO D 269 43.70 -17.51 3.35
C PRO D 269 43.68 -19.04 3.25
N ARG D 270 43.54 -19.70 4.41
CA ARG D 270 43.47 -21.18 4.51
C ARG D 270 42.29 -21.72 3.72
N ILE D 271 42.48 -22.91 3.16
CA ILE D 271 41.43 -23.72 2.49
C ILE D 271 41.32 -25.02 3.28
N TYR D 272 40.12 -25.37 3.74
CA TYR D 272 39.82 -26.66 4.41
C TYR D 272 39.05 -27.58 3.44
N ASP D 273 38.82 -28.83 3.87
CA ASP D 273 38.09 -29.87 3.10
C ASP D 273 36.59 -29.84 3.43
N GLY D 274 35.78 -29.42 2.47
CA GLY D 274 34.32 -29.58 2.48
C GLY D 274 33.93 -30.95 1.97
N VAL D 275 34.02 -31.97 2.84
CA VAL D 275 33.86 -33.40 2.47
C VAL D 275 32.42 -33.63 2.02
N GLY D 276 32.26 -34.23 0.86
CA GLY D 276 30.97 -34.40 0.18
C GLY D 276 30.79 -35.83 -0.26
N VAL D 277 29.61 -36.39 0.05
CA VAL D 277 29.26 -37.77 -0.32
C VAL D 277 28.13 -37.69 -1.35
N SER D 278 28.24 -38.48 -2.39
CA SER D 278 27.23 -38.63 -3.45
C SER D 278 27.19 -40.11 -3.84
N ALA D 279 26.28 -40.50 -4.73
CA ALA D 279 26.14 -41.92 -5.09
C ALA D 279 25.65 -42.05 -6.54
N LEU D 280 26.11 -43.09 -7.20
CA LEU D 280 25.60 -43.54 -8.51
C LEU D 280 24.64 -44.71 -8.24
N VAL D 281 23.46 -44.64 -8.82
CA VAL D 281 22.36 -45.61 -8.62
C VAL D 281 21.85 -46.06 -9.99
N ASP D 282 21.73 -47.37 -10.19
CA ASP D 282 21.06 -47.98 -11.38
C ASP D 282 19.57 -48.07 -11.04
N THR D 283 18.74 -47.27 -11.70
CA THR D 283 17.29 -47.18 -11.40
C THR D 283 16.63 -48.54 -11.69
N TRP D 284 15.66 -48.90 -10.85
CA TRP D 284 14.84 -50.14 -10.92
C TRP D 284 14.42 -50.46 -12.37
N ASP D 285 14.05 -49.47 -13.17
CA ASP D 285 13.46 -49.68 -14.54
C ASP D 285 14.33 -49.00 -15.61
N GLY D 286 15.53 -48.53 -15.24
CA GLY D 286 16.46 -47.90 -16.20
C GLY D 286 16.07 -46.47 -16.57
N SER D 287 14.98 -45.92 -16.03
CA SER D 287 14.50 -44.53 -16.31
C SER D 287 15.32 -43.49 -15.53
N GLY D 288 15.12 -42.23 -15.88
CA GLY D 288 15.72 -41.05 -15.24
C GLY D 288 14.91 -39.80 -15.55
N PRO D 289 15.04 -38.72 -14.75
CA PRO D 289 14.32 -37.49 -15.05
C PRO D 289 15.00 -36.80 -16.24
N ALA D 290 14.25 -35.99 -16.98
CA ALA D 290 14.74 -35.23 -18.15
C ALA D 290 15.53 -34.01 -17.65
N THR D 291 15.16 -33.47 -16.50
CA THR D 291 15.83 -32.28 -15.90
C THR D 291 16.63 -32.68 -14.66
N VAL D 292 17.51 -31.79 -14.23
CA VAL D 292 18.06 -31.80 -12.85
C VAL D 292 16.86 -31.58 -11.92
N LEU D 293 16.85 -32.30 -10.80
CA LEU D 293 15.87 -32.11 -9.69
C LEU D 293 16.69 -31.69 -8.48
N ARG D 294 16.34 -30.59 -7.83
CA ARG D 294 17.10 -30.12 -6.65
C ARG D 294 16.22 -29.33 -5.70
N THR D 295 16.66 -29.23 -4.45
CA THR D 295 16.19 -28.24 -3.47
C THR D 295 17.14 -27.05 -3.50
N SER D 296 16.78 -25.96 -2.84
CA SER D 296 17.71 -24.86 -2.48
C SER D 296 18.78 -25.46 -1.56
N ASN D 297 19.87 -24.74 -1.35
CA ASN D 297 20.95 -25.14 -0.41
C ASN D 297 20.38 -25.19 1.00
N ARG D 298 20.84 -26.18 1.77
CA ARG D 298 20.29 -26.57 3.10
C ARG D 298 21.41 -26.50 4.14
N ALA D 299 21.21 -27.11 5.30
CA ALA D 299 22.07 -26.93 6.50
C ALA D 299 23.54 -27.06 6.10
N PHE D 300 24.33 -26.04 6.41
CA PHE D 300 25.81 -26.03 6.25
C PHE D 300 26.18 -26.39 4.80
N ALA D 301 25.41 -25.88 3.85
CA ALA D 301 25.69 -25.91 2.40
C ALA D 301 25.66 -27.37 1.88
N CYS D 302 24.91 -28.26 2.53
CA CYS D 302 24.47 -29.54 1.92
C CYS D 302 23.28 -29.21 1.01
N GLY D 303 22.68 -30.22 0.38
CA GLY D 303 21.55 -30.03 -0.54
C GLY D 303 21.15 -31.34 -1.14
N LEU D 304 19.92 -31.46 -1.62
CA LEU D 304 19.44 -32.71 -2.25
C LEU D 304 19.27 -32.43 -3.74
N HIS D 305 19.94 -33.22 -4.58
CA HIS D 305 19.75 -33.15 -6.04
C HIS D 305 19.95 -34.52 -6.66
N LEU D 306 19.31 -34.67 -7.80
CA LEU D 306 19.45 -35.80 -8.73
C LEU D 306 19.88 -35.20 -10.08
N VAL D 307 21.04 -35.60 -10.55
CA VAL D 307 21.59 -35.21 -11.89
C VAL D 307 21.45 -36.42 -12.80
N PRO D 308 20.78 -36.30 -13.97
CA PRO D 308 20.64 -37.42 -14.89
C PRO D 308 22.00 -37.87 -15.43
N ARG D 309 22.08 -39.13 -15.84
CA ARG D 309 23.27 -39.76 -16.49
C ARG D 309 22.75 -40.65 -17.63
N ALA D 310 23.61 -41.02 -18.56
CA ALA D 310 23.31 -41.98 -19.66
C ALA D 310 23.32 -43.41 -19.08
N GLY D 311 22.53 -44.31 -19.67
CA GLY D 311 22.64 -45.78 -19.49
C GLY D 311 21.94 -46.32 -18.24
N GLY D 312 20.84 -45.70 -17.81
CA GLY D 312 20.01 -46.23 -16.71
C GLY D 312 20.59 -45.98 -15.33
N SER D 313 21.54 -45.05 -15.23
CA SER D 313 22.15 -44.55 -13.97
C SER D 313 21.56 -43.17 -13.63
N VAL D 314 21.49 -42.82 -12.35
CA VAL D 314 21.33 -41.42 -11.87
C VAL D 314 22.43 -41.13 -10.85
N TYR D 315 22.81 -39.86 -10.75
CA TYR D 315 23.66 -39.32 -9.65
C TYR D 315 22.73 -38.73 -8.59
N ILE D 316 22.96 -39.05 -7.32
CA ILE D 316 22.28 -38.37 -6.18
C ILE D 316 23.36 -37.78 -5.29
N GLY D 317 23.12 -36.54 -4.85
CA GLY D 317 23.99 -35.86 -3.87
C GLY D 317 23.20 -34.79 -3.14
N ALA D 318 23.86 -34.05 -2.25
CA ALA D 318 25.24 -34.29 -1.85
C ALA D 318 25.44 -33.69 -0.46
N THR D 319 26.12 -34.40 0.42
CA THR D 319 26.35 -33.95 1.82
C THR D 319 27.51 -32.96 1.79
N ASN D 320 27.65 -32.19 2.86
CA ASN D 320 28.82 -31.31 3.04
C ASN D 320 29.12 -31.21 4.53
N ALA D 321 30.38 -31.37 4.87
CA ALA D 321 30.88 -31.20 6.25
C ALA D 321 32.30 -30.67 6.16
N VAL D 322 32.54 -29.49 6.70
CA VAL D 322 33.92 -28.91 6.71
C VAL D 322 34.70 -29.67 7.79
N CYS D 323 35.81 -30.27 7.38
CA CYS D 323 36.74 -31.03 8.25
C CYS D 323 38.10 -30.33 8.26
N LEU D 324 38.73 -30.26 9.42
CA LEU D 324 40.02 -29.56 9.62
C LEU D 324 41.16 -30.44 9.07
N GLU D 325 40.93 -31.76 8.99
CA GLU D 325 41.85 -32.72 8.31
C GLU D 325 41.07 -33.42 7.19
N PRO D 326 41.74 -33.83 6.10
CA PRO D 326 41.06 -34.50 4.99
C PRO D 326 40.54 -35.89 5.37
N ARG D 327 39.54 -36.38 4.63
CA ARG D 327 38.87 -37.68 4.88
C ARG D 327 38.41 -38.21 3.52
N GLY D 328 38.71 -39.47 3.20
CA GLY D 328 38.54 -40.06 1.87
C GLY D 328 37.40 -41.06 1.82
N ALA D 329 36.73 -41.29 2.96
CA ALA D 329 35.63 -42.28 3.07
C ALA D 329 34.40 -41.60 3.67
N ALA D 330 33.22 -41.96 3.16
CA ALA D 330 31.90 -41.53 3.68
C ALA D 330 31.73 -42.11 5.08
N SER D 331 31.01 -41.38 5.94
CA SER D 331 30.50 -41.88 7.22
C SER D 331 29.16 -42.59 6.96
N ILE D 332 28.77 -43.51 7.85
CA ILE D 332 27.45 -44.19 7.79
C ILE D 332 26.38 -43.10 7.77
N GLU D 333 26.48 -42.11 8.65
CA GLU D 333 25.49 -41.02 8.84
C GLU D 333 25.21 -40.32 7.49
N GLU D 334 26.26 -40.01 6.73
CA GLU D 334 26.20 -39.27 5.45
C GLU D 334 25.45 -40.14 4.43
N THR D 335 25.79 -41.42 4.32
CA THR D 335 25.16 -42.35 3.36
C THR D 335 23.67 -42.44 3.68
N VAL D 336 23.33 -42.63 4.95
CA VAL D 336 21.91 -42.83 5.38
C VAL D 336 21.14 -41.56 5.04
N PHE D 337 21.67 -40.40 5.40
CA PHE D 337 20.99 -39.10 5.22
C PHE D 337 20.72 -38.88 3.73
N LEU D 338 21.76 -39.02 2.90
CA LEU D 338 21.66 -38.89 1.43
C LEU D 338 20.58 -39.82 0.87
N PHE D 339 20.59 -41.10 1.24
CA PHE D 339 19.65 -42.11 0.69
C PHE D 339 18.23 -41.86 1.21
N ASN D 340 18.08 -41.48 2.48
CA ASN D 340 16.74 -41.20 3.07
C ASN D 340 16.10 -40.02 2.35
N CYS D 341 16.85 -38.95 2.11
CA CYS D 341 16.34 -37.71 1.46
C CYS D 341 15.90 -38.04 0.03
N ALA D 342 16.75 -38.69 -0.77
CA ALA D 342 16.48 -39.04 -2.17
C ALA D 342 15.25 -39.94 -2.29
N THR D 343 15.12 -40.97 -1.44
CA THR D 343 14.02 -41.97 -1.57
C THR D 343 12.68 -41.35 -1.15
N HIS D 344 12.66 -40.44 -0.17
CA HIS D 344 11.41 -39.79 0.35
C HIS D 344 11.02 -38.58 -0.51
N GLN D 345 11.97 -37.73 -0.86
CA GLN D 345 11.69 -36.37 -1.42
C GLN D 345 11.67 -36.39 -2.94
N LEU D 346 12.36 -37.34 -3.60
CA LEU D 346 12.46 -37.38 -5.08
C LEU D 346 11.72 -38.60 -5.64
N HIS D 347 12.14 -39.83 -5.31
CA HIS D 347 11.52 -41.05 -5.89
C HIS D 347 11.69 -42.27 -4.98
N ARG D 348 10.56 -42.83 -4.54
CA ARG D 348 10.51 -44.06 -3.70
C ARG D 348 11.08 -45.27 -4.45
N GLY D 349 11.02 -45.28 -5.78
CA GLY D 349 11.63 -46.31 -6.64
C GLY D 349 13.14 -46.44 -6.44
N LEU D 350 13.82 -45.38 -6.00
CA LEU D 350 15.27 -45.41 -5.69
C LEU D 350 15.53 -46.40 -4.53
N ASN D 351 14.53 -46.66 -3.72
CA ASN D 351 14.64 -47.57 -2.56
C ASN D 351 14.99 -48.98 -3.04
N GLY D 352 14.35 -49.43 -4.13
CA GLY D 352 14.54 -50.77 -4.71
C GLY D 352 15.61 -50.80 -5.78
N SER D 353 16.28 -49.67 -6.01
CA SER D 353 17.32 -49.53 -7.05
C SER D 353 18.66 -49.97 -6.49
N GLU D 354 19.61 -50.28 -7.38
CA GLU D 354 20.92 -50.88 -7.04
C GLU D 354 21.95 -49.76 -6.85
N LEU D 355 22.66 -49.78 -5.72
CA LEU D 355 23.79 -48.88 -5.42
C LEU D 355 25.02 -49.36 -6.21
N ARG D 356 25.50 -48.56 -7.16
CA ARG D 356 26.72 -48.89 -7.95
C ARG D 356 27.95 -48.36 -7.24
N LYS D 357 27.89 -47.18 -6.60
CA LYS D 357 29.12 -46.48 -6.16
C LYS D 357 28.76 -45.39 -5.15
N VAL D 358 29.47 -45.34 -4.04
CA VAL D 358 29.47 -44.23 -3.07
C VAL D 358 30.73 -43.42 -3.34
N GLN D 359 30.58 -42.13 -3.63
CA GLN D 359 31.69 -41.24 -4.03
C GLN D 359 31.95 -40.25 -2.89
N VAL D 360 33.21 -39.91 -2.67
CA VAL D 360 33.66 -38.90 -1.67
C VAL D 360 34.69 -37.98 -2.33
N GLY D 361 34.49 -36.67 -2.21
CA GLY D 361 35.44 -35.64 -2.63
C GLY D 361 35.47 -34.48 -1.64
N SER D 362 36.54 -33.66 -1.69
CA SER D 362 36.72 -32.48 -0.81
C SER D 362 36.43 -31.21 -1.60
N ARG D 363 35.29 -30.59 -1.35
CA ARG D 363 35.07 -29.18 -1.78
C ARG D 363 36.15 -28.33 -1.12
N PRO D 364 36.97 -27.57 -1.89
CA PRO D 364 37.92 -26.64 -1.31
C PRO D 364 37.17 -25.51 -0.58
N ALA D 365 37.24 -25.51 0.75
CA ALA D 365 36.45 -24.62 1.63
C ALA D 365 37.33 -23.50 2.17
N PRO D 366 37.27 -22.28 1.59
CA PRO D 366 38.12 -21.19 2.03
C PRO D 366 37.67 -20.64 3.39
N ILE D 367 38.62 -20.34 4.27
CA ILE D 367 38.32 -19.91 5.68
C ILE D 367 37.48 -18.63 5.72
N ASP D 368 37.48 -17.78 4.69
CA ASP D 368 36.69 -16.53 4.68
C ASP D 368 35.52 -16.63 3.69
N GLY D 369 35.29 -17.82 3.12
CA GLY D 369 34.06 -18.15 2.36
C GLY D 369 34.07 -17.62 0.95
N PHE D 370 35.23 -17.22 0.42
CA PHE D 370 35.34 -16.70 -0.97
C PHE D 370 36.56 -17.30 -1.66
N PRO D 371 36.48 -17.47 -3.01
CA PRO D 371 37.54 -18.13 -3.76
C PRO D 371 38.89 -17.40 -3.69
N LEU D 372 39.96 -18.12 -4.05
CA LEU D 372 41.34 -17.61 -4.21
C LEU D 372 41.73 -17.74 -5.69
N ILE D 373 41.60 -16.65 -6.46
CA ILE D 373 41.79 -16.66 -7.94
C ILE D 373 42.66 -15.48 -8.34
N GLY D 374 43.84 -15.75 -8.89
CA GLY D 374 44.64 -14.72 -9.58
C GLY D 374 46.09 -14.77 -9.16
N GLY D 375 46.75 -13.61 -9.20
CA GLY D 375 48.21 -13.48 -9.04
C GLY D 375 48.60 -13.37 -7.58
N THR D 376 49.91 -13.42 -7.34
CA THR D 376 50.57 -13.45 -6.02
C THR D 376 51.65 -12.36 -5.99
N SER D 377 52.27 -12.10 -4.84
CA SER D 377 53.42 -11.19 -4.67
C SER D 377 54.68 -11.86 -5.23
N VAL D 378 54.59 -13.13 -5.60
CA VAL D 378 55.67 -13.93 -6.26
C VAL D 378 55.38 -14.00 -7.76
N GLU D 379 56.32 -13.52 -8.57
CA GLU D 379 56.18 -13.43 -10.05
C GLU D 379 56.02 -14.85 -10.61
N GLY D 380 55.02 -15.03 -11.49
CA GLY D 380 54.74 -16.31 -12.17
C GLY D 380 53.98 -17.31 -11.30
N LEU D 381 53.64 -16.97 -10.04
CA LEU D 381 52.88 -17.86 -9.12
C LEU D 381 51.40 -17.46 -9.16
N TRP D 382 50.54 -18.35 -9.65
CA TRP D 382 49.08 -18.12 -9.77
C TRP D 382 48.36 -19.21 -8.96
N MET D 383 47.15 -18.88 -8.50
CA MET D 383 46.32 -19.75 -7.63
C MET D 383 44.91 -19.78 -8.21
N LEU D 384 44.29 -20.96 -8.20
CA LEU D 384 42.92 -21.18 -8.70
C LEU D 384 42.25 -22.24 -7.81
N SER D 385 41.63 -21.82 -6.71
CA SER D 385 41.08 -22.73 -5.67
C SER D 385 40.07 -22.01 -4.76
N GLY D 386 39.54 -22.74 -3.78
CA GLY D 386 38.58 -22.23 -2.77
C GLY D 386 37.21 -22.01 -3.37
N THR D 387 36.85 -22.79 -4.40
CA THR D 387 35.60 -22.60 -5.16
C THR D 387 34.43 -23.27 -4.47
N TYR D 388 34.68 -24.07 -3.41
CA TYR D 388 33.64 -24.68 -2.55
C TYR D 388 32.65 -25.47 -3.42
N ARG D 389 31.43 -24.96 -3.66
CA ARG D 389 30.31 -25.73 -4.27
C ARG D 389 30.26 -25.61 -5.80
N ASP D 390 30.93 -24.61 -6.41
CA ASP D 390 30.63 -24.22 -7.81
C ASP D 390 31.89 -23.90 -8.63
N GLY D 391 33.07 -24.38 -8.25
CA GLY D 391 34.29 -24.32 -9.09
C GLY D 391 34.08 -24.93 -10.46
N LEU D 392 33.47 -26.11 -10.52
CA LEU D 392 33.20 -26.83 -11.79
C LEU D 392 32.37 -25.92 -12.70
N HIS D 393 31.29 -25.37 -12.19
CA HIS D 393 30.39 -24.47 -12.97
C HIS D 393 31.18 -23.27 -13.50
N MET D 394 32.07 -22.72 -12.68
CA MET D 394 32.75 -21.44 -13.00
C MET D 394 34.04 -21.70 -13.79
N SER D 395 34.43 -22.98 -13.99
CA SER D 395 35.73 -23.39 -14.58
C SER D 395 36.04 -22.60 -15.87
N PRO D 396 35.16 -22.56 -16.90
CA PRO D 396 35.52 -21.89 -18.15
C PRO D 396 35.82 -20.41 -17.91
N LEU D 397 35.02 -19.72 -17.10
CA LEU D 397 35.23 -18.28 -16.80
C LEU D 397 36.55 -18.11 -16.05
N LEU D 398 36.79 -18.92 -15.02
CA LEU D 398 37.99 -18.79 -14.15
C LEU D 398 39.24 -19.11 -14.98
N ALA D 399 39.16 -20.09 -15.87
CA ALA D 399 40.27 -20.50 -16.75
C ALA D 399 40.68 -19.30 -17.60
N ARG D 400 39.73 -18.69 -18.31
CA ARG D 400 39.95 -17.55 -19.23
C ARG D 400 40.45 -16.33 -18.45
N HIS D 401 39.98 -16.13 -17.22
CA HIS D 401 40.43 -15.01 -16.35
C HIS D 401 41.92 -15.17 -16.06
N VAL D 402 42.34 -16.34 -15.57
CA VAL D 402 43.75 -16.54 -15.15
C VAL D 402 44.66 -16.45 -16.37
N VAL D 403 44.24 -17.02 -17.50
CA VAL D 403 45.00 -17.00 -18.80
C VAL D 403 45.19 -15.56 -19.24
N SER D 404 44.13 -14.74 -19.16
CA SER D 404 44.18 -13.30 -19.51
C SER D 404 45.20 -12.57 -18.62
N LEU D 405 45.17 -12.81 -17.31
CA LEU D 405 46.12 -12.17 -16.34
C LEU D 405 47.56 -12.60 -16.68
N MET D 406 47.75 -13.84 -17.11
CA MET D 406 49.09 -14.42 -17.41
C MET D 406 49.65 -13.79 -18.69
N ASP D 407 48.77 -13.31 -19.58
CA ASP D 407 49.09 -12.74 -20.92
C ASP D 407 49.18 -11.20 -20.82
N GLY D 408 49.08 -10.63 -19.61
CA GLY D 408 49.19 -9.18 -19.37
C GLY D 408 47.85 -8.45 -19.40
N GLY D 409 46.73 -9.16 -19.57
CA GLY D 409 45.36 -8.60 -19.58
C GLY D 409 44.84 -8.36 -18.16
N THR D 410 43.56 -7.98 -18.03
CA THR D 410 42.86 -7.73 -16.74
C THR D 410 41.77 -8.79 -16.50
N GLY D 411 41.58 -9.74 -17.42
CA GLY D 411 40.58 -10.81 -17.31
C GLY D 411 39.16 -10.26 -17.13
N VAL D 412 38.39 -10.84 -16.20
CA VAL D 412 36.96 -10.51 -15.93
C VAL D 412 36.91 -9.52 -14.76
N ASP D 413 36.02 -8.52 -14.84
CA ASP D 413 36.00 -7.32 -13.95
C ASP D 413 35.81 -7.70 -12.47
N GLY D 414 34.73 -8.38 -12.09
CA GLY D 414 34.33 -8.51 -10.68
C GLY D 414 35.11 -9.57 -9.91
N LEU D 415 36.18 -10.14 -10.48
CA LEU D 415 37.01 -11.19 -9.85
C LEU D 415 38.10 -10.56 -8.95
N ARG D 416 38.31 -9.25 -9.04
CA ARG D 416 39.44 -8.54 -8.37
C ARG D 416 39.42 -8.82 -6.87
N GLU D 417 38.24 -8.80 -6.24
CA GLU D 417 38.08 -8.94 -4.77
C GLU D 417 38.58 -10.32 -4.29
N PHE D 418 38.62 -11.32 -5.17
CA PHE D 418 38.94 -12.73 -4.82
C PHE D 418 40.40 -13.06 -5.15
N ARG D 419 41.24 -12.04 -5.32
CA ARG D 419 42.73 -12.18 -5.41
C ARG D 419 43.18 -13.07 -4.26
N PRO D 420 44.08 -14.04 -4.49
CA PRO D 420 44.45 -15.02 -3.46
C PRO D 420 45.23 -14.46 -2.28
N GLU D 421 46.04 -13.42 -2.52
CA GLU D 421 46.88 -12.80 -1.47
C GLU D 421 46.11 -11.60 -0.91
N ARG D 422 45.50 -11.77 0.27
CA ARG D 422 44.56 -10.79 0.87
C ARG D 422 44.46 -11.05 2.38
N ASP D 423 44.04 -10.01 3.10
CA ASP D 423 43.43 -10.13 4.45
C ASP D 423 42.17 -10.98 4.30
N LEU D 424 41.85 -11.80 5.31
CA LEU D 424 40.54 -12.52 5.39
C LEU D 424 39.43 -11.50 5.17
N ILE D 425 38.47 -11.83 4.31
CA ILE D 425 37.25 -11.02 4.05
C ILE D 425 36.29 -11.18 5.23
N SER D 426 35.57 -10.10 5.54
CA SER D 426 34.50 -10.02 6.57
C SER D 426 33.22 -9.56 5.87
N ALA D 427 32.53 -10.49 5.20
CA ALA D 427 31.36 -10.21 4.33
C ALA D 427 30.10 -10.06 5.17
N TRP D 428 30.14 -10.51 6.43
CA TRP D 428 28.97 -10.51 7.36
C TRP D 428 29.44 -10.05 8.74
N SER D 429 28.55 -9.37 9.47
CA SER D 429 28.72 -9.04 10.90
C SER D 429 28.71 -10.34 11.71
N ARG D 430 29.44 -10.36 12.83
CA ARG D 430 29.44 -11.45 13.83
C ARG D 430 28.00 -11.85 14.15
N GLU D 431 27.13 -10.85 14.35
CA GLU D 431 25.70 -11.03 14.71
C GLU D 431 25.00 -11.84 13.61
N GLU D 432 25.21 -11.52 12.34
CA GLU D 432 24.57 -12.22 11.19
C GLU D 432 24.99 -13.70 11.20
N ILE D 433 26.27 -13.97 11.45
CA ILE D 433 26.84 -15.35 11.39
C ILE D 433 26.27 -16.18 12.55
N LEU D 434 26.20 -15.61 13.75
CA LEU D 434 25.68 -16.30 14.96
C LEU D 434 24.21 -16.68 14.76
N ASP D 435 23.39 -15.80 14.17
CA ASP D 435 21.99 -16.14 13.78
C ASP D 435 22.02 -17.29 12.77
N ASP D 436 22.95 -17.24 11.81
CA ASP D 436 23.05 -18.23 10.70
C ASP D 436 23.41 -19.60 11.30
N VAL D 437 24.43 -19.69 12.16
CA VAL D 437 24.98 -20.97 12.67
C VAL D 437 23.92 -21.69 13.52
N VAL D 438 23.11 -20.93 14.26
CA VAL D 438 22.03 -21.48 15.13
C VAL D 438 20.91 -22.00 14.23
N ARG D 439 20.53 -21.22 13.24
CA ARG D 439 19.45 -21.56 12.27
C ARG D 439 19.84 -22.86 11.54
N HIS D 440 21.07 -22.94 11.03
CA HIS D 440 21.60 -24.07 10.25
C HIS D 440 21.68 -25.30 11.17
N THR D 441 22.16 -25.13 12.40
CA THR D 441 22.21 -26.20 13.41
C THR D 441 20.80 -26.77 13.59
N MET D 442 19.79 -25.92 13.83
CA MET D 442 18.39 -26.37 13.96
C MET D 442 17.96 -27.06 12.67
N ALA D 443 18.38 -26.56 11.52
CA ALA D 443 18.02 -27.11 10.20
C ALA D 443 18.49 -28.57 10.06
N THR D 444 19.58 -28.98 10.72
CA THR D 444 20.03 -30.39 10.64
C THR D 444 18.94 -31.28 11.27
N GLY D 445 18.20 -30.73 12.23
CA GLY D 445 17.05 -31.38 12.86
C GLY D 445 15.89 -31.52 11.91
N TYR D 446 15.49 -30.40 11.29
CA TYR D 446 14.25 -30.36 10.48
C TYR D 446 14.45 -31.15 9.20
N GLU D 447 15.69 -31.31 8.76
CA GLU D 447 16.06 -32.00 7.49
C GLU D 447 16.12 -33.53 7.70
N PHE D 448 16.18 -34.00 8.94
CA PHE D 448 16.35 -35.45 9.22
C PHE D 448 15.19 -36.27 8.65
N PRO D 449 13.89 -35.93 8.83
CA PRO D 449 13.41 -34.92 9.78
C PRO D 449 13.21 -35.58 11.14
N TRP D 450 13.48 -34.86 12.22
CA TRP D 450 13.26 -35.38 13.59
C TRP D 450 11.77 -35.33 13.92
N ARG D 451 11.38 -36.00 15.00
CA ARG D 451 10.07 -35.84 15.66
C ARG D 451 10.37 -35.66 17.16
N LEU D 452 10.02 -34.49 17.69
CA LEU D 452 10.41 -34.01 19.05
C LEU D 452 9.16 -33.53 19.75
N PRO D 453 9.19 -33.41 21.09
CA PRO D 453 8.16 -32.65 21.79
C PRO D 453 8.21 -31.20 21.28
N LEU D 454 7.07 -30.52 21.20
CA LEU D 454 6.97 -29.25 20.47
C LEU D 454 7.69 -28.11 21.18
N GLU D 455 8.05 -28.22 22.47
CA GLU D 455 8.73 -27.09 23.18
C GLU D 455 10.25 -27.25 23.06
N TRP D 456 10.74 -28.41 22.66
CA TRP D 456 12.19 -28.74 22.62
C TRP D 456 12.93 -27.82 21.65
N PRO D 457 12.45 -27.61 20.41
CA PRO D 457 13.14 -26.75 19.45
C PRO D 457 13.44 -25.34 19.99
N HIS D 458 12.47 -24.65 20.60
CA HIS D 458 12.68 -23.30 21.18
C HIS D 458 13.75 -23.39 22.27
N MET D 459 13.75 -24.45 23.08
CA MET D 459 14.71 -24.61 24.19
C MET D 459 16.13 -24.76 23.62
N MET D 460 16.31 -25.58 22.59
N MET D 460 16.31 -25.58 22.59
CA MET D 460 17.65 -25.81 21.96
CA MET D 460 17.65 -25.78 21.98
C MET D 460 18.09 -24.51 21.27
C MET D 460 18.09 -24.51 21.26
N GLU D 461 17.17 -23.79 20.60
CA GLU D 461 17.48 -22.47 19.97
C GLU D 461 18.15 -21.58 21.01
N THR D 462 17.54 -21.39 22.18
CA THR D 462 18.03 -20.41 23.20
C THR D 462 19.33 -20.92 23.84
N PHE D 463 19.54 -22.23 23.96
CA PHE D 463 20.73 -22.83 24.63
C PHE D 463 21.89 -22.99 23.64
N LEU D 464 21.66 -22.76 22.35
CA LEU D 464 22.72 -22.84 21.31
C LEU D 464 23.41 -21.48 21.18
N GLN D 465 22.68 -20.38 21.39
CA GLN D 465 23.16 -18.98 21.19
C GLN D 465 24.41 -18.74 22.02
N GLY D 466 24.38 -19.05 23.33
CA GLY D 466 25.47 -18.77 24.28
C GLY D 466 26.79 -19.41 23.86
N PRO D 467 26.86 -20.76 23.76
CA PRO D 467 28.11 -21.43 23.42
C PRO D 467 28.78 -20.99 22.10
N PHE D 468 28.00 -20.61 21.09
CA PHE D 468 28.49 -20.14 19.77
C PHE D 468 28.95 -18.67 19.87
N ALA D 469 28.24 -17.84 20.63
CA ALA D 469 28.62 -16.43 20.92
C ALA D 469 29.96 -16.43 21.67
N GLU D 470 30.11 -17.31 22.67
CA GLU D 470 31.33 -17.49 23.48
C GLU D 470 32.49 -17.91 22.57
N LEU D 471 32.26 -18.83 21.64
CA LEU D 471 33.31 -19.36 20.73
C LEU D 471 33.81 -18.24 19.83
N ALA D 472 32.90 -17.48 19.21
CA ALA D 472 33.19 -16.38 18.27
C ALA D 472 34.06 -15.29 18.95
N ASP D 473 33.73 -14.94 20.20
CA ASP D 473 34.45 -13.90 21.00
C ASP D 473 35.86 -14.39 21.33
N ARG D 474 36.01 -15.69 21.59
CA ARG D 474 37.27 -16.34 22.03
C ARG D 474 38.25 -16.44 20.85
N LEU D 475 37.75 -16.57 19.61
CA LEU D 475 38.58 -16.89 18.42
C LEU D 475 39.38 -15.65 17.99
N SER D 476 38.76 -14.47 17.97
CA SER D 476 39.37 -13.22 17.46
C SER D 476 38.44 -12.05 17.80
N ASP D 477 39.00 -10.84 17.91
CA ASP D 477 38.23 -9.59 18.15
C ASP D 477 37.78 -8.98 16.82
N THR D 478 38.25 -9.50 15.66
CA THR D 478 37.95 -8.89 14.33
C THR D 478 37.40 -9.95 13.37
N TYR D 479 37.97 -11.16 13.29
CA TYR D 479 37.55 -12.19 12.30
C TYR D 479 36.53 -13.16 12.90
N THR D 480 35.52 -13.50 12.10
CA THR D 480 34.49 -14.51 12.43
C THR D 480 34.42 -15.52 11.29
N PRO D 481 34.65 -16.83 11.57
CA PRO D 481 34.50 -17.86 10.55
C PRO D 481 33.04 -17.91 10.09
N PRO D 482 32.76 -18.17 8.79
CA PRO D 482 31.38 -18.42 8.37
C PRO D 482 30.84 -19.70 9.04
N ALA D 483 29.51 -19.82 9.04
CA ALA D 483 28.75 -20.86 9.79
C ALA D 483 29.33 -22.25 9.52
N ASP D 484 29.54 -22.60 8.25
CA ASP D 484 29.99 -23.94 7.79
C ASP D 484 31.26 -24.32 8.55
N LEU D 485 32.16 -23.36 8.74
CA LEU D 485 33.46 -23.60 9.39
C LEU D 485 33.30 -23.50 10.91
N MET D 486 32.48 -22.55 11.39
CA MET D 486 32.29 -22.35 12.84
C MET D 486 31.76 -23.64 13.49
N THR D 487 30.80 -24.34 12.88
CA THR D 487 30.26 -25.61 13.46
C THR D 487 31.39 -26.63 13.56
N ALA D 488 32.23 -26.77 12.53
CA ALA D 488 33.40 -27.67 12.54
C ALA D 488 34.34 -27.29 13.70
N ILE D 489 34.64 -26.01 13.88
CA ILE D 489 35.54 -25.52 14.98
C ILE D 489 34.92 -25.85 16.34
N MET D 490 33.63 -25.58 16.53
CA MET D 490 32.85 -25.84 17.77
C MET D 490 33.02 -27.29 18.25
N PHE D 491 33.12 -28.27 17.35
CA PHE D 491 33.14 -29.73 17.68
C PHE D 491 34.53 -30.32 17.43
N SER D 492 35.53 -29.47 17.21
CA SER D 492 36.96 -29.89 17.09
C SER D 492 37.60 -29.95 18.48
N GLU D 493 38.84 -30.41 18.58
CA GLU D 493 39.59 -30.52 19.87
C GLU D 493 40.03 -29.12 20.32
N ARG D 494 40.34 -28.98 21.62
CA ARG D 494 40.82 -27.71 22.24
C ARG D 494 42.10 -27.24 21.53
N GLU D 495 43.01 -28.17 21.20
CA GLU D 495 44.32 -27.85 20.54
C GLU D 495 44.04 -27.20 19.18
N GLN D 496 43.11 -27.78 18.40
CA GLN D 496 42.74 -27.33 17.04
C GLN D 496 42.11 -25.94 17.10
N GLN D 497 41.30 -25.67 18.13
CA GLN D 497 40.69 -24.34 18.40
C GLN D 497 41.79 -23.32 18.71
N ASP D 498 42.71 -23.66 19.62
CA ASP D 498 43.81 -22.75 20.07
C ASP D 498 44.70 -22.40 18.87
N GLU D 499 45.00 -23.40 18.03
CA GLU D 499 45.79 -23.24 16.79
C GLU D 499 45.11 -22.22 15.86
N LEU D 500 43.77 -22.20 15.82
CA LEU D 500 42.98 -21.25 14.99
C LEU D 500 43.03 -19.84 15.60
N ILE D 501 43.09 -19.74 16.94
CA ILE D 501 43.20 -18.43 17.65
C ILE D 501 44.55 -17.81 17.26
N ALA D 502 45.62 -18.62 17.26
CA ALA D 502 46.99 -18.21 16.88
C ALA D 502 47.02 -17.79 15.40
N TYR D 503 46.40 -18.57 14.51
CA TYR D 503 46.30 -18.26 13.06
C TYR D 503 45.62 -16.90 12.86
N TYR D 504 44.44 -16.69 13.44
CA TYR D 504 43.64 -15.45 13.26
C TYR D 504 44.44 -14.25 13.76
N ALA D 505 45.12 -14.39 14.91
CA ALA D 505 45.93 -13.32 15.54
C ALA D 505 47.12 -12.98 14.63
N ASP D 506 47.82 -14.00 14.11
CA ASP D 506 48.96 -13.85 13.17
C ASP D 506 48.49 -13.14 11.88
N VAL D 507 47.30 -13.44 11.37
CA VAL D 507 46.76 -12.79 10.13
C VAL D 507 46.53 -11.29 10.43
N HIS D 508 46.04 -10.96 11.64
CA HIS D 508 45.75 -9.57 12.07
C HIS D 508 47.06 -8.77 12.13
N ARG D 509 48.10 -9.36 12.73
CA ARG D 509 49.48 -8.83 12.82
C ARG D 509 49.97 -8.46 11.40
N GLU D 510 49.82 -9.36 10.43
CA GLU D 510 50.35 -9.21 9.05
C GLU D 510 49.66 -8.03 8.32
N TRP D 511 48.35 -7.84 8.52
CA TRP D 511 47.52 -6.98 7.65
C TRP D 511 47.08 -5.67 8.32
N HIS D 512 47.04 -5.56 9.66
CA HIS D 512 46.45 -4.39 10.38
C HIS D 512 47.49 -3.73 11.30
N THR E 32 25.88 54.83 -67.62
CA THR E 32 25.73 55.53 -66.29
C THR E 32 25.48 54.43 -65.24
N ASP E 33 26.20 54.44 -64.11
CA ASP E 33 25.99 53.43 -63.04
C ASP E 33 24.94 53.97 -62.07
N VAL E 34 23.97 53.12 -61.71
CA VAL E 34 22.99 53.37 -60.62
C VAL E 34 23.33 52.45 -59.44
N ILE E 35 23.40 53.03 -58.23
CA ILE E 35 23.49 52.29 -56.94
C ILE E 35 22.19 52.52 -56.15
N VAL E 36 21.47 51.44 -55.83
CA VAL E 36 20.34 51.44 -54.86
C VAL E 36 20.91 51.03 -53.50
N VAL E 37 20.81 51.89 -52.50
CA VAL E 37 21.26 51.61 -51.10
C VAL E 37 20.04 51.11 -50.33
N GLY E 38 19.98 49.81 -50.03
CA GLY E 38 18.92 49.18 -49.23
C GLY E 38 18.24 48.06 -49.99
N ASN E 39 17.97 46.96 -49.30
CA ASN E 39 17.47 45.69 -49.89
C ASN E 39 16.13 45.31 -49.23
N GLY E 40 15.36 46.31 -48.82
CA GLY E 40 13.95 46.12 -48.41
C GLY E 40 13.07 46.00 -49.64
N VAL E 41 11.76 46.02 -49.47
CA VAL E 41 10.78 46.01 -50.59
C VAL E 41 10.98 47.25 -51.46
N LEU E 42 11.28 48.42 -50.89
CA LEU E 42 11.38 49.67 -51.70
C LEU E 42 12.64 49.61 -52.55
N GLY E 43 13.80 49.34 -51.94
CA GLY E 43 15.09 49.22 -52.66
C GLY E 43 14.99 48.24 -53.83
N LEU E 44 14.59 47.01 -53.53
CA LEU E 44 14.48 45.92 -54.53
C LEU E 44 13.40 46.24 -55.57
N SER E 45 12.32 46.92 -55.20
CA SER E 45 11.22 47.21 -56.14
C SER E 45 11.70 48.29 -57.14
N VAL E 46 12.47 49.27 -56.67
CA VAL E 46 13.00 50.37 -57.54
C VAL E 46 14.12 49.76 -58.40
N GLY E 47 14.94 48.89 -57.82
CA GLY E 47 16.00 48.15 -58.53
C GLY E 47 15.43 47.32 -59.68
N VAL E 48 14.36 46.57 -59.42
CA VAL E 48 13.73 45.71 -60.46
C VAL E 48 13.23 46.62 -61.58
N GLU E 49 12.59 47.75 -61.24
CA GLU E 49 11.96 48.63 -62.26
C GLU E 49 13.05 49.34 -63.07
N ILE E 50 14.14 49.79 -62.44
CA ILE E 50 15.29 50.40 -63.16
C ILE E 50 15.86 49.36 -64.15
N ALA E 51 16.23 48.16 -63.67
CA ALA E 51 16.89 47.11 -64.47
C ALA E 51 16.05 46.74 -65.70
N ARG E 52 14.73 46.58 -65.53
CA ARG E 52 13.80 46.18 -66.60
C ARG E 52 13.57 47.30 -67.61
N THR E 53 13.65 48.57 -67.17
CA THR E 53 13.20 49.79 -67.92
C THR E 53 14.39 50.46 -68.60
N ARG E 54 15.61 50.18 -68.15
CA ARG E 54 16.86 50.85 -68.62
C ARG E 54 17.93 49.78 -68.86
N PRO E 55 17.82 48.93 -69.92
CA PRO E 55 18.85 47.94 -70.22
C PRO E 55 20.23 48.56 -70.49
N ASP E 56 20.26 49.85 -70.83
CA ASP E 56 21.45 50.70 -71.07
C ASP E 56 22.33 50.77 -69.81
N VAL E 57 21.75 50.99 -68.63
CA VAL E 57 22.50 51.35 -67.38
C VAL E 57 22.76 50.10 -66.51
N ARG E 58 23.89 50.13 -65.81
CA ARG E 58 24.33 49.09 -64.86
C ARG E 58 23.80 49.44 -63.48
N VAL E 59 22.94 48.60 -62.90
CA VAL E 59 22.27 48.88 -61.59
C VAL E 59 22.79 47.89 -60.54
N THR E 60 23.36 48.42 -59.45
CA THR E 60 23.91 47.68 -58.29
C THR E 60 23.06 47.98 -57.05
N LEU E 61 22.69 46.96 -56.27
CA LEU E 61 21.88 47.09 -55.03
C LEU E 61 22.69 46.59 -53.81
N LEU E 62 22.88 47.45 -52.82
CA LEU E 62 23.62 47.19 -51.55
C LEU E 62 22.65 46.71 -50.46
N GLY E 63 23.19 46.06 -49.42
CA GLY E 63 22.43 45.50 -48.30
C GLY E 63 22.72 44.03 -48.10
N LYS E 64 22.70 43.55 -46.85
CA LYS E 64 23.13 42.18 -46.44
C LYS E 64 21.92 41.29 -46.25
N PRO E 65 22.05 39.95 -46.37
CA PRO E 65 20.92 39.05 -46.13
C PRO E 65 20.34 39.07 -44.70
N ALA E 66 21.10 39.55 -43.70
CA ALA E 66 20.65 39.77 -42.29
C ALA E 66 19.47 40.75 -42.23
N ARG E 67 19.44 41.74 -43.13
CA ARG E 67 18.43 42.83 -43.17
C ARG E 67 18.23 43.38 -41.75
N GLN E 68 19.32 43.83 -41.13
CA GLN E 68 19.30 44.45 -39.77
C GLN E 68 18.22 45.53 -39.72
N TYR E 69 17.30 45.43 -38.76
CA TYR E 69 16.19 46.37 -38.47
C TYR E 69 15.15 46.37 -39.59
N GLY E 70 15.21 45.39 -40.49
CA GLY E 70 14.39 45.37 -41.72
C GLY E 70 12.91 45.27 -41.43
N ALA E 71 12.14 46.28 -41.84
CA ALA E 71 10.67 46.33 -41.75
C ALA E 71 10.05 45.19 -42.57
N THR E 72 10.50 45.01 -43.82
CA THR E 72 9.85 44.11 -44.81
C THR E 72 9.79 42.67 -44.30
N PRO E 73 10.89 42.04 -43.85
CA PRO E 73 10.84 40.64 -43.43
C PRO E 73 9.93 40.43 -42.21
N ALA E 74 9.72 41.48 -41.41
CA ALA E 74 8.85 41.46 -40.21
C ALA E 74 7.36 41.65 -40.57
N ALA E 75 7.05 41.93 -41.83
CA ALA E 75 5.67 42.30 -42.26
C ALA E 75 4.90 41.06 -42.71
N GLY E 76 3.59 41.07 -42.59
CA GLY E 76 2.72 39.91 -42.83
C GLY E 76 2.78 39.42 -44.27
N ALA E 77 2.35 40.24 -45.23
CA ALA E 77 1.93 41.62 -45.02
C ALA E 77 0.57 41.86 -45.69
N MET E 78 -0.21 42.78 -45.13
CA MET E 78 -1.51 43.20 -45.68
C MET E 78 -1.30 44.18 -46.85
N LEU E 79 -2.06 44.02 -47.92
CA LEU E 79 -2.17 45.03 -49.00
C LEU E 79 -3.24 46.04 -48.58
N GLY E 80 -2.90 46.87 -47.59
CA GLY E 80 -3.87 47.71 -46.86
C GLY E 80 -4.12 49.03 -47.57
N ALA E 81 -5.39 49.23 -47.96
CA ALA E 81 -5.95 50.50 -48.47
C ALA E 81 -7.10 50.95 -47.56
N PHE E 82 -8.27 50.30 -47.67
CA PHE E 82 -9.48 50.59 -46.86
C PHE E 82 -9.24 50.17 -45.39
N GLY E 83 -8.55 49.06 -45.15
CA GLY E 83 -8.17 48.59 -43.79
C GLY E 83 -7.38 49.63 -43.01
N GLU E 84 -6.61 50.48 -43.71
CA GLU E 84 -5.72 51.50 -43.10
C GLU E 84 -6.48 52.81 -42.85
N VAL E 85 -7.75 52.88 -43.22
CA VAL E 85 -8.58 54.11 -43.04
C VAL E 85 -8.82 54.35 -41.56
N THR E 86 -8.51 55.56 -41.08
CA THR E 86 -8.88 56.08 -39.75
C THR E 86 -9.60 57.41 -39.92
N ALA E 87 -10.50 57.78 -39.00
CA ALA E 87 -11.10 59.13 -38.92
C ALA E 87 -9.99 60.21 -38.89
N HIS E 88 -8.92 60.05 -38.10
CA HIS E 88 -7.83 61.08 -37.96
C HIS E 88 -7.08 61.28 -39.28
N ALA E 89 -6.86 60.22 -40.05
CA ALA E 89 -6.20 60.26 -41.38
C ALA E 89 -7.09 61.03 -42.36
N LEU E 90 -8.38 60.68 -42.46
CA LEU E 90 -9.37 61.30 -43.37
C LEU E 90 -9.84 62.69 -42.86
N ALA E 91 -9.01 63.38 -42.09
CA ALA E 91 -9.01 64.85 -41.87
C ALA E 91 -8.30 65.69 -42.98
N SER E 92 -9.16 66.16 -43.86
CA SER E 92 -8.91 67.12 -44.97
C SER E 92 -8.18 66.40 -46.12
N GLU E 93 -7.47 67.18 -46.93
CA GLU E 93 -6.89 66.70 -48.21
C GLU E 93 -5.74 65.74 -47.88
N HIS E 94 -4.76 66.16 -47.10
CA HIS E 94 -3.41 65.50 -46.96
C HIS E 94 -3.57 63.99 -46.73
N GLY E 95 -4.48 63.60 -45.86
CA GLY E 95 -4.65 62.17 -45.51
C GLY E 95 -5.53 61.45 -46.51
N ARG E 96 -6.53 62.14 -47.07
CA ARG E 96 -7.39 61.57 -48.17
C ARG E 96 -6.55 61.42 -49.44
N LYS E 97 -5.49 62.19 -49.67
CA LYS E 97 -4.52 62.02 -50.78
C LYS E 97 -3.76 60.69 -50.60
N LYS E 98 -3.17 60.47 -49.43
CA LYS E 98 -2.46 59.20 -49.07
C LYS E 98 -3.41 58.02 -49.32
N HIS E 99 -4.67 58.13 -48.91
CA HIS E 99 -5.69 57.06 -49.09
C HIS E 99 -5.88 56.78 -50.59
N ALA E 100 -5.95 57.83 -51.43
CA ALA E 100 -6.21 57.71 -52.88
C ALA E 100 -5.06 56.97 -53.55
N LEU E 101 -3.82 57.29 -53.20
CA LEU E 101 -2.59 56.60 -53.71
C LEU E 101 -2.69 55.10 -53.38
N ALA E 102 -3.11 54.74 -52.17
CA ALA E 102 -3.19 53.34 -51.70
C ALA E 102 -4.22 52.57 -52.56
N VAL E 103 -5.32 53.21 -52.93
CA VAL E 103 -6.33 52.57 -53.82
C VAL E 103 -5.68 52.34 -55.19
N GLN E 104 -4.92 53.32 -55.68
CA GLN E 104 -4.19 53.26 -56.99
C GLN E 104 -3.20 52.09 -56.95
N ALA E 105 -2.38 52.01 -55.90
CA ALA E 105 -1.37 50.94 -55.72
C ALA E 105 -2.04 49.56 -55.76
N GLN E 106 -3.23 49.39 -55.17
CA GLN E 106 -3.97 48.09 -55.13
C GLN E 106 -4.18 47.55 -56.56
N ARG E 107 -4.36 48.42 -57.55
CA ARG E 107 -4.72 48.05 -58.94
C ARG E 107 -3.47 47.51 -59.67
N LEU E 108 -2.27 47.84 -59.19
CA LEU E 108 -0.99 47.39 -59.80
C LEU E 108 -0.59 45.99 -59.29
N TRP E 109 -1.16 45.50 -58.19
CA TRP E 109 -0.60 44.30 -57.50
C TRP E 109 -0.77 43.05 -58.35
N PRO E 110 -1.95 42.76 -58.95
CA PRO E 110 -2.12 41.54 -59.74
C PRO E 110 -1.05 41.36 -60.85
N GLU E 111 -0.78 42.40 -61.64
CA GLU E 111 0.22 42.34 -62.76
C GLU E 111 1.63 42.26 -62.19
N TRP E 112 1.92 43.02 -61.13
CA TRP E 112 3.27 43.10 -60.48
C TRP E 112 3.66 41.72 -59.96
N ILE E 113 2.73 41.05 -59.27
CA ILE E 113 2.92 39.66 -58.74
C ILE E 113 3.20 38.73 -59.92
N GLU E 114 2.36 38.75 -60.96
CA GLU E 114 2.47 37.87 -62.16
C GLU E 114 3.85 38.07 -62.80
N SER E 115 4.31 39.33 -62.90
CA SER E 115 5.61 39.70 -63.51
C SER E 115 6.77 39.22 -62.64
N LEU E 116 6.57 39.06 -61.32
CA LEU E 116 7.65 38.59 -60.40
C LEU E 116 7.63 37.06 -60.32
N GLU E 117 6.44 36.43 -60.27
CA GLU E 117 6.31 34.95 -60.21
C GLU E 117 6.83 34.32 -61.52
N ALA E 118 6.72 35.02 -62.66
CA ALA E 118 7.07 34.54 -64.01
C ALA E 118 8.58 34.24 -64.14
N THR E 119 9.42 34.85 -63.32
CA THR E 119 10.90 34.65 -63.34
C THR E 119 11.31 33.44 -62.49
N GLY E 120 10.36 32.76 -61.85
CA GLY E 120 10.62 31.56 -61.03
C GLY E 120 9.75 30.39 -61.47
N THR E 121 9.67 29.34 -60.64
CA THR E 121 8.93 28.08 -60.90
C THR E 121 8.01 27.76 -59.72
N ALA E 122 7.19 26.71 -59.86
CA ALA E 122 6.21 26.23 -58.86
C ALA E 122 6.82 26.16 -57.44
N ALA E 123 8.05 25.69 -57.31
CA ALA E 123 8.69 25.37 -56.01
C ALA E 123 9.06 26.65 -55.21
N ASP E 124 9.03 27.82 -55.84
CA ASP E 124 9.41 29.12 -55.21
C ASP E 124 8.25 29.66 -54.36
N GLY E 125 7.06 29.10 -54.53
CA GLY E 125 5.86 29.41 -53.74
C GLY E 125 5.10 30.62 -54.26
N ARG E 126 3.91 30.86 -53.73
CA ARG E 126 2.99 31.94 -54.18
C ARG E 126 3.23 33.20 -53.34
N ILE E 127 3.33 34.36 -54.00
CA ILE E 127 3.45 35.68 -53.33
C ILE E 127 2.11 36.01 -52.66
N LYS E 128 1.00 35.83 -53.36
CA LYS E 128 -0.35 36.18 -52.84
C LYS E 128 -0.77 35.10 -51.86
N THR E 129 -1.23 35.51 -50.67
CA THR E 129 -1.60 34.61 -49.55
C THR E 129 -3.11 34.71 -49.26
N ALA E 130 -3.78 35.79 -49.65
CA ALA E 130 -5.25 35.94 -49.55
C ALA E 130 -5.76 37.08 -50.45
N ASP E 131 -7.01 36.98 -50.91
CA ASP E 131 -7.62 37.97 -51.84
C ASP E 131 -8.44 38.98 -51.04
N ASP E 132 -8.98 38.58 -49.89
CA ASP E 132 -9.99 39.36 -49.12
C ASP E 132 -9.55 39.58 -47.66
N THR E 133 -10.19 40.55 -47.00
CA THR E 133 -9.92 41.00 -45.61
C THR E 133 -11.25 41.07 -44.86
N VAL E 134 -11.30 40.62 -43.60
CA VAL E 134 -12.44 40.89 -42.68
C VAL E 134 -11.93 41.83 -41.57
N VAL E 135 -12.56 42.98 -41.42
CA VAL E 135 -12.31 43.95 -40.32
C VAL E 135 -13.30 43.63 -39.20
N LEU E 136 -12.78 43.42 -38.00
CA LEU E 136 -13.60 43.03 -36.82
C LEU E 136 -13.69 44.23 -35.87
N LEU E 137 -14.85 44.45 -35.27
CA LEU E 137 -15.02 45.44 -34.19
C LEU E 137 -15.37 44.71 -32.90
N ASN E 138 -14.49 44.83 -31.90
CA ASN E 138 -14.69 44.29 -30.53
C ASN E 138 -14.54 45.47 -29.56
N THR E 139 -14.73 45.23 -28.26
CA THR E 139 -14.74 46.31 -27.25
C THR E 139 -13.41 46.34 -26.49
N VAL E 140 -12.39 45.65 -27.00
CA VAL E 140 -11.07 45.57 -26.32
C VAL E 140 -10.24 46.75 -26.83
N GLY E 141 -10.69 47.96 -26.54
CA GLY E 141 -10.08 49.17 -27.10
C GLY E 141 -10.92 50.39 -26.81
N HIS E 142 -10.42 51.56 -27.21
CA HIS E 142 -11.05 52.88 -26.97
C HIS E 142 -12.16 53.05 -28.00
N SER E 143 -13.36 53.48 -27.56
CA SER E 143 -14.49 53.87 -28.44
C SER E 143 -14.04 55.00 -29.38
N ALA E 144 -13.25 55.94 -28.87
CA ALA E 144 -12.86 57.17 -29.62
C ALA E 144 -11.95 56.81 -30.81
N LEU E 145 -11.29 55.65 -30.79
CA LEU E 145 -10.54 55.14 -31.97
C LEU E 145 -11.39 54.09 -32.72
N ASP E 146 -11.68 52.94 -32.10
CA ASP E 146 -12.22 51.76 -32.81
C ASP E 146 -13.62 52.05 -33.40
N ASP E 147 -14.51 52.73 -32.67
CA ASP E 147 -15.89 53.02 -33.16
C ASP E 147 -15.80 54.03 -34.32
N ALA E 148 -15.08 55.12 -34.14
CA ALA E 148 -14.90 56.17 -35.16
C ALA E 148 -14.27 55.55 -36.42
N ASN E 149 -13.27 54.68 -36.25
CA ASN E 149 -12.45 54.12 -37.36
C ASN E 149 -13.27 53.07 -38.10
N PHE E 150 -14.19 52.36 -37.45
CA PHE E 150 -15.05 51.36 -38.13
C PHE E 150 -16.00 52.11 -39.07
N ALA E 151 -16.61 53.19 -38.57
CA ALA E 151 -17.51 54.07 -39.34
C ALA E 151 -16.73 54.69 -40.52
N ALA E 152 -15.54 55.23 -40.29
CA ALA E 152 -14.68 55.87 -41.32
C ALA E 152 -14.39 54.87 -42.46
N VAL E 153 -14.11 53.61 -42.12
CA VAL E 153 -13.79 52.54 -43.10
C VAL E 153 -15.05 52.27 -43.95
N LEU E 154 -16.19 52.07 -43.30
CA LEU E 154 -17.49 51.78 -43.95
C LEU E 154 -17.85 52.92 -44.92
N THR E 155 -17.64 54.17 -44.48
CA THR E 155 -17.91 55.40 -45.25
C THR E 155 -16.99 55.45 -46.48
N ALA E 156 -15.70 55.18 -46.30
CA ALA E 156 -14.68 55.28 -47.38
C ALA E 156 -14.93 54.21 -48.45
N LEU E 157 -15.39 53.02 -48.05
CA LEU E 157 -15.77 51.91 -48.99
C LEU E 157 -16.96 52.34 -49.85
N LYS E 158 -17.98 52.95 -49.25
CA LYS E 158 -19.19 53.43 -49.97
C LYS E 158 -18.81 54.57 -50.95
N GLU E 159 -18.04 55.56 -50.50
CA GLU E 159 -17.58 56.72 -51.31
C GLU E 159 -16.81 56.25 -52.56
N ALA E 160 -15.95 55.24 -52.44
CA ALA E 160 -15.14 54.71 -53.56
C ALA E 160 -15.90 53.62 -54.33
N ASN E 161 -17.12 53.31 -53.93
CA ASN E 161 -17.98 52.28 -54.59
C ASN E 161 -17.24 50.93 -54.65
N ALA E 162 -16.39 50.66 -53.64
CA ALA E 162 -15.59 49.42 -53.52
C ALA E 162 -16.51 48.28 -53.13
N PRO E 163 -16.28 47.04 -53.61
CA PRO E 163 -17.12 45.91 -53.24
C PRO E 163 -16.80 45.45 -51.79
N HIS E 164 -17.84 45.27 -50.99
CA HIS E 164 -17.75 45.01 -49.53
C HIS E 164 -19.14 44.66 -49.01
N GLU E 165 -19.20 44.10 -47.81
CA GLU E 165 -20.47 43.73 -47.16
C GLU E 165 -20.23 43.71 -45.64
N GLU E 166 -21.07 44.38 -44.88
CA GLU E 166 -21.17 44.17 -43.41
C GLU E 166 -21.87 42.82 -43.23
N ILE E 167 -21.24 41.91 -42.48
CA ILE E 167 -21.69 40.49 -42.37
C ILE E 167 -21.95 40.17 -40.90
N ALA E 168 -22.82 39.19 -40.65
CA ALA E 168 -23.02 38.62 -39.31
C ALA E 168 -21.67 38.05 -38.85
N VAL E 169 -21.28 38.31 -37.60
CA VAL E 169 -20.03 37.78 -37.02
C VAL E 169 -20.07 36.25 -37.05
N GLU E 170 -21.26 35.67 -36.83
CA GLU E 170 -21.49 34.19 -36.84
C GLU E 170 -20.98 33.59 -38.17
N SER E 171 -21.02 34.38 -39.26
CA SER E 171 -20.65 33.92 -40.63
C SER E 171 -19.15 34.06 -40.89
N VAL E 172 -18.35 34.65 -39.98
CA VAL E 172 -16.87 34.71 -40.16
C VAL E 172 -16.29 33.33 -39.83
N ASP E 173 -15.63 32.72 -40.81
CA ASP E 173 -15.07 31.36 -40.71
C ASP E 173 -13.86 31.40 -39.78
N TRP E 174 -13.63 30.30 -39.08
CA TRP E 174 -12.34 29.92 -38.44
C TRP E 174 -12.23 30.53 -37.03
N ILE E 175 -12.47 31.83 -36.87
CA ILE E 175 -12.25 32.57 -35.59
C ILE E 175 -12.97 31.84 -34.45
N ASP E 176 -12.33 31.81 -33.28
CA ASP E 176 -12.88 31.23 -32.04
C ASP E 176 -12.41 32.11 -30.88
N PRO E 177 -12.90 33.37 -30.81
CA PRO E 177 -12.45 34.30 -29.76
C PRO E 177 -13.03 33.90 -28.39
N ASP E 178 -12.40 34.39 -27.33
CA ASP E 178 -12.97 34.52 -25.98
C ASP E 178 -14.26 35.34 -26.08
N PRO E 179 -15.43 34.82 -25.69
CA PRO E 179 -16.67 35.59 -25.74
C PRO E 179 -16.56 37.00 -25.14
N ASN E 180 -15.77 37.21 -24.09
CA ASN E 180 -15.64 38.56 -23.47
C ASN E 180 -14.81 39.49 -24.36
N SER E 181 -14.08 38.95 -25.34
CA SER E 181 -13.25 39.74 -26.29
C SER E 181 -13.78 39.65 -27.73
N ARG E 182 -14.99 39.14 -27.95
CA ARG E 182 -15.47 38.75 -29.31
C ARG E 182 -15.87 39.99 -30.10
N PRO E 183 -15.92 39.89 -31.44
CA PRO E 183 -16.42 40.97 -32.27
C PRO E 183 -17.95 40.91 -32.32
N LEU E 184 -18.62 42.06 -32.42
CA LEU E 184 -20.09 42.18 -32.53
C LEU E 184 -20.47 42.73 -33.91
N ARG E 185 -19.49 43.24 -34.67
CA ARG E 185 -19.67 43.65 -36.08
C ARG E 185 -18.44 43.21 -36.87
N ALA E 186 -18.67 42.82 -38.14
CA ALA E 186 -17.63 42.37 -39.08
C ALA E 186 -17.92 42.98 -40.45
N LEU E 187 -16.86 43.19 -41.21
CA LEU E 187 -16.87 43.89 -42.51
C LEU E 187 -15.96 43.11 -43.47
N HIS E 188 -16.55 42.45 -44.47
CA HIS E 188 -15.84 41.72 -45.57
C HIS E 188 -15.47 42.72 -46.67
N ILE E 189 -14.18 42.88 -46.95
CA ILE E 189 -13.67 43.75 -48.06
C ILE E 189 -13.12 42.85 -49.18
N GLU E 190 -13.71 42.89 -50.37
CA GLU E 190 -13.24 42.11 -51.55
C GLU E 190 -12.04 42.79 -52.21
N GLY E 191 -11.01 42.02 -52.58
CA GLY E 191 -9.88 42.51 -53.39
C GLY E 191 -8.86 43.26 -52.57
N GLU E 192 -8.98 43.21 -51.23
CA GLU E 192 -7.96 43.70 -50.28
C GLU E 192 -7.37 42.48 -49.57
N GLY E 193 -6.14 42.12 -49.93
CA GLY E 193 -5.56 40.82 -49.54
C GLY E 193 -4.21 40.95 -48.86
N SER E 194 -3.38 39.92 -49.01
CA SER E 194 -2.07 39.82 -48.34
C SER E 194 -1.08 39.10 -49.24
N VAL E 195 0.20 39.38 -49.01
CA VAL E 195 1.35 38.69 -49.64
C VAL E 195 2.20 38.11 -48.51
N ASP E 196 2.95 37.05 -48.81
CA ASP E 196 4.05 36.53 -47.97
C ASP E 196 5.27 37.43 -48.22
N SER E 197 5.66 38.25 -47.25
CA SER E 197 6.74 39.26 -47.39
C SER E 197 8.05 38.56 -47.73
N GLY E 198 8.27 37.34 -47.23
CA GLY E 198 9.53 36.58 -47.44
C GLY E 198 9.63 36.11 -48.89
N ILE E 199 8.54 35.57 -49.43
CA ILE E 199 8.46 35.07 -50.82
C ILE E 199 8.52 36.25 -51.76
N LEU E 200 7.91 37.39 -51.40
CA LEU E 200 8.00 38.65 -52.20
C LEU E 200 9.46 39.07 -52.31
N LEU E 201 10.20 39.10 -51.21
CA LEU E 201 11.63 39.52 -51.21
C LEU E 201 12.43 38.59 -52.12
N ALA E 202 12.25 37.27 -51.99
CA ALA E 202 12.93 36.24 -52.80
C ALA E 202 12.62 36.46 -54.29
N ALA E 203 11.36 36.77 -54.64
CA ALA E 203 10.90 36.99 -56.01
C ALA E 203 11.50 38.28 -56.59
N LEU E 204 11.58 39.35 -55.78
CA LEU E 204 12.19 40.65 -56.18
C LEU E 204 13.67 40.43 -56.49
N GLU E 205 14.41 39.76 -55.59
CA GLU E 205 15.86 39.47 -55.78
C GLU E 205 16.05 38.70 -57.09
N ARG E 206 15.37 37.57 -57.24
CA ARG E 206 15.42 36.70 -58.44
C ARG E 206 15.12 37.52 -59.69
N SER E 207 14.06 38.34 -59.65
CA SER E 207 13.60 39.16 -60.80
C SER E 207 14.64 40.25 -61.11
N PHE E 208 15.36 40.73 -60.09
CA PHE E 208 16.41 41.76 -60.23
C PHE E 208 17.60 41.17 -61.00
N LEU E 209 18.09 40.00 -60.58
CA LEU E 209 19.23 39.29 -61.23
C LEU E 209 18.85 38.98 -62.68
N GLN E 210 17.64 38.49 -62.92
CA GLN E 210 17.15 38.07 -64.25
C GLN E 210 17.19 39.27 -65.22
N ALA E 211 16.86 40.47 -64.75
CA ALA E 211 16.81 41.70 -65.58
C ALA E 211 18.20 42.35 -65.65
N GLY E 212 19.22 41.74 -65.05
CA GLY E 212 20.63 42.15 -65.24
C GLY E 212 21.17 42.99 -64.10
N GLY E 213 20.46 43.08 -62.98
CA GLY E 213 20.96 43.80 -61.79
C GLY E 213 22.04 43.01 -61.08
N ARG E 214 22.87 43.68 -60.29
CA ARG E 214 23.94 43.01 -59.51
C ARG E 214 23.70 43.27 -58.01
N LEU E 215 23.58 42.19 -57.23
CA LEU E 215 23.49 42.23 -55.75
C LEU E 215 24.90 42.22 -55.16
N HIS E 216 25.27 43.28 -54.43
CA HIS E 216 26.57 43.39 -53.73
C HIS E 216 26.28 43.46 -52.23
N PRO E 217 26.40 42.32 -51.48
CA PRO E 217 25.94 42.24 -50.10
C PRO E 217 26.88 42.92 -49.09
N VAL E 218 26.99 44.24 -49.19
CA VAL E 218 27.66 45.13 -48.20
C VAL E 218 26.71 46.30 -47.89
N ASP E 219 27.04 47.09 -46.87
CA ASP E 219 26.30 48.30 -46.49
C ASP E 219 27.09 49.53 -46.96
N ALA E 220 26.39 50.58 -47.41
CA ALA E 220 26.94 51.94 -47.61
C ALA E 220 27.28 52.53 -46.25
N THR E 221 28.48 53.10 -46.08
CA THR E 221 28.86 53.89 -44.88
C THR E 221 28.74 55.38 -45.18
N GLU E 222 28.94 55.80 -46.43
CA GLU E 222 29.07 57.23 -46.81
C GLU E 222 28.69 57.41 -48.28
N ILE E 223 27.94 58.47 -48.60
CA ILE E 223 27.66 58.91 -49.99
C ILE E 223 28.68 59.99 -50.34
N ARG E 224 29.36 59.85 -51.49
CA ARG E 224 30.37 60.83 -51.96
C ARG E 224 29.72 61.80 -52.95
N ALA E 225 29.89 63.09 -52.68
CA ALA E 225 29.42 64.18 -53.56
C ALA E 225 30.42 65.34 -53.49
N SER E 226 30.65 65.98 -54.64
CA SER E 226 31.41 67.25 -54.77
C SER E 226 30.85 68.01 -55.98
N HIS E 227 30.93 69.34 -55.95
CA HIS E 227 30.37 70.24 -56.98
C HIS E 227 28.90 69.87 -57.21
N GLY E 228 28.15 69.60 -56.12
CA GLY E 228 26.69 69.35 -56.11
C GLY E 228 26.26 68.15 -56.95
N ARG E 229 27.06 67.08 -56.99
CA ARG E 229 26.80 65.88 -57.85
C ARG E 229 27.29 64.62 -57.12
N VAL E 230 26.54 63.52 -57.22
CA VAL E 230 26.94 62.20 -56.62
C VAL E 230 28.10 61.64 -57.45
N GLU E 231 29.16 61.20 -56.75
CA GLU E 231 30.32 60.46 -57.33
C GLU E 231 30.10 58.97 -57.12
N GLY E 232 29.57 58.59 -55.96
CA GLY E 232 29.19 57.20 -55.65
C GLY E 232 29.09 56.97 -54.14
N VAL E 233 29.53 55.79 -53.70
CA VAL E 233 29.22 55.22 -52.34
C VAL E 233 30.44 54.46 -51.81
N VAL E 234 30.95 54.85 -50.65
CA VAL E 234 31.96 54.10 -49.84
C VAL E 234 31.20 53.01 -49.07
N THR E 235 31.65 51.76 -49.16
CA THR E 235 31.01 50.57 -48.53
C THR E 235 31.75 50.19 -47.24
N ASP E 236 31.15 49.32 -46.43
CA ASP E 236 31.61 49.01 -45.04
C ASP E 236 32.75 47.97 -45.05
N ASP E 237 33.22 47.55 -46.24
CA ASP E 237 34.47 46.74 -46.37
C ASP E 237 35.62 47.62 -46.92
N GLY E 238 35.47 48.96 -46.90
CA GLY E 238 36.53 49.93 -47.25
C GLY E 238 36.51 50.37 -48.71
N ASP E 239 35.77 49.66 -49.58
CA ASP E 239 35.76 49.84 -51.05
C ASP E 239 35.06 51.17 -51.40
N PHE E 240 35.13 51.61 -52.66
CA PHE E 240 34.35 52.73 -53.24
C PHE E 240 33.73 52.30 -54.57
N LEU E 241 32.40 52.40 -54.70
CA LEU E 241 31.67 52.13 -55.97
C LEU E 241 31.26 53.46 -56.60
N PRO E 242 31.66 53.74 -57.86
CA PRO E 242 31.26 54.98 -58.52
C PRO E 242 29.86 54.86 -59.13
N ALA E 243 29.16 55.99 -59.29
CA ALA E 243 27.82 56.07 -59.91
C ALA E 243 27.43 57.52 -60.18
N GLY E 244 26.60 57.73 -61.21
CA GLY E 244 25.94 59.01 -61.50
C GLY E 244 24.58 59.12 -60.82
N HIS E 245 24.05 58.01 -60.31
CA HIS E 245 22.74 57.93 -59.62
C HIS E 245 22.87 57.05 -58.37
N VAL E 246 22.41 57.57 -57.22
CA VAL E 246 22.30 56.84 -55.92
C VAL E 246 20.87 57.02 -55.39
N VAL E 247 20.12 55.93 -55.27
CA VAL E 247 18.75 55.88 -54.69
C VAL E 247 18.89 55.36 -53.26
N VAL E 248 18.55 56.17 -52.26
CA VAL E 248 18.61 55.77 -50.82
C VAL E 248 17.24 55.22 -50.43
N ALA E 249 17.18 53.91 -50.15
CA ALA E 249 15.99 53.15 -49.70
C ALA E 249 16.43 52.23 -48.57
N ALA E 250 17.10 52.80 -47.58
CA ALA E 250 17.72 52.09 -46.44
C ALA E 250 16.78 52.13 -45.23
N GLY E 251 15.47 52.11 -45.47
CA GLY E 251 14.46 52.19 -44.39
C GLY E 251 14.84 53.27 -43.40
N ALA E 252 14.84 52.94 -42.10
CA ALA E 252 15.00 53.92 -41.00
C ALA E 252 16.41 54.53 -40.98
N ARG E 253 17.36 54.03 -41.77
CA ARG E 253 18.77 54.53 -41.80
C ARG E 253 18.94 55.59 -42.90
N SER E 254 17.89 55.83 -43.70
CA SER E 254 17.95 56.62 -44.97
C SER E 254 18.40 58.07 -44.72
N GLN E 255 17.77 58.78 -43.79
CA GLN E 255 18.11 60.19 -43.49
C GLN E 255 19.51 60.28 -42.89
N ARG E 256 19.82 59.45 -41.89
CA ARG E 256 21.15 59.46 -41.19
C ARG E 256 22.27 59.37 -42.24
N LEU E 257 22.00 58.71 -43.37
CA LEU E 257 23.01 58.47 -44.44
C LEU E 257 23.21 59.74 -45.27
N VAL E 258 22.12 60.41 -45.65
CA VAL E 258 22.12 61.61 -46.55
C VAL E 258 22.47 62.87 -45.74
N ALA E 259 22.21 62.88 -44.43
CA ALA E 259 22.38 64.05 -43.53
C ALA E 259 23.85 64.44 -43.38
N ALA E 260 24.78 63.53 -43.68
CA ALA E 260 26.25 63.73 -43.56
C ALA E 260 26.75 64.70 -44.63
N LEU E 261 26.04 64.81 -45.77
CA LEU E 261 26.35 65.76 -46.87
C LEU E 261 26.09 67.19 -46.41
N PRO E 262 26.77 68.22 -46.98
CA PRO E 262 26.70 69.60 -46.48
C PRO E 262 25.30 70.23 -46.48
N GLY E 263 24.89 70.82 -45.35
CA GLY E 263 23.62 71.55 -45.18
C GLY E 263 22.42 70.64 -44.94
N LEU E 264 22.49 69.38 -45.37
CA LEU E 264 21.33 68.45 -45.52
C LEU E 264 20.82 67.95 -44.16
N ALA E 265 21.59 68.16 -43.09
CA ALA E 265 21.24 67.72 -41.71
C ALA E 265 19.88 68.30 -41.31
N HIS E 266 19.55 69.50 -41.79
CA HIS E 266 18.32 70.25 -41.42
C HIS E 266 17.43 70.47 -42.65
N ARG E 267 17.69 69.78 -43.76
CA ARG E 267 16.92 69.96 -45.03
C ARG E 267 16.22 68.65 -45.42
N ILE E 268 16.71 67.52 -44.92
CA ILE E 268 16.04 66.19 -45.03
C ILE E 268 15.43 65.88 -43.67
N PRO E 269 14.09 65.82 -43.55
CA PRO E 269 13.44 65.50 -42.27
C PRO E 269 13.95 64.17 -41.71
N ARG E 270 14.16 64.12 -40.40
CA ARG E 270 14.61 62.91 -39.69
C ARG E 270 13.58 61.78 -39.88
N ILE E 271 14.10 60.56 -39.95
CA ILE E 271 13.33 59.30 -39.94
C ILE E 271 13.76 58.56 -38.68
N TYR E 272 12.80 58.18 -37.83
CA TYR E 272 13.04 57.36 -36.62
C TYR E 272 12.55 55.93 -36.89
N ASP E 273 12.84 55.04 -35.93
CA ASP E 273 12.46 53.59 -35.97
C ASP E 273 11.10 53.38 -35.32
N GLY E 274 10.09 53.04 -36.13
CA GLY E 274 8.80 52.52 -35.65
C GLY E 274 8.89 51.02 -35.43
N VAL E 275 9.44 50.63 -34.29
CA VAL E 275 9.79 49.22 -33.98
C VAL E 275 8.49 48.42 -33.89
N GLY E 276 8.46 47.31 -34.61
CA GLY E 276 7.27 46.46 -34.78
C GLY E 276 7.62 45.02 -34.49
N VAL E 277 6.79 44.38 -33.68
CA VAL E 277 6.95 42.95 -33.32
C VAL E 277 5.79 42.19 -33.95
N SER E 278 6.10 41.07 -34.55
CA SER E 278 5.11 40.13 -35.13
C SER E 278 5.61 38.71 -34.81
N ALA E 279 4.84 37.69 -35.16
CA ALA E 279 5.21 36.30 -34.84
C ALA E 279 4.68 35.35 -35.91
N LEU E 280 5.45 34.31 -36.18
CA LEU E 280 5.02 33.14 -36.98
C LEU E 280 4.62 32.04 -36.00
N VAL E 281 3.44 31.48 -36.21
CA VAL E 281 2.83 30.47 -35.32
C VAL E 281 2.40 29.28 -36.17
N ASP E 282 2.80 28.07 -35.75
CA ASP E 282 2.32 26.80 -36.33
C ASP E 282 1.04 26.42 -35.60
N THR E 283 -0.10 26.51 -36.29
CA THR E 283 -1.43 26.33 -35.66
C THR E 283 -1.54 24.89 -35.16
N TRP E 284 -2.20 24.71 -34.02
CA TRP E 284 -2.48 23.42 -33.34
C TRP E 284 -2.89 22.33 -34.34
N ASP E 285 -3.70 22.63 -35.36
CA ASP E 285 -4.30 21.64 -36.30
C ASP E 285 -3.86 21.93 -37.75
N GLY E 286 -2.90 22.82 -37.96
CA GLY E 286 -2.39 23.15 -39.30
C GLY E 286 -3.33 24.04 -40.11
N SER E 287 -4.49 24.45 -39.57
CA SER E 287 -5.50 25.29 -40.27
C SER E 287 -5.09 26.76 -40.24
N GLY E 288 -5.81 27.57 -41.02
CA GLY E 288 -5.64 29.03 -41.12
C GLY E 288 -6.91 29.67 -41.71
N PRO E 289 -7.13 30.98 -41.51
CA PRO E 289 -8.29 31.63 -42.11
C PRO E 289 -8.03 31.82 -43.62
N ALA E 290 -9.10 31.90 -44.41
CA ALA E 290 -9.01 32.08 -45.89
C ALA E 290 -8.74 33.55 -46.19
N THR E 291 -9.21 34.45 -45.34
CA THR E 291 -9.00 35.92 -45.49
C THR E 291 -8.01 36.45 -44.45
N VAL E 292 -7.52 37.66 -44.69
CA VAL E 292 -6.89 38.49 -43.63
C VAL E 292 -7.98 38.74 -42.59
N LEU E 293 -7.59 38.71 -41.31
CA LEU E 293 -8.43 39.13 -40.16
C LEU E 293 -7.72 40.32 -39.52
N ARG E 294 -8.40 41.45 -39.34
CA ARG E 294 -7.77 42.63 -38.70
C ARG E 294 -8.79 43.47 -37.95
N THR E 295 -8.29 44.28 -37.02
CA THR E 295 -8.99 45.45 -36.46
C THR E 295 -8.60 46.68 -37.26
N SER E 296 -9.30 47.79 -37.05
CA SER E 296 -8.84 49.15 -37.41
C SER E 296 -7.51 49.42 -36.69
N ASN E 297 -6.79 50.45 -37.12
CA ASN E 297 -5.53 50.89 -36.46
C ASN E 297 -5.87 51.38 -35.05
N ARG E 298 -4.98 51.10 -34.11
CA ARG E 298 -5.19 51.28 -32.65
C ARG E 298 -4.07 52.19 -32.09
N ALA E 299 -3.90 52.20 -30.77
CA ALA E 299 -3.05 53.19 -30.06
C ALA E 299 -1.71 53.31 -30.77
N PHE E 300 -1.34 54.54 -31.14
CA PHE E 300 0.00 54.90 -31.69
C PHE E 300 0.32 53.99 -32.89
N ALA E 301 -0.68 53.75 -33.73
CA ALA E 301 -0.57 53.08 -35.05
C ALA E 301 -0.10 51.62 -34.88
N CYS E 302 -0.38 50.98 -33.75
CA CYS E 302 -0.34 49.50 -33.62
C CYS E 302 -1.64 48.94 -34.21
N GLY E 303 -1.88 47.64 -34.14
CA GLY E 303 -3.12 47.01 -34.62
C GLY E 303 -3.02 45.51 -34.52
N LEU E 304 -4.14 44.80 -34.54
CA LEU E 304 -4.15 43.32 -34.44
C LEU E 304 -4.58 42.78 -35.79
N HIS E 305 -3.75 41.92 -36.37
CA HIS E 305 -4.12 41.21 -37.61
C HIS E 305 -3.46 39.84 -37.65
N LEU E 306 -4.09 38.99 -38.42
CA LEU E 306 -3.63 37.64 -38.76
C LEU E 306 -3.60 37.58 -40.30
N VAL E 307 -2.42 37.36 -40.87
CA VAL E 307 -2.22 37.18 -42.33
C VAL E 307 -1.98 35.70 -42.56
N PRO E 308 -2.75 35.03 -43.45
CA PRO E 308 -2.53 33.63 -43.76
C PRO E 308 -1.16 33.39 -44.39
N ARG E 309 -0.65 32.19 -44.24
CA ARG E 309 0.62 31.69 -44.85
C ARG E 309 0.37 30.27 -45.31
N ALA E 310 1.22 29.75 -46.21
CA ALA E 310 1.20 28.34 -46.66
C ALA E 310 1.84 27.45 -45.57
N GLY E 311 1.41 26.19 -45.48
CA GLY E 311 2.12 25.11 -44.75
C GLY E 311 1.84 25.08 -43.25
N GLY E 312 0.63 25.44 -42.81
CA GLY E 312 0.20 25.27 -41.41
C GLY E 312 0.73 26.35 -40.49
N SER E 313 1.22 27.46 -41.06
CA SER E 313 1.70 28.65 -40.34
C SER E 313 0.65 29.77 -40.47
N VAL E 314 0.57 30.66 -39.48
CA VAL E 314 -0.08 32.00 -39.63
C VAL E 314 0.92 33.06 -39.16
N TYR E 315 0.81 34.27 -39.71
CA TYR E 315 1.48 35.50 -39.22
C TYR E 315 0.51 36.24 -38.29
N ILE E 316 0.99 36.66 -37.12
CA ILE E 316 0.21 37.58 -36.24
C ILE E 316 1.07 38.82 -36.00
N GLY E 317 0.42 39.99 -36.09
CA GLY E 317 1.06 41.28 -35.79
C GLY E 317 -0.01 42.28 -35.38
N ALA E 318 0.40 43.53 -35.12
CA ALA E 318 1.79 43.93 -35.06
C ALA E 318 1.88 45.15 -34.14
N THR E 319 2.87 45.20 -33.27
CA THR E 319 3.03 46.31 -32.30
C THR E 319 3.71 47.46 -33.04
N ASN E 320 3.66 48.65 -32.48
CA ASN E 320 4.41 49.81 -33.02
C ASN E 320 4.80 50.71 -31.86
N ALA E 321 6.06 51.09 -31.82
CA ALA E 321 6.58 52.05 -30.82
C ALA E 321 7.70 52.82 -31.50
N VAL E 322 7.55 54.14 -31.58
CA VAL E 322 8.62 54.99 -32.16
C VAL E 322 9.73 55.10 -31.11
N CYS E 323 10.95 54.71 -31.50
CA CYS E 323 12.18 54.76 -30.68
C CYS E 323 13.17 55.74 -31.33
N LEU E 324 13.83 56.53 -30.49
CA LEU E 324 14.80 57.56 -30.94
C LEU E 324 16.10 56.89 -31.33
N GLU E 325 16.38 55.70 -30.81
CA GLU E 325 17.54 54.86 -31.24
C GLU E 325 16.99 53.53 -31.75
N PRO E 326 17.67 52.87 -32.71
CA PRO E 326 17.21 51.58 -33.21
C PRO E 326 17.31 50.45 -32.16
N ARG E 327 16.51 49.41 -32.36
CA ARG E 327 16.38 48.27 -31.44
C ARG E 327 15.99 47.06 -32.30
N GLY E 328 16.70 45.95 -32.13
CA GLY E 328 16.60 44.77 -33.02
C GLY E 328 15.94 43.60 -32.34
N ALA E 329 15.54 43.77 -31.08
CA ALA E 329 14.91 42.72 -30.25
C ALA E 329 13.58 43.24 -29.69
N ALA E 330 12.58 42.36 -29.64
CA ALA E 330 11.27 42.62 -29.00
C ALA E 330 11.48 42.81 -27.50
N SER E 331 10.63 43.62 -26.88
CA SER E 331 10.49 43.72 -25.41
C SER E 331 9.51 42.63 -24.96
N ILE E 332 9.60 42.23 -23.70
CA ILE E 332 8.66 41.25 -23.09
C ILE E 332 7.25 41.80 -23.29
N GLU E 333 7.04 43.08 -22.99
CA GLU E 333 5.73 43.76 -23.01
C GLU E 333 5.05 43.58 -24.38
N GLU E 334 5.82 43.77 -25.46
CA GLU E 334 5.34 43.70 -26.87
C GLU E 334 4.91 42.28 -27.18
N THR E 335 5.71 41.28 -26.82
CA THR E 335 5.41 39.85 -27.12
C THR E 335 4.13 39.48 -26.38
N VAL E 336 4.04 39.83 -25.10
CA VAL E 336 2.86 39.47 -24.25
C VAL E 336 1.60 40.10 -24.86
N PHE E 337 1.67 41.40 -25.19
CA PHE E 337 0.51 42.18 -25.70
C PHE E 337 0.04 41.56 -27.02
N LEU E 338 0.96 41.35 -27.96
CA LEU E 338 0.66 40.70 -29.27
C LEU E 338 -0.02 39.34 -29.06
N PHE E 339 0.54 38.48 -28.20
CA PHE E 339 0.01 37.10 -28.00
C PHE E 339 -1.35 37.15 -27.26
N ASN E 340 -1.49 38.05 -26.28
CA ASN E 340 -2.76 38.17 -25.52
C ASN E 340 -3.88 38.61 -26.46
N CYS E 341 -3.63 39.60 -27.32
CA CYS E 341 -4.63 40.14 -28.27
C CYS E 341 -5.07 39.03 -29.25
N ALA E 342 -4.11 38.36 -29.89
CA ALA E 342 -4.38 37.31 -30.89
C ALA E 342 -5.18 36.15 -30.27
N THR E 343 -4.81 35.68 -29.07
CA THR E 343 -5.44 34.48 -28.46
C THR E 343 -6.87 34.80 -28.00
N HIS E 344 -7.15 36.02 -27.53
CA HIS E 344 -8.48 36.44 -27.00
C HIS E 344 -9.39 36.91 -28.15
N GLN E 345 -8.88 37.73 -29.07
CA GLN E 345 -9.71 38.48 -30.05
C GLN E 345 -9.89 37.70 -31.36
N LEU E 346 -8.97 36.81 -31.72
CA LEU E 346 -9.01 36.07 -33.01
C LEU E 346 -9.27 34.57 -32.78
N HIS E 347 -8.37 33.85 -32.11
CA HIS E 347 -8.52 32.38 -31.91
C HIS E 347 -7.82 31.88 -30.65
N ARG E 348 -8.59 31.32 -29.72
CA ARG E 348 -8.09 30.70 -28.46
C ARG E 348 -7.17 29.51 -28.77
N GLY E 349 -7.36 28.82 -29.89
CA GLY E 349 -6.48 27.72 -30.35
C GLY E 349 -5.03 28.15 -30.54
N LEU E 350 -4.77 29.45 -30.80
CA LEU E 350 -3.40 30.01 -30.92
C LEU E 350 -2.67 29.84 -29.57
N ASN E 351 -3.40 29.74 -28.47
CA ASN E 351 -2.82 29.61 -27.11
C ASN E 351 -1.99 28.32 -27.03
N GLY E 352 -2.51 27.23 -27.62
CA GLY E 352 -1.85 25.91 -27.59
C GLY E 352 -0.98 25.68 -28.80
N SER E 353 -0.85 26.68 -29.66
CA SER E 353 -0.06 26.59 -30.92
C SER E 353 1.40 26.92 -30.61
N GLU E 354 2.28 26.47 -31.49
CA GLU E 354 3.75 26.55 -31.31
C GLU E 354 4.26 27.85 -31.92
N LEU E 355 5.05 28.59 -31.13
CA LEU E 355 5.78 29.78 -31.57
C LEU E 355 7.00 29.35 -32.38
N ARG E 356 7.03 29.68 -33.68
CA ARG E 356 8.20 29.38 -34.56
C ARG E 356 9.20 30.52 -34.50
N LYS E 357 8.75 31.78 -34.44
CA LYS E 357 9.65 32.93 -34.68
C LYS E 357 8.98 34.21 -34.15
N VAL E 358 9.74 34.99 -33.39
CA VAL E 358 9.40 36.38 -33.02
C VAL E 358 10.21 37.29 -33.96
N GLN E 359 9.52 38.15 -34.72
CA GLN E 359 10.13 39.01 -35.74
C GLN E 359 10.11 40.44 -35.24
N VAL E 360 11.18 41.18 -35.52
CA VAL E 360 11.31 42.63 -35.21
C VAL E 360 11.83 43.35 -36.44
N GLY E 361 11.17 44.44 -36.82
CA GLY E 361 11.63 45.36 -37.87
C GLY E 361 11.27 46.80 -37.53
N SER E 362 11.93 47.75 -38.19
CA SER E 362 11.75 49.21 -37.97
C SER E 362 10.94 49.80 -39.10
N ARG E 363 9.66 50.12 -38.84
CA ARG E 363 8.89 51.01 -39.74
C ARG E 363 9.66 52.34 -39.81
N PRO E 364 10.04 52.83 -41.01
CA PRO E 364 10.65 54.14 -41.15
C PRO E 364 9.63 55.23 -40.77
N ALA E 365 9.84 55.89 -39.63
CA ALA E 365 8.88 56.85 -39.03
C ALA E 365 9.38 58.27 -39.25
N PRO E 366 8.86 59.00 -40.26
CA PRO E 366 9.33 60.35 -40.55
C PRO E 366 8.85 61.35 -39.47
N ILE E 367 9.72 62.26 -39.06
CA ILE E 367 9.46 63.19 -37.93
C ILE E 367 8.23 64.10 -38.21
N ASP E 368 7.85 64.32 -39.47
CA ASP E 368 6.70 65.18 -39.82
C ASP E 368 5.54 64.34 -40.37
N GLY E 369 5.65 63.01 -40.30
CA GLY E 369 4.52 62.08 -40.52
C GLY E 369 4.22 61.85 -42.00
N PHE E 370 5.12 62.21 -42.91
CA PHE E 370 4.92 62.02 -44.36
C PHE E 370 6.17 61.45 -45.00
N PRO E 371 6.01 60.63 -46.07
CA PRO E 371 7.13 59.99 -46.73
C PRO E 371 8.15 60.98 -47.31
N LEU E 372 9.35 60.47 -47.60
CA LEU E 372 10.46 61.16 -48.30
C LEU E 372 10.69 60.44 -49.63
N ILE E 373 10.15 60.97 -50.71
CA ILE E 373 10.15 60.32 -52.06
C ILE E 373 10.52 61.35 -53.13
N GLY E 374 11.66 61.18 -53.78
CA GLY E 374 12.01 61.93 -54.99
C GLY E 374 13.41 62.46 -54.95
N GLY E 375 13.62 63.60 -55.62
CA GLY E 375 14.95 64.15 -55.92
C GLY E 375 15.43 65.05 -54.79
N THR E 376 16.69 65.47 -54.87
CA THR E 376 17.46 66.22 -53.86
C THR E 376 18.09 67.45 -54.55
N SER E 377 18.71 68.35 -53.80
CA SER E 377 19.49 69.50 -54.31
C SER E 377 20.83 69.00 -54.87
N VAL E 378 21.14 67.72 -54.66
CA VAL E 378 22.35 67.03 -55.17
C VAL E 378 21.94 66.19 -56.40
N GLU E 379 22.56 66.47 -57.56
CA GLU E 379 22.25 65.81 -58.84
C GLU E 379 22.51 64.30 -58.70
N GLY E 380 21.56 63.49 -59.16
CA GLY E 380 21.63 62.01 -59.14
C GLY E 380 21.35 61.39 -57.79
N LEU E 381 21.07 62.18 -56.73
CA LEU E 381 20.76 61.66 -55.37
C LEU E 381 19.24 61.61 -55.18
N TRP E 382 18.70 60.40 -55.01
CA TRP E 382 17.25 60.15 -54.84
C TRP E 382 17.05 59.44 -53.50
N MET E 383 15.85 59.60 -52.93
CA MET E 383 15.44 59.05 -51.62
C MET E 383 14.08 58.38 -51.78
N LEU E 384 13.91 57.23 -51.13
CA LEU E 384 12.64 56.45 -51.13
C LEU E 384 12.49 55.81 -49.74
N SER E 385 11.88 56.53 -48.79
CA SER E 385 11.78 56.13 -47.36
C SER E 385 10.65 56.87 -46.64
N GLY E 386 10.54 56.63 -45.32
CA GLY E 386 9.56 57.26 -44.43
C GLY E 386 8.14 56.79 -44.68
N THR E 387 7.97 55.56 -45.16
CA THR E 387 6.64 55.03 -45.56
C THR E 387 5.86 54.47 -44.36
N TYR E 388 6.49 54.41 -43.18
CA TYR E 388 5.84 54.01 -41.91
C TYR E 388 5.12 52.65 -42.07
N ARG E 389 3.78 52.63 -42.16
CA ARG E 389 2.93 51.41 -42.07
C ARG E 389 2.68 50.77 -43.44
N ASP E 390 2.88 51.48 -44.56
CA ASP E 390 2.30 51.04 -45.85
C ASP E 390 3.27 51.19 -47.04
N GLY E 391 4.58 51.32 -46.82
CA GLY E 391 5.57 51.30 -47.92
C GLY E 391 5.46 50.03 -48.76
N LEU E 392 5.33 48.86 -48.14
CA LEU E 392 5.24 47.56 -48.84
C LEU E 392 4.04 47.61 -49.78
N HIS E 393 2.87 48.00 -49.28
CA HIS E 393 1.64 48.07 -50.10
C HIS E 393 1.85 49.01 -51.30
N MET E 394 2.54 50.13 -51.07
CA MET E 394 2.66 51.19 -52.09
C MET E 394 3.88 50.96 -52.99
N SER E 395 4.69 49.94 -52.72
CA SER E 395 6.02 49.70 -53.37
C SER E 395 5.90 49.80 -54.88
N PRO E 396 4.98 49.07 -55.59
CA PRO E 396 4.96 49.13 -57.05
C PRO E 396 4.72 50.57 -57.55
N LEU E 397 3.79 51.30 -56.92
CA LEU E 397 3.48 52.70 -57.32
C LEU E 397 4.71 53.58 -57.06
N LEU E 398 5.31 53.49 -55.86
CA LEU E 398 6.46 54.33 -55.46
C LEU E 398 7.66 54.04 -56.36
N ALA E 399 7.86 52.78 -56.70
CA ALA E 399 8.98 52.32 -57.57
C ALA E 399 8.85 53.01 -58.91
N ARG E 400 7.68 52.91 -59.56
CA ARG E 400 7.40 53.46 -60.91
C ARG E 400 7.50 54.99 -60.87
N HIS E 401 7.10 55.62 -59.77
CA HIS E 401 7.19 57.09 -59.61
C HIS E 401 8.67 57.51 -59.65
N VAL E 402 9.51 56.91 -58.83
CA VAL E 402 10.93 57.35 -58.71
C VAL E 402 11.64 57.08 -60.05
N VAL E 403 11.37 55.93 -60.68
CA VAL E 403 11.96 55.53 -61.99
C VAL E 403 11.58 56.57 -63.05
N SER E 404 10.31 56.98 -63.07
CA SER E 404 9.80 58.02 -64.00
C SER E 404 10.55 59.33 -63.78
N LEU E 405 10.73 59.78 -62.53
CA LEU E 405 11.48 61.03 -62.21
C LEU E 405 12.92 60.92 -62.68
N MET E 406 13.52 59.73 -62.57
CA MET E 406 14.93 59.48 -62.92
C MET E 406 15.13 59.55 -64.44
N ASP E 407 14.06 59.26 -65.20
CA ASP E 407 14.04 59.19 -66.68
C ASP E 407 13.55 60.52 -67.27
N GLY E 408 13.35 61.56 -66.45
CA GLY E 408 12.95 62.91 -66.89
C GLY E 408 11.44 63.12 -66.85
N GLY E 409 10.64 62.14 -66.42
CA GLY E 409 9.17 62.21 -66.33
C GLY E 409 8.72 62.92 -65.07
N THR E 410 7.40 62.92 -64.81
CA THR E 410 6.75 63.56 -63.64
C THR E 410 6.14 62.50 -62.70
N GLY E 411 6.24 61.21 -63.04
CA GLY E 411 5.71 60.10 -62.24
C GLY E 411 4.22 60.25 -61.93
N VAL E 412 3.81 60.02 -60.69
CA VAL E 412 2.39 60.04 -60.22
C VAL E 412 2.10 61.41 -59.62
N ASP E 413 0.91 61.97 -59.90
CA ASP E 413 0.51 63.30 -59.38
C ASP E 413 0.36 63.19 -57.86
N GLY E 414 0.67 64.27 -57.17
CA GLY E 414 0.40 64.40 -55.72
C GLY E 414 1.42 63.71 -54.84
N LEU E 415 2.38 62.95 -55.40
CA LEU E 415 3.59 62.46 -54.67
C LEU E 415 4.69 63.54 -54.71
N ARG E 416 4.54 64.58 -55.54
CA ARG E 416 5.39 65.79 -55.57
C ARG E 416 5.51 66.38 -54.16
N GLU E 417 4.39 66.44 -53.41
CA GLU E 417 4.31 67.05 -52.06
C GLU E 417 5.29 66.40 -51.08
N PHE E 418 5.68 65.13 -51.30
CA PHE E 418 6.51 64.32 -50.36
C PHE E 418 7.96 64.30 -50.80
N ARG E 419 8.38 65.26 -51.62
CA ARG E 419 9.81 65.51 -51.96
C ARG E 419 10.64 65.45 -50.68
N PRO E 420 11.79 64.75 -50.68
CA PRO E 420 12.55 64.52 -49.45
C PRO E 420 13.22 65.76 -48.86
N GLU E 421 13.61 66.72 -49.69
CA GLU E 421 14.33 67.94 -49.25
C GLU E 421 13.27 69.04 -49.08
N ARG E 422 12.88 69.30 -47.83
CA ARG E 422 11.75 70.18 -47.46
C ARG E 422 11.91 70.65 -46.01
N ASP E 423 11.25 71.76 -45.69
CA ASP E 423 10.85 72.15 -44.32
C ASP E 423 9.93 71.03 -43.78
N LEU E 424 10.01 70.75 -42.48
CA LEU E 424 9.04 69.84 -41.81
C LEU E 424 7.62 70.33 -42.15
N ILE E 425 6.75 69.41 -42.53
CA ILE E 425 5.30 69.65 -42.76
C ILE E 425 4.59 69.83 -41.40
N SER E 426 3.56 70.67 -41.36
CA SER E 426 2.65 70.89 -40.20
C SER E 426 1.22 70.57 -40.64
N ALA E 427 0.85 69.28 -40.69
CA ALA E 427 -0.42 68.79 -41.26
C ALA E 427 -1.56 68.91 -40.25
N TRP E 428 -1.22 69.09 -38.98
CA TRP E 428 -2.20 69.21 -37.86
C TRP E 428 -1.81 70.36 -36.96
N SER E 429 -2.80 71.04 -36.38
CA SER E 429 -2.63 72.05 -35.31
C SER E 429 -2.11 71.34 -34.07
N ARG E 430 -1.32 72.06 -33.27
CA ARG E 430 -0.86 71.64 -31.94
C ARG E 430 -2.03 71.07 -31.12
N GLU E 431 -3.17 71.76 -31.16
CA GLU E 431 -4.40 71.40 -30.42
C GLU E 431 -4.87 70.00 -30.87
N GLU E 432 -4.91 69.73 -32.18
CA GLU E 432 -5.38 68.43 -32.73
C GLU E 432 -4.47 67.30 -32.20
N ILE E 433 -3.16 67.52 -32.18
CA ILE E 433 -2.16 66.49 -31.80
C ILE E 433 -2.28 66.21 -30.30
N LEU E 434 -2.44 67.24 -29.47
CA LEU E 434 -2.56 67.10 -27.99
C LEU E 434 -3.82 66.30 -27.64
N ASP E 435 -4.94 66.53 -28.31
CA ASP E 435 -6.16 65.68 -28.18
C ASP E 435 -5.82 64.25 -28.57
N ASP E 436 -5.08 64.08 -29.68
CA ASP E 436 -4.76 62.76 -30.26
C ASP E 436 -3.88 61.97 -29.28
N VAL E 437 -2.83 62.59 -28.73
CA VAL E 437 -1.81 61.90 -27.89
C VAL E 437 -2.46 61.43 -26.59
N VAL E 438 -3.40 62.20 -26.04
CA VAL E 438 -4.10 61.86 -24.77
C VAL E 438 -5.06 60.69 -25.06
N ARG E 439 -5.82 60.78 -26.15
CA ARG E 439 -6.78 59.73 -26.56
C ARG E 439 -6.03 58.40 -26.73
N HIS E 440 -4.92 58.43 -27.48
CA HIS E 440 -4.11 57.24 -27.84
C HIS E 440 -3.49 56.69 -26.56
N THR E 441 -2.96 57.55 -25.68
CA THR E 441 -2.40 57.16 -24.38
C THR E 441 -3.47 56.38 -23.60
N MET E 442 -4.69 56.91 -23.48
CA MET E 442 -5.80 56.22 -22.80
C MET E 442 -6.09 54.90 -23.51
N ALA E 443 -6.00 54.88 -24.83
CA ALA E 443 -6.28 53.67 -25.65
C ALA E 443 -5.31 52.53 -25.28
N THR E 444 -4.08 52.83 -24.84
CA THR E 444 -3.15 51.74 -24.47
C THR E 444 -3.72 51.03 -23.24
N GLY E 445 -4.52 51.72 -22.43
CA GLY E 445 -5.23 51.15 -21.27
C GLY E 445 -6.35 50.24 -21.73
N TYR E 446 -7.22 50.72 -22.60
CA TYR E 446 -8.46 50.01 -22.97
C TYR E 446 -8.11 48.79 -23.82
N GLU E 447 -6.95 48.81 -24.48
CA GLU E 447 -6.48 47.75 -25.39
C GLU E 447 -5.83 46.61 -24.60
N PHE E 448 -5.44 46.83 -23.36
CA PHE E 448 -4.68 45.84 -22.55
C PHE E 448 -5.48 44.54 -22.39
N PRO E 449 -6.78 44.51 -22.00
CA PRO E 449 -7.51 45.67 -21.47
C PRO E 449 -7.29 45.74 -19.96
N TRP E 450 -7.23 46.94 -19.40
CA TRP E 450 -7.10 47.11 -17.94
C TRP E 450 -8.45 46.88 -17.28
N ARG E 451 -8.45 46.71 -15.97
CA ARG E 451 -9.64 46.75 -15.09
C ARG E 451 -9.28 47.70 -13.93
N LEU E 452 -9.99 48.81 -13.84
CA LEU E 452 -9.69 49.99 -12.98
C LEU E 452 -10.96 50.34 -12.24
N PRO E 453 -10.86 51.09 -11.13
CA PRO E 453 -12.05 51.75 -10.57
C PRO E 453 -12.58 52.74 -11.64
N LEU E 454 -13.89 52.94 -11.66
CA LEU E 454 -14.58 53.60 -12.80
C LEU E 454 -14.25 55.10 -12.89
N GLU E 455 -13.74 55.74 -11.84
CA GLU E 455 -13.46 57.20 -11.86
C GLU E 455 -12.02 57.45 -12.32
N TRP E 456 -11.17 56.43 -12.32
CA TRP E 456 -9.71 56.56 -12.59
C TRP E 456 -9.45 57.06 -14.02
N PRO E 457 -10.10 56.48 -15.06
CA PRO E 457 -9.83 56.93 -16.43
C PRO E 457 -10.07 58.44 -16.63
N HIS E 458 -11.17 59.02 -16.15
CA HIS E 458 -11.45 60.48 -16.25
C HIS E 458 -10.33 61.26 -15.54
N MET E 459 -9.84 60.77 -14.40
CA MET E 459 -8.79 61.47 -13.62
C MET E 459 -7.48 61.47 -14.42
N MET E 460 -7.10 60.34 -15.03
CA MET E 460 -5.86 60.24 -15.84
C MET E 460 -6.00 61.11 -17.11
N GLU E 461 -7.18 61.14 -17.74
CA GLU E 461 -7.46 61.98 -18.92
C GLU E 461 -7.08 63.43 -18.57
N THR E 462 -7.60 63.98 -17.46
CA THR E 462 -7.44 65.41 -17.12
C THR E 462 -5.99 65.70 -16.71
N PHE E 463 -5.27 64.74 -16.11
CA PHE E 463 -3.90 64.94 -15.59
C PHE E 463 -2.85 64.65 -16.67
N LEU E 464 -3.27 64.13 -17.83
CA LEU E 464 -2.36 63.88 -18.98
C LEU E 464 -2.21 65.14 -19.84
N GLN E 465 -3.27 65.96 -19.92
CA GLN E 465 -3.34 67.16 -20.79
C GLN E 465 -2.17 68.10 -20.52
N GLY E 466 -1.97 68.46 -19.25
CA GLY E 466 -0.95 69.44 -18.81
C GLY E 466 0.46 69.07 -19.24
N PRO E 467 1.00 67.90 -18.80
CA PRO E 467 2.37 67.51 -19.12
C PRO E 467 2.70 67.46 -20.62
N PHE E 468 1.73 67.09 -21.47
CA PHE E 468 1.90 66.99 -22.95
C PHE E 468 1.81 68.39 -23.58
N ALA E 469 0.93 69.26 -23.08
CA ALA E 469 0.83 70.67 -23.50
C ALA E 469 2.15 71.39 -23.19
N GLU E 470 2.70 71.16 -21.99
CA GLU E 470 3.99 71.72 -21.51
C GLU E 470 5.13 71.27 -22.44
N LEU E 471 5.14 69.98 -22.81
CA LEU E 471 6.22 69.39 -23.65
C LEU E 471 6.18 70.06 -25.04
N ALA E 472 5.00 70.14 -25.66
CA ALA E 472 4.79 70.70 -27.00
C ALA E 472 5.28 72.16 -27.07
N ASP E 473 4.98 72.97 -26.05
CA ASP E 473 5.36 74.40 -25.97
C ASP E 473 6.88 74.54 -25.84
N ARG E 474 7.50 73.61 -25.13
CA ARG E 474 8.95 73.62 -24.80
C ARG E 474 9.79 73.24 -26.03
N LEU E 475 9.24 72.40 -26.93
CA LEU E 475 10.00 71.79 -28.05
C LEU E 475 10.26 72.82 -29.15
N SER E 476 9.26 73.65 -29.49
CA SER E 476 9.34 74.62 -30.60
C SER E 476 8.11 75.53 -30.56
N ASP E 477 8.23 76.74 -31.10
CA ASP E 477 7.10 77.69 -31.24
C ASP E 477 6.37 77.45 -32.56
N THR E 478 6.89 76.60 -33.47
CA THR E 478 6.28 76.42 -34.83
C THR E 478 6.01 74.94 -35.10
N TYR E 479 6.93 74.02 -34.81
CA TYR E 479 6.81 72.58 -35.15
C TYR E 479 6.21 71.79 -33.97
N THR E 480 5.31 70.86 -34.26
CA THR E 480 4.75 69.88 -33.28
C THR E 480 4.90 68.46 -33.82
N PRO E 481 5.60 67.56 -33.09
CA PRO E 481 5.71 66.16 -33.51
C PRO E 481 4.34 65.52 -33.52
N PRO E 482 4.01 64.63 -34.48
CA PRO E 482 2.76 63.86 -34.41
C PRO E 482 2.76 62.94 -33.18
N ALA E 483 1.59 62.48 -32.79
CA ALA E 483 1.31 61.78 -31.52
C ALA E 483 2.28 60.60 -31.31
N ASP E 484 2.46 59.78 -32.34
CA ASP E 484 3.32 58.55 -32.29
C ASP E 484 4.70 58.94 -31.77
N LEU E 485 5.22 60.07 -32.25
CA LEU E 485 6.58 60.53 -31.92
C LEU E 485 6.57 61.31 -30.60
N MET E 486 5.52 62.09 -30.35
CA MET E 486 5.42 62.91 -29.13
C MET E 486 5.46 62.00 -27.88
N THR E 487 4.76 60.87 -27.88
CA THR E 487 4.77 59.94 -26.71
C THR E 487 6.19 59.44 -26.49
N ALA E 488 6.91 59.05 -27.55
CA ALA E 488 8.32 58.63 -27.47
C ALA E 488 9.18 59.75 -26.87
N ILE E 489 9.00 60.99 -27.31
CA ILE E 489 9.80 62.15 -26.80
C ILE E 489 9.51 62.36 -25.32
N MET E 490 8.24 62.34 -24.92
CA MET E 490 7.76 62.49 -23.51
C MET E 490 8.51 61.54 -22.55
N PHE E 491 8.83 60.32 -22.97
CA PHE E 491 9.40 59.27 -22.10
C PHE E 491 10.87 59.01 -22.46
N SER E 492 11.48 59.88 -23.25
CA SER E 492 12.93 59.86 -23.59
C SER E 492 13.70 60.62 -22.49
N GLU E 493 15.02 60.60 -22.55
CA GLU E 493 15.91 61.29 -21.57
C GLU E 493 15.86 62.81 -21.81
N ARG E 494 16.21 63.61 -20.82
CA ARG E 494 16.26 65.10 -20.89
C ARG E 494 17.23 65.53 -22.01
N GLU E 495 18.38 64.84 -22.15
CA GLU E 495 19.42 65.16 -23.17
C GLU E 495 18.82 64.96 -24.57
N GLN E 496 18.09 63.86 -24.79
CA GLN E 496 17.46 63.50 -26.08
C GLN E 496 16.39 64.55 -26.45
N GLN E 497 15.63 65.03 -25.45
CA GLN E 497 14.62 66.10 -25.62
C GLN E 497 15.31 67.41 -26.03
N ASP E 498 16.38 67.80 -25.31
CA ASP E 498 17.11 69.07 -25.56
C ASP E 498 17.71 69.04 -26.97
N GLU E 499 18.28 67.90 -27.36
CA GLU E 499 18.85 67.67 -28.72
C GLU E 499 17.76 67.90 -29.78
N LEU E 500 16.51 67.53 -29.50
CA LEU E 500 15.35 67.72 -30.43
C LEU E 500 14.93 69.18 -30.46
N ILE E 501 15.08 69.92 -29.36
CA ILE E 501 14.79 71.38 -29.31
C ILE E 501 15.79 72.09 -30.23
N ALA E 502 17.07 71.70 -30.16
CA ALA E 502 18.18 72.23 -31.01
C ALA E 502 17.93 71.88 -32.48
N TYR E 503 17.52 70.65 -32.78
CA TYR E 503 17.17 70.18 -34.15
C TYR E 503 16.05 71.05 -34.71
N TYR E 504 14.93 71.18 -34.00
CA TYR E 504 13.73 71.94 -34.46
C TYR E 504 14.13 73.40 -34.73
N ALA E 505 14.92 74.00 -33.84
CA ALA E 505 15.39 75.40 -33.93
C ALA E 505 16.29 75.58 -35.16
N ASP E 506 17.24 74.66 -35.36
CA ASP E 506 18.15 74.62 -36.55
C ASP E 506 17.35 74.47 -37.84
N VAL E 507 16.28 73.66 -37.86
CA VAL E 507 15.43 73.48 -39.08
C VAL E 507 14.74 74.81 -39.38
N HIS E 508 14.29 75.54 -38.36
CA HIS E 508 13.58 76.84 -38.50
C HIS E 508 14.54 77.88 -39.11
N ARG E 509 15.77 77.94 -38.59
CA ARG E 509 16.89 78.79 -39.07
C ARG E 509 17.09 78.55 -40.58
N GLU E 510 17.17 77.28 -41.01
CA GLU E 510 17.47 76.87 -42.41
C GLU E 510 16.36 77.35 -43.37
N TRP E 511 15.10 77.27 -42.97
CA TRP E 511 13.93 77.36 -43.88
C TRP E 511 13.17 78.70 -43.75
N HIS E 512 13.41 79.47 -42.69
CA HIS E 512 12.70 80.75 -42.39
C HIS E 512 13.70 81.85 -42.02
N GLN F 31 36.42 -6.38 -26.10
CA GLN F 31 36.61 -4.90 -26.19
C GLN F 31 36.44 -4.31 -24.78
N THR F 32 37.31 -3.39 -24.38
CA THR F 32 37.18 -2.58 -23.13
C THR F 32 36.81 -1.13 -23.46
N ASP F 33 36.36 -0.87 -24.69
CA ASP F 33 35.87 0.45 -25.14
C ASP F 33 34.54 0.80 -24.43
N VAL F 34 34.40 2.06 -24.03
CA VAL F 34 33.15 2.64 -23.44
C VAL F 34 32.53 3.60 -24.46
N ILE F 35 31.23 3.47 -24.72
CA ILE F 35 30.40 4.45 -25.47
C ILE F 35 29.37 5.06 -24.51
N VAL F 36 29.40 6.38 -24.32
CA VAL F 36 28.34 7.18 -23.65
C VAL F 36 27.41 7.71 -24.74
N VAL F 37 26.14 7.34 -24.69
CA VAL F 37 25.09 7.81 -25.64
C VAL F 37 24.40 9.00 -24.98
N GLY F 38 24.66 10.22 -25.47
CA GLY F 38 24.02 11.46 -25.02
C GLY F 38 25.04 12.46 -24.53
N ASN F 39 24.85 13.73 -24.90
CA ASN F 39 25.81 14.84 -24.67
C ASN F 39 25.16 15.94 -23.83
N GLY F 40 24.24 15.55 -22.94
CA GLY F 40 23.72 16.43 -21.89
C GLY F 40 24.72 16.53 -20.76
N VAL F 41 24.32 17.16 -19.65
CA VAL F 41 25.16 17.24 -18.42
C VAL F 41 25.44 15.82 -17.89
N LEU F 42 24.48 14.89 -17.96
CA LEU F 42 24.70 13.54 -17.37
C LEU F 42 25.70 12.77 -18.22
N GLY F 43 25.48 12.68 -19.53
CA GLY F 43 26.40 11.99 -20.46
C GLY F 43 27.82 12.50 -20.32
N LEU F 44 28.00 13.81 -20.48
CA LEU F 44 29.33 14.46 -20.41
C LEU F 44 29.94 14.32 -19.01
N SER F 45 29.13 14.34 -17.95
CA SER F 45 29.66 14.25 -16.56
C SER F 45 30.16 12.83 -16.29
N VAL F 46 29.46 11.81 -16.81
CA VAL F 46 29.84 10.39 -16.63
C VAL F 46 31.04 10.11 -17.54
N GLY F 47 31.06 10.68 -18.74
CA GLY F 47 32.19 10.60 -19.69
C GLY F 47 33.44 11.18 -19.08
N VAL F 48 33.35 12.36 -18.46
CA VAL F 48 34.55 13.01 -17.85
C VAL F 48 35.08 12.08 -16.73
N GLU F 49 34.19 11.51 -15.91
CA GLU F 49 34.61 10.70 -14.73
C GLU F 49 35.19 9.36 -15.20
N ILE F 50 34.61 8.74 -16.23
CA ILE F 50 35.17 7.49 -16.84
C ILE F 50 36.58 7.80 -17.38
N ALA F 51 36.73 8.80 -18.24
CA ALA F 51 38.00 9.18 -18.90
C ALA F 51 39.10 9.45 -17.85
N ARG F 52 38.79 10.16 -16.77
CA ARG F 52 39.77 10.55 -15.71
C ARG F 52 40.14 9.32 -14.86
N THR F 53 39.25 8.34 -14.71
CA THR F 53 39.33 7.19 -13.76
C THR F 53 39.90 5.95 -14.48
N ARG F 54 39.84 5.90 -15.80
CA ARG F 54 40.27 4.75 -16.63
C ARG F 54 41.10 5.25 -17.83
N PRO F 55 42.33 5.80 -17.62
CA PRO F 55 43.16 6.29 -18.72
C PRO F 55 43.52 5.18 -19.72
N ASP F 56 43.44 3.93 -19.26
CA ASP F 56 43.70 2.68 -20.03
C ASP F 56 42.73 2.56 -21.22
N VAL F 57 41.42 2.83 -21.03
CA VAL F 57 40.35 2.49 -22.02
C VAL F 57 39.99 3.72 -22.88
N ARG F 58 39.51 3.45 -24.10
CA ARG F 58 38.93 4.43 -25.04
C ARG F 58 37.46 4.69 -24.69
N VAL F 59 37.12 5.93 -24.32
CA VAL F 59 35.72 6.39 -24.04
C VAL F 59 35.29 7.34 -25.16
N THR F 60 34.19 7.00 -25.83
CA THR F 60 33.56 7.73 -26.95
C THR F 60 32.18 8.25 -26.51
N LEU F 61 31.87 9.52 -26.78
CA LEU F 61 30.58 10.16 -26.41
C LEU F 61 29.87 10.63 -27.67
N LEU F 62 28.64 10.10 -27.88
CA LEU F 62 27.76 10.38 -29.05
C LEU F 62 26.81 11.53 -28.70
N GLY F 63 26.24 12.18 -29.73
CA GLY F 63 25.33 13.34 -29.62
C GLY F 63 25.82 14.52 -30.44
N LYS F 64 24.89 15.31 -30.99
CA LYS F 64 25.17 16.40 -31.97
C LYS F 64 25.12 17.75 -31.26
N PRO F 65 25.80 18.78 -31.79
CA PRO F 65 25.78 20.12 -31.18
C PRO F 65 24.39 20.81 -31.13
N ALA F 66 23.42 20.40 -31.95
CA ALA F 66 22.01 20.89 -31.93
C ALA F 66 21.34 20.58 -30.58
N ARG F 67 21.71 19.45 -29.94
CA ARG F 67 21.12 18.98 -28.66
C ARG F 67 19.59 19.07 -28.77
N GLN F 68 19.02 18.41 -29.78
CA GLN F 68 17.55 18.37 -29.99
C GLN F 68 16.86 17.93 -28.70
N TYR F 69 15.89 18.73 -28.22
CA TYR F 69 15.06 18.48 -27.01
C TYR F 69 15.90 18.55 -25.73
N GLY F 70 17.11 19.08 -25.81
CA GLY F 70 18.09 19.03 -24.71
C GLY F 70 17.61 19.84 -23.50
N ALA F 71 17.44 19.18 -22.37
CA ALA F 71 17.09 19.79 -21.07
C ALA F 71 18.19 20.76 -20.62
N THR F 72 19.45 20.34 -20.70
CA THR F 72 20.62 21.05 -20.10
C THR F 72 20.74 22.47 -20.66
N PRO F 73 20.77 22.68 -22.01
CA PRO F 73 20.97 24.02 -22.55
C PRO F 73 19.81 24.97 -22.20
N ALA F 74 18.62 24.42 -21.91
CA ALA F 74 17.41 25.18 -21.52
C ALA F 74 17.41 25.53 -20.03
N ALA F 75 18.37 25.03 -19.25
CA ALA F 75 18.38 25.17 -17.77
C ALA F 75 19.17 26.42 -17.37
N GLY F 76 18.82 27.00 -16.23
CA GLY F 76 19.39 28.27 -15.75
C GLY F 76 20.90 28.21 -15.51
N ALA F 77 21.33 27.39 -14.56
CA ALA F 77 20.50 26.45 -13.81
C ALA F 77 20.76 26.61 -12.30
N MET F 78 19.74 26.33 -11.49
CA MET F 78 19.83 26.35 -10.02
C MET F 78 20.49 25.07 -9.51
N LEU F 79 21.40 25.20 -8.53
CA LEU F 79 21.91 24.05 -7.77
C LEU F 79 20.93 23.79 -6.62
N GLY F 80 19.76 23.24 -6.96
CA GLY F 80 18.59 23.17 -6.06
C GLY F 80 18.64 21.93 -5.18
N ALA F 81 18.69 22.17 -3.86
CA ALA F 81 18.53 21.17 -2.79
C ALA F 81 17.32 21.55 -1.91
N PHE F 82 17.50 22.56 -1.06
CA PHE F 82 16.44 23.08 -0.15
C PHE F 82 15.35 23.80 -0.95
N GLY F 83 15.72 24.54 -2.00
CA GLY F 83 14.76 25.20 -2.91
C GLY F 83 13.78 24.23 -3.55
N GLU F 84 14.19 22.96 -3.73
CA GLU F 84 13.37 21.91 -4.39
C GLU F 84 12.46 21.20 -3.39
N VAL F 85 12.53 21.55 -2.11
CA VAL F 85 11.72 20.91 -1.04
C VAL F 85 10.25 21.27 -1.24
N THR F 86 9.38 20.27 -1.27
CA THR F 86 7.90 20.40 -1.19
C THR F 86 7.38 19.53 -0.04
N ALA F 87 6.26 19.89 0.57
CA ALA F 87 5.53 19.05 1.55
C ALA F 87 5.24 17.67 0.94
N HIS F 88 4.77 17.58 -0.31
CA HIS F 88 4.38 16.30 -0.98
C HIS F 88 5.60 15.37 -1.15
N ALA F 89 6.78 15.92 -1.45
CA ALA F 89 8.04 15.16 -1.59
C ALA F 89 8.43 14.59 -0.22
N LEU F 90 8.50 15.44 0.82
CA LEU F 90 8.93 15.08 2.19
C LEU F 90 7.85 14.30 2.95
N ALA F 91 6.82 13.80 2.27
CA ALA F 91 5.74 12.99 2.87
C ALA F 91 5.88 11.53 2.43
N SER F 92 6.66 11.26 1.38
CA SER F 92 6.97 9.89 0.89
C SER F 92 8.40 9.56 1.32
N GLU F 93 8.69 8.27 1.51
CA GLU F 93 10.05 7.75 1.84
C GLU F 93 10.99 8.05 0.66
N HIS F 94 10.59 7.61 -0.56
CA HIS F 94 11.33 7.84 -1.83
C HIS F 94 11.73 9.33 -1.96
N GLY F 95 10.86 10.26 -1.54
CA GLY F 95 11.11 11.71 -1.61
C GLY F 95 12.13 12.21 -0.59
N ARG F 96 12.13 11.66 0.63
CA ARG F 96 13.06 12.06 1.70
C ARG F 96 14.49 11.62 1.33
N LYS F 97 14.60 10.48 0.62
CA LYS F 97 15.88 9.94 0.10
C LYS F 97 16.45 10.89 -0.96
N LYS F 98 15.63 11.24 -1.96
CA LYS F 98 15.96 12.19 -3.06
C LYS F 98 16.48 13.49 -2.44
N HIS F 99 15.83 14.01 -1.39
CA HIS F 99 16.27 15.26 -0.74
C HIS F 99 17.68 15.09 -0.17
N ALA F 100 17.96 13.94 0.48
CA ALA F 100 19.25 13.68 1.15
C ALA F 100 20.39 13.67 0.10
N LEU F 101 20.16 12.99 -1.03
CA LEU F 101 21.13 12.92 -2.16
C LEU F 101 21.47 14.33 -2.65
N ALA F 102 20.48 15.21 -2.77
CA ALA F 102 20.64 16.59 -3.29
C ALA F 102 21.55 17.39 -2.35
N VAL F 103 21.42 17.18 -1.03
CA VAL F 103 22.30 17.86 -0.05
C VAL F 103 23.73 17.35 -0.26
N GLN F 104 23.89 16.04 -0.47
CA GLN F 104 25.20 15.38 -0.71
C GLN F 104 25.83 15.97 -1.97
N ALA F 105 25.08 16.03 -3.07
CA ALA F 105 25.54 16.56 -4.37
C ALA F 105 26.05 18.00 -4.21
N GLN F 106 25.41 18.82 -3.39
CA GLN F 106 25.79 20.25 -3.15
C GLN F 106 27.25 20.34 -2.68
N ARG F 107 27.72 19.36 -1.92
CA ARG F 107 29.07 19.38 -1.28
C ARG F 107 30.15 19.11 -2.33
N LEU F 108 29.81 18.46 -3.45
CA LEU F 108 30.77 18.13 -4.54
C LEU F 108 30.97 19.31 -5.50
N TRP F 109 30.09 20.32 -5.51
CA TRP F 109 30.09 21.31 -6.61
C TRP F 109 31.35 22.18 -6.60
N PRO F 110 31.80 22.74 -5.46
CA PRO F 110 33.00 23.58 -5.44
C PRO F 110 34.23 22.95 -6.11
N GLU F 111 34.56 21.69 -5.76
CA GLU F 111 35.75 20.97 -6.29
C GLU F 111 35.51 20.60 -7.77
N TRP F 112 34.29 20.17 -8.11
CA TRP F 112 33.89 19.73 -9.48
C TRP F 112 34.07 20.91 -10.45
N ILE F 113 33.60 22.09 -10.07
CA ILE F 113 33.74 23.34 -10.86
C ILE F 113 35.24 23.65 -11.05
N GLU F 114 36.01 23.65 -9.96
CA GLU F 114 37.46 23.95 -9.96
C GLU F 114 38.18 22.98 -10.92
N SER F 115 37.82 21.70 -10.89
CA SER F 115 38.42 20.64 -11.72
C SER F 115 38.03 20.81 -13.19
N LEU F 116 36.90 21.46 -13.49
CA LEU F 116 36.44 21.70 -14.88
C LEU F 116 37.03 23.03 -15.41
N GLU F 117 37.05 24.07 -14.59
CA GLU F 117 37.62 25.39 -14.99
C GLU F 117 39.13 25.28 -15.25
N ALA F 118 39.81 24.38 -14.55
CA ALA F 118 41.29 24.18 -14.58
C ALA F 118 41.77 23.75 -15.98
N THR F 119 40.90 23.13 -16.80
CA THR F 119 41.23 22.65 -18.16
C THR F 119 41.05 23.76 -19.20
N GLY F 120 40.65 24.96 -18.79
CA GLY F 120 40.46 26.12 -19.68
C GLY F 120 41.23 27.33 -19.18
N THR F 121 40.92 28.51 -19.73
CA THR F 121 41.61 29.80 -19.43
C THR F 121 40.56 30.85 -19.07
N ALA F 122 41.01 32.05 -18.66
CA ALA F 122 40.17 33.17 -18.18
C ALA F 122 39.00 33.45 -19.14
N ALA F 123 39.25 33.39 -20.46
CA ALA F 123 38.30 33.87 -21.49
C ALA F 123 37.12 32.89 -21.68
N ASP F 124 37.20 31.68 -21.11
CA ASP F 124 36.13 30.64 -21.24
C ASP F 124 34.96 30.93 -20.29
N GLY F 125 35.16 31.86 -19.34
CA GLY F 125 34.12 32.36 -18.44
C GLY F 125 33.91 31.47 -17.23
N ARG F 126 33.14 31.94 -16.26
CA ARG F 126 32.93 31.28 -14.95
C ARG F 126 31.69 30.40 -15.02
N ILE F 127 31.80 29.16 -14.53
CA ILE F 127 30.66 28.21 -14.42
C ILE F 127 29.69 28.72 -13.35
N LYS F 128 30.19 29.14 -12.19
CA LYS F 128 29.34 29.59 -11.06
C LYS F 128 28.83 31.01 -11.36
N THR F 129 27.52 31.23 -11.21
CA THR F 129 26.87 32.54 -11.47
C THR F 129 26.32 33.16 -10.17
N ALA F 130 26.09 32.37 -9.12
CA ALA F 130 25.68 32.87 -7.79
C ALA F 130 25.96 31.83 -6.70
N ASP F 131 26.20 32.30 -5.46
CA ASP F 131 26.49 31.41 -4.30
C ASP F 131 25.21 31.17 -3.50
N ASP F 132 24.26 32.10 -3.53
CA ASP F 132 23.08 32.12 -2.61
C ASP F 132 21.76 32.21 -3.40
N THR F 133 20.66 31.84 -2.73
CA THR F 133 19.27 31.79 -3.26
C THR F 133 18.35 32.53 -2.28
N VAL F 134 17.41 33.33 -2.79
CA VAL F 134 16.28 33.89 -1.99
C VAL F 134 14.99 33.23 -2.49
N VAL F 135 14.27 32.55 -1.60
CA VAL F 135 12.93 31.96 -1.86
C VAL F 135 11.90 33.00 -1.45
N LEU F 136 10.99 33.35 -2.35
CA LEU F 136 9.97 34.39 -2.12
C LEU F 136 8.60 33.72 -1.98
N LEU F 137 7.79 34.22 -1.06
CA LEU F 137 6.38 33.79 -0.93
C LEU F 137 5.48 34.97 -1.25
N ASN F 138 4.67 34.83 -2.31
CA ASN F 138 3.63 35.80 -2.73
C ASN F 138 2.31 35.05 -2.79
N THR F 139 1.20 35.73 -3.11
CA THR F 139 -0.16 35.13 -3.06
C THR F 139 -0.62 34.78 -4.49
N VAL F 140 0.30 34.78 -5.45
CA VAL F 140 -0.07 34.52 -6.88
C VAL F 140 0.04 33.01 -7.09
N GLY F 141 -0.82 32.27 -6.39
CA GLY F 141 -0.72 30.80 -6.38
C GLY F 141 -1.64 30.20 -5.35
N HIS F 142 -1.67 28.87 -5.30
CA HIS F 142 -2.53 28.09 -4.39
C HIS F 142 -1.89 28.09 -3.01
N SER F 143 -2.66 28.37 -1.96
CA SER F 143 -2.22 28.24 -0.54
C SER F 143 -1.79 26.79 -0.27
N ALA F 144 -2.49 25.82 -0.85
CA ALA F 144 -2.28 24.37 -0.57
C ALA F 144 -0.91 23.91 -1.10
N LEU F 145 -0.33 24.63 -2.06
CA LEU F 145 1.07 24.38 -2.52
C LEU F 145 2.03 25.38 -1.85
N ASP F 146 1.90 26.68 -2.15
CA ASP F 146 2.94 27.69 -1.82
C ASP F 146 3.11 27.82 -0.30
N ASP F 147 2.03 27.85 0.49
CA ASP F 147 2.10 28.01 1.97
C ASP F 147 2.74 26.76 2.57
N ALA F 148 2.25 25.59 2.21
CA ALA F 148 2.75 24.28 2.72
C ALA F 148 4.24 24.15 2.36
N ASN F 149 4.61 24.53 1.13
CA ASN F 149 5.98 24.30 0.58
C ASN F 149 6.95 25.30 1.20
N PHE F 150 6.50 26.51 1.57
CA PHE F 150 7.39 27.49 2.25
C PHE F 150 7.75 26.97 3.63
N ALA F 151 6.76 26.46 4.37
CA ALA F 151 6.92 25.85 5.71
C ALA F 151 7.85 24.63 5.60
N ALA F 152 7.64 23.74 4.63
CA ALA F 152 8.43 22.51 4.40
C ALA F 152 9.91 22.87 4.18
N VAL F 153 10.18 23.93 3.41
CA VAL F 153 11.56 24.40 3.10
C VAL F 153 12.22 24.88 4.40
N LEU F 154 11.52 25.73 5.15
CA LEU F 154 12.01 26.34 6.41
C LEU F 154 12.33 25.21 7.41
N THR F 155 11.46 24.21 7.48
CA THR F 155 11.58 23.04 8.39
C THR F 155 12.81 22.22 7.98
N ALA F 156 12.98 21.95 6.69
CA ALA F 156 14.06 21.08 6.16
C ALA F 156 15.43 21.75 6.38
N LEU F 157 15.50 23.08 6.27
CA LEU F 157 16.73 23.89 6.54
C LEU F 157 17.13 23.77 8.02
N LYS F 158 16.17 23.88 8.93
CA LYS F 158 16.40 23.76 10.40
C LYS F 158 16.87 22.34 10.74
N GLU F 159 16.18 21.30 10.25
CA GLU F 159 16.50 19.87 10.49
C GLU F 159 17.92 19.53 10.05
N ALA F 160 18.39 20.06 8.91
CA ALA F 160 19.75 19.80 8.36
C ALA F 160 20.76 20.80 8.94
N ASN F 161 20.33 21.72 9.79
CA ASN F 161 21.22 22.74 10.43
C ASN F 161 21.95 23.55 9.35
N ALA F 162 21.33 23.73 8.18
CA ALA F 162 21.89 24.47 7.01
C ALA F 162 21.85 25.96 7.32
N PRO F 163 22.83 26.75 6.87
CA PRO F 163 22.84 28.19 7.13
C PRO F 163 21.80 28.90 6.23
N HIS F 164 20.99 29.76 6.84
CA HIS F 164 19.83 30.42 6.22
C HIS F 164 19.28 31.46 7.20
N GLU F 165 18.44 32.36 6.70
CA GLU F 165 17.78 33.41 7.51
C GLU F 165 16.48 33.81 6.79
N GLU F 166 15.36 33.83 7.52
CA GLU F 166 14.13 34.53 7.07
C GLU F 166 14.43 36.02 7.18
N ILE F 167 14.25 36.77 6.10
CA ILE F 167 14.66 38.21 6.02
C ILE F 167 13.43 39.05 5.67
N ALA F 168 13.46 40.32 6.05
CA ALA F 168 12.48 41.32 5.61
C ALA F 168 12.52 41.39 4.08
N VAL F 169 11.37 41.40 3.43
CA VAL F 169 11.29 41.50 1.94
C VAL F 169 11.94 42.82 1.50
N GLU F 170 11.79 43.88 2.29
CA GLU F 170 12.38 45.23 2.01
C GLU F 170 13.91 45.10 1.81
N SER F 171 14.54 44.11 2.44
CA SER F 171 16.01 43.90 2.41
C SER F 171 16.44 43.05 1.19
N VAL F 172 15.51 42.49 0.40
CA VAL F 172 15.88 41.77 -0.86
C VAL F 172 16.27 42.82 -1.91
N ASP F 173 17.53 42.76 -2.38
CA ASP F 173 18.09 43.73 -3.34
C ASP F 173 17.46 43.47 -4.71
N TRP F 174 17.31 44.54 -5.49
CA TRP F 174 17.11 44.49 -6.96
C TRP F 174 15.61 44.39 -7.30
N ILE F 175 14.88 43.43 -6.70
CA ILE F 175 13.47 43.11 -7.07
C ILE F 175 12.62 44.40 -7.03
N ASP F 176 11.70 44.53 -7.97
CA ASP F 176 10.74 45.65 -8.06
C ASP F 176 9.42 45.07 -8.57
N PRO F 177 8.75 44.23 -7.76
CA PRO F 177 7.50 43.59 -8.20
C PRO F 177 6.35 44.60 -8.25
N ASP F 178 5.30 44.26 -8.99
CA ASP F 178 3.94 44.83 -8.87
C ASP F 178 3.47 44.64 -7.42
N PRO F 179 3.15 45.72 -6.68
CA PRO F 179 2.66 45.58 -5.31
C PRO F 179 1.55 44.52 -5.13
N ASN F 180 0.66 44.34 -6.11
CA ASN F 180 -0.44 43.34 -5.99
C ASN F 180 0.10 41.92 -6.14
N SER F 181 1.32 41.74 -6.66
CA SER F 181 1.98 40.42 -6.84
C SER F 181 3.21 40.27 -5.94
N ARG F 182 3.42 41.15 -4.96
CA ARG F 182 4.71 41.23 -4.23
C ARG F 182 4.84 40.10 -3.21
N PRO F 183 6.08 39.77 -2.79
CA PRO F 183 6.29 38.80 -1.73
C PRO F 183 6.12 39.48 -0.36
N LEU F 184 5.63 38.75 0.64
CA LEU F 184 5.47 39.24 2.03
C LEU F 184 6.40 38.47 2.98
N ARG F 185 7.00 37.38 2.49
CA ARG F 185 8.05 36.63 3.23
C ARG F 185 9.16 36.23 2.25
N ALA F 186 10.39 36.26 2.74
CA ALA F 186 11.60 35.94 1.97
C ALA F 186 12.54 35.11 2.85
N LEU F 187 13.31 34.24 2.21
CA LEU F 187 14.17 33.24 2.85
C LEU F 187 15.51 33.21 2.11
N HIS F 188 16.58 33.70 2.74
CA HIS F 188 17.98 33.69 2.23
C HIS F 188 18.61 32.34 2.56
N ILE F 189 19.01 31.56 1.56
CA ILE F 189 19.72 30.26 1.74
C ILE F 189 21.18 30.43 1.30
N GLU F 190 22.14 30.27 2.22
CA GLU F 190 23.60 30.37 1.92
C GLU F 190 24.11 29.08 1.28
N GLY F 191 24.93 29.19 0.24
CA GLY F 191 25.64 28.05 -0.38
C GLY F 191 24.75 27.24 -1.30
N GLU F 192 23.55 27.75 -1.61
CA GLU F 192 22.65 27.20 -2.65
C GLU F 192 22.61 28.21 -3.81
N GLY F 193 23.30 27.90 -4.91
CA GLY F 193 23.59 28.87 -5.97
C GLY F 193 23.16 28.42 -7.35
N SER F 194 23.86 28.91 -8.37
CA SER F 194 23.53 28.67 -9.79
C SER F 194 24.81 28.57 -10.62
N VAL F 195 24.70 27.86 -11.73
CA VAL F 195 25.75 27.73 -12.78
C VAL F 195 25.13 28.20 -14.09
N ASP F 196 25.97 28.70 -15.00
CA ASP F 196 25.61 28.94 -16.42
C ASP F 196 25.67 27.59 -17.13
N SER F 197 24.53 27.04 -17.52
CA SER F 197 24.41 25.69 -18.12
C SER F 197 25.23 25.60 -19.41
N GLY F 198 25.33 26.70 -20.16
CA GLY F 198 26.06 26.75 -21.45
C GLY F 198 27.56 26.64 -21.23
N ILE F 199 28.08 27.40 -20.25
CA ILE F 199 29.52 27.41 -19.91
C ILE F 199 29.88 26.08 -19.28
N LEU F 200 28.97 25.48 -18.48
CA LEU F 200 29.19 24.14 -17.87
C LEU F 200 29.35 23.12 -19.00
N LEU F 201 28.48 23.13 -20.01
CA LEU F 201 28.55 22.16 -21.13
C LEU F 201 29.89 22.30 -21.87
N ALA F 202 30.29 23.53 -22.18
CA ALA F 202 31.58 23.86 -22.84
C ALA F 202 32.75 23.33 -22.00
N ALA F 203 32.71 23.50 -20.67
CA ALA F 203 33.77 23.07 -19.74
C ALA F 203 33.82 21.54 -19.65
N LEU F 204 32.67 20.87 -19.64
CA LEU F 204 32.58 19.38 -19.61
C LEU F 204 33.19 18.81 -20.90
N GLU F 205 32.83 19.34 -22.06
CA GLU F 205 33.37 18.90 -23.38
C GLU F 205 34.90 19.04 -23.36
N ARG F 206 35.38 20.23 -23.06
CA ARG F 206 36.83 20.55 -22.99
C ARG F 206 37.53 19.59 -22.01
N SER F 207 36.94 19.38 -20.84
CA SER F 207 37.49 18.50 -19.76
C SER F 207 37.48 17.04 -20.21
N PHE F 208 36.53 16.66 -21.06
CA PHE F 208 36.41 15.29 -21.61
C PHE F 208 37.57 15.03 -22.57
N LEU F 209 37.81 15.93 -23.52
CA LEU F 209 38.95 15.85 -24.48
C LEU F 209 40.27 15.82 -23.71
N GLN F 210 40.42 16.67 -22.69
CA GLN F 210 41.65 16.81 -21.87
C GLN F 210 41.98 15.46 -21.21
N ALA F 211 40.97 14.73 -20.74
CA ALA F 211 41.16 13.44 -20.05
C ALA F 211 41.25 12.28 -21.05
N GLY F 212 41.20 12.56 -22.36
CA GLY F 212 41.48 11.56 -23.41
C GLY F 212 40.23 10.99 -24.04
N GLY F 213 39.06 11.57 -23.79
CA GLY F 213 37.80 11.15 -24.41
C GLY F 213 37.71 11.59 -25.85
N ARG F 214 36.87 10.93 -26.66
CA ARG F 214 36.67 11.25 -28.09
C ARG F 214 35.21 11.62 -28.31
N LEU F 215 34.96 12.82 -28.87
CA LEU F 215 33.61 13.31 -29.23
C LEU F 215 33.30 12.89 -30.67
N HIS F 216 32.26 12.09 -30.87
CA HIS F 216 31.78 11.67 -32.21
C HIS F 216 30.37 12.22 -32.40
N PRO F 217 30.20 13.35 -33.13
CA PRO F 217 28.91 14.04 -33.19
C PRO F 217 27.89 13.37 -34.13
N VAL F 218 27.46 12.17 -33.77
CA VAL F 218 26.32 11.43 -34.39
C VAL F 218 25.40 10.94 -33.27
N ASP F 219 24.23 10.43 -33.62
CA ASP F 219 23.26 9.83 -32.67
C ASP F 219 23.31 8.30 -32.79
N ALA F 220 23.17 7.59 -31.67
CA ALA F 220 22.90 6.13 -31.64
C ALA F 220 21.49 5.89 -32.19
N THR F 221 21.31 4.95 -33.10
CA THR F 221 19.98 4.48 -33.57
C THR F 221 19.60 3.18 -32.86
N GLU F 222 20.59 2.36 -32.49
CA GLU F 222 20.36 0.96 -32.00
C GLU F 222 21.53 0.53 -31.12
N ILE F 223 21.24 -0.15 -30.01
CA ILE F 223 22.24 -0.84 -29.16
C ILE F 223 22.28 -2.30 -29.59
N ARG F 224 23.48 -2.83 -29.83
CA ARG F 224 23.67 -4.25 -30.22
C ARG F 224 24.03 -5.08 -28.99
N ALA F 225 23.30 -6.16 -28.77
CA ALA F 225 23.60 -7.17 -27.73
C ALA F 225 23.27 -8.57 -28.25
N SER F 226 24.07 -9.56 -27.85
CA SER F 226 23.77 -11.00 -28.02
C SER F 226 24.41 -11.76 -26.86
N HIS F 227 23.85 -12.91 -26.48
CA HIS F 227 24.31 -13.76 -25.35
C HIS F 227 24.41 -12.88 -24.10
N GLY F 228 23.43 -11.99 -23.88
CA GLY F 228 23.26 -11.12 -22.69
C GLY F 228 24.44 -10.20 -22.44
N ARG F 229 25.05 -9.64 -23.49
CA ARG F 229 26.26 -8.79 -23.40
C ARG F 229 26.21 -7.71 -24.50
N VAL F 230 26.62 -6.48 -24.20
CA VAL F 230 26.68 -5.38 -25.20
C VAL F 230 27.84 -5.65 -26.15
N GLU F 231 27.58 -5.51 -27.45
CA GLU F 231 28.60 -5.58 -28.54
C GLU F 231 29.00 -4.15 -28.92
N GLY F 232 28.03 -3.24 -28.97
CA GLY F 232 28.25 -1.80 -29.22
C GLY F 232 27.01 -1.08 -29.69
N VAL F 233 27.18 -0.14 -30.63
CA VAL F 233 26.16 0.88 -31.00
C VAL F 233 26.21 1.16 -32.50
N VAL F 234 25.09 0.98 -33.20
CA VAL F 234 24.88 1.43 -34.60
C VAL F 234 24.50 2.92 -34.55
N THR F 235 25.18 3.76 -35.33
CA THR F 235 25.00 5.24 -35.37
C THR F 235 24.12 5.62 -36.58
N ASP F 236 23.65 6.87 -36.61
CA ASP F 236 22.63 7.35 -37.58
C ASP F 236 23.27 7.73 -38.92
N ASP F 237 24.58 7.53 -39.10
CA ASP F 237 25.26 7.62 -40.42
C ASP F 237 25.59 6.22 -40.95
N GLY F 238 25.02 5.16 -40.37
CA GLY F 238 25.11 3.77 -40.87
C GLY F 238 26.23 2.97 -40.23
N ASP F 239 27.16 3.62 -39.53
CA ASP F 239 28.40 3.02 -38.97
C ASP F 239 28.03 2.09 -37.79
N PHE F 240 29.00 1.29 -37.31
CA PHE F 240 28.89 0.47 -36.06
C PHE F 240 30.15 0.68 -35.21
N LEU F 241 29.99 1.13 -33.96
CA LEU F 241 31.10 1.30 -32.99
C LEU F 241 31.04 0.17 -31.98
N PRO F 242 32.12 -0.63 -31.80
CA PRO F 242 32.12 -1.71 -30.82
C PRO F 242 32.45 -1.17 -29.42
N ALA F 243 31.98 -1.87 -28.38
CA ALA F 243 32.25 -1.54 -26.96
C ALA F 243 31.82 -2.68 -26.04
N GLY F 244 32.51 -2.81 -24.91
CA GLY F 244 32.14 -3.69 -23.78
C GLY F 244 31.26 -2.98 -22.76
N HIS F 245 31.15 -1.64 -22.86
CA HIS F 245 30.34 -0.78 -21.97
C HIS F 245 29.59 0.27 -22.81
N VAL F 246 28.28 0.37 -22.61
CA VAL F 246 27.40 1.42 -23.20
C VAL F 246 26.60 2.07 -22.06
N VAL F 247 26.83 3.36 -21.81
CA VAL F 247 26.08 4.17 -20.79
C VAL F 247 25.05 5.00 -21.57
N VAL F 248 23.76 4.77 -21.33
CA VAL F 248 22.66 5.52 -21.99
C VAL F 248 22.30 6.71 -21.10
N ALA F 249 22.59 7.93 -21.58
CA ALA F 249 22.27 9.22 -20.93
C ALA F 249 21.73 10.17 -22.01
N ALA F 250 20.72 9.69 -22.74
CA ALA F 250 20.10 10.37 -23.89
C ALA F 250 18.84 11.13 -23.45
N GLY F 251 18.83 11.64 -22.21
CA GLY F 251 17.66 12.35 -21.67
C GLY F 251 16.39 11.57 -21.97
N ALA F 252 15.38 12.22 -22.50
CA ALA F 252 14.02 11.67 -22.67
C ALA F 252 13.98 10.56 -23.73
N ARG F 253 15.06 10.34 -24.48
CA ARG F 253 15.13 9.29 -25.55
C ARG F 253 15.73 7.99 -24.99
N SER F 254 16.14 7.97 -23.73
CA SER F 254 16.96 6.91 -23.10
C SER F 254 16.21 5.57 -23.08
N GLN F 255 14.96 5.53 -22.59
CA GLN F 255 14.18 4.28 -22.51
C GLN F 255 13.87 3.77 -23.93
N ARG F 256 13.38 4.63 -24.82
CA ARG F 256 13.00 4.25 -26.21
C ARG F 256 14.17 3.51 -26.87
N LEU F 257 15.40 3.85 -26.48
CA LEU F 257 16.65 3.29 -27.09
C LEU F 257 16.89 1.87 -26.55
N VAL F 258 16.76 1.67 -25.24
CA VAL F 258 17.07 0.39 -24.54
C VAL F 258 15.89 -0.59 -24.69
N ALA F 259 14.67 -0.09 -24.90
CA ALA F 259 13.42 -0.88 -24.96
C ALA F 259 13.39 -1.79 -26.20
N ALA F 260 14.21 -1.50 -27.21
CA ALA F 260 14.28 -2.23 -28.49
C ALA F 260 14.94 -3.60 -28.28
N LEU F 261 15.78 -3.75 -27.23
CA LEU F 261 16.41 -5.03 -26.83
C LEU F 261 15.34 -5.99 -26.31
N PRO F 262 15.56 -7.33 -26.41
CA PRO F 262 14.51 -8.32 -26.09
C PRO F 262 14.02 -8.27 -24.63
N GLY F 263 12.70 -8.25 -24.42
CA GLY F 263 12.05 -8.32 -23.09
C GLY F 263 12.01 -6.99 -22.36
N LEU F 264 12.93 -6.07 -22.70
CA LEU F 264 13.23 -4.84 -21.93
C LEU F 264 12.13 -3.77 -22.09
N ALA F 265 11.23 -3.95 -23.07
CA ALA F 265 10.12 -3.01 -23.37
C ALA F 265 9.28 -2.78 -22.11
N HIS F 266 9.13 -3.80 -21.26
CA HIS F 266 8.26 -3.77 -20.06
C HIS F 266 9.09 -3.95 -18.78
N ARG F 267 10.41 -3.84 -18.85
CA ARG F 267 11.33 -4.02 -17.69
C ARG F 267 12.07 -2.71 -17.38
N ILE F 268 12.18 -1.81 -18.37
CA ILE F 268 12.71 -0.43 -18.19
C ILE F 268 11.52 0.52 -18.20
N PRO F 269 11.19 1.18 -17.06
CA PRO F 269 10.08 2.14 -17.03
C PRO F 269 10.23 3.24 -18.09
N ARG F 270 9.12 3.60 -18.72
CA ARG F 270 9.05 4.64 -19.76
C ARG F 270 9.50 5.99 -19.18
N ILE F 271 10.16 6.78 -20.02
CA ILE F 271 10.54 8.19 -19.75
C ILE F 271 9.82 9.03 -20.78
N TYR F 272 9.05 10.03 -20.34
CA TYR F 272 8.34 11.00 -21.20
C TYR F 272 9.07 12.34 -21.14
N ASP F 273 8.63 13.28 -21.98
CA ASP F 273 9.20 14.65 -22.12
C ASP F 273 8.47 15.61 -21.19
N GLY F 274 9.16 16.09 -20.15
CA GLY F 274 8.73 17.24 -19.35
C GLY F 274 9.18 18.54 -20.00
N VAL F 275 8.41 18.99 -20.99
CA VAL F 275 8.77 20.15 -21.85
C VAL F 275 8.82 21.41 -21.00
N GLY F 276 9.92 22.14 -21.10
CA GLY F 276 10.22 23.31 -20.27
C GLY F 276 10.61 24.49 -21.13
N VAL F 277 10.00 25.63 -20.86
CA VAL F 277 10.29 26.91 -21.56
C VAL F 277 10.97 27.84 -20.56
N SER F 278 12.05 28.47 -21.00
CA SER F 278 12.80 29.51 -20.25
C SER F 278 13.19 30.60 -21.25
N ALA F 279 13.82 31.67 -20.80
CA ALA F 279 14.18 32.79 -21.68
C ALA F 279 15.42 33.48 -21.18
N LEU F 280 16.22 33.98 -22.12
CA LEU F 280 17.35 34.89 -21.85
C LEU F 280 16.85 36.30 -22.16
N VAL F 281 17.09 37.21 -21.22
CA VAL F 281 16.61 38.61 -21.29
C VAL F 281 17.80 39.54 -21.02
N ASP F 282 17.99 40.54 -21.90
CA ASP F 282 18.95 41.64 -21.70
C ASP F 282 18.23 42.73 -20.91
N THR F 283 18.64 42.93 -19.66
CA THR F 283 17.94 43.84 -18.72
C THR F 283 18.07 45.28 -19.25
N TRP F 284 17.00 46.06 -19.08
CA TRP F 284 16.88 47.49 -19.46
C TRP F 284 18.16 48.27 -19.13
N ASP F 285 18.80 48.02 -17.99
CA ASP F 285 19.97 48.84 -17.49
C ASP F 285 21.21 47.95 -17.33
N GLY F 286 21.19 46.72 -17.83
CA GLY F 286 22.34 45.79 -17.75
C GLY F 286 22.54 45.18 -16.37
N SER F 287 21.68 45.48 -15.38
CA SER F 287 21.80 44.95 -14.00
C SER F 287 21.23 43.54 -13.89
N GLY F 288 21.47 42.89 -12.75
CA GLY F 288 20.96 41.56 -12.39
C GLY F 288 21.02 41.36 -10.88
N PRO F 289 20.27 40.41 -10.32
CA PRO F 289 20.34 40.16 -8.88
C PRO F 289 21.66 39.42 -8.57
N ALA F 290 22.16 39.56 -7.35
CA ALA F 290 23.40 38.90 -6.88
C ALA F 290 23.08 37.45 -6.54
N THR F 291 21.85 37.15 -6.11
CA THR F 291 21.43 35.77 -5.76
C THR F 291 20.45 35.22 -6.81
N VAL F 292 20.24 33.92 -6.78
CA VAL F 292 19.05 33.29 -7.41
C VAL F 292 17.83 33.85 -6.69
N LEU F 293 16.77 34.12 -7.45
CA LEU F 293 15.43 34.49 -6.93
C LEU F 293 14.48 33.40 -7.38
N ARG F 294 13.73 32.79 -6.48
CA ARG F 294 12.79 31.70 -6.86
C ARG F 294 11.59 31.65 -5.91
N THR F 295 10.51 31.04 -6.39
CA THR F 295 9.40 30.52 -5.55
C THR F 295 9.67 29.06 -5.25
N SER F 296 8.90 28.47 -4.33
CA SER F 296 8.78 27.00 -4.18
C SER F 296 8.22 26.44 -5.50
N ASN F 297 8.30 25.14 -5.69
CA ASN F 297 7.72 24.45 -6.87
C ASN F 297 6.20 24.62 -6.85
N ARG F 298 5.62 24.79 -8.04
CA ARG F 298 4.21 25.18 -8.26
C ARG F 298 3.52 24.11 -9.15
N ALA F 299 2.36 24.44 -9.71
CA ALA F 299 1.46 23.48 -10.39
C ALA F 299 2.27 22.58 -11.33
N PHE F 300 2.16 21.27 -11.14
CA PHE F 300 2.73 20.23 -12.04
C PHE F 300 4.23 20.47 -12.21
N ALA F 301 4.90 20.84 -11.12
CA ALA F 301 6.37 20.95 -11.03
C ALA F 301 6.92 22.04 -11.98
N CYS F 302 6.11 23.06 -12.31
CA CYS F 302 6.62 24.33 -12.86
C CYS F 302 7.17 25.17 -11.68
N GLY F 303 7.61 26.39 -11.93
CA GLY F 303 8.12 27.28 -10.87
C GLY F 303 8.64 28.56 -11.49
N LEU F 304 8.76 29.63 -10.71
CA LEU F 304 9.28 30.92 -11.21
C LEU F 304 10.64 31.13 -10.58
N HIS F 305 11.67 31.34 -11.41
CA HIS F 305 13.01 31.70 -10.91
C HIS F 305 13.72 32.57 -11.93
N LEU F 306 14.66 33.35 -11.40
CA LEU F 306 15.61 34.18 -12.14
C LEU F 306 17.00 33.73 -11.69
N VAL F 307 17.80 33.24 -12.63
CA VAL F 307 19.21 32.82 -12.40
C VAL F 307 20.09 33.89 -13.02
N PRO F 308 21.03 34.49 -12.26
CA PRO F 308 21.94 35.49 -12.80
C PRO F 308 22.83 34.91 -13.91
N ARG F 309 23.29 35.77 -14.80
CA ARG F 309 24.24 35.48 -15.89
C ARG F 309 25.21 36.66 -15.96
N ALA F 310 26.37 36.46 -16.59
CA ALA F 310 27.35 37.54 -16.89
C ALA F 310 26.86 38.35 -18.10
N GLY F 311 27.24 39.64 -18.16
CA GLY F 311 27.15 40.47 -19.38
C GLY F 311 25.78 41.09 -19.63
N GLY F 312 25.04 41.45 -18.57
CA GLY F 312 23.79 42.24 -18.72
C GLY F 312 22.59 41.38 -19.12
N SER F 313 22.73 40.05 -19.00
CA SER F 313 21.67 39.06 -19.29
C SER F 313 21.15 38.51 -17.95
N VAL F 314 19.88 38.09 -17.90
CA VAL F 314 19.34 37.17 -16.85
C VAL F 314 18.66 36.01 -17.54
N TYR F 315 18.62 34.86 -16.88
CA TYR F 315 17.77 33.68 -17.23
C TYR F 315 16.47 33.77 -16.43
N ILE F 316 15.33 33.58 -17.07
CA ILE F 316 14.03 33.39 -16.38
C ILE F 316 13.45 32.05 -16.80
N GLY F 317 12.92 31.31 -15.84
CA GLY F 317 12.23 30.04 -16.07
C GLY F 317 11.26 29.75 -14.93
N ALA F 318 10.58 28.61 -14.98
CA ALA F 318 10.59 27.70 -16.12
C ALA F 318 9.29 26.91 -16.08
N THR F 319 8.63 26.74 -17.22
CA THR F 319 7.34 26.02 -17.32
C THR F 319 7.63 24.52 -17.34
N ASN F 320 6.64 23.70 -17.08
CA ASN F 320 6.76 22.23 -17.19
C ASN F 320 5.42 21.66 -17.62
N ALA F 321 5.45 20.81 -18.61
CA ALA F 321 4.25 20.12 -19.13
C ALA F 321 4.69 18.76 -19.65
N VAL F 322 4.20 17.69 -19.06
CA VAL F 322 4.56 16.33 -19.53
C VAL F 322 3.77 16.08 -20.81
N CYS F 323 4.48 15.75 -21.89
CA CYS F 323 3.93 15.44 -23.23
C CYS F 323 4.27 13.99 -23.57
N LEU F 324 3.32 13.28 -24.18
CA LEU F 324 3.48 11.85 -24.55
C LEU F 324 4.34 11.75 -25.81
N GLU F 325 4.41 12.80 -26.61
CA GLU F 325 5.35 12.92 -27.76
C GLU F 325 6.25 14.13 -27.52
N PRO F 326 7.51 14.11 -28.02
CA PRO F 326 8.40 15.25 -27.85
C PRO F 326 7.94 16.50 -28.63
N ARG F 327 8.39 17.67 -28.20
CA ARG F 327 8.01 18.98 -28.76
C ARG F 327 9.20 19.92 -28.54
N GLY F 328 9.63 20.62 -29.58
CA GLY F 328 10.90 21.39 -29.60
C GLY F 328 10.63 22.88 -29.63
N ALA F 329 9.37 23.29 -29.61
CA ALA F 329 8.96 24.72 -29.68
C ALA F 329 8.04 25.03 -28.51
N ALA F 330 8.19 26.22 -27.93
CA ALA F 330 7.30 26.77 -26.89
C ALA F 330 5.91 26.99 -27.49
N SER F 331 4.88 26.86 -26.66
CA SER F 331 3.50 27.31 -26.97
C SER F 331 3.39 28.79 -26.59
N ILE F 332 2.43 29.50 -27.21
CA ILE F 332 2.12 30.90 -26.87
C ILE F 332 1.84 30.96 -25.37
N GLU F 333 1.00 30.04 -24.87
CA GLU F 333 0.53 30.01 -23.46
C GLU F 333 1.71 30.01 -22.49
N GLU F 334 2.73 29.19 -22.77
CA GLU F 334 3.93 29.00 -21.94
C GLU F 334 4.73 30.31 -21.90
N THR F 335 4.95 30.94 -23.05
CA THR F 335 5.74 32.19 -23.14
C THR F 335 5.02 33.27 -22.35
N VAL F 336 3.71 33.41 -22.55
CA VAL F 336 2.92 34.47 -21.88
C VAL F 336 3.01 34.26 -20.37
N PHE F 337 2.79 33.03 -19.91
CA PHE F 337 2.74 32.69 -18.47
C PHE F 337 4.11 33.01 -17.83
N LEU F 338 5.18 32.51 -18.43
CA LEU F 338 6.57 32.76 -17.97
C LEU F 338 6.83 34.27 -17.86
N PHE F 339 6.51 35.04 -18.90
CA PHE F 339 6.81 36.50 -18.95
C PHE F 339 5.92 37.26 -17.95
N ASN F 340 4.64 36.87 -17.84
CA ASN F 340 3.71 37.55 -16.91
C ASN F 340 4.19 37.36 -15.47
N CYS F 341 4.60 36.14 -15.10
CA CYS F 341 5.05 35.81 -13.73
C CYS F 341 6.31 36.61 -13.40
N ALA F 342 7.32 36.57 -14.26
CA ALA F 342 8.62 37.27 -14.05
C ALA F 342 8.41 38.79 -13.92
N THR F 343 7.59 39.40 -14.77
CA THR F 343 7.44 40.88 -14.79
C THR F 343 6.65 41.37 -13.57
N HIS F 344 5.69 40.60 -13.07
CA HIS F 344 4.82 40.96 -11.91
C HIS F 344 5.49 40.60 -10.59
N GLN F 345 6.05 39.39 -10.49
CA GLN F 345 6.48 38.79 -9.19
C GLN F 345 7.94 39.11 -8.87
N LEU F 346 8.79 39.37 -9.87
CA LEU F 346 10.24 39.61 -9.66
C LEU F 346 10.60 41.06 -9.98
N HIS F 347 10.45 41.51 -11.22
CA HIS F 347 10.87 42.88 -11.63
C HIS F 347 10.06 43.41 -12.82
N ARG F 348 9.34 44.51 -12.60
CA ARG F 348 8.57 45.22 -13.65
C ARG F 348 9.49 45.76 -14.76
N GLY F 349 10.75 46.05 -14.46
CA GLY F 349 11.77 46.44 -15.44
C GLY F 349 12.00 45.41 -16.54
N LEU F 350 11.73 44.13 -16.27
CA LEU F 350 11.83 43.05 -17.28
C LEU F 350 10.82 43.30 -18.40
N ASN F 351 9.76 44.05 -18.12
CA ASN F 351 8.69 44.34 -19.12
C ASN F 351 9.30 45.13 -20.28
N GLY F 352 10.20 46.08 -20.00
CA GLY F 352 10.84 46.96 -21.00
C GLY F 352 12.16 46.39 -21.48
N SER F 353 12.53 45.20 -21.01
CA SER F 353 13.81 44.55 -21.35
C SER F 353 13.65 43.74 -22.64
N GLU F 354 14.76 43.45 -23.29
CA GLU F 354 14.82 42.83 -24.64
C GLU F 354 14.89 41.31 -24.49
N LEU F 355 14.02 40.60 -25.18
CA LEU F 355 14.02 39.14 -25.32
C LEU F 355 15.14 38.74 -26.28
N ARG F 356 16.17 38.04 -25.80
CA ARG F 356 17.28 37.52 -26.66
C ARG F 356 16.91 36.14 -27.19
N LYS F 357 16.27 35.28 -26.40
CA LYS F 357 16.12 33.85 -26.76
C LYS F 357 15.02 33.21 -25.92
N VAL F 358 14.12 32.48 -26.58
CA VAL F 358 13.17 31.55 -25.94
C VAL F 358 13.76 30.14 -26.08
N GLN F 359 13.96 29.45 -24.96
CA GLN F 359 14.64 28.14 -24.90
C GLN F 359 13.59 27.09 -24.55
N VAL F 360 13.72 25.92 -25.18
CA VAL F 360 12.86 24.73 -24.92
C VAL F 360 13.76 23.51 -24.76
N GLY F 361 13.54 22.74 -23.69
CA GLY F 361 14.18 21.43 -23.47
C GLY F 361 13.20 20.46 -22.81
N SER F 362 13.52 19.16 -22.87
CA SER F 362 12.70 18.07 -22.30
C SER F 362 13.32 17.58 -21.01
N ARG F 363 12.72 17.91 -19.87
CA ARG F 363 13.03 17.20 -18.60
C ARG F 363 12.67 15.73 -18.82
N PRO F 364 13.62 14.79 -18.60
CA PRO F 364 13.29 13.36 -18.69
C PRO F 364 12.34 12.97 -17.55
N ALA F 365 11.09 12.69 -17.88
CA ALA F 365 9.99 12.47 -16.91
C ALA F 365 9.68 10.97 -16.82
N PRO F 366 10.19 10.27 -15.78
CA PRO F 366 9.95 8.83 -15.65
C PRO F 366 8.50 8.54 -15.27
N ILE F 367 7.90 7.51 -15.88
CA ILE F 367 6.46 7.17 -15.70
C ILE F 367 6.12 6.88 -14.24
N ASP F 368 7.09 6.47 -13.40
CA ASP F 368 6.82 6.14 -11.97
C ASP F 368 7.45 7.20 -11.05
N GLY F 369 7.99 8.28 -11.62
CA GLY F 369 8.37 9.49 -10.87
C GLY F 369 9.72 9.35 -10.17
N PHE F 370 10.53 8.37 -10.55
CA PHE F 370 11.87 8.16 -9.96
C PHE F 370 12.89 7.89 -11.05
N PRO F 371 14.15 8.30 -10.82
CA PRO F 371 15.21 8.17 -11.81
C PRO F 371 15.48 6.71 -12.21
N LEU F 372 16.16 6.53 -13.34
CA LEU F 372 16.70 5.26 -13.86
C LEU F 372 18.23 5.36 -13.86
N ILE F 373 18.88 4.82 -12.84
CA ILE F 373 20.34 4.95 -12.60
C ILE F 373 20.93 3.58 -12.23
N GLY F 374 21.78 3.04 -13.09
CA GLY F 374 22.64 1.90 -12.73
C GLY F 374 22.63 0.84 -13.80
N GLY F 375 22.78 -0.41 -13.39
CA GLY F 375 23.06 -1.56 -14.26
C GLY F 375 21.76 -2.16 -14.77
N THR F 376 21.90 -3.10 -15.71
CA THR F 376 20.82 -3.78 -16.47
C THR F 376 21.06 -5.29 -16.36
N SER F 377 20.13 -6.12 -16.85
CA SER F 377 20.26 -7.58 -16.98
C SER F 377 21.22 -7.91 -18.12
N VAL F 378 21.61 -6.91 -18.91
CA VAL F 378 22.60 -6.99 -20.03
C VAL F 378 23.94 -6.48 -19.51
N GLU F 379 24.97 -7.31 -19.56
CA GLU F 379 26.34 -7.00 -19.06
C GLU F 379 26.89 -5.81 -19.86
N GLY F 380 27.44 -4.83 -19.16
CA GLY F 380 28.04 -3.61 -19.76
C GLY F 380 27.03 -2.56 -20.20
N LEU F 381 25.72 -2.80 -20.05
CA LEU F 381 24.66 -1.81 -20.40
C LEU F 381 24.22 -1.04 -19.15
N TRP F 382 24.48 0.26 -19.12
CA TRP F 382 24.18 1.16 -17.99
C TRP F 382 23.24 2.27 -18.49
N MET F 383 22.46 2.82 -17.58
CA MET F 383 21.44 3.87 -17.84
C MET F 383 21.62 4.99 -16.81
N LEU F 384 21.48 6.23 -17.25
CA LEU F 384 21.59 7.44 -16.41
C LEU F 384 20.59 8.48 -16.93
N SER F 385 19.34 8.43 -16.46
CA SER F 385 18.22 9.25 -16.99
C SER F 385 17.04 9.31 -16.00
N GLY F 386 15.96 9.98 -16.41
CA GLY F 386 14.74 10.15 -15.61
C GLY F 386 14.92 11.09 -14.44
N THR F 387 15.84 12.05 -14.53
CA THR F 387 16.21 12.95 -13.41
C THR F 387 15.23 14.13 -13.31
N TYR F 388 14.32 14.28 -14.27
CA TYR F 388 13.23 15.30 -14.24
C TYR F 388 13.81 16.71 -13.97
N ARG F 389 13.69 17.25 -12.75
CA ARG F 389 13.97 18.68 -12.44
C ARG F 389 15.42 18.89 -11.97
N ASP F 390 16.15 17.85 -11.56
CA ASP F 390 17.40 18.05 -10.78
C ASP F 390 18.56 17.13 -11.21
N GLY F 391 18.53 16.54 -12.41
CA GLY F 391 19.69 15.79 -12.94
C GLY F 391 20.97 16.64 -12.99
N LEU F 392 20.87 17.88 -13.48
CA LEU F 392 22.02 18.80 -13.58
C LEU F 392 22.64 18.98 -12.18
N HIS F 393 21.82 19.30 -11.18
CA HIS F 393 22.32 19.52 -9.79
C HIS F 393 23.01 18.25 -9.29
N MET F 394 22.47 17.08 -9.61
CA MET F 394 22.94 15.80 -9.04
C MET F 394 24.06 15.19 -9.89
N SER F 395 24.40 15.81 -11.04
CA SER F 395 25.32 15.24 -12.06
C SER F 395 26.61 14.72 -11.43
N PRO F 396 27.38 15.50 -10.63
CA PRO F 396 28.64 15.01 -10.10
C PRO F 396 28.43 13.75 -9.25
N LEU F 397 27.42 13.72 -8.39
CA LEU F 397 27.13 12.56 -7.52
C LEU F 397 26.74 11.36 -8.39
N LEU F 398 25.83 11.55 -9.35
CA LEU F 398 25.31 10.46 -10.22
C LEU F 398 26.45 9.90 -11.08
N ALA F 399 27.33 10.78 -11.56
CA ALA F 399 28.49 10.40 -12.39
C ALA F 399 29.38 9.44 -11.60
N ARG F 400 29.77 9.84 -10.38
CA ARG F 400 30.67 9.06 -9.49
C ARG F 400 30.00 7.75 -9.08
N HIS F 401 28.69 7.75 -8.89
CA HIS F 401 27.91 6.53 -8.54
C HIS F 401 28.02 5.52 -9.68
N VAL F 402 27.73 5.91 -10.91
CA VAL F 402 27.68 4.96 -12.04
C VAL F 402 29.09 4.43 -12.31
N VAL F 403 30.10 5.30 -12.22
CA VAL F 403 31.55 4.96 -12.42
C VAL F 403 31.95 3.93 -11.37
N SER F 404 31.56 4.12 -10.12
CA SER F 404 31.84 3.18 -8.99
C SER F 404 31.20 1.82 -9.30
N LEU F 405 29.95 1.77 -9.74
CA LEU F 405 29.24 0.49 -10.09
C LEU F 405 29.97 -0.20 -11.25
N MET F 406 30.51 0.58 -12.19
CA MET F 406 31.18 0.05 -13.41
C MET F 406 32.51 -0.59 -13.02
N ASP F 407 33.11 -0.12 -11.92
CA ASP F 407 34.45 -0.52 -11.43
C ASP F 407 34.32 -1.60 -10.34
N GLY F 408 33.11 -2.12 -10.11
CA GLY F 408 32.84 -3.21 -9.16
C GLY F 408 32.44 -2.74 -7.78
N GLY F 409 32.34 -1.42 -7.54
CA GLY F 409 31.96 -0.81 -6.24
C GLY F 409 30.46 -0.80 -6.03
N THR F 410 29.99 -0.15 -4.96
CA THR F 410 28.55 -0.01 -4.59
C THR F 410 28.08 1.45 -4.73
N GLY F 411 28.98 2.37 -5.12
CA GLY F 411 28.65 3.80 -5.31
C GLY F 411 28.06 4.42 -4.05
N VAL F 412 27.00 5.22 -4.21
CA VAL F 412 26.32 5.99 -3.13
C VAL F 412 25.10 5.19 -2.65
N ASP F 413 24.82 5.18 -1.34
CA ASP F 413 23.95 4.16 -0.69
C ASP F 413 22.51 4.20 -1.22
N GLY F 414 21.77 5.31 -1.13
CA GLY F 414 20.31 5.30 -1.35
C GLY F 414 19.87 5.17 -2.81
N LEU F 415 20.83 5.11 -3.75
CA LEU F 415 20.57 5.18 -5.21
C LEU F 415 20.33 3.79 -5.77
N ARG F 416 20.62 2.72 -5.00
CA ARG F 416 20.30 1.31 -5.37
C ARG F 416 18.82 1.18 -5.76
N GLU F 417 17.93 1.85 -5.02
CA GLU F 417 16.45 1.82 -5.20
C GLU F 417 16.04 2.20 -6.62
N PHE F 418 16.85 3.04 -7.30
CA PHE F 418 16.51 3.67 -8.62
C PHE F 418 17.18 2.92 -9.76
N ARG F 419 17.57 1.67 -9.53
CA ARG F 419 18.04 0.72 -10.59
C ARG F 419 17.07 0.82 -11.77
N PRO F 420 17.57 0.91 -13.02
CA PRO F 420 16.71 1.15 -14.17
C PRO F 420 15.78 -0.01 -14.55
N GLU F 421 16.20 -1.25 -14.29
CA GLU F 421 15.44 -2.46 -14.66
C GLU F 421 14.64 -2.88 -13.43
N ARG F 422 13.35 -2.56 -13.42
CA ARG F 422 12.46 -2.70 -12.25
C ARG F 422 11.00 -2.73 -12.72
N ASP F 423 10.14 -3.28 -11.86
CA ASP F 423 8.67 -3.01 -11.84
C ASP F 423 8.50 -1.51 -11.60
N LEU F 424 7.47 -0.90 -12.19
CA LEU F 424 7.08 0.50 -11.85
C LEU F 424 6.93 0.61 -10.34
N ILE F 425 7.50 1.66 -9.75
CA ILE F 425 7.34 2.00 -8.31
C ILE F 425 5.94 2.58 -8.07
N SER F 426 5.37 2.31 -6.90
CA SER F 426 4.09 2.88 -6.40
C SER F 426 4.36 3.61 -5.09
N ALA F 427 4.88 4.83 -5.17
CA ALA F 427 5.40 5.61 -4.00
C ALA F 427 4.25 6.31 -3.28
N TRP F 428 3.09 6.42 -3.93
CA TRP F 428 1.88 7.09 -3.37
C TRP F 428 0.66 6.21 -3.64
N SER F 429 -0.30 6.25 -2.72
CA SER F 429 -1.65 5.65 -2.89
C SER F 429 -2.37 6.42 -4.00
N ARG F 430 -3.25 5.71 -4.72
CA ARG F 430 -4.17 6.30 -5.72
C ARG F 430 -4.86 7.53 -5.13
N GLU F 431 -5.32 7.43 -3.88
CA GLU F 431 -6.04 8.50 -3.14
C GLU F 431 -5.14 9.75 -3.05
N GLU F 432 -3.86 9.59 -2.68
CA GLU F 432 -2.91 10.71 -2.51
C GLU F 432 -2.75 11.45 -3.86
N ILE F 433 -2.65 10.69 -4.95
CA ILE F 433 -2.39 11.24 -6.31
C ILE F 433 -3.61 12.02 -6.78
N LEU F 434 -4.82 11.47 -6.58
CA LEU F 434 -6.09 12.11 -7.00
C LEU F 434 -6.29 13.44 -6.26
N ASP F 435 -5.98 13.50 -4.96
CA ASP F 435 -5.96 14.79 -4.21
C ASP F 435 -4.94 15.74 -4.85
N ASP F 436 -3.77 15.22 -5.21
CA ASP F 436 -2.63 16.02 -5.74
C ASP F 436 -3.04 16.61 -7.10
N VAL F 437 -3.61 15.80 -8.01
CA VAL F 437 -3.88 16.22 -9.41
C VAL F 437 -4.95 17.31 -9.42
N VAL F 438 -5.92 17.23 -8.51
CA VAL F 438 -7.04 18.21 -8.43
C VAL F 438 -6.48 19.52 -7.86
N ARG F 439 -5.68 19.42 -6.80
CA ARG F 439 -5.05 20.60 -6.15
C ARG F 439 -4.20 21.35 -7.17
N HIS F 440 -3.35 20.62 -7.90
CA HIS F 440 -2.39 21.18 -8.88
C HIS F 440 -3.19 21.79 -10.04
N THR F 441 -4.23 21.10 -10.52
CA THR F 441 -5.12 21.63 -11.58
C THR F 441 -5.68 22.99 -11.12
N MET F 442 -6.23 23.06 -9.91
CA MET F 442 -6.76 24.34 -9.37
C MET F 442 -5.61 25.37 -9.30
N ALA F 443 -4.42 24.93 -8.94
CA ALA F 443 -3.24 25.81 -8.81
C ALA F 443 -2.91 26.49 -10.15
N THR F 444 -3.20 25.88 -11.29
CA THR F 444 -2.92 26.53 -12.60
C THR F 444 -3.80 27.77 -12.70
N GLY F 445 -4.96 27.75 -12.05
CA GLY F 445 -5.88 28.90 -11.97
C GLY F 445 -5.29 30.01 -11.10
N TYR F 446 -4.87 29.68 -9.89
CA TYR F 446 -4.47 30.69 -8.88
C TYR F 446 -3.15 31.32 -9.31
N GLU F 447 -2.36 30.60 -10.12
CA GLU F 447 -1.01 31.03 -10.58
C GLU F 447 -1.13 31.98 -11.77
N PHE F 448 -2.27 32.03 -12.45
CA PHE F 448 -2.44 32.84 -13.68
C PHE F 448 -2.19 34.32 -13.42
N PRO F 449 -2.76 34.99 -12.38
CA PRO F 449 -3.84 34.49 -11.55
C PRO F 449 -5.18 34.81 -12.20
N TRP F 450 -6.16 33.92 -12.08
CA TRP F 450 -7.51 34.18 -12.64
C TRP F 450 -8.26 35.16 -11.71
N ARG F 451 -9.38 35.68 -12.20
CA ARG F 451 -10.39 36.41 -11.40
C ARG F 451 -11.75 35.82 -11.76
N LEU F 452 -12.39 35.18 -10.79
CA LEU F 452 -13.60 34.33 -10.95
C LEU F 452 -14.63 34.78 -9.95
N PRO F 453 -15.92 34.45 -10.16
CA PRO F 453 -16.89 34.54 -9.08
C PRO F 453 -16.46 33.58 -7.96
N LEU F 454 -16.74 33.93 -6.72
CA LEU F 454 -16.11 33.26 -5.55
C LEU F 454 -16.64 31.83 -5.36
N GLU F 455 -17.76 31.43 -5.96
CA GLU F 455 -18.34 30.07 -5.80
C GLU F 455 -17.76 29.11 -6.85
N TRP F 456 -17.14 29.63 -7.90
CA TRP F 456 -16.71 28.84 -9.08
C TRP F 456 -15.60 27.87 -8.70
N PRO F 457 -14.57 28.28 -7.95
CA PRO F 457 -13.48 27.36 -7.59
C PRO F 457 -13.98 26.09 -6.86
N HIS F 458 -14.85 26.21 -5.87
CA HIS F 458 -15.42 25.03 -5.15
C HIS F 458 -16.18 24.14 -6.15
N MET F 459 -16.90 24.73 -7.10
CA MET F 459 -17.70 23.96 -8.10
C MET F 459 -16.73 23.16 -9.00
N MET F 460 -15.65 23.78 -9.48
CA MET F 460 -14.67 23.10 -10.37
C MET F 460 -13.94 22.01 -9.56
N GLU F 461 -13.59 22.27 -8.29
CA GLU F 461 -12.95 21.28 -7.39
C GLU F 461 -13.82 20.01 -7.41
N THR F 462 -15.12 20.10 -7.14
CA THR F 462 -15.99 18.91 -6.95
C THR F 462 -16.23 18.22 -8.31
N PHE F 463 -16.22 18.95 -9.43
CA PHE F 463 -16.51 18.37 -10.77
C PHE F 463 -15.23 17.82 -11.43
N LEU F 464 -14.06 18.06 -10.82
CA LEU F 464 -12.76 17.54 -11.33
C LEU F 464 -12.53 16.13 -10.74
N GLN F 465 -12.97 15.88 -9.51
CA GLN F 465 -12.69 14.63 -8.74
C GLN F 465 -13.15 13.41 -9.55
N GLY F 466 -14.38 13.41 -10.04
CA GLY F 466 -15.01 12.28 -10.74
C GLY F 466 -14.21 11.85 -11.97
N PRO F 467 -14.03 12.73 -12.98
CA PRO F 467 -13.32 12.35 -14.21
C PRO F 467 -11.89 11.82 -14.01
N PHE F 468 -11.15 12.29 -13.00
CA PHE F 468 -9.78 11.85 -12.68
C PHE F 468 -9.81 10.50 -11.94
N ALA F 469 -10.78 10.30 -11.04
CA ALA F 469 -11.01 9.02 -10.34
C ALA F 469 -11.35 7.94 -11.37
N GLU F 470 -12.22 8.26 -12.34
CA GLU F 470 -12.66 7.38 -13.44
C GLU F 470 -11.43 6.99 -14.29
N LEU F 471 -10.57 7.95 -14.62
CA LEU F 471 -9.37 7.73 -15.48
C LEU F 471 -8.43 6.75 -14.77
N ALA F 472 -8.12 7.00 -13.49
CA ALA F 472 -7.19 6.20 -12.68
C ALA F 472 -7.64 4.73 -12.61
N ASP F 473 -8.95 4.49 -12.41
CA ASP F 473 -9.55 3.14 -12.30
C ASP F 473 -9.45 2.40 -13.65
N ARG F 474 -9.60 3.15 -14.73
CA ARG F 474 -9.66 2.62 -16.12
C ARG F 474 -8.25 2.21 -16.58
N LEU F 475 -7.19 2.87 -16.10
CA LEU F 475 -5.80 2.71 -16.60
C LEU F 475 -5.21 1.38 -16.14
N SER F 476 -5.42 1.01 -14.86
CA SER F 476 -4.81 -0.19 -14.24
C SER F 476 -5.44 -0.41 -12.87
N ASP F 477 -5.45 -1.67 -12.41
CA ASP F 477 -5.94 -2.04 -11.06
C ASP F 477 -4.80 -1.94 -10.04
N THR F 478 -3.55 -1.71 -10.47
CA THR F 478 -2.37 -1.72 -9.55
C THR F 478 -1.56 -0.43 -9.71
N TYR F 479 -1.27 0.04 -10.93
CA TYR F 479 -0.38 1.21 -11.17
C TYR F 479 -1.19 2.51 -11.29
N THR F 480 -0.68 3.59 -10.70
CA THR F 480 -1.25 4.96 -10.83
C THR F 480 -0.15 5.92 -11.27
N PRO F 481 -0.31 6.62 -12.42
CA PRO F 481 0.67 7.62 -12.84
C PRO F 481 0.69 8.75 -11.82
N PRO F 482 1.86 9.36 -11.52
CA PRO F 482 1.89 10.55 -10.69
C PRO F 482 1.19 11.72 -11.39
N ALA F 483 0.82 12.74 -10.62
CA ALA F 483 -0.07 13.84 -11.02
C ALA F 483 0.39 14.48 -12.33
N ASP F 484 1.70 14.80 -12.44
CA ASP F 484 2.32 15.48 -13.60
C ASP F 484 1.94 14.72 -14.87
N LEU F 485 1.98 13.40 -14.81
CA LEU F 485 1.74 12.53 -15.99
C LEU F 485 0.24 12.30 -16.15
N MET F 486 -0.49 12.14 -15.04
CA MET F 486 -1.95 11.89 -15.09
C MET F 486 -2.66 13.03 -15.84
N THR F 487 -2.32 14.28 -15.57
CA THR F 487 -2.98 15.44 -16.26
C THR F 487 -2.72 15.32 -17.78
N ALA F 488 -1.49 15.01 -18.19
CA ALA F 488 -1.14 14.78 -19.61
C ALA F 488 -2.00 13.66 -20.20
N ILE F 489 -2.14 12.54 -19.49
CA ILE F 489 -2.94 11.37 -19.99
C ILE F 489 -4.40 11.78 -20.14
N MET F 490 -4.97 12.47 -19.14
CA MET F 490 -6.37 12.97 -19.12
C MET F 490 -6.72 13.76 -20.40
N PHE F 491 -5.78 14.53 -20.95
CA PHE F 491 -6.03 15.46 -22.09
C PHE F 491 -5.35 14.95 -23.36
N SER F 492 -4.89 13.70 -23.35
CA SER F 492 -4.37 12.99 -24.55
C SER F 492 -5.54 12.35 -25.31
N GLU F 493 -5.28 11.78 -26.48
CA GLU F 493 -6.31 11.12 -27.33
C GLU F 493 -6.66 9.76 -26.73
N ARG F 494 -7.83 9.23 -27.10
CA ARG F 494 -8.34 7.91 -26.65
C ARG F 494 -7.34 6.80 -27.02
N GLU F 495 -6.73 6.87 -28.21
CA GLU F 495 -5.75 5.85 -28.71
C GLU F 495 -4.54 5.83 -27.78
N GLN F 496 -4.02 7.02 -27.42
CA GLN F 496 -2.83 7.18 -26.54
C GLN F 496 -3.12 6.62 -25.14
N GLN F 497 -4.33 6.84 -24.64
CA GLN F 497 -4.81 6.30 -23.34
C GLN F 497 -4.87 4.77 -23.40
N ASP F 498 -5.47 4.21 -24.46
CA ASP F 498 -5.65 2.74 -24.63
C ASP F 498 -4.27 2.08 -24.70
N GLU F 499 -3.34 2.69 -25.44
CA GLU F 499 -1.93 2.23 -25.57
C GLU F 499 -1.28 2.16 -24.18
N LEU F 500 -1.61 3.11 -23.28
CA LEU F 500 -1.08 3.15 -21.89
C LEU F 500 -1.71 2.04 -21.04
N ILE F 501 -2.97 1.69 -21.30
CA ILE F 501 -3.68 0.59 -20.57
C ILE F 501 -2.96 -0.72 -20.93
N ALA F 502 -2.63 -0.92 -22.22
CA ALA F 502 -1.90 -2.09 -22.74
C ALA F 502 -0.49 -2.15 -22.15
N TYR F 503 0.22 -1.03 -22.10
CA TYR F 503 1.57 -0.91 -21.48
C TYR F 503 1.51 -1.34 -20.01
N TYR F 504 0.63 -0.75 -19.22
CA TYR F 504 0.51 -1.01 -17.76
C TYR F 504 0.22 -2.51 -17.54
N ALA F 505 -0.69 -3.08 -18.34
CA ALA F 505 -1.11 -4.50 -18.26
C ALA F 505 0.09 -5.41 -18.60
N ASP F 506 0.82 -5.09 -19.67
CA ASP F 506 2.05 -5.83 -20.10
C ASP F 506 3.12 -5.76 -19.00
N VAL F 507 3.27 -4.63 -18.30
CA VAL F 507 4.28 -4.49 -17.21
C VAL F 507 3.87 -5.42 -16.06
N HIS F 508 2.57 -5.51 -15.77
CA HIS F 508 2.02 -6.35 -14.67
C HIS F 508 2.30 -7.84 -14.98
N ARG F 509 2.03 -8.26 -16.22
CA ARG F 509 2.32 -9.61 -16.78
C ARG F 509 3.80 -9.96 -16.52
N GLU F 510 4.72 -9.06 -16.86
CA GLU F 510 6.20 -9.28 -16.79
C GLU F 510 6.64 -9.49 -15.34
N TRP F 511 6.08 -8.76 -14.37
CA TRP F 511 6.65 -8.63 -13.01
C TRP F 511 5.84 -9.39 -11.94
N HIS F 512 4.60 -9.79 -12.23
CA HIS F 512 3.70 -10.46 -11.25
C HIS F 512 3.21 -11.79 -11.83
N GLN G 31 -27.13 79.70 37.89
CA GLN G 31 -27.41 78.32 37.42
C GLN G 31 -26.14 77.48 37.47
N THR G 32 -26.21 76.31 38.07
CA THR G 32 -25.19 75.23 38.03
C THR G 32 -25.70 74.06 37.19
N ASP G 33 -26.72 74.27 36.36
CA ASP G 33 -27.26 73.28 35.39
C ASP G 33 -26.24 73.02 34.27
N VAL G 34 -26.08 71.75 33.89
CA VAL G 34 -25.23 71.32 32.74
C VAL G 34 -26.14 70.84 31.61
N ILE G 35 -25.88 71.32 30.39
CA ILE G 35 -26.50 70.82 29.13
C ILE G 35 -25.41 70.18 28.27
N VAL G 36 -25.56 68.89 27.95
CA VAL G 36 -24.74 68.18 26.95
C VAL G 36 -25.50 68.21 25.62
N VAL G 37 -24.90 68.81 24.60
CA VAL G 37 -25.50 68.88 23.23
C VAL G 37 -24.92 67.71 22.42
N GLY G 38 -25.75 66.68 22.16
CA GLY G 38 -25.33 65.50 21.38
C GLY G 38 -25.47 64.21 22.16
N ASN G 39 -26.00 63.17 21.50
CA ASN G 39 -26.36 61.86 22.13
C ASN G 39 -25.59 60.74 21.45
N GLY G 40 -24.37 61.02 20.97
CA GLY G 40 -23.45 59.96 20.51
C GLY G 40 -22.76 59.33 21.70
N VAL G 41 -21.73 58.52 21.46
CA VAL G 41 -20.89 57.94 22.55
C VAL G 41 -20.24 59.07 23.37
N LEU G 42 -19.78 60.16 22.75
CA LEU G 42 -19.06 61.23 23.49
C LEU G 42 -20.05 61.97 24.41
N GLY G 43 -21.16 62.45 23.86
CA GLY G 43 -22.20 63.17 24.64
C GLY G 43 -22.66 62.34 25.83
N LEU G 44 -23.12 61.12 25.59
CA LEU G 44 -23.62 60.20 26.64
C LEU G 44 -22.52 59.84 27.63
N SER G 45 -21.28 59.71 27.19
CA SER G 45 -20.14 59.31 28.07
C SER G 45 -19.81 60.47 29.02
N VAL G 46 -19.87 61.71 28.53
CA VAL G 46 -19.56 62.92 29.35
C VAL G 46 -20.76 63.15 30.28
N GLY G 47 -21.98 62.93 29.78
CA GLY G 47 -23.22 63.00 30.57
C GLY G 47 -23.19 62.03 31.73
N VAL G 48 -22.81 60.77 31.47
CA VAL G 48 -22.77 59.74 32.53
C VAL G 48 -21.76 60.18 33.59
N GLU G 49 -20.58 60.68 33.19
CA GLU G 49 -19.49 61.02 34.14
C GLU G 49 -19.88 62.26 34.95
N ILE G 50 -20.51 63.27 34.33
CA ILE G 50 -21.01 64.46 35.05
C ILE G 50 -22.06 64.03 36.10
N ALA G 51 -23.09 63.30 35.68
CA ALA G 51 -24.21 62.85 36.55
C ALA G 51 -23.70 62.07 37.77
N ARG G 52 -22.76 61.15 37.57
CA ARG G 52 -22.20 60.29 38.64
C ARG G 52 -21.30 61.09 39.59
N THR G 53 -20.64 62.15 39.10
CA THR G 53 -19.56 62.91 39.80
C THR G 53 -20.14 64.15 40.50
N ARG G 54 -21.32 64.61 40.08
CA ARG G 54 -21.98 65.83 40.59
C ARG G 54 -23.46 65.55 40.87
N PRO G 55 -23.84 64.70 41.87
CA PRO G 55 -25.25 64.41 42.16
C PRO G 55 -26.04 65.68 42.54
N ASP G 56 -25.32 66.72 42.97
CA ASP G 56 -25.83 68.07 43.34
C ASP G 56 -26.54 68.74 42.15
N VAL G 57 -25.95 68.70 40.94
CA VAL G 57 -26.40 69.52 39.77
C VAL G 57 -27.31 68.72 38.83
N ARG G 58 -28.19 69.43 38.11
CA ARG G 58 -29.07 68.91 37.06
C ARG G 58 -28.32 68.84 35.73
N VAL G 59 -28.15 67.63 35.17
CA VAL G 59 -27.51 67.42 33.84
C VAL G 59 -28.59 66.97 32.85
N THR G 60 -28.72 67.73 31.75
CA THR G 60 -29.70 67.48 30.66
C THR G 60 -28.92 67.19 29.36
N LEU G 61 -29.32 66.14 28.62
CA LEU G 61 -28.66 65.73 27.35
C LEU G 61 -29.67 65.84 26.18
N LEU G 62 -29.33 66.63 25.16
CA LEU G 62 -30.14 66.86 23.94
C LEU G 62 -29.74 65.88 22.83
N GLY G 63 -30.63 65.66 21.85
CA GLY G 63 -30.43 64.76 20.70
C GLY G 63 -31.58 63.78 20.55
N LYS G 64 -31.90 63.40 19.30
CA LYS G 64 -33.09 62.58 18.92
C LYS G 64 -32.68 61.14 18.66
N PRO G 65 -33.58 60.15 18.86
CA PRO G 65 -33.23 58.74 18.66
C PRO G 65 -32.81 58.34 17.23
N ALA G 66 -33.18 59.13 16.20
CA ALA G 66 -32.78 58.91 14.78
C ALA G 66 -31.25 59.00 14.63
N ARG G 67 -30.58 59.84 15.44
CA ARG G 67 -29.11 60.07 15.39
C ARG G 67 -28.69 60.29 13.92
N GLN G 68 -29.30 61.27 13.25
CA GLN G 68 -28.97 61.66 11.86
C GLN G 68 -27.45 61.86 11.72
N TYR G 69 -26.85 61.16 10.75
CA TYR G 69 -25.40 61.21 10.39
C TYR G 69 -24.53 60.64 11.51
N GLY G 70 -25.14 59.92 12.46
CA GLY G 70 -24.46 59.48 13.69
C GLY G 70 -23.36 58.48 13.38
N ALA G 71 -22.12 58.84 13.74
CA ALA G 71 -20.93 57.97 13.63
C ALA G 71 -21.10 56.72 14.50
N THR G 72 -21.53 56.87 15.76
CA THR G 72 -21.54 55.79 16.79
C THR G 72 -22.38 54.60 16.32
N PRO G 73 -23.66 54.76 15.91
CA PRO G 73 -24.49 53.61 15.54
C PRO G 73 -23.94 52.87 14.31
N ALA G 74 -23.15 53.55 13.47
CA ALA G 74 -22.54 52.97 12.24
C ALA G 74 -21.22 52.25 12.57
N ALA G 75 -20.75 52.31 13.81
CA ALA G 75 -19.42 51.78 14.22
C ALA G 75 -19.59 50.34 14.70
N GLY G 76 -18.52 49.55 14.55
CA GLY G 76 -18.51 48.10 14.82
C GLY G 76 -18.84 47.78 16.27
N ALA G 77 -17.95 48.21 17.20
CA ALA G 77 -16.81 49.06 16.93
C ALA G 77 -15.55 48.46 17.54
N MET G 78 -14.41 48.71 16.91
CA MET G 78 -13.09 48.29 17.45
C MET G 78 -12.62 49.25 18.55
N LEU G 79 -12.07 48.71 19.64
CA LEU G 79 -11.33 49.52 20.66
C LEU G 79 -9.89 49.64 20.16
N GLY G 80 -9.71 50.48 19.12
CA GLY G 80 -8.48 50.57 18.32
C GLY G 80 -7.48 51.50 18.94
N ALA G 81 -6.33 50.95 19.34
CA ALA G 81 -5.12 51.67 19.80
C ALA G 81 -3.96 51.32 18.86
N PHE G 82 -3.45 50.09 19.00
CA PHE G 82 -2.32 49.57 18.20
C PHE G 82 -2.79 49.29 16.76
N GLY G 83 -4.03 48.83 16.58
CA GLY G 83 -4.62 48.59 15.24
C GLY G 83 -4.66 49.86 14.41
N GLU G 84 -4.75 51.03 15.05
CA GLU G 84 -4.86 52.35 14.38
C GLU G 84 -3.47 52.93 14.07
N VAL G 85 -2.41 52.23 14.43
CA VAL G 85 -1.01 52.71 14.22
C VAL G 85 -0.71 52.70 12.72
N THR G 86 -0.21 53.84 12.22
CA THR G 86 0.42 53.98 10.90
C THR G 86 1.83 54.54 11.09
N ALA G 87 2.75 54.24 10.16
CA ALA G 87 4.09 54.85 10.11
C ALA G 87 3.97 56.37 10.04
N HIS G 88 3.06 56.91 9.23
CA HIS G 88 2.85 58.36 8.99
C HIS G 88 2.40 59.07 10.29
N ALA G 89 1.55 58.43 11.11
CA ALA G 89 1.07 58.99 12.40
C ALA G 89 2.26 59.08 13.37
N LEU G 90 2.99 57.97 13.54
CA LEU G 90 4.13 57.84 14.48
C LEU G 90 5.40 58.55 13.96
N ALA G 91 5.30 59.39 12.94
CA ALA G 91 6.42 60.15 12.36
C ALA G 91 6.26 61.63 12.71
N SER G 92 5.08 62.06 13.15
CA SER G 92 4.83 63.43 13.67
C SER G 92 4.76 63.38 15.19
N GLU G 93 5.11 64.48 15.86
CA GLU G 93 5.01 64.63 17.34
C GLU G 93 3.51 64.56 17.72
N HIS G 94 2.68 65.39 17.10
CA HIS G 94 1.20 65.43 17.31
C HIS G 94 0.62 64.00 17.24
N GLY G 95 1.09 63.18 16.31
CA GLY G 95 0.63 61.79 16.11
C GLY G 95 1.07 60.84 17.20
N ARG G 96 2.28 60.99 17.75
CA ARG G 96 2.81 60.13 18.84
C ARG G 96 2.01 60.40 20.13
N LYS G 97 1.56 61.65 20.33
CA LYS G 97 0.71 62.08 21.47
C LYS G 97 -0.67 61.39 21.37
N LYS G 98 -1.33 61.51 20.20
CA LYS G 98 -2.63 60.87 19.89
C LYS G 98 -2.52 59.37 20.18
N HIS G 99 -1.43 58.72 19.75
CA HIS G 99 -1.23 57.27 19.98
C HIS G 99 -1.17 56.98 21.48
N ALA G 100 -0.48 57.82 22.25
CA ALA G 100 -0.28 57.64 23.72
C ALA G 100 -1.65 57.72 24.43
N LEU G 101 -2.48 58.68 24.07
CA LEU G 101 -3.86 58.83 24.64
C LEU G 101 -4.66 57.55 24.39
N ALA G 102 -4.57 56.96 23.19
CA ALA G 102 -5.32 55.75 22.80
C ALA G 102 -4.89 54.57 23.68
N VAL G 103 -3.59 54.48 23.99
CA VAL G 103 -3.07 53.40 24.88
C VAL G 103 -3.67 53.62 26.27
N GLN G 104 -3.71 54.88 26.73
CA GLN G 104 -4.26 55.27 28.06
C GLN G 104 -5.73 54.89 28.12
N ALA G 105 -6.51 55.26 27.10
CA ALA G 105 -7.96 54.95 27.00
C ALA G 105 -8.19 53.44 27.09
N GLN G 106 -7.35 52.60 26.49
CA GLN G 106 -7.48 51.11 26.50
C GLN G 106 -7.53 50.59 27.93
N ARG G 107 -6.82 51.23 28.85
CA ARG G 107 -6.67 50.75 30.26
C ARG G 107 -7.96 51.02 31.04
N LEU G 108 -8.77 51.99 30.60
CA LEU G 108 -10.05 52.36 31.27
C LEU G 108 -11.20 51.46 30.84
N TRP G 109 -11.09 50.71 29.75
CA TRP G 109 -12.29 50.04 29.15
C TRP G 109 -12.83 48.95 30.05
N PRO G 110 -12.01 48.03 30.62
CA PRO G 110 -12.54 46.97 31.47
C PRO G 110 -13.45 47.47 32.61
N GLU G 111 -13.01 48.47 33.37
CA GLU G 111 -13.77 49.03 34.53
C GLU G 111 -14.99 49.81 34.01
N TRP G 112 -14.84 50.59 32.93
CA TRP G 112 -15.90 51.44 32.32
C TRP G 112 -17.08 50.54 31.88
N ILE G 113 -16.78 49.44 31.20
CA ILE G 113 -17.77 48.42 30.77
C ILE G 113 -18.48 47.87 32.01
N GLU G 114 -17.72 47.41 33.01
CA GLU G 114 -18.26 46.80 34.27
C GLU G 114 -19.20 47.81 34.93
N SER G 115 -18.83 49.09 34.98
CA SER G 115 -19.61 50.18 35.60
C SER G 115 -20.89 50.46 34.81
N LEU G 116 -20.92 50.18 33.50
CA LEU G 116 -22.10 50.40 32.63
C LEU G 116 -23.00 49.16 32.66
N GLU G 117 -22.42 47.96 32.60
CA GLU G 117 -23.18 46.68 32.66
C GLU G 117 -23.87 46.52 34.02
N ALA G 118 -23.28 47.07 35.09
CA ALA G 118 -23.76 46.95 36.51
C ALA G 118 -25.14 47.61 36.69
N THR G 119 -25.52 48.57 35.85
CA THR G 119 -26.82 49.28 35.92
C THR G 119 -27.91 48.50 35.15
N GLY G 120 -27.58 47.37 34.53
CA GLY G 120 -28.53 46.53 33.79
C GLY G 120 -28.48 45.08 34.30
N THR G 121 -29.06 44.15 33.54
CA THR G 121 -29.10 42.69 33.84
C THR G 121 -28.61 41.90 32.62
N ALA G 122 -28.47 40.58 32.79
CA ALA G 122 -28.00 39.62 31.76
C ALA G 122 -28.71 39.83 30.42
N ALA G 123 -30.02 40.09 30.43
CA ALA G 123 -30.90 40.11 29.23
C ALA G 123 -30.67 41.37 28.37
N ASP G 124 -29.92 42.38 28.86
CA ASP G 124 -29.62 43.63 28.13
C ASP G 124 -28.49 43.41 27.10
N GLY G 125 -27.83 42.26 27.18
CA GLY G 125 -26.75 41.85 26.26
C GLY G 125 -25.41 42.35 26.76
N ARG G 126 -24.33 41.81 26.19
CA ARG G 126 -22.94 42.16 26.55
C ARG G 126 -22.47 43.31 25.65
N ILE G 127 -21.81 44.30 26.25
CA ILE G 127 -21.16 45.44 25.52
C ILE G 127 -19.96 44.87 24.77
N LYS G 128 -19.14 44.04 25.43
CA LYS G 128 -17.92 43.46 24.85
C LYS G 128 -18.30 42.35 23.86
N THR G 129 -17.74 42.37 22.66
CA THR G 129 -18.01 41.37 21.60
C THR G 129 -16.74 40.56 21.27
N ALA G 130 -15.56 41.06 21.62
CA ALA G 130 -14.28 40.32 21.52
C ALA G 130 -13.20 40.96 22.40
N ASP G 131 -12.25 40.16 22.86
CA ASP G 131 -11.16 40.60 23.76
C ASP G 131 -9.91 40.97 22.95
N ASP G 132 -9.73 40.28 21.81
CA ASP G 132 -8.49 40.27 21.02
C ASP G 132 -8.77 40.65 19.56
N THR G 133 -7.69 41.03 18.87
CA THR G 133 -7.67 41.51 17.46
C THR G 133 -6.58 40.75 16.71
N VAL G 134 -6.85 40.31 15.48
CA VAL G 134 -5.81 39.82 14.55
C VAL G 134 -5.69 40.83 13.41
N VAL G 135 -4.49 41.37 13.22
CA VAL G 135 -4.15 42.25 12.08
C VAL G 135 -3.57 41.35 10.99
N LEU G 136 -4.14 41.42 9.78
CA LEU G 136 -3.76 40.57 8.65
C LEU G 136 -3.00 41.42 7.63
N LEU G 137 -1.95 40.86 7.05
CA LEU G 137 -1.22 41.50 5.94
C LEU G 137 -1.41 40.64 4.69
N ASN G 138 -2.04 41.22 3.68
CA ASN G 138 -2.25 40.63 2.33
C ASN G 138 -1.68 41.63 1.34
N THR G 139 -1.70 41.28 0.05
CA THR G 139 -1.04 42.08 -1.01
C THR G 139 -2.10 42.87 -1.78
N VAL G 140 -3.32 42.96 -1.26
CA VAL G 140 -4.43 43.69 -1.96
C VAL G 140 -4.35 45.15 -1.49
N GLY G 141 -3.26 45.81 -1.82
CA GLY G 141 -3.01 47.17 -1.32
C GLY G 141 -1.60 47.61 -1.65
N HIS G 142 -1.28 48.84 -1.26
CA HIS G 142 0.02 49.49 -1.54
C HIS G 142 1.05 48.95 -0.54
N SER G 143 2.23 48.56 -1.00
CA SER G 143 3.39 48.23 -0.13
C SER G 143 3.74 49.43 0.76
N ALA G 144 3.68 50.64 0.21
CA ALA G 144 4.12 51.89 0.88
C ALA G 144 3.18 52.24 2.03
N LEU G 145 1.96 51.70 2.07
CA LEU G 145 1.08 51.80 3.27
C LEU G 145 1.14 50.49 4.08
N ASP G 146 0.67 49.38 3.54
CA ASP G 146 0.40 48.14 4.33
C ASP G 146 1.70 47.58 4.93
N ASP G 147 2.82 47.54 4.19
CA ASP G 147 4.12 46.98 4.67
C ASP G 147 4.67 47.89 5.78
N ALA G 148 4.74 49.20 5.52
CA ALA G 148 5.25 50.20 6.47
C ALA G 148 4.39 50.16 7.75
N ASN G 149 3.06 50.06 7.59
CA ASN G 149 2.11 50.15 8.73
C ASN G 149 2.14 48.86 9.54
N PHE G 150 2.43 47.72 8.95
CA PHE G 150 2.55 46.44 9.70
C PHE G 150 3.79 46.50 10.61
N ALA G 151 4.90 46.98 10.07
CA ALA G 151 6.17 47.19 10.81
C ALA G 151 5.94 48.20 11.95
N ALA G 152 5.31 49.33 11.66
CA ALA G 152 5.01 50.41 12.64
C ALA G 152 4.17 49.87 13.80
N VAL G 153 3.20 49.00 13.51
CA VAL G 153 2.29 48.37 14.52
C VAL G 153 3.14 47.48 15.43
N LEU G 154 3.96 46.60 14.83
CA LEU G 154 4.82 45.63 15.54
C LEU G 154 5.77 46.39 16.48
N THR G 155 6.35 47.49 15.98
CA THR G 155 7.30 48.36 16.71
C THR G 155 6.58 49.02 17.90
N ALA G 156 5.39 49.58 17.66
CA ALA G 156 4.63 50.33 18.68
C ALA G 156 4.18 49.40 19.82
N LEU G 157 3.84 48.16 19.50
CA LEU G 157 3.47 47.09 20.49
C LEU G 157 4.66 46.77 21.40
N LYS G 158 5.87 46.63 20.83
CA LYS G 158 7.12 46.33 21.58
C LYS G 158 7.45 47.53 22.49
N GLU G 159 7.43 48.76 21.98
CA GLU G 159 7.74 50.01 22.73
C GLU G 159 6.83 50.17 23.94
N ALA G 160 5.53 49.85 23.83
CA ALA G 160 4.55 50.00 24.92
C ALA G 160 4.47 48.72 25.75
N ASN G 161 5.29 47.71 25.44
CA ASN G 161 5.34 46.44 26.23
C ASN G 161 3.96 45.78 26.26
N ALA G 162 3.15 45.97 25.23
CA ALA G 162 1.80 45.39 25.09
C ALA G 162 1.93 43.92 24.74
N PRO G 163 1.06 43.03 25.25
CA PRO G 163 1.12 41.61 24.94
C PRO G 163 0.57 41.36 23.53
N HIS G 164 1.31 40.57 22.74
CA HIS G 164 1.06 40.33 21.30
C HIS G 164 1.98 39.23 20.80
N GLU G 165 1.68 38.69 19.62
CA GLU G 165 2.45 37.57 19.01
C GLU G 165 2.17 37.59 17.51
N GLU G 166 3.22 37.56 16.68
CA GLU G 166 3.11 37.23 15.24
C GLU G 166 2.80 35.74 15.17
N ILE G 167 1.73 35.37 14.48
CA ILE G 167 1.21 33.96 14.45
C ILE G 167 1.18 33.47 13.01
N ALA G 168 1.25 32.17 12.82
CA ALA G 168 1.05 31.53 11.51
C ALA G 168 -0.38 31.88 11.05
N VAL G 169 -0.53 32.26 9.79
CA VAL G 169 -1.85 32.54 9.18
C VAL G 169 -2.72 31.27 9.28
N GLU G 170 -2.12 30.10 9.13
CA GLU G 170 -2.80 28.78 9.19
C GLU G 170 -3.52 28.66 10.55
N SER G 171 -3.07 29.32 11.60
CA SER G 171 -3.63 29.25 12.97
C SER G 171 -4.77 30.26 13.17
N VAL G 172 -5.05 31.16 12.22
CA VAL G 172 -6.17 32.13 12.34
C VAL G 172 -7.48 31.37 12.08
N ASP G 173 -8.37 31.36 13.08
CA ASP G 173 -9.66 30.65 13.08
C ASP G 173 -10.58 31.33 12.06
N TRP G 174 -11.42 30.53 11.41
CA TRP G 174 -12.67 30.97 10.75
C TRP G 174 -12.41 31.46 9.31
N ILE G 175 -11.44 32.35 9.10
CA ILE G 175 -11.19 33.03 7.78
C ILE G 175 -11.09 31.96 6.68
N ASP G 176 -11.65 32.27 5.51
CA ASP G 176 -11.58 31.43 4.29
C ASP G 176 -11.47 32.38 3.10
N PRO G 177 -10.33 33.08 2.97
CA PRO G 177 -10.15 34.05 1.89
C PRO G 177 -9.96 33.34 0.55
N ASP G 178 -10.18 34.09 -0.53
CA ASP G 178 -9.66 33.80 -1.89
C ASP G 178 -8.15 33.66 -1.79
N PRO G 179 -7.55 32.51 -2.17
CA PRO G 179 -6.10 32.37 -2.11
C PRO G 179 -5.32 33.54 -2.73
N ASN G 180 -5.82 34.16 -3.80
CA ASN G 180 -5.10 35.28 -4.46
C ASN G 180 -5.19 36.55 -3.62
N SER G 181 -6.09 36.61 -2.64
CA SER G 181 -6.27 37.76 -1.72
C SER G 181 -5.86 37.41 -0.28
N ARG G 182 -5.21 36.28 -0.03
CA ARG G 182 -5.04 35.73 1.35
C ARG G 182 -3.95 36.49 2.10
N PRO G 183 -3.95 36.42 3.44
CA PRO G 183 -2.87 37.01 4.23
C PRO G 183 -1.68 36.04 4.30
N LEU G 184 -0.45 36.56 4.35
CA LEU G 184 0.79 35.74 4.50
C LEU G 184 1.45 36.02 5.85
N ARG G 185 0.98 37.05 6.57
CA ARG G 185 1.41 37.35 7.96
C ARG G 185 0.19 37.80 8.76
N ALA G 186 0.17 37.42 10.04
CA ALA G 186 -0.90 37.73 10.99
C ALA G 186 -0.27 38.12 12.33
N LEU G 187 -0.95 38.98 13.07
CA LEU G 187 -0.49 39.59 14.33
C LEU G 187 -1.66 39.55 15.32
N HIS G 188 -1.55 38.70 16.36
CA HIS G 188 -2.52 38.58 17.49
C HIS G 188 -2.20 39.66 18.53
N ILE G 189 -3.14 40.57 18.79
CA ILE G 189 -3.01 41.63 19.85
C ILE G 189 -3.98 41.28 20.99
N GLU G 190 -3.44 41.00 22.19
CA GLU G 190 -4.26 40.69 23.40
C GLU G 190 -4.81 41.98 24.02
N GLY G 191 -6.09 41.98 24.40
CA GLY G 191 -6.72 43.07 25.17
C GLY G 191 -7.07 44.27 24.30
N GLU G 192 -7.02 44.08 22.98
CA GLU G 192 -7.53 45.04 21.98
C GLU G 192 -8.74 44.37 21.31
N GLY G 193 -9.94 44.81 21.68
CA GLY G 193 -11.19 44.10 21.36
C GLY G 193 -12.20 44.99 20.67
N SER G 194 -13.45 44.61 20.85
CA SER G 194 -14.60 45.28 20.19
C SER G 194 -15.79 45.32 21.15
N VAL G 195 -16.63 46.32 20.94
CA VAL G 195 -17.94 46.50 21.61
C VAL G 195 -19.01 46.50 20.54
N ASP G 196 -20.22 46.09 20.90
CA ASP G 196 -21.45 46.33 20.11
C ASP G 196 -21.87 47.77 20.37
N SER G 197 -21.74 48.66 19.37
CA SER G 197 -21.96 50.11 19.52
C SER G 197 -23.41 50.36 19.95
N GLY G 198 -24.36 49.52 19.50
CA GLY G 198 -25.79 49.68 19.83
C GLY G 198 -26.08 49.40 21.28
N ILE G 199 -25.50 48.29 21.79
CA ILE G 199 -25.68 47.87 23.21
C ILE G 199 -24.94 48.87 24.10
N LEU G 200 -23.79 49.39 23.66
CA LEU G 200 -23.03 50.44 24.41
C LEU G 200 -23.93 51.68 24.56
N LEU G 201 -24.58 52.13 23.49
CA LEU G 201 -25.45 53.34 23.53
C LEU G 201 -26.59 53.10 24.52
N ALA G 202 -27.25 51.93 24.46
CA ALA G 202 -28.35 51.51 25.36
C ALA G 202 -27.85 51.53 26.82
N ALA G 203 -26.64 51.03 27.09
CA ALA G 203 -26.05 50.94 28.44
C ALA G 203 -25.70 52.35 28.96
N LEU G 204 -25.19 53.24 28.09
CA LEU G 204 -24.86 54.65 28.44
C LEU G 204 -26.16 55.38 28.82
N GLU G 205 -27.21 55.27 28.02
CA GLU G 205 -28.53 55.90 28.28
C GLU G 205 -29.05 55.42 29.65
N ARG G 206 -29.15 54.10 29.83
CA ARG G 206 -29.62 53.45 31.08
C ARG G 206 -28.78 53.98 32.26
N SER G 207 -27.46 54.01 32.12
CA SER G 207 -26.52 54.43 33.19
C SER G 207 -26.68 55.93 33.46
N PHE G 208 -27.06 56.72 32.45
CA PHE G 208 -27.30 58.18 32.57
C PHE G 208 -28.54 58.42 33.43
N LEU G 209 -29.65 57.76 33.11
CA LEU G 209 -30.94 57.87 33.86
C LEU G 209 -30.71 57.43 35.30
N GLN G 210 -29.99 56.32 35.51
CA GLN G 210 -29.72 55.73 36.86
C GLN G 210 -29.01 56.77 37.74
N ALA G 211 -28.08 57.54 37.18
CA ALA G 211 -27.27 58.53 37.93
C ALA G 211 -28.00 59.88 38.01
N GLY G 212 -29.24 59.95 37.50
CA GLY G 212 -30.14 61.11 37.70
C GLY G 212 -30.15 62.08 36.55
N GLY G 213 -29.59 61.71 35.39
CA GLY G 213 -29.58 62.59 34.21
C GLY G 213 -30.96 62.64 33.56
N ARG G 214 -31.24 63.67 32.78
CA ARG G 214 -32.55 63.81 32.08
C ARG G 214 -32.30 63.86 30.58
N LEU G 215 -32.93 62.96 29.84
CA LEU G 215 -32.92 62.91 28.35
C LEU G 215 -34.04 63.78 27.82
N HIS G 216 -33.72 64.83 27.05
CA HIS G 216 -34.70 65.72 26.38
C HIS G 216 -34.52 65.58 24.88
N PRO G 217 -35.35 64.76 24.18
CA PRO G 217 -35.08 64.38 22.79
C PRO G 217 -35.45 65.47 21.78
N VAL G 218 -34.72 66.59 21.83
CA VAL G 218 -34.75 67.69 20.82
C VAL G 218 -33.30 68.02 20.45
N ASP G 219 -33.11 68.85 19.43
CA ASP G 219 -31.78 69.33 18.99
C ASP G 219 -31.59 70.78 19.45
N ALA G 220 -30.37 71.14 19.87
CA ALA G 220 -29.93 72.55 20.06
C ALA G 220 -29.87 73.21 18.68
N THR G 221 -30.44 74.41 18.52
CA THR G 221 -30.30 75.26 17.31
C THR G 221 -29.23 76.33 17.55
N GLU G 222 -29.05 76.78 18.80
CA GLU G 222 -28.20 77.96 19.12
C GLU G 222 -27.75 77.90 20.58
N ILE G 223 -26.49 78.24 20.83
CA ILE G 223 -25.91 78.43 22.18
C ILE G 223 -25.99 79.92 22.51
N ARG G 224 -26.52 80.26 23.69
CA ARG G 224 -26.63 81.67 24.15
C ARG G 224 -25.46 82.00 25.07
N ALA G 225 -24.76 83.09 24.77
CA ALA G 225 -23.67 83.66 25.59
C ALA G 225 -23.69 85.18 25.47
N SER G 226 -23.41 85.86 26.59
CA SER G 226 -23.17 87.32 26.67
C SER G 226 -22.20 87.59 27.82
N HIS G 227 -21.41 88.66 27.71
CA HIS G 227 -20.38 89.06 28.71
C HIS G 227 -19.47 87.84 28.97
N GLY G 228 -19.09 87.12 27.91
CA GLY G 228 -18.12 86.00 27.90
C GLY G 228 -18.53 84.84 28.79
N ARG G 229 -19.83 84.52 28.87
CA ARG G 229 -20.37 83.45 29.76
C ARG G 229 -21.57 82.78 29.10
N VAL G 230 -21.70 81.45 29.23
CA VAL G 230 -22.86 80.69 28.67
C VAL G 230 -24.09 80.98 29.54
N GLU G 231 -25.22 81.28 28.89
CA GLU G 231 -26.54 81.45 29.53
C GLU G 231 -27.34 80.15 29.37
N GLY G 232 -27.24 79.50 28.21
CA GLY G 232 -27.87 78.20 27.94
C GLY G 232 -28.01 77.90 26.46
N VAL G 233 -29.13 77.26 26.07
CA VAL G 233 -29.32 76.61 24.73
C VAL G 233 -30.79 76.78 24.28
N VAL G 234 -31.00 77.38 23.10
CA VAL G 234 -32.30 77.41 22.38
C VAL G 234 -32.43 76.07 21.63
N THR G 235 -33.57 75.39 21.77
CA THR G 235 -33.86 74.06 21.15
C THR G 235 -34.73 74.24 19.90
N ASP G 236 -34.88 73.17 19.10
CA ASP G 236 -35.50 73.22 17.74
C ASP G 236 -37.03 73.15 17.83
N ASP G 237 -37.61 73.12 19.04
CA ASP G 237 -39.07 73.29 19.24
C ASP G 237 -39.36 74.68 19.82
N GLY G 238 -38.41 75.62 19.76
CA GLY G 238 -38.59 77.05 20.10
C GLY G 238 -38.22 77.39 21.54
N ASP G 239 -38.05 76.37 22.41
CA ASP G 239 -37.84 76.52 23.87
C ASP G 239 -36.45 77.09 24.16
N PHE G 240 -36.17 77.50 25.41
CA PHE G 240 -34.83 77.92 25.90
C PHE G 240 -34.53 77.23 27.24
N LEU G 241 -33.44 76.47 27.32
CA LEU G 241 -32.97 75.81 28.57
C LEU G 241 -31.78 76.59 29.12
N PRO G 242 -31.82 77.07 30.38
CA PRO G 242 -30.70 77.80 30.97
C PRO G 242 -29.64 76.82 31.53
N ALA G 243 -28.38 77.27 31.62
CA ALA G 243 -27.27 76.48 32.18
C ALA G 243 -26.03 77.35 32.39
N GLY G 244 -25.19 76.98 33.37
CA GLY G 244 -23.86 77.55 33.61
C GLY G 244 -22.78 76.77 32.87
N HIS G 245 -23.10 75.58 32.34
CA HIS G 245 -22.17 74.71 31.58
C HIS G 245 -22.90 74.12 30.36
N VAL G 246 -22.28 74.25 29.18
CA VAL G 246 -22.74 73.61 27.91
C VAL G 246 -21.55 72.85 27.31
N VAL G 247 -21.67 71.52 27.23
CA VAL G 247 -20.65 70.63 26.58
C VAL G 247 -21.16 70.29 25.18
N VAL G 248 -20.45 70.71 24.14
CA VAL G 248 -20.83 70.44 22.72
C VAL G 248 -20.15 69.14 22.28
N ALA G 249 -20.95 68.10 22.04
CA ALA G 249 -20.52 66.78 21.53
C ALA G 249 -21.51 66.33 20.45
N ALA G 250 -21.70 67.22 19.46
CA ALA G 250 -22.69 67.06 18.37
C ALA G 250 -22.00 66.50 17.11
N GLY G 251 -20.99 65.65 17.29
CA GLY G 251 -20.23 65.08 16.17
C GLY G 251 -19.88 66.14 15.15
N ALA G 252 -20.17 65.88 13.88
CA ALA G 252 -19.70 66.71 12.74
C ALA G 252 -20.40 68.08 12.71
N ARG G 253 -21.41 68.30 13.57
CA ARG G 253 -22.17 69.58 13.61
C ARG G 253 -21.58 70.52 14.69
N SER G 254 -20.60 70.05 15.46
CA SER G 254 -20.10 70.70 16.70
C SER G 254 -19.51 72.10 16.43
N GLN G 255 -18.61 72.25 15.45
CA GLN G 255 -17.97 73.54 15.13
C GLN G 255 -19.02 74.51 14.59
N ARG G 256 -19.85 74.07 13.63
CA ARG G 256 -20.88 74.92 12.98
C ARG G 256 -21.75 75.57 14.07
N LEU G 257 -21.91 74.89 15.22
CA LEU G 257 -22.79 75.34 16.34
C LEU G 257 -22.09 76.43 17.15
N VAL G 258 -20.81 76.25 17.46
CA VAL G 258 -20.01 77.16 18.34
C VAL G 258 -19.53 78.37 17.52
N ALA G 259 -19.37 78.22 16.20
CA ALA G 259 -18.78 79.25 15.29
C ALA G 259 -19.70 80.48 15.18
N ALA G 260 -20.97 80.35 15.54
CA ALA G 260 -22.00 81.42 15.46
C ALA G 260 -21.75 82.48 16.52
N LEU G 261 -21.08 82.13 17.63
CA LEU G 261 -20.68 83.07 18.72
C LEU G 261 -19.60 84.02 18.21
N PRO G 262 -19.48 85.25 18.77
CA PRO G 262 -18.59 86.29 18.24
C PRO G 262 -17.09 85.90 18.18
N GLY G 263 -16.45 86.11 17.03
CA GLY G 263 -15.00 85.92 16.83
C GLY G 263 -14.61 84.47 16.56
N LEU G 264 -15.43 83.52 17.01
CA LEU G 264 -15.12 82.07 17.12
C LEU G 264 -15.09 81.39 15.74
N ALA G 265 -15.60 82.05 14.69
CA ALA G 265 -15.70 81.48 13.32
C ALA G 265 -14.31 81.07 12.82
N HIS G 266 -13.26 81.80 13.24
CA HIS G 266 -11.86 81.56 12.77
C HIS G 266 -10.95 81.18 13.95
N ARG G 267 -11.53 80.83 15.10
CA ARG G 267 -10.75 80.44 16.31
C ARG G 267 -11.03 78.98 16.69
N ILE G 268 -12.16 78.42 16.23
CA ILE G 268 -12.49 76.98 16.36
C ILE G 268 -12.28 76.33 14.99
N PRO G 269 -11.29 75.44 14.82
CA PRO G 269 -11.07 74.75 13.55
C PRO G 269 -12.32 74.03 13.05
N ARG G 270 -12.57 74.12 11.73
CA ARG G 270 -13.72 73.47 11.07
C ARG G 270 -13.64 71.95 11.24
N ILE G 271 -14.82 71.35 11.35
CA ILE G 271 -15.02 69.87 11.36
C ILE G 271 -15.88 69.55 10.13
N TYR G 272 -15.42 68.64 9.27
CA TYR G 272 -16.17 68.12 8.11
C TYR G 272 -16.67 66.70 8.42
N ASP G 273 -17.49 66.15 7.51
CA ASP G 273 -18.08 64.78 7.59
C ASP G 273 -17.17 63.76 6.92
N GLY G 274 -16.55 62.89 7.71
CA GLY G 274 -15.86 61.66 7.26
C GLY G 274 -16.85 60.52 7.08
N VAL G 275 -17.56 60.54 5.96
CA VAL G 275 -18.71 59.61 5.69
C VAL G 275 -18.18 58.18 5.62
N GLY G 276 -18.81 57.31 6.38
CA GLY G 276 -18.35 55.91 6.55
C GLY G 276 -19.51 54.97 6.32
N VAL G 277 -19.25 53.94 5.52
CA VAL G 277 -20.24 52.87 5.21
C VAL G 277 -19.75 51.60 5.88
N SER G 278 -20.67 50.90 6.52
CA SER G 278 -20.46 49.56 7.12
C SER G 278 -21.71 48.73 6.83
N ALA G 279 -21.71 47.46 7.20
CA ALA G 279 -22.85 46.58 6.94
C ALA G 279 -22.97 45.54 8.05
N LEU G 280 -24.21 45.17 8.35
CA LEU G 280 -24.56 44.00 9.18
C LEU G 280 -24.93 42.86 8.22
N VAL G 281 -24.33 41.71 8.43
CA VAL G 281 -24.49 40.51 7.57
C VAL G 281 -24.84 39.33 8.46
N ASP G 282 -25.89 38.58 8.09
CA ASP G 282 -26.26 37.30 8.72
C ASP G 282 -25.46 36.21 8.00
N THR G 283 -24.50 35.60 8.68
CA THR G 283 -23.56 34.63 8.08
C THR G 283 -24.36 33.40 7.64
N TRP G 284 -23.97 32.83 6.51
CA TRP G 284 -24.56 31.61 5.87
C TRP G 284 -24.87 30.53 6.91
N ASP G 285 -24.02 30.30 7.91
CA ASP G 285 -24.12 29.18 8.88
C ASP G 285 -24.25 29.72 10.32
N GLY G 286 -24.46 31.02 10.49
CA GLY G 286 -24.63 31.63 11.83
C GLY G 286 -23.33 31.80 12.60
N SER G 287 -22.17 31.41 12.04
CA SER G 287 -20.85 31.49 12.72
C SER G 287 -20.27 32.91 12.66
N GLY G 288 -19.20 33.12 13.42
CA GLY G 288 -18.44 34.39 13.46
C GLY G 288 -17.03 34.16 14.02
N PRO G 289 -16.07 35.06 13.76
CA PRO G 289 -14.73 34.89 14.32
C PRO G 289 -14.74 35.22 15.82
N ALA G 290 -13.81 34.65 16.56
CA ALA G 290 -13.66 34.84 18.02
C ALA G 290 -12.99 36.19 18.29
N THR G 291 -12.13 36.65 17.38
CA THR G 291 -11.43 37.96 17.50
C THR G 291 -11.97 38.95 16.48
N VAL G 292 -11.61 40.21 16.65
CA VAL G 292 -11.66 41.23 15.57
C VAL G 292 -10.66 40.77 14.51
N LEU G 293 -11.03 40.91 13.24
CA LEU G 293 -10.13 40.70 12.08
C LEU G 293 -10.01 42.05 11.37
N ARG G 294 -8.80 42.53 11.14
CA ARG G 294 -8.61 43.84 10.47
C ARG G 294 -7.30 43.86 9.70
N THR G 295 -7.21 44.78 8.74
CA THR G 295 -5.96 45.26 8.13
C THR G 295 -5.51 46.51 8.88
N SER G 296 -4.30 46.98 8.63
CA SER G 296 -3.84 48.34 8.99
C SER G 296 -4.73 49.33 8.24
N ASN G 297 -4.71 50.60 8.62
CA ASN G 297 -5.43 51.68 7.90
C ASN G 297 -4.89 51.81 6.48
N ARG G 298 -5.79 52.06 5.54
CA ARG G 298 -5.55 52.03 4.08
C ARG G 298 -5.88 53.40 3.47
N ALA G 299 -6.05 53.47 2.16
CA ALA G 299 -6.13 54.74 1.40
C ALA G 299 -7.13 55.68 2.09
N PHE G 300 -6.66 56.88 2.45
CA PHE G 300 -7.51 57.98 2.97
C PHE G 300 -8.30 57.50 4.18
N ALA G 301 -7.63 56.72 5.04
CA ALA G 301 -8.10 56.30 6.37
C ALA G 301 -9.37 55.43 6.26
N CYS G 302 -9.57 54.74 5.13
CA CYS G 302 -10.49 53.58 5.06
C CYS G 302 -9.76 52.37 5.68
N GLY G 303 -10.37 51.20 5.68
CA GLY G 303 -9.76 49.97 6.20
C GLY G 303 -10.76 48.84 6.16
N LEU G 304 -10.28 47.61 6.22
CA LEU G 304 -11.15 46.42 6.20
C LEU G 304 -11.12 45.80 7.58
N HIS G 305 -12.28 45.63 8.20
CA HIS G 305 -12.41 44.88 9.46
C HIS G 305 -13.76 44.19 9.54
N LEU G 306 -13.75 43.12 10.33
CA LEU G 306 -14.91 42.36 10.74
C LEU G 306 -14.93 42.36 12.27
N VAL G 307 -15.98 42.91 12.85
CA VAL G 307 -16.22 42.94 14.32
C VAL G 307 -17.30 41.93 14.61
N PRO G 308 -17.06 40.95 15.52
CA PRO G 308 -18.08 39.95 15.86
C PRO G 308 -19.30 40.62 16.53
N ARG G 309 -20.45 39.97 16.41
CA ARG G 309 -21.73 40.35 17.04
C ARG G 309 -22.38 39.06 17.56
N ALA G 310 -23.32 39.18 18.50
CA ALA G 310 -24.16 38.05 18.98
C ALA G 310 -25.24 37.72 17.93
N GLY G 311 -25.67 36.46 17.87
CA GLY G 311 -26.91 36.03 17.18
C GLY G 311 -26.76 35.81 15.69
N GLY G 312 -25.59 35.35 15.24
CA GLY G 312 -25.38 34.93 13.84
C GLY G 312 -25.17 36.10 12.89
N SER G 313 -24.88 37.27 13.42
CA SER G 313 -24.56 38.51 12.65
C SER G 313 -23.04 38.77 12.75
N VAL G 314 -22.47 39.40 11.71
CA VAL G 314 -21.14 40.08 11.81
C VAL G 314 -21.30 41.52 11.32
N TYR G 315 -20.48 42.42 11.85
CA TYR G 315 -20.27 43.79 11.33
C TYR G 315 -19.08 43.77 10.37
N ILE G 316 -19.21 44.37 9.18
CA ILE G 316 -18.07 44.60 8.27
C ILE G 316 -18.01 46.10 8.00
N GLY G 317 -16.79 46.63 8.03
CA GLY G 317 -16.52 48.03 7.67
C GLY G 317 -15.08 48.15 7.20
N ALA G 318 -14.66 49.37 6.87
CA ALA G 318 -15.51 50.54 6.82
C ALA G 318 -14.86 51.54 5.88
N THR G 319 -15.64 52.17 5.00
CA THR G 319 -15.13 53.15 4.01
C THR G 319 -14.97 54.48 4.71
N ASN G 320 -14.22 55.39 4.11
CA ASN G 320 -14.11 56.77 4.60
C ASN G 320 -13.93 57.70 3.41
N ALA G 321 -14.70 58.77 3.40
CA ALA G 321 -14.59 59.85 2.40
C ALA G 321 -14.92 61.16 3.10
N VAL G 322 -13.98 62.10 3.11
CA VAL G 322 -14.26 63.44 3.67
C VAL G 322 -15.11 64.19 2.63
N CYS G 323 -16.30 64.64 3.05
CA CYS G 323 -17.28 65.39 2.24
C CYS G 323 -17.45 66.78 2.86
N LEU G 324 -17.53 67.81 2.01
CA LEU G 324 -17.64 69.22 2.43
C LEU G 324 -19.08 69.49 2.90
N GLU G 325 -20.05 68.71 2.41
CA GLU G 325 -21.45 68.72 2.92
C GLU G 325 -21.79 67.34 3.47
N PRO G 326 -22.70 67.23 4.47
CA PRO G 326 -23.10 65.93 5.00
C PRO G 326 -23.89 65.09 3.97
N ARG G 327 -23.89 63.78 4.16
CA ARG G 327 -24.51 62.79 3.24
C ARG G 327 -24.94 61.61 4.13
N GLY G 328 -26.18 61.16 3.97
CA GLY G 328 -26.82 60.18 4.87
C GLY G 328 -26.99 58.83 4.20
N ALA G 329 -26.58 58.70 2.94
CA ALA G 329 -26.73 57.44 2.16
C ALA G 329 -25.37 57.02 1.58
N ALA G 330 -25.11 55.73 1.58
CA ALA G 330 -23.93 55.09 0.93
C ALA G 330 -24.02 55.30 -0.58
N SER G 331 -22.87 55.41 -1.23
CA SER G 331 -22.73 55.36 -2.69
C SER G 331 -22.61 53.90 -3.13
N ILE G 332 -22.95 53.61 -4.39
CA ILE G 332 -22.79 52.26 -4.98
C ILE G 332 -21.33 51.86 -4.80
N GLU G 333 -20.41 52.75 -5.15
CA GLU G 333 -18.94 52.49 -5.14
C GLU G 333 -18.50 51.97 -3.76
N GLU G 334 -18.97 52.62 -2.69
CA GLU G 334 -18.61 52.30 -1.28
C GLU G 334 -19.12 50.90 -0.93
N THR G 335 -20.36 50.59 -1.26
CA THR G 335 -20.98 49.28 -0.93
C THR G 335 -20.20 48.18 -1.67
N VAL G 336 -19.93 48.38 -2.95
CA VAL G 336 -19.24 47.34 -3.78
C VAL G 336 -17.85 47.10 -3.19
N PHE G 337 -17.11 48.17 -2.91
CA PHE G 337 -15.72 48.09 -2.41
C PHE G 337 -15.70 47.34 -1.07
N LEU G 338 -16.54 47.76 -0.13
CA LEU G 338 -16.67 47.10 1.20
C LEU G 338 -16.97 45.60 1.02
N PHE G 339 -17.95 45.23 0.20
CA PHE G 339 -18.37 43.82 0.03
C PHE G 339 -17.29 43.01 -0.71
N ASN G 340 -16.64 43.60 -1.70
CA ASN G 340 -15.57 42.90 -2.46
C ASN G 340 -14.39 42.58 -1.55
N CYS G 341 -13.97 43.55 -0.72
CA CYS G 341 -12.82 43.38 0.20
C CYS G 341 -13.14 42.28 1.23
N ALA G 342 -14.29 42.35 1.89
CA ALA G 342 -14.70 41.38 2.93
C ALA G 342 -14.80 39.96 2.34
N THR G 343 -15.41 39.78 1.16
CA THR G 343 -15.63 38.42 0.58
C THR G 343 -14.31 37.79 0.12
N HIS G 344 -13.37 38.57 -0.39
CA HIS G 344 -12.06 38.08 -0.92
C HIS G 344 -11.03 37.93 0.21
N GLN G 345 -10.91 38.92 1.08
CA GLN G 345 -9.77 39.04 2.04
C GLN G 345 -10.09 38.37 3.39
N LEU G 346 -11.36 38.23 3.77
CA LEU G 346 -11.75 37.65 5.09
C LEU G 346 -12.45 36.30 4.91
N HIS G 347 -13.62 36.25 4.25
CA HIS G 347 -14.38 34.98 4.11
C HIS G 347 -15.28 34.97 2.87
N ARG G 348 -15.04 34.03 1.96
CA ARG G 348 -15.83 33.80 0.72
C ARG G 348 -17.27 33.40 1.06
N GLY G 349 -17.52 32.78 2.22
CA GLY G 349 -18.87 32.47 2.72
C GLY G 349 -19.76 33.71 2.87
N LEU G 350 -19.17 34.90 3.08
CA LEU G 350 -19.92 36.18 3.17
C LEU G 350 -20.61 36.45 1.84
N ASN G 351 -20.12 35.88 0.75
CA ASN G 351 -20.68 36.10 -0.62
C ASN G 351 -22.14 35.57 -0.63
N GLY G 352 -22.38 34.42 -0.02
CA GLY G 352 -23.71 33.77 0.02
C GLY G 352 -24.51 34.16 1.24
N SER G 353 -23.98 35.05 2.07
CA SER G 353 -24.62 35.50 3.32
C SER G 353 -25.58 36.64 3.00
N GLU G 354 -26.56 36.84 3.89
CA GLU G 354 -27.67 37.82 3.70
C GLU G 354 -27.27 39.18 4.28
N LEU G 355 -27.43 40.22 3.46
CA LEU G 355 -27.27 41.62 3.85
C LEU G 355 -28.50 42.05 4.67
N ARG G 356 -28.31 42.36 5.96
CA ARG G 356 -29.41 42.84 6.84
C ARG G 356 -29.51 44.37 6.74
N LYS G 357 -28.39 45.10 6.63
CA LYS G 357 -28.40 46.56 6.84
C LYS G 357 -27.10 47.15 6.29
N VAL G 358 -27.23 48.21 5.52
CA VAL G 358 -26.11 49.11 5.12
C VAL G 358 -26.21 50.34 6.02
N GLN G 359 -25.14 50.65 6.75
CA GLN G 359 -25.10 51.72 7.78
C GLN G 359 -24.22 52.85 7.24
N VAL G 360 -24.62 54.09 7.53
CA VAL G 360 -23.85 55.32 7.18
C VAL G 360 -23.79 56.21 8.40
N GLY G 361 -22.59 56.66 8.76
CA GLY G 361 -22.34 57.68 9.81
C GLY G 361 -21.25 58.63 9.37
N SER G 362 -21.18 59.80 10.02
CA SER G 362 -20.18 60.86 9.73
C SER G 362 -19.12 60.84 10.82
N ARG G 363 -17.93 60.35 10.52
CA ARG G 363 -16.75 60.61 11.37
C ARG G 363 -16.55 62.13 11.40
N PRO G 364 -16.51 62.78 12.58
CA PRO G 364 -16.16 64.19 12.68
C PRO G 364 -14.71 64.40 12.24
N ALA G 365 -14.49 65.01 11.09
CA ALA G 365 -13.17 65.15 10.43
C ALA G 365 -12.65 66.57 10.60
N PRO G 366 -11.73 66.81 11.57
CA PRO G 366 -11.23 68.16 11.82
C PRO G 366 -10.29 68.62 10.69
N ILE G 367 -10.39 69.88 10.28
CA ILE G 367 -9.63 70.42 9.11
C ILE G 367 -8.11 70.32 9.33
N ASP G 368 -7.61 70.26 10.57
CA ASP G 368 -6.15 70.18 10.83
C ASP G 368 -5.78 68.79 11.35
N GLY G 369 -6.72 67.84 11.36
CA GLY G 369 -6.45 66.40 11.56
C GLY G 369 -6.28 66.03 13.01
N PHE G 370 -6.70 66.90 13.94
CA PHE G 370 -6.59 66.63 15.40
C PHE G 370 -7.87 67.04 16.10
N PRO G 371 -8.21 66.32 17.20
CA PRO G 371 -9.46 66.54 17.93
C PRO G 371 -9.59 67.95 18.50
N LEU G 372 -10.81 68.33 18.86
CA LEU G 372 -11.18 69.59 19.56
C LEU G 372 -11.76 69.19 20.92
N ILE G 373 -10.93 69.23 21.98
CA ILE G 373 -11.29 68.73 23.33
C ILE G 373 -10.86 69.75 24.38
N GLY G 374 -11.82 70.33 25.10
CA GLY G 374 -11.54 71.11 26.30
C GLY G 374 -12.31 72.41 26.33
N GLY G 375 -11.71 73.41 26.96
CA GLY G 375 -12.35 74.70 27.27
C GLY G 375 -12.25 75.67 26.13
N THR G 376 -12.97 76.79 26.29
CA THR G 376 -13.14 77.88 25.30
C THR G 376 -12.80 79.21 25.99
N SER G 377 -12.73 80.31 25.25
CA SER G 377 -12.58 81.68 25.78
C SER G 377 -13.91 82.14 26.42
N VAL G 378 -14.97 81.36 26.25
CA VAL G 378 -16.30 81.56 26.86
C VAL G 378 -16.44 80.63 28.08
N GLU G 379 -16.67 81.20 29.25
CA GLU G 379 -16.75 80.48 30.54
C GLU G 379 -17.93 79.50 30.48
N GLY G 380 -17.71 78.25 30.89
CA GLY G 380 -18.74 77.19 30.93
C GLY G 380 -19.01 76.54 29.57
N LEU G 381 -18.34 76.99 28.48
CA LEU G 381 -18.51 76.40 27.13
C LEU G 381 -17.38 75.40 26.86
N TRP G 382 -17.74 74.12 26.73
CA TRP G 382 -16.78 73.01 26.50
C TRP G 382 -17.14 72.31 25.19
N MET G 383 -16.14 71.70 24.55
CA MET G 383 -16.25 71.03 23.24
C MET G 383 -15.60 69.65 23.35
N LEU G 384 -16.22 68.67 22.71
CA LEU G 384 -15.73 67.27 22.67
C LEU G 384 -16.08 66.67 21.30
N SER G 385 -15.21 66.86 20.31
CA SER G 385 -15.46 66.48 18.89
C SER G 385 -14.18 66.39 18.07
N GLY G 386 -14.32 66.07 16.77
CA GLY G 386 -13.21 65.98 15.81
C GLY G 386 -12.37 64.74 16.03
N THR G 387 -12.98 63.68 16.55
CA THR G 387 -12.26 62.44 16.96
C THR G 387 -12.07 61.51 15.76
N TYR G 388 -12.66 61.82 14.61
CA TYR G 388 -12.46 61.09 13.33
C TYR G 388 -12.72 59.58 13.55
N ARG G 389 -11.69 58.74 13.62
CA ARG G 389 -11.82 57.24 13.57
C ARG G 389 -11.98 56.61 14.95
N ASP G 390 -11.64 57.31 16.04
CA ASP G 390 -11.41 56.66 17.36
C ASP G 390 -11.99 57.47 18.54
N GLY G 391 -12.96 58.35 18.32
CA GLY G 391 -13.75 58.98 19.41
C GLY G 391 -14.37 57.97 20.36
N LEU G 392 -15.01 56.94 19.80
CA LEU G 392 -15.67 55.87 20.59
C LEU G 392 -14.62 55.24 21.51
N HIS G 393 -13.49 54.84 20.96
CA HIS G 393 -12.40 54.21 21.75
C HIS G 393 -11.93 55.15 22.87
N MET G 394 -11.84 56.44 22.60
CA MET G 394 -11.24 57.41 23.53
C MET G 394 -12.29 57.97 24.49
N SER G 395 -13.56 57.62 24.31
CA SER G 395 -14.72 58.21 25.04
C SER G 395 -14.46 58.27 26.55
N PRO G 396 -14.11 57.16 27.25
CA PRO G 396 -13.97 57.21 28.70
C PRO G 396 -12.88 58.21 29.12
N LEU G 397 -11.74 58.23 28.42
CA LEU G 397 -10.63 59.15 28.74
C LEU G 397 -11.10 60.59 28.50
N LEU G 398 -11.72 60.86 27.36
CA LEU G 398 -12.12 62.24 26.97
C LEU G 398 -13.20 62.73 27.93
N ALA G 399 -14.11 61.86 28.34
CA ALA G 399 -15.19 62.16 29.30
C ALA G 399 -14.56 62.66 30.62
N ARG G 400 -13.65 61.87 31.18
CA ARG G 400 -12.98 62.14 32.49
C ARG G 400 -12.13 63.41 32.38
N HIS G 401 -11.53 63.66 31.22
CA HIS G 401 -10.69 64.88 30.99
C HIS G 401 -11.59 66.11 31.11
N VAL G 402 -12.70 66.15 30.36
CA VAL G 402 -13.57 67.35 30.32
C VAL G 402 -14.18 67.58 31.71
N VAL G 403 -14.61 66.50 32.38
CA VAL G 403 -15.22 66.56 33.75
C VAL G 403 -14.19 67.15 34.72
N SER G 404 -12.93 66.71 34.65
CA SER G 404 -11.84 67.20 35.51
C SER G 404 -11.64 68.70 35.27
N LEU G 405 -11.60 69.16 34.02
CA LEU G 405 -11.43 70.60 33.68
C LEU G 405 -12.61 71.40 34.23
N MET G 406 -13.81 70.83 34.19
CA MET G 406 -15.06 71.52 34.63
C MET G 406 -15.05 71.70 36.16
N ASP G 407 -14.34 70.82 36.86
CA ASP G 407 -14.28 70.74 38.35
C ASP G 407 -13.05 71.50 38.88
N GLY G 408 -12.31 72.20 38.00
CA GLY G 408 -11.14 73.02 38.37
C GLY G 408 -9.82 72.26 38.27
N GLY G 409 -9.83 71.00 37.82
CA GLY G 409 -8.62 70.17 37.64
C GLY G 409 -7.92 70.48 36.32
N THR G 410 -6.88 69.70 35.97
CA THR G 410 -6.08 69.82 34.72
C THR G 410 -6.32 68.61 33.79
N GLY G 411 -7.17 67.67 34.21
CA GLY G 411 -7.49 66.46 33.43
C GLY G 411 -6.26 65.64 33.10
N VAL G 412 -6.17 65.16 31.86
CA VAL G 412 -5.12 64.23 31.35
C VAL G 412 -4.02 65.06 30.70
N ASP G 413 -2.76 64.67 30.94
CA ASP G 413 -1.58 65.37 30.37
C ASP G 413 -1.59 65.06 28.86
N GLY G 414 -1.09 65.98 28.06
CA GLY G 414 -0.88 65.74 26.61
C GLY G 414 -2.15 65.86 25.79
N LEU G 415 -3.33 66.13 26.42
CA LEU G 415 -4.54 66.63 25.71
C LEU G 415 -4.46 68.14 25.48
N ARG G 416 -3.52 68.85 26.11
CA ARG G 416 -3.41 70.33 26.08
C ARG G 416 -3.40 70.84 24.63
N GLU G 417 -2.62 70.18 23.76
CA GLU G 417 -2.40 70.62 22.35
C GLU G 417 -3.72 70.64 21.58
N PHE G 418 -4.71 69.84 21.98
CA PHE G 418 -5.98 69.60 21.24
C PHE G 418 -7.12 70.46 21.81
N ARG G 419 -6.78 71.50 22.59
CA ARG G 419 -7.72 72.57 23.01
C ARG G 419 -8.52 73.00 21.79
N PRO G 420 -9.85 73.19 21.89
CA PRO G 420 -10.67 73.50 20.72
C PRO G 420 -10.44 74.88 20.12
N GLU G 421 -10.07 75.86 20.93
CA GLU G 421 -9.83 77.25 20.48
C GLU G 421 -8.34 77.41 20.22
N ARG G 422 -7.94 77.36 18.96
CA ARG G 422 -6.51 77.31 18.52
C ARG G 422 -6.40 77.77 17.07
N ASP G 423 -5.19 78.20 16.71
CA ASP G 423 -4.70 78.25 15.31
C ASP G 423 -4.74 76.82 14.76
N LEU G 424 -5.04 76.64 13.47
CA LEU G 424 -4.91 75.32 12.79
C LEU G 424 -3.49 74.79 13.08
N ILE G 425 -3.39 73.52 13.45
CA ILE G 425 -2.10 72.80 13.67
C ILE G 425 -1.47 72.49 12.30
N SER G 426 -0.14 72.51 12.26
CA SER G 426 0.71 72.15 11.11
C SER G 426 1.65 71.02 11.57
N ALA G 427 1.13 69.79 11.61
CA ALA G 427 1.81 68.61 12.18
C ALA G 427 2.80 68.02 11.18
N TRP G 428 2.66 68.39 9.90
CA TRP G 428 3.50 67.86 8.79
C TRP G 428 3.89 69.02 7.88
N SER G 429 5.08 68.93 7.28
CA SER G 429 5.52 69.82 6.17
C SER G 429 4.63 69.57 4.96
N ARG G 430 4.43 70.60 4.14
CA ARG G 430 3.72 70.52 2.85
C ARG G 430 4.28 69.35 2.03
N GLU G 431 5.60 69.19 2.01
CA GLU G 431 6.32 68.12 1.28
C GLU G 431 5.84 66.73 1.76
N GLU G 432 5.73 66.53 3.08
CA GLU G 432 5.32 65.23 3.68
C GLU G 432 3.89 64.90 3.21
N ILE G 433 3.00 65.89 3.18
CA ILE G 433 1.56 65.71 2.85
C ILE G 433 1.44 65.37 1.35
N LEU G 434 2.17 66.06 0.48
CA LEU G 434 2.15 65.84 -0.98
C LEU G 434 2.63 64.42 -1.31
N ASP G 435 3.66 63.92 -0.65
CA ASP G 435 4.09 62.50 -0.77
C ASP G 435 2.94 61.59 -0.32
N ASP G 436 2.28 61.95 0.77
CA ASP G 436 1.20 61.14 1.39
C ASP G 436 0.00 61.07 0.40
N VAL G 437 -0.45 62.20 -0.13
CA VAL G 437 -1.69 62.28 -0.95
C VAL G 437 -1.51 61.47 -2.24
N VAL G 438 -0.31 61.47 -2.80
CA VAL G 438 0.01 60.74 -4.05
C VAL G 438 0.04 59.25 -3.75
N ARG G 439 0.69 58.86 -2.66
CA ARG G 439 0.80 57.46 -2.23
C ARG G 439 -0.60 56.89 -2.00
N HIS G 440 -1.44 57.61 -1.26
CA HIS G 440 -2.81 57.21 -0.89
C HIS G 440 -3.67 57.11 -2.15
N THR G 441 -3.54 58.10 -3.05
CA THR G 441 -4.24 58.09 -4.36
C THR G 441 -3.88 56.79 -5.10
N MET G 442 -2.60 56.47 -5.22
CA MET G 442 -2.14 55.22 -5.89
C MET G 442 -2.71 54.02 -5.13
N ALA G 443 -2.78 54.09 -3.80
CA ALA G 443 -3.29 53.00 -2.96
C ALA G 443 -4.75 52.69 -3.30
N THR G 444 -5.55 53.65 -3.76
CA THR G 444 -6.96 53.37 -4.14
C THR G 444 -6.95 52.40 -5.33
N GLY G 445 -5.89 52.44 -6.15
CA GLY G 445 -5.66 51.51 -7.26
C GLY G 445 -5.35 50.12 -6.76
N TYR G 446 -4.36 50.00 -5.88
CA TYR G 446 -3.81 48.69 -5.46
C TYR G 446 -4.84 47.97 -4.60
N GLU G 447 -5.73 48.72 -3.95
CA GLU G 447 -6.75 48.18 -3.02
C GLU G 447 -7.98 47.67 -3.78
N PHE G 448 -8.15 48.03 -5.05
CA PHE G 448 -9.36 47.66 -5.83
C PHE G 448 -9.51 46.14 -5.93
N PRO G 449 -8.49 45.32 -6.29
CA PRO G 449 -7.23 45.77 -6.86
C PRO G 449 -7.37 45.91 -8.38
N TRP G 450 -6.71 46.88 -8.97
CA TRP G 450 -6.73 47.08 -10.44
C TRP G 450 -5.82 46.04 -11.10
N ARG G 451 -5.92 45.94 -12.43
CA ARG G 451 -4.96 45.27 -13.32
C ARG G 451 -4.67 46.26 -14.46
N LEU G 452 -3.42 46.69 -14.60
CA LEU G 452 -2.98 47.69 -15.61
C LEU G 452 -1.72 47.18 -16.26
N PRO G 453 -1.31 47.76 -17.40
CA PRO G 453 0.04 47.58 -17.92
C PRO G 453 1.03 48.07 -16.86
N LEU G 454 2.19 47.43 -16.79
CA LEU G 454 3.13 47.58 -15.66
C LEU G 454 3.78 48.97 -15.63
N GLU G 455 3.77 49.75 -16.70
CA GLU G 455 4.45 51.07 -16.75
C GLU G 455 3.47 52.17 -16.31
N TRP G 456 2.16 51.89 -16.28
CA TRP G 456 1.10 52.89 -16.00
C TRP G 456 1.25 53.46 -14.60
N PRO G 457 1.42 52.65 -13.54
CA PRO G 457 1.52 53.18 -12.18
C PRO G 457 2.62 54.24 -12.01
N HIS G 458 3.84 54.01 -12.51
CA HIS G 458 4.94 54.99 -12.43
C HIS G 458 4.53 56.28 -13.17
N MET G 459 3.84 56.17 -14.30
CA MET G 459 3.43 57.34 -15.12
C MET G 459 2.41 58.17 -14.31
N MET G 460 1.42 57.53 -13.69
N MET G 460 1.43 57.53 -13.68
CA MET G 460 0.39 58.24 -12.89
CA MET G 460 0.39 58.24 -12.89
C MET G 460 1.03 58.86 -11.64
C MET G 460 1.03 58.86 -11.64
N GLU G 461 1.97 58.16 -11.00
CA GLU G 461 2.73 58.70 -9.83
C GLU G 461 3.30 60.07 -10.22
N THR G 462 4.04 60.15 -11.33
CA THR G 462 4.78 61.39 -11.70
C THR G 462 3.80 62.48 -12.15
N PHE G 463 2.66 62.13 -12.74
CA PHE G 463 1.68 63.11 -13.28
C PHE G 463 0.68 63.56 -12.20
N LEU G 464 0.70 62.93 -11.03
CA LEU G 464 -0.18 63.29 -9.89
C LEU G 464 0.48 64.40 -9.06
N GLN G 465 1.82 64.39 -8.97
CA GLN G 465 2.62 65.32 -8.14
C GLN G 465 2.27 66.77 -8.48
N GLY G 466 2.28 67.15 -9.76
CA GLY G 466 2.07 68.52 -10.25
C GLY G 466 0.73 69.11 -9.79
N PRO G 467 -0.41 68.51 -10.19
CA PRO G 467 -1.72 69.07 -9.83
C PRO G 467 -1.97 69.26 -8.33
N PHE G 468 -1.43 68.39 -7.48
CA PHE G 468 -1.59 68.44 -6.00
C PHE G 468 -0.64 69.49 -5.41
N ALA G 469 0.59 69.61 -5.94
CA ALA G 469 1.56 70.66 -5.55
C ALA G 469 0.96 72.03 -5.87
N GLU G 470 0.36 72.17 -7.06
CA GLU G 470 -0.29 73.42 -7.54
C GLU G 470 -1.44 73.78 -6.58
N LEU G 471 -2.26 72.79 -6.18
CA LEU G 471 -3.44 73.00 -5.31
C LEU G 471 -2.97 73.52 -3.94
N ALA G 472 -1.98 72.86 -3.34
CA ALA G 472 -1.43 73.19 -2.00
C ALA G 472 -0.90 74.64 -1.97
N ASP G 473 -0.18 75.07 -3.01
CA ASP G 473 0.42 76.42 -3.13
C ASP G 473 -0.69 77.47 -3.24
N ARG G 474 -1.77 77.13 -3.93
CA ARG G 474 -2.91 78.03 -4.26
C ARG G 474 -3.77 78.27 -3.00
N LEU G 475 -3.85 77.29 -2.09
CA LEU G 475 -4.81 77.29 -0.94
C LEU G 475 -4.34 78.28 0.13
N SER G 476 -3.04 78.31 0.45
CA SER G 476 -2.47 79.15 1.53
C SER G 476 -0.94 79.08 1.45
N ASP G 477 -0.25 80.10 1.98
CA ASP G 477 1.23 80.14 2.05
C ASP G 477 1.71 79.47 3.35
N THR G 478 0.80 79.13 4.28
CA THR G 478 1.20 78.61 5.63
C THR G 478 0.46 77.30 5.93
N TYR G 479 -0.85 77.19 5.67
CA TYR G 479 -1.66 75.99 6.04
C TYR G 479 -1.76 75.01 4.86
N THR G 480 -1.63 73.71 5.18
CA THR G 480 -1.82 72.60 4.22
C THR G 480 -2.82 71.61 4.81
N PRO G 481 -3.94 71.32 4.11
CA PRO G 481 -4.89 70.31 4.56
C PRO G 481 -4.21 68.95 4.58
N PRO G 482 -4.52 68.06 5.55
CA PRO G 482 -4.04 66.69 5.49
C PRO G 482 -4.63 65.97 4.27
N ALA G 483 -3.99 64.87 3.86
CA ALA G 483 -4.27 64.12 2.62
C ALA G 483 -5.77 63.83 2.46
N ASP G 484 -6.41 63.31 3.51
CA ASP G 484 -7.83 62.90 3.51
C ASP G 484 -8.69 64.05 3.01
N LEU G 485 -8.37 65.26 3.45
CA LEU G 485 -9.16 66.47 3.13
C LEU G 485 -8.70 67.04 1.78
N MET G 486 -7.39 66.99 1.51
CA MET G 486 -6.82 67.54 0.25
C MET G 486 -7.45 66.84 -0.96
N THR G 487 -7.61 65.52 -0.93
CA THR G 487 -8.21 64.77 -2.07
C THR G 487 -9.64 65.26 -2.27
N ALA G 488 -10.41 65.42 -1.20
CA ALA G 488 -11.80 65.96 -1.27
C ALA G 488 -11.79 67.36 -1.91
N ILE G 489 -10.89 68.23 -1.48
CA ILE G 489 -10.78 69.62 -2.03
C ILE G 489 -10.44 69.57 -3.52
N MET G 490 -9.46 68.75 -3.91
CA MET G 490 -8.99 68.54 -5.32
C MET G 490 -10.16 68.26 -6.27
N PHE G 491 -11.17 67.51 -5.82
CA PHE G 491 -12.29 67.03 -6.68
C PHE G 491 -13.60 67.76 -6.34
N SER G 492 -13.53 68.83 -5.56
CA SER G 492 -14.67 69.72 -5.24
C SER G 492 -14.78 70.79 -6.32
N GLU G 493 -15.83 71.62 -6.28
CA GLU G 493 -16.07 72.71 -7.27
C GLU G 493 -15.12 73.87 -6.98
N ARG G 494 -14.91 74.72 -7.99
CA ARG G 494 -14.04 75.92 -7.91
C ARG G 494 -14.51 76.84 -6.78
N GLU G 495 -15.83 77.00 -6.61
CA GLU G 495 -16.43 77.90 -5.58
C GLU G 495 -16.03 77.39 -4.19
N GLN G 496 -16.13 76.08 -3.97
CA GLN G 496 -15.83 75.41 -2.67
C GLN G 496 -14.34 75.55 -2.35
N GLN G 497 -13.48 75.47 -3.36
CA GLN G 497 -12.02 75.68 -3.24
C GLN G 497 -11.74 77.14 -2.84
N ASP G 498 -12.35 78.10 -3.52
CA ASP G 498 -12.13 79.56 -3.30
C ASP G 498 -12.58 79.90 -1.86
N GLU G 499 -13.72 79.36 -1.44
CA GLU G 499 -14.28 79.53 -0.07
C GLU G 499 -13.25 79.04 0.97
N LEU G 500 -12.50 77.97 0.67
CA LEU G 500 -11.44 77.41 1.56
C LEU G 500 -10.23 78.33 1.59
N ILE G 501 -9.91 78.99 0.47
CA ILE G 501 -8.78 79.96 0.40
C ILE G 501 -9.12 81.14 1.32
N ALA G 502 -10.36 81.62 1.29
CA ALA G 502 -10.89 82.73 2.13
C ALA G 502 -10.85 82.32 3.62
N TYR G 503 -11.30 81.10 3.93
CA TYR G 503 -11.28 80.55 5.31
C TYR G 503 -9.83 80.53 5.85
N TYR G 504 -8.91 79.91 5.11
CA TYR G 504 -7.49 79.78 5.53
C TYR G 504 -6.87 81.17 5.78
N ALA G 505 -7.14 82.12 4.89
CA ALA G 505 -6.63 83.51 4.95
C ALA G 505 -7.19 84.22 6.19
N ASP G 506 -8.50 84.09 6.44
CA ASP G 506 -9.21 84.64 7.64
C ASP G 506 -8.59 84.06 8.93
N VAL G 507 -8.27 82.76 8.94
CA VAL G 507 -7.68 82.11 10.15
C VAL G 507 -6.28 82.71 10.40
N HIS G 508 -5.52 82.97 9.33
CA HIS G 508 -4.14 83.55 9.40
C HIS G 508 -4.21 84.96 10.00
N ARG G 509 -5.15 85.77 9.52
CA ARG G 509 -5.46 87.14 10.01
C ARG G 509 -5.69 87.10 11.53
N GLU G 510 -6.52 86.18 12.01
CA GLU G 510 -6.94 86.07 13.43
C GLU G 510 -5.74 85.75 14.34
N TRP G 511 -4.82 84.88 13.89
CA TRP G 511 -3.82 84.23 14.77
C TRP G 511 -2.39 84.76 14.57
N HIS G 512 -2.13 85.48 13.48
CA HIS G 512 -0.76 86.00 13.16
C HIS G 512 -0.84 87.52 12.96
N VAL H 34 -67.02 36.71 -3.47
CA VAL H 34 -65.70 36.37 -4.10
C VAL H 34 -64.58 36.79 -3.14
N ILE H 35 -63.64 35.88 -2.90
CA ILE H 35 -62.38 36.14 -2.14
C ILE H 35 -61.19 36.01 -3.10
N VAL H 36 -60.41 37.09 -3.27
CA VAL H 36 -59.09 37.06 -3.95
C VAL H 36 -58.02 36.90 -2.86
N VAL H 37 -57.25 35.82 -2.92
CA VAL H 37 -56.12 35.55 -1.98
C VAL H 37 -54.85 36.07 -2.63
N GLY H 38 -54.30 37.19 -2.12
CA GLY H 38 -53.05 37.79 -2.61
C GLY H 38 -53.25 39.21 -3.10
N ASN H 39 -52.33 40.11 -2.74
CA ASN H 39 -52.42 41.57 -2.99
C ASN H 39 -51.24 42.04 -3.83
N GLY H 40 -50.75 41.18 -4.72
CA GLY H 40 -49.79 41.56 -5.78
C GLY H 40 -50.53 42.23 -6.92
N VAL H 41 -49.84 42.47 -8.03
CA VAL H 41 -50.46 43.03 -9.26
C VAL H 41 -51.56 42.09 -9.77
N LEU H 42 -51.40 40.76 -9.70
CA LEU H 42 -52.39 39.82 -10.27
C LEU H 42 -53.64 39.84 -9.40
N GLY H 43 -53.52 39.65 -8.09
CA GLY H 43 -54.65 39.68 -7.15
C GLY H 43 -55.46 40.96 -7.30
N LEU H 44 -54.81 42.11 -7.16
CA LEU H 44 -55.46 43.45 -7.24
C LEU H 44 -56.03 43.69 -8.65
N SER H 45 -55.40 43.19 -9.70
CA SER H 45 -55.87 43.41 -11.09
C SER H 45 -57.15 42.60 -11.34
N VAL H 46 -57.22 41.38 -10.80
CA VAL H 46 -58.41 40.49 -10.95
C VAL H 46 -59.53 41.05 -10.05
N GLY H 47 -59.16 41.52 -8.85
CA GLY H 47 -60.08 42.18 -7.91
C GLY H 47 -60.72 43.41 -8.54
N VAL H 48 -59.93 44.26 -9.17
CA VAL H 48 -60.46 45.51 -9.79
C VAL H 48 -61.44 45.10 -10.89
N GLU H 49 -61.11 44.10 -11.71
CA GLU H 49 -61.94 43.71 -12.88
C GLU H 49 -63.23 43.05 -12.40
N ILE H 50 -63.17 42.21 -11.36
CA ILE H 50 -64.39 41.59 -10.75
C ILE H 50 -65.30 42.71 -10.23
N ALA H 51 -64.78 43.59 -9.37
CA ALA H 51 -65.55 44.67 -8.69
C ALA H 51 -66.27 45.56 -9.72
N ARG H 52 -65.58 45.95 -10.80
CA ARG H 52 -66.12 46.84 -11.86
C ARG H 52 -67.15 46.12 -12.72
N THR H 53 -67.04 44.80 -12.90
CA THR H 53 -67.80 43.99 -13.90
C THR H 53 -69.01 43.32 -13.23
N ARG H 54 -69.00 43.19 -11.90
CA ARG H 54 -70.06 42.51 -11.10
C ARG H 54 -70.42 43.37 -9.89
N PRO H 55 -71.06 44.55 -10.06
CA PRO H 55 -71.44 45.40 -8.93
C PRO H 55 -72.41 44.69 -7.96
N ASP H 56 -73.08 43.64 -8.44
CA ASP H 56 -74.00 42.74 -7.69
C ASP H 56 -73.27 42.05 -6.52
N VAL H 57 -72.07 41.52 -6.73
CA VAL H 57 -71.38 40.60 -5.76
C VAL H 57 -70.36 41.36 -4.90
N ARG H 58 -70.16 40.84 -3.69
CA ARG H 58 -69.16 41.34 -2.68
C ARG H 58 -67.81 40.69 -2.97
N VAL H 59 -66.80 41.49 -3.29
CA VAL H 59 -65.42 41.00 -3.56
C VAL H 59 -64.49 41.47 -2.44
N THR H 60 -63.83 40.52 -1.78
CA THR H 60 -62.88 40.74 -0.65
C THR H 60 -61.49 40.28 -1.09
N LEU H 61 -60.45 41.08 -0.82
CA LEU H 61 -59.04 40.79 -1.19
C LEU H 61 -58.16 40.70 0.08
N LEU H 62 -57.51 39.56 0.29
CA LEU H 62 -56.62 39.26 1.44
C LEU H 62 -55.17 39.60 1.08
N GLY H 63 -54.32 39.79 2.10
CA GLY H 63 -52.89 40.15 1.98
C GLY H 63 -52.56 41.39 2.79
N LYS H 64 -51.34 41.47 3.33
CA LYS H 64 -50.89 42.52 4.29
C LYS H 64 -50.05 43.56 3.58
N PRO H 65 -49.97 44.81 4.10
CA PRO H 65 -49.14 45.85 3.47
C PRO H 65 -47.62 45.55 3.40
N ALA H 66 -47.10 44.64 4.25
CA ALA H 66 -45.69 44.18 4.23
C ALA H 66 -45.34 43.51 2.89
N ARG H 67 -46.31 42.84 2.26
CA ARG H 67 -46.13 42.08 1.00
C ARG H 67 -44.86 41.24 1.11
N GLN H 68 -44.78 40.38 2.13
CA GLN H 68 -43.64 39.45 2.35
C GLN H 68 -43.38 38.66 1.06
N TYR H 69 -42.12 38.71 0.57
CA TYR H 69 -41.62 37.99 -0.63
C TYR H 69 -42.25 38.54 -1.91
N GLY H 70 -42.90 39.70 -1.84
CA GLY H 70 -43.69 40.25 -2.95
C GLY H 70 -42.84 40.59 -4.15
N ALA H 71 -43.11 39.93 -5.29
CA ALA H 71 -42.46 40.18 -6.59
C ALA H 71 -42.76 41.61 -7.07
N THR H 72 -44.02 42.04 -6.98
CA THR H 72 -44.52 43.30 -7.60
C THR H 72 -43.76 44.52 -7.08
N PRO H 73 -43.66 44.73 -5.74
CA PRO H 73 -42.98 45.94 -5.22
C PRO H 73 -41.50 45.98 -5.59
N ALA H 74 -40.89 44.81 -5.87
CA ALA H 74 -39.46 44.67 -6.24
C ALA H 74 -39.26 44.91 -7.76
N ALA H 75 -40.34 45.08 -8.53
CA ALA H 75 -40.28 45.15 -10.00
C ALA H 75 -40.14 46.61 -10.45
N GLY H 76 -39.52 46.84 -11.60
CA GLY H 76 -39.19 48.19 -12.12
C GLY H 76 -40.42 49.06 -12.34
N ALA H 77 -41.31 48.65 -13.27
CA ALA H 77 -41.22 47.39 -13.99
C ALA H 77 -41.33 47.65 -15.50
N MET H 78 -40.69 46.79 -16.29
CA MET H 78 -40.76 46.84 -17.77
C MET H 78 -42.09 46.20 -18.24
N LEU H 79 -42.74 46.82 -19.21
CA LEU H 79 -43.86 46.19 -19.97
C LEU H 79 -43.23 45.36 -21.09
N GLY H 80 -42.63 44.24 -20.71
CA GLY H 80 -41.73 43.42 -21.55
C GLY H 80 -42.52 42.44 -22.38
N ALA H 81 -42.45 42.60 -23.70
CA ALA H 81 -42.97 41.67 -24.72
C ALA H 81 -41.80 41.21 -25.61
N PHE H 82 -41.34 42.10 -26.49
CA PHE H 82 -40.21 41.85 -27.42
C PHE H 82 -38.88 41.79 -26.63
N GLY H 83 -38.72 42.63 -25.59
CA GLY H 83 -37.55 42.60 -24.71
C GLY H 83 -37.34 41.25 -24.05
N GLU H 84 -38.41 40.49 -23.83
CA GLU H 84 -38.38 39.17 -23.14
C GLU H 84 -38.12 38.03 -24.12
N VAL H 85 -37.97 38.34 -25.41
CA VAL H 85 -37.75 37.30 -26.46
C VAL H 85 -36.35 36.71 -26.27
N THR H 86 -36.28 35.38 -26.22
CA THR H 86 -35.03 34.59 -26.34
C THR H 86 -35.18 33.61 -27.51
N ALA H 87 -34.08 33.21 -28.14
CA ALA H 87 -34.06 32.16 -29.19
C ALA H 87 -34.65 30.87 -28.61
N HIS H 88 -34.29 30.51 -27.37
CA HIS H 88 -34.72 29.26 -26.69
C HIS H 88 -36.23 29.24 -26.46
N ALA H 89 -36.85 30.38 -26.13
CA ALA H 89 -38.31 30.51 -25.92
C ALA H 89 -39.01 30.30 -27.27
N LEU H 90 -38.58 31.04 -28.30
CA LEU H 90 -39.19 31.03 -29.66
C LEU H 90 -38.81 29.76 -30.47
N ALA H 91 -38.26 28.74 -29.81
CA ALA H 91 -37.90 27.45 -30.44
C ALA H 91 -38.87 26.36 -29.99
N SER H 92 -39.63 26.59 -28.91
CA SER H 92 -40.71 25.70 -28.43
C SER H 92 -42.06 26.30 -28.85
N GLU H 93 -43.06 25.45 -29.04
CA GLU H 93 -44.46 25.87 -29.37
C GLU H 93 -45.01 26.66 -28.16
N HIS H 94 -44.96 26.06 -26.98
CA HIS H 94 -45.38 26.65 -25.67
C HIS H 94 -44.81 28.07 -25.53
N GLY H 95 -43.56 28.29 -25.93
CA GLY H 95 -42.87 29.60 -25.85
C GLY H 95 -43.40 30.63 -26.84
N ARG H 96 -43.72 30.21 -28.07
CA ARG H 96 -44.26 31.10 -29.13
C ARG H 96 -45.65 31.60 -28.73
N LYS H 97 -46.43 30.76 -28.02
CA LYS H 97 -47.78 31.09 -27.47
C LYS H 97 -47.64 32.18 -26.40
N LYS H 98 -46.77 31.95 -25.41
CA LYS H 98 -46.45 32.91 -24.31
C LYS H 98 -46.10 34.26 -24.94
N HIS H 99 -45.26 34.27 -25.97
CA HIS H 99 -44.82 35.53 -26.64
C HIS H 99 -46.05 36.24 -27.24
N ALA H 100 -46.96 35.49 -27.87
CA ALA H 100 -48.16 36.05 -28.55
C ALA H 100 -49.06 36.74 -27.52
N LEU H 101 -49.29 36.11 -26.38
CA LEU H 101 -50.09 36.68 -25.25
C LEU H 101 -49.48 38.03 -24.82
N ALA H 102 -48.15 38.11 -24.70
CA ALA H 102 -47.44 39.32 -24.23
C ALA H 102 -47.66 40.46 -25.22
N VAL H 103 -47.68 40.16 -26.52
CA VAL H 103 -47.97 41.20 -27.56
C VAL H 103 -49.41 41.69 -27.36
N GLN H 104 -50.34 40.77 -27.11
CA GLN H 104 -51.77 41.07 -26.88
C GLN H 104 -51.90 41.98 -25.65
N ALA H 105 -51.28 41.59 -24.54
CA ALA H 105 -51.30 42.34 -23.26
C ALA H 105 -50.82 43.79 -23.47
N GLN H 106 -49.79 44.01 -24.31
CA GLN H 106 -49.22 45.35 -24.60
C GLN H 106 -50.31 46.31 -25.08
N ARG H 107 -51.29 45.81 -25.83
CA ARG H 107 -52.34 46.64 -26.50
C ARG H 107 -53.35 47.13 -25.45
N LEU H 108 -53.48 46.45 -24.32
CA LEU H 108 -54.44 46.81 -23.24
C LEU H 108 -53.87 47.89 -22.30
N TRP H 109 -52.57 48.14 -22.31
CA TRP H 109 -51.95 48.96 -21.22
C TRP H 109 -52.42 50.41 -21.27
N PRO H 110 -52.44 51.10 -22.44
CA PRO H 110 -52.83 52.51 -22.47
C PRO H 110 -54.20 52.79 -21.83
N GLU H 111 -55.23 52.00 -22.15
CA GLU H 111 -56.61 52.18 -21.61
C GLU H 111 -56.65 51.79 -20.13
N TRP H 112 -55.97 50.70 -19.75
CA TRP H 112 -55.91 50.15 -18.37
C TRP H 112 -55.33 51.22 -17.43
N ILE H 113 -54.22 51.84 -17.82
CA ILE H 113 -53.56 52.95 -17.07
C ILE H 113 -54.55 54.10 -16.91
N GLU H 114 -55.16 54.55 -18.02
CA GLU H 114 -56.12 55.69 -18.04
C GLU H 114 -57.26 55.40 -17.06
N SER H 115 -57.77 54.16 -17.06
CA SER H 115 -58.90 53.71 -16.21
C SER H 115 -58.48 53.67 -14.73
N LEU H 116 -57.19 53.47 -14.43
CA LEU H 116 -56.68 53.41 -13.03
C LEU H 116 -56.30 54.82 -12.55
N GLU H 117 -55.68 55.64 -13.41
CA GLU H 117 -55.30 57.03 -13.06
C GLU H 117 -56.55 57.88 -12.82
N ALA H 118 -57.67 57.58 -13.51
CA ALA H 118 -58.94 58.35 -13.48
C ALA H 118 -59.57 58.35 -12.07
N THR H 119 -59.27 57.36 -11.23
CA THR H 119 -59.81 57.23 -9.86
C THR H 119 -58.97 58.02 -8.85
N GLY H 120 -57.90 58.68 -9.29
CA GLY H 120 -57.03 59.51 -8.44
C GLY H 120 -56.87 60.91 -9.00
N THR H 121 -55.88 61.66 -8.49
CA THR H 121 -55.59 63.07 -8.86
C THR H 121 -54.10 63.21 -9.20
N ALA H 122 -53.69 64.39 -9.68
CA ALA H 122 -52.31 64.73 -10.11
C ALA H 122 -51.27 64.29 -9.06
N ALA H 123 -51.56 64.46 -7.77
CA ALA H 123 -50.59 64.27 -6.65
C ALA H 123 -50.28 62.79 -6.39
N ASP H 124 -51.06 61.86 -6.96
CA ASP H 124 -50.88 60.38 -6.77
C ASP H 124 -49.75 59.86 -7.67
N GLY H 125 -49.29 60.68 -8.62
CA GLY H 125 -48.16 60.37 -9.51
C GLY H 125 -48.60 59.62 -10.75
N ARG H 126 -47.71 59.50 -11.73
CA ARG H 126 -47.99 58.84 -13.03
C ARG H 126 -47.58 57.37 -12.93
N ILE H 127 -48.43 56.47 -13.42
CA ILE H 127 -48.15 55.01 -13.51
C ILE H 127 -47.09 54.80 -14.60
N LYS H 128 -47.25 55.41 -15.76
CA LYS H 128 -46.33 55.22 -16.92
C LYS H 128 -45.06 56.03 -16.65
N THR H 129 -43.89 55.39 -16.80
CA THR H 129 -42.56 55.98 -16.52
C THR H 129 -41.75 56.12 -17.81
N ALA H 130 -42.06 55.37 -18.87
CA ALA H 130 -41.42 55.50 -20.20
C ALA H 130 -42.28 54.81 -21.29
N ASP H 131 -42.18 55.29 -22.52
CA ASP H 131 -42.97 54.78 -23.68
C ASP H 131 -42.16 53.74 -24.46
N ASP H 132 -40.84 53.89 -24.47
CA ASP H 132 -39.92 53.15 -25.38
C ASP H 132 -38.80 52.45 -24.58
N THR H 133 -38.16 51.47 -25.23
CA THR H 133 -37.10 50.60 -24.69
C THR H 133 -35.94 50.57 -25.68
N VAL H 134 -34.69 50.65 -25.19
CA VAL H 134 -33.48 50.38 -26.00
C VAL H 134 -32.85 49.09 -25.48
N VAL H 135 -32.70 48.09 -26.35
CA VAL H 135 -31.98 46.83 -26.05
C VAL H 135 -30.54 47.03 -26.51
N LEU H 136 -29.59 46.80 -25.60
CA LEU H 136 -28.14 47.00 -25.86
C LEU H 136 -27.48 45.62 -25.97
N LEU H 137 -26.55 45.49 -26.91
CA LEU H 137 -25.71 44.28 -27.02
C LEU H 137 -24.27 44.69 -26.72
N ASN H 138 -23.69 44.10 -25.66
CA ASN H 138 -22.28 44.24 -25.26
C ASN H 138 -21.70 42.83 -25.16
N THR H 139 -20.40 42.72 -24.88
CA THR H 139 -19.68 41.43 -24.90
C THR H 139 -19.49 40.93 -23.47
N VAL H 140 -20.19 41.52 -22.49
CA VAL H 140 -20.04 41.11 -21.06
C VAL H 140 -21.05 39.99 -20.83
N GLY H 141 -20.85 38.86 -21.50
CA GLY H 141 -21.82 37.76 -21.48
C GLY H 141 -21.46 36.71 -22.51
N HIS H 142 -22.24 35.64 -22.54
CA HIS H 142 -22.04 34.49 -23.47
C HIS H 142 -22.58 34.88 -24.84
N SER H 143 -21.82 34.62 -25.90
CA SER H 143 -22.27 34.74 -27.32
C SER H 143 -23.49 33.85 -27.55
N ALA H 144 -23.51 32.65 -26.97
CA ALA H 144 -24.53 31.61 -27.21
C ALA H 144 -25.88 32.07 -26.61
N LEU H 145 -25.90 33.02 -25.68
CA LEU H 145 -27.16 33.67 -25.22
C LEU H 145 -27.34 35.02 -25.91
N ASP H 146 -26.46 36.00 -25.65
CA ASP H 146 -26.69 37.42 -26.01
C ASP H 146 -26.80 37.59 -27.54
N ASP H 147 -25.93 36.94 -28.33
CA ASP H 147 -25.92 37.08 -29.82
C ASP H 147 -27.19 36.43 -30.39
N ALA H 148 -27.49 35.20 -29.99
CA ALA H 148 -28.68 34.45 -30.45
C ALA H 148 -29.94 35.24 -30.07
N ASN H 149 -29.99 35.80 -28.86
CA ASN H 149 -31.20 36.46 -28.30
C ASN H 149 -31.39 37.83 -28.97
N PHE H 150 -30.33 38.50 -29.39
CA PHE H 150 -30.46 39.80 -30.10
C PHE H 150 -31.09 39.56 -31.48
N ALA H 151 -30.62 38.53 -32.19
CA ALA H 151 -31.15 38.10 -33.50
C ALA H 151 -32.63 37.70 -33.35
N ALA H 152 -32.96 36.87 -32.34
CA ALA H 152 -34.32 36.40 -32.07
C ALA H 152 -35.27 37.58 -31.84
N VAL H 153 -34.83 38.61 -31.11
CA VAL H 153 -35.63 39.82 -30.80
C VAL H 153 -35.91 40.56 -32.10
N LEU H 154 -34.87 40.79 -32.90
CA LEU H 154 -34.95 41.54 -34.18
C LEU H 154 -35.93 40.82 -35.13
N THR H 155 -35.86 39.48 -35.17
CA THR H 155 -36.70 38.61 -36.01
C THR H 155 -38.16 38.71 -35.54
N ALA H 156 -38.40 38.63 -34.23
CA ALA H 156 -39.76 38.62 -33.64
C ALA H 156 -40.45 39.96 -33.86
N LEU H 157 -39.70 41.07 -33.83
CA LEU H 157 -40.21 42.44 -34.11
C LEU H 157 -40.67 42.54 -35.57
N LYS H 158 -39.89 42.01 -36.50
CA LYS H 158 -40.21 42.03 -37.95
C LYS H 158 -41.47 41.17 -38.20
N GLU H 159 -41.52 39.95 -37.68
CA GLU H 159 -42.65 38.99 -37.83
C GLU H 159 -43.97 39.61 -37.34
N ALA H 160 -43.96 40.34 -36.23
CA ALA H 160 -45.17 40.97 -35.63
C ALA H 160 -45.40 42.37 -36.20
N ASN H 161 -44.56 42.82 -37.14
CA ASN H 161 -44.72 44.14 -37.81
C ASN H 161 -44.72 45.26 -36.75
N ALA H 162 -44.02 45.08 -35.64
CA ALA H 162 -43.90 46.06 -34.54
C ALA H 162 -42.97 47.19 -34.99
N PRO H 163 -43.23 48.45 -34.59
CA PRO H 163 -42.34 49.56 -34.94
C PRO H 163 -41.07 49.51 -34.06
N HIS H 164 -39.91 49.65 -34.71
CA HIS H 164 -38.57 49.47 -34.11
C HIS H 164 -37.52 49.90 -35.12
N GLU H 165 -36.28 50.10 -34.67
CA GLU H 165 -35.15 50.53 -35.51
C GLU H 165 -33.85 50.13 -34.81
N GLU H 166 -32.94 49.46 -35.51
CA GLU H 166 -31.54 49.29 -35.08
C GLU H 166 -30.88 50.66 -35.24
N ILE H 167 -30.26 51.17 -34.18
CA ILE H 167 -29.71 52.57 -34.13
C ILE H 167 -28.23 52.52 -33.81
N ALA H 168 -27.50 53.55 -34.22
CA ALA H 168 -26.09 53.75 -33.81
C ALA H 168 -26.07 53.85 -32.28
N VAL H 169 -25.12 53.18 -31.65
CA VAL H 169 -24.92 53.26 -30.17
C VAL H 169 -24.63 54.72 -29.80
N GLU H 170 -23.90 55.45 -30.65
CA GLU H 170 -23.54 56.88 -30.45
C GLU H 170 -24.82 57.71 -30.23
N SER H 171 -25.95 57.29 -30.79
CA SER H 171 -27.23 58.02 -30.72
C SER H 171 -28.03 57.68 -29.44
N VAL H 172 -27.60 56.70 -28.63
CA VAL H 172 -28.32 56.37 -27.36
C VAL H 172 -27.96 57.46 -26.32
N ASP H 173 -28.98 58.18 -25.85
CA ASP H 173 -28.82 59.32 -24.92
C ASP H 173 -28.46 58.75 -23.54
N TRP H 174 -27.67 59.53 -22.79
CA TRP H 174 -27.55 59.43 -21.32
C TRP H 174 -26.43 58.43 -20.95
N ILE H 175 -26.44 57.21 -21.50
CA ILE H 175 -25.51 56.10 -21.12
C ILE H 175 -24.06 56.61 -21.19
N ASP H 176 -23.25 56.17 -20.24
CA ASP H 176 -21.80 56.49 -20.17
C ASP H 176 -21.09 55.24 -19.65
N PRO H 177 -21.07 54.14 -20.43
CA PRO H 177 -20.48 52.89 -19.99
C PRO H 177 -18.95 53.00 -19.96
N ASP H 178 -18.31 52.10 -19.21
CA ASP H 178 -16.89 51.72 -19.36
C ASP H 178 -16.67 51.26 -20.80
N PRO H 179 -15.78 51.90 -21.57
CA PRO H 179 -15.50 51.46 -22.95
C PRO H 179 -15.27 49.95 -23.09
N ASN H 180 -14.65 49.28 -22.12
CA ASN H 180 -14.39 47.81 -22.22
C ASN H 180 -15.69 47.02 -22.02
N SER H 181 -16.74 47.64 -21.50
CA SER H 181 -18.08 47.00 -21.27
C SER H 181 -19.16 47.61 -22.19
N ARG H 182 -18.80 48.41 -23.20
CA ARG H 182 -19.79 49.26 -23.93
C ARG H 182 -20.60 48.40 -24.91
N PRO H 183 -21.77 48.90 -25.36
CA PRO H 183 -22.55 48.22 -26.39
C PRO H 183 -22.00 48.59 -27.77
N LEU H 184 -22.08 47.66 -28.72
CA LEU H 184 -21.66 47.88 -30.13
C LEU H 184 -22.88 47.85 -31.07
N ARG H 185 -24.02 47.40 -30.57
CA ARG H 185 -25.32 47.44 -31.29
C ARG H 185 -26.42 47.82 -30.31
N ALA H 186 -27.41 48.57 -30.80
CA ALA H 186 -28.58 49.04 -30.02
C ALA H 186 -29.83 48.91 -30.89
N LEU H 187 -30.96 48.70 -30.23
CA LEU H 187 -32.27 48.42 -30.84
C LEU H 187 -33.33 49.24 -30.09
N HIS H 188 -33.90 50.26 -30.74
CA HIS H 188 -35.02 51.11 -30.25
C HIS H 188 -36.35 50.40 -30.53
N ILE H 189 -37.12 50.07 -29.50
CA ILE H 189 -38.48 49.46 -29.62
C ILE H 189 -39.52 50.51 -29.21
N GLU H 190 -40.39 50.93 -30.13
CA GLU H 190 -41.49 51.92 -29.85
C GLU H 190 -42.66 51.22 -29.16
N GLY H 191 -43.22 51.85 -28.12
CA GLY H 191 -44.47 51.42 -27.47
C GLY H 191 -44.26 50.26 -26.52
N GLU H 192 -42.99 49.95 -26.22
CA GLU H 192 -42.61 48.99 -25.15
C GLU H 192 -41.92 49.81 -24.05
N GLY H 193 -42.63 50.01 -22.94
CA GLY H 193 -42.22 51.00 -21.92
C GLY H 193 -42.18 50.40 -20.54
N SER H 194 -42.45 51.24 -19.53
CA SER H 194 -42.31 50.88 -18.10
C SER H 194 -43.36 51.61 -17.29
N VAL H 195 -43.70 51.02 -16.14
CA VAL H 195 -44.58 51.60 -15.11
C VAL H 195 -43.79 51.63 -13.81
N ASP H 196 -44.13 52.57 -12.91
CA ASP H 196 -43.70 52.55 -11.49
C ASP H 196 -44.57 51.52 -10.76
N SER H 197 -44.00 50.38 -10.35
CA SER H 197 -44.74 49.26 -9.75
C SER H 197 -45.42 49.72 -8.45
N GLY H 198 -44.82 50.66 -7.71
CA GLY H 198 -45.36 51.15 -6.44
C GLY H 198 -46.61 51.98 -6.66
N ILE H 199 -46.57 52.89 -7.63
CA ILE H 199 -47.71 53.77 -7.99
C ILE H 199 -48.80 52.92 -8.62
N LEU H 200 -48.45 51.88 -9.40
CA LEU H 200 -49.44 50.93 -9.99
C LEU H 200 -50.20 50.25 -8.84
N LEU H 201 -49.49 49.74 -7.83
CA LEU H 201 -50.14 49.05 -6.68
C LEU H 201 -51.10 50.00 -5.97
N ALA H 202 -50.67 51.23 -5.69
CA ALA H 202 -51.47 52.31 -5.05
C ALA H 202 -52.73 52.59 -5.89
N ALA H 203 -52.59 52.66 -7.21
CA ALA H 203 -53.70 52.94 -8.16
C ALA H 203 -54.69 51.77 -8.20
N LEU H 204 -54.19 50.52 -8.18
CA LEU H 204 -55.04 49.30 -8.17
C LEU H 204 -55.86 49.27 -6.88
N GLU H 205 -55.23 49.48 -5.72
CA GLU H 205 -55.92 49.50 -4.40
C GLU H 205 -57.02 50.56 -4.43
N ARG H 206 -56.67 51.80 -4.75
CA ARG H 206 -57.60 52.95 -4.83
C ARG H 206 -58.76 52.60 -5.77
N SER H 207 -58.47 52.05 -6.95
CA SER H 207 -59.47 51.72 -7.99
C SER H 207 -60.36 50.57 -7.49
N PHE H 208 -59.82 49.68 -6.66
CA PHE H 208 -60.56 48.53 -6.08
C PHE H 208 -61.61 49.04 -5.09
N LEU H 209 -61.20 49.91 -4.16
CA LEU H 209 -62.11 50.52 -3.13
C LEU H 209 -63.20 51.30 -3.85
N GLN H 210 -62.84 52.09 -4.87
CA GLN H 210 -63.79 52.96 -5.62
C GLN H 210 -64.89 52.12 -6.25
N ALA H 211 -64.57 50.93 -6.76
CA ALA H 211 -65.52 50.02 -7.45
C ALA H 211 -66.25 49.13 -6.42
N GLY H 212 -66.00 49.32 -5.13
CA GLY H 212 -66.79 48.71 -4.05
C GLY H 212 -66.13 47.49 -3.43
N GLY H 213 -64.86 47.22 -3.75
CA GLY H 213 -64.12 46.08 -3.16
C GLY H 213 -63.76 46.35 -1.71
N ARG H 214 -63.50 45.30 -0.93
CA ARG H 214 -63.10 45.45 0.49
C ARG H 214 -61.71 44.81 0.69
N LEU H 215 -60.76 45.61 1.18
CA LEU H 215 -59.39 45.16 1.56
C LEU H 215 -59.41 44.67 3.01
N HIS H 216 -59.10 43.40 3.24
CA HIS H 216 -59.01 42.78 4.58
C HIS H 216 -57.56 42.34 4.79
N PRO H 217 -56.72 43.13 5.51
CA PRO H 217 -55.28 42.91 5.57
C PRO H 217 -54.88 41.76 6.51
N VAL H 218 -55.26 40.54 6.14
CA VAL H 218 -54.80 39.27 6.77
C VAL H 218 -54.38 38.31 5.65
N ASP H 219 -53.75 37.19 6.01
CA ASP H 219 -53.34 36.13 5.07
C ASP H 219 -54.31 34.94 5.21
N ALA H 220 -54.62 34.27 4.11
CA ALA H 220 -55.30 32.95 4.09
C ALA H 220 -54.33 31.90 4.65
N THR H 221 -54.76 31.06 5.58
CA THR H 221 -54.01 29.88 6.06
C THR H 221 -54.50 28.62 5.33
N GLU H 222 -55.78 28.56 4.94
CA GLU H 222 -56.43 27.32 4.46
C GLU H 222 -57.62 27.67 3.57
N ILE H 223 -57.79 26.96 2.46
CA ILE H 223 -59.01 27.02 1.60
C ILE H 223 -59.93 25.89 2.03
N ARG H 224 -61.20 26.18 2.28
CA ARG H 224 -62.22 25.16 2.67
C ARG H 224 -63.01 24.73 1.44
N ALA H 225 -63.06 23.42 1.20
CA ALA H 225 -63.84 22.79 0.10
C ALA H 225 -64.32 21.42 0.55
N SER H 226 -65.56 21.08 0.19
CA SER H 226 -66.20 19.77 0.41
C SER H 226 -67.24 19.55 -0.69
N HIS H 227 -67.48 18.29 -1.05
CA HIS H 227 -68.38 17.89 -2.17
C HIS H 227 -67.99 18.68 -3.44
N GLY H 228 -66.67 18.81 -3.69
CA GLY H 228 -66.07 19.41 -4.90
C GLY H 228 -66.47 20.86 -5.12
N ARG H 229 -66.59 21.66 -4.05
CA ARG H 229 -67.05 23.07 -4.13
C ARG H 229 -66.35 23.90 -3.05
N VAL H 230 -65.94 25.13 -3.36
CA VAL H 230 -65.30 26.06 -2.37
C VAL H 230 -66.39 26.56 -1.40
N GLU H 231 -66.10 26.52 -0.10
CA GLU H 231 -66.95 27.08 0.98
C GLU H 231 -66.40 28.46 1.38
N GLY H 232 -65.08 28.60 1.42
CA GLY H 232 -64.39 29.89 1.68
C GLY H 232 -62.97 29.71 2.15
N VAL H 233 -62.52 30.57 3.07
CA VAL H 233 -61.08 30.77 3.43
C VAL H 233 -60.95 31.04 4.93
N VAL H 234 -60.17 30.21 5.63
CA VAL H 234 -59.72 30.44 7.04
C VAL H 234 -58.53 31.40 6.98
N THR H 235 -58.55 32.48 7.77
CA THR H 235 -57.51 33.54 7.80
C THR H 235 -56.58 33.33 9.01
N ASP H 236 -55.43 34.03 9.03
CA ASP H 236 -54.31 33.78 9.99
C ASP H 236 -54.58 34.46 11.34
N ASP H 237 -55.74 35.09 11.54
CA ASP H 237 -56.20 35.58 12.87
C ASP H 237 -57.33 34.67 13.39
N GLY H 238 -57.51 33.48 12.81
CA GLY H 238 -58.44 32.43 13.31
C GLY H 238 -59.82 32.48 12.67
N ASP H 239 -60.17 33.56 11.97
CA ASP H 239 -61.53 33.84 11.42
C ASP H 239 -61.81 32.89 10.25
N PHE H 240 -63.06 32.84 9.75
CA PHE H 240 -63.47 32.13 8.52
C PHE H 240 -64.36 33.06 7.67
N LEU H 241 -63.97 33.32 6.41
CA LEU H 241 -64.77 34.12 5.44
C LEU H 241 -65.40 33.16 4.43
N PRO H 242 -66.75 33.18 4.26
CA PRO H 242 -67.40 32.30 3.29
C PRO H 242 -67.36 32.92 1.89
N ALA H 243 -67.42 32.08 0.84
CA ALA H 243 -67.48 32.53 -0.57
C ALA H 243 -67.82 31.35 -1.49
N GLY H 244 -68.46 31.65 -2.63
CA GLY H 244 -68.70 30.71 -3.74
C GLY H 244 -67.58 30.74 -4.77
N HIS H 245 -66.70 31.74 -4.69
CA HIS H 245 -65.53 31.91 -5.60
C HIS H 245 -64.29 32.31 -4.78
N VAL H 246 -63.19 31.59 -4.98
CA VAL H 246 -61.86 31.90 -4.40
C VAL H 246 -60.83 31.92 -5.55
N VAL H 247 -60.23 33.09 -5.80
CA VAL H 247 -59.15 33.27 -6.81
C VAL H 247 -57.82 33.30 -6.04
N VAL H 248 -56.94 32.31 -6.29
CA VAL H 248 -55.60 32.24 -5.62
C VAL H 248 -54.59 32.97 -6.52
N ALA H 249 -54.07 34.10 -6.03
CA ALA H 249 -53.03 34.92 -6.68
C ALA H 249 -52.02 35.34 -5.61
N ALA H 250 -51.51 34.35 -4.89
CA ALA H 250 -50.61 34.51 -3.72
C ALA H 250 -49.15 34.34 -4.16
N GLY H 251 -48.82 34.74 -5.38
CA GLY H 251 -47.47 34.58 -5.94
C GLY H 251 -46.92 33.20 -5.64
N ALA H 252 -45.71 33.13 -5.10
CA ALA H 252 -44.95 31.87 -4.92
C ALA H 252 -45.59 30.96 -3.87
N ARG H 253 -46.61 31.42 -3.13
CA ARG H 253 -47.28 30.62 -2.07
C ARG H 253 -48.53 29.91 -2.64
N SER H 254 -48.89 30.19 -3.90
CA SER H 254 -50.19 29.84 -4.53
C SER H 254 -50.42 28.31 -4.56
N GLN H 255 -49.45 27.53 -5.07
CA GLN H 255 -49.61 26.06 -5.19
C GLN H 255 -49.66 25.44 -3.79
N ARG H 256 -48.73 25.81 -2.90
CA ARG H 256 -48.65 25.25 -1.52
C ARG H 256 -50.03 25.37 -0.85
N LEU H 257 -50.80 26.40 -1.21
CA LEU H 257 -52.12 26.70 -0.60
C LEU H 257 -53.19 25.75 -1.14
N VAL H 258 -53.22 25.53 -2.45
CA VAL H 258 -54.24 24.72 -3.16
C VAL H 258 -53.91 23.22 -3.03
N ALA H 259 -52.63 22.86 -2.83
CA ALA H 259 -52.14 21.46 -2.81
C ALA H 259 -52.66 20.70 -1.59
N ALA H 260 -53.12 21.40 -0.56
CA ALA H 260 -53.63 20.82 0.71
C ALA H 260 -54.99 20.14 0.48
N LEU H 261 -55.74 20.57 -0.54
CA LEU H 261 -57.05 19.99 -0.94
C LEU H 261 -56.81 18.60 -1.54
N PRO H 262 -57.81 17.67 -1.45
CA PRO H 262 -57.60 16.26 -1.83
C PRO H 262 -57.19 16.03 -3.30
N GLY H 263 -56.14 15.24 -3.53
CA GLY H 263 -55.69 14.80 -4.86
C GLY H 263 -54.83 15.83 -5.58
N LEU H 264 -54.96 17.11 -5.21
CA LEU H 264 -54.43 18.28 -5.96
C LEU H 264 -52.91 18.41 -5.79
N ALA H 265 -52.31 17.71 -4.81
CA ALA H 265 -50.86 17.77 -4.51
C ALA H 265 -50.05 17.45 -5.76
N HIS H 266 -50.55 16.55 -6.63
CA HIS H 266 -49.83 16.07 -7.83
C HIS H 266 -50.59 16.45 -9.12
N ARG H 267 -51.57 17.35 -9.02
CA ARG H 267 -52.38 17.78 -10.20
C ARG H 267 -52.18 19.27 -10.48
N ILE H 268 -51.72 20.03 -9.48
CA ILE H 268 -51.30 21.46 -9.63
C ILE H 268 -49.78 21.50 -9.60
N PRO H 269 -49.12 21.85 -10.72
CA PRO H 269 -47.66 21.94 -10.75
C PRO H 269 -47.11 22.89 -9.67
N ARG H 270 -46.01 22.48 -9.04
CA ARG H 270 -45.33 23.26 -7.98
C ARG H 270 -44.86 24.60 -8.53
N ILE H 271 -44.89 25.61 -7.67
CA ILE H 271 -44.34 26.97 -7.90
C ILE H 271 -43.24 27.17 -6.85
N TYR H 272 -42.02 27.50 -7.27
CA TYR H 272 -40.89 27.87 -6.39
C TYR H 272 -40.66 29.38 -6.42
N ASP H 273 -39.76 29.87 -5.57
CA ASP H 273 -39.37 31.30 -5.44
C ASP H 273 -38.19 31.63 -6.37
N GLY H 274 -38.45 32.40 -7.41
CA GLY H 274 -37.42 33.05 -8.24
C GLY H 274 -36.96 34.35 -7.61
N VAL H 275 -36.07 34.25 -6.61
CA VAL H 275 -35.65 35.40 -5.76
C VAL H 275 -34.92 36.42 -6.64
N GLY H 276 -35.34 37.66 -6.56
CA GLY H 276 -34.87 38.75 -7.43
C GLY H 276 -34.49 39.95 -6.59
N VAL H 277 -33.31 40.49 -6.89
CA VAL H 277 -32.78 41.70 -6.19
C VAL H 277 -32.76 42.82 -7.22
N SER H 278 -33.21 43.99 -6.80
CA SER H 278 -33.18 45.24 -7.58
C SER H 278 -32.82 46.37 -6.61
N ALA H 279 -32.63 47.59 -7.11
CA ALA H 279 -32.24 48.72 -6.24
C ALA H 279 -32.82 50.02 -6.78
N LEU H 280 -33.15 50.93 -5.86
CA LEU H 280 -33.49 52.33 -6.17
C LEU H 280 -32.25 53.17 -5.88
N VAL H 281 -31.89 54.01 -6.84
CA VAL H 281 -30.65 54.83 -6.80
C VAL H 281 -31.03 56.28 -7.12
N ASP H 282 -30.57 57.21 -6.28
CA ASP H 282 -30.67 58.66 -6.53
C ASP H 282 -29.45 59.06 -7.35
N THR H 283 -29.65 59.42 -8.62
CA THR H 283 -28.55 59.71 -9.56
C THR H 283 -27.79 60.94 -9.06
N TRP H 284 -26.46 60.91 -9.25
CA TRP H 284 -25.49 61.98 -8.90
C TRP H 284 -26.04 63.37 -9.25
N ASP H 285 -26.70 63.55 -10.39
CA ASP H 285 -27.13 64.88 -10.92
C ASP H 285 -28.66 64.94 -11.08
N GLY H 286 -29.39 63.95 -10.55
CA GLY H 286 -30.86 63.92 -10.63
C GLY H 286 -31.40 63.52 -12.00
N SER H 287 -30.54 63.22 -12.98
CA SER H 287 -30.96 62.85 -14.36
C SER H 287 -31.38 61.37 -14.43
N GLY H 288 -31.96 60.98 -15.56
CA GLY H 288 -32.40 59.62 -15.88
C GLY H 288 -32.56 59.45 -17.39
N PRO H 289 -32.53 58.22 -17.92
CA PRO H 289 -32.74 58.02 -19.34
C PRO H 289 -34.23 58.24 -19.67
N ALA H 290 -34.54 58.62 -20.90
CA ALA H 290 -35.92 58.84 -21.37
C ALA H 290 -36.58 57.49 -21.66
N THR H 291 -35.79 56.48 -22.06
CA THR H 291 -36.29 55.12 -22.35
C THR H 291 -35.86 54.13 -21.27
N VAL H 292 -36.50 52.98 -21.25
CA VAL H 292 -35.96 51.76 -20.59
C VAL H 292 -34.66 51.42 -21.31
N LEU H 293 -33.63 51.03 -20.55
CA LEU H 293 -32.36 50.48 -21.08
C LEU H 293 -32.28 49.05 -20.58
N ARG H 294 -32.04 48.09 -21.47
CA ARG H 294 -31.96 46.67 -21.06
C ARG H 294 -31.07 45.88 -22.01
N THR H 295 -30.58 44.74 -21.51
CA THR H 295 -30.01 43.64 -22.32
C THR H 295 -31.12 42.63 -22.58
N SER H 296 -30.86 41.68 -23.47
CA SER H 296 -31.67 40.43 -23.58
C SER H 296 -31.54 39.68 -22.25
N ASN H 297 -32.39 38.69 -22.02
CA ASN H 297 -32.32 37.83 -20.81
C ASN H 297 -31.01 37.05 -20.84
N ARG H 298 -30.43 36.87 -19.65
CA ARG H 298 -29.05 36.35 -19.43
C ARG H 298 -29.12 35.12 -18.53
N ALA H 299 -28.00 34.70 -17.96
CA ALA H 299 -27.85 33.39 -17.27
C ALA H 299 -29.02 33.18 -16.30
N PHE H 300 -29.74 32.07 -16.47
CA PHE H 300 -30.80 31.61 -15.55
C PHE H 300 -31.84 32.72 -15.36
N ALA H 301 -32.16 33.42 -16.45
CA ALA H 301 -33.27 34.39 -16.54
C ALA H 301 -33.04 35.60 -15.63
N CYS H 302 -31.77 35.92 -15.33
CA CYS H 302 -31.39 37.25 -14.81
C CYS H 302 -31.33 38.21 -16.03
N GLY H 303 -30.96 39.46 -15.81
CA GLY H 303 -30.93 40.47 -16.90
C GLY H 303 -30.50 41.80 -16.33
N LEU H 304 -29.97 42.69 -17.15
CA LEU H 304 -29.58 44.04 -16.70
C LEU H 304 -30.55 45.03 -17.32
N HIS H 305 -31.22 45.82 -16.50
CA HIS H 305 -32.08 46.92 -17.00
C HIS H 305 -32.10 48.07 -16.00
N LEU H 306 -32.38 49.23 -16.57
CA LEU H 306 -32.63 50.48 -15.85
C LEU H 306 -34.01 50.97 -16.31
N VAL H 307 -34.94 51.09 -15.36
CA VAL H 307 -36.31 51.62 -15.58
C VAL H 307 -36.34 53.02 -14.99
N PRO H 308 -36.72 54.06 -15.77
CA PRO H 308 -36.79 55.43 -15.25
C PRO H 308 -37.85 55.54 -14.16
N ARG H 309 -37.68 56.52 -13.28
CA ARG H 309 -38.63 56.88 -12.19
C ARG H 309 -38.68 58.41 -12.13
N ALA H 310 -39.72 58.97 -11.50
CA ALA H 310 -39.85 60.42 -11.22
C ALA H 310 -38.94 60.80 -10.04
N GLY H 311 -38.46 62.04 -10.00
CA GLY H 311 -37.86 62.68 -8.81
C GLY H 311 -36.39 62.36 -8.59
N GLY H 312 -35.61 62.15 -9.66
CA GLY H 312 -34.15 61.99 -9.59
C GLY H 312 -33.72 60.60 -9.12
N SER H 313 -34.64 59.64 -9.17
CA SER H 313 -34.41 58.20 -8.87
C SER H 313 -34.34 57.41 -10.18
N VAL H 314 -33.59 56.30 -10.21
CA VAL H 314 -33.72 55.22 -11.23
C VAL H 314 -33.89 53.90 -10.51
N TYR H 315 -34.56 52.95 -11.15
CA TYR H 315 -34.61 51.52 -10.76
C TYR H 315 -33.54 50.78 -11.55
N ILE H 316 -32.74 49.93 -10.89
CA ILE H 316 -31.83 48.99 -11.58
C ILE H 316 -32.17 47.59 -11.11
N GLY H 317 -32.20 46.66 -12.06
CA GLY H 317 -32.40 45.24 -11.79
C GLY H 317 -31.81 44.40 -12.92
N ALA H 318 -31.94 43.08 -12.83
CA ALA H 318 -32.50 42.39 -11.68
C ALA H 318 -31.95 40.97 -11.67
N THR H 319 -31.54 40.46 -10.53
CA THR H 319 -30.95 39.11 -10.39
C THR H 319 -32.10 38.11 -10.36
N ASN H 320 -31.80 36.84 -10.59
CA ASN H 320 -32.79 35.76 -10.44
C ASN H 320 -32.06 34.50 -9.98
N ALA H 321 -32.58 33.85 -8.97
CA ALA H 321 -32.09 32.56 -8.47
C ALA H 321 -33.29 31.78 -7.96
N VAL H 322 -33.57 30.63 -8.55
CA VAL H 322 -34.67 29.76 -8.07
C VAL H 322 -34.17 29.10 -6.77
N CYS H 323 -34.93 29.30 -5.69
CA CYS H 323 -34.68 28.74 -4.34
C CYS H 323 -35.84 27.81 -3.98
N LEU H 324 -35.52 26.67 -3.36
CA LEU H 324 -36.52 25.63 -2.99
C LEU H 324 -37.28 26.10 -1.74
N GLU H 325 -36.68 26.98 -0.94
CA GLU H 325 -37.34 27.66 0.21
C GLU H 325 -37.29 29.16 -0.02
N PRO H 326 -38.28 29.93 0.47
CA PRO H 326 -38.29 31.39 0.27
C PRO H 326 -37.16 32.10 1.03
N ARG H 327 -36.81 33.30 0.57
CA ARG H 327 -35.70 34.12 1.13
C ARG H 327 -36.08 35.59 0.92
N GLY H 328 -35.98 36.40 1.97
CA GLY H 328 -36.51 37.78 2.01
C GLY H 328 -35.41 38.83 1.96
N ALA H 329 -34.15 38.39 1.96
CA ALA H 329 -32.98 39.31 1.97
C ALA H 329 -32.05 38.96 0.82
N ALA H 330 -31.47 39.98 0.20
CA ALA H 330 -30.44 39.88 -0.84
C ALA H 330 -29.18 39.25 -0.24
N SER H 331 -28.44 38.50 -1.05
CA SER H 331 -27.08 38.04 -0.73
C SER H 331 -26.10 39.12 -1.15
N ILE H 332 -24.91 39.15 -0.55
CA ILE H 332 -23.82 40.10 -0.92
C ILE H 332 -23.57 39.90 -2.43
N GLU H 333 -23.44 38.66 -2.88
CA GLU H 333 -23.11 38.31 -4.29
C GLU H 333 -24.07 39.00 -5.26
N GLU H 334 -25.37 38.97 -4.97
CA GLU H 334 -26.45 39.54 -5.81
C GLU H 334 -26.30 41.06 -5.89
N THR H 335 -26.08 41.72 -4.76
CA THR H 335 -25.93 43.19 -4.70
C THR H 335 -24.71 43.59 -5.54
N VAL H 336 -23.58 42.90 -5.33
CA VAL H 336 -22.30 43.24 -6.02
C VAL H 336 -22.52 43.08 -7.52
N PHE H 337 -23.09 41.95 -7.95
CA PHE H 337 -23.27 41.61 -9.38
C PHE H 337 -24.15 42.68 -10.03
N LEU H 338 -25.31 42.96 -9.43
CA LEU H 338 -26.26 43.99 -9.93
C LEU H 338 -25.54 45.34 -10.08
N PHE H 339 -24.82 45.79 -9.05
CA PHE H 339 -24.17 47.13 -9.04
C PHE H 339 -23.00 47.15 -10.04
N ASN H 340 -22.22 46.08 -10.14
CA ASN H 340 -21.07 46.02 -11.08
C ASN H 340 -21.58 46.11 -12.52
N CYS H 341 -22.65 45.38 -12.86
CA CYS H 341 -23.21 45.36 -14.23
C CYS H 341 -23.73 46.76 -14.60
N ALA H 342 -24.55 47.36 -13.74
CA ALA H 342 -25.15 48.70 -13.97
C ALA H 342 -24.07 49.77 -14.14
N THR H 343 -23.04 49.79 -13.28
CA THR H 343 -22.02 50.87 -13.31
C THR H 343 -21.12 50.75 -14.54
N HIS H 344 -20.81 49.53 -15.01
CA HIS H 344 -19.91 49.28 -16.17
C HIS H 344 -20.69 49.37 -17.49
N GLN H 345 -21.87 48.75 -17.58
CA GLN H 345 -22.58 48.50 -18.86
C GLN H 345 -23.55 49.64 -19.20
N LEU H 346 -24.06 50.38 -18.20
CA LEU H 346 -25.06 51.44 -18.43
C LEU H 346 -24.47 52.82 -18.14
N HIS H 347 -24.07 53.11 -16.90
CA HIS H 347 -23.56 54.47 -16.54
C HIS H 347 -22.60 54.44 -15.36
N ARG H 348 -21.37 54.87 -15.58
CA ARG H 348 -20.31 54.97 -14.54
C ARG H 348 -20.70 55.98 -13.45
N GLY H 349 -21.52 56.99 -13.78
CA GLY H 349 -22.10 57.95 -12.81
C GLY H 349 -22.89 57.28 -11.70
N LEU H 350 -23.46 56.11 -11.93
CA LEU H 350 -24.19 55.33 -10.89
C LEU H 350 -23.23 54.95 -9.76
N ASN H 351 -21.93 54.90 -10.04
CA ASN H 351 -20.89 54.53 -9.04
C ASN H 351 -20.90 55.56 -7.90
N GLY H 352 -21.02 56.85 -8.23
CA GLY H 352 -20.99 57.98 -7.27
C GLY H 352 -22.39 58.34 -6.80
N SER H 353 -23.41 57.60 -7.23
CA SER H 353 -24.82 57.87 -6.88
C SER H 353 -25.17 57.18 -5.56
N GLU H 354 -26.23 57.64 -4.92
CA GLU H 354 -26.64 57.22 -3.56
C GLU H 354 -27.63 56.05 -3.67
N LEU H 355 -27.33 54.96 -2.95
CA LEU H 355 -28.23 53.79 -2.78
C LEU H 355 -29.35 54.17 -1.81
N ARG H 356 -30.61 54.23 -2.28
CA ARG H 356 -31.78 54.51 -1.41
C ARG H 356 -32.34 53.20 -0.84
N LYS H 357 -32.35 52.11 -1.61
CA LYS H 357 -33.12 50.90 -1.24
C LYS H 357 -32.63 49.70 -2.04
N VAL H 358 -32.38 48.59 -1.36
CA VAL H 358 -32.18 47.25 -1.97
C VAL H 358 -33.50 46.50 -1.79
N GLN H 359 -34.10 46.04 -2.88
CA GLN H 359 -35.44 45.40 -2.91
C GLN H 359 -35.25 43.91 -3.21
N VAL H 360 -36.07 43.07 -2.58
CA VAL H 360 -36.10 41.60 -2.80
C VAL H 360 -37.55 41.17 -2.95
N GLY H 361 -37.84 40.41 -4.00
CA GLY H 361 -39.14 39.75 -4.23
C GLY H 361 -38.97 38.38 -4.84
N SER H 362 -40.00 37.54 -4.76
CA SER H 362 -40.01 36.16 -5.30
C SER H 362 -40.82 36.12 -6.59
N ARG H 363 -40.16 36.02 -7.73
CA ARG H 363 -40.84 35.62 -8.99
C ARG H 363 -41.45 34.25 -8.75
N PRO H 364 -42.78 34.06 -8.95
CA PRO H 364 -43.39 32.74 -8.89
C PRO H 364 -42.85 31.86 -10.03
N ALA H 365 -42.03 30.87 -9.70
CA ALA H 365 -41.28 30.03 -10.67
C ALA H 365 -41.95 28.66 -10.79
N PRO H 366 -42.76 28.42 -11.84
CA PRO H 366 -43.45 27.15 -11.99
C PRO H 366 -42.47 26.03 -12.38
N ILE H 367 -42.63 24.85 -11.79
CA ILE H 367 -41.69 23.70 -11.99
C ILE H 367 -41.61 23.28 -13.46
N ASP H 368 -42.62 23.55 -14.30
CA ASP H 368 -42.60 23.14 -15.73
C ASP H 368 -42.43 24.37 -16.63
N GLY H 369 -42.20 25.55 -16.05
CA GLY H 369 -41.77 26.76 -16.78
C GLY H 369 -42.89 27.48 -17.47
N PHE H 370 -44.16 27.19 -17.11
CA PHE H 370 -45.34 27.86 -17.72
C PHE H 370 -46.35 28.24 -16.63
N PRO H 371 -47.11 29.33 -16.85
CA PRO H 371 -48.04 29.85 -15.86
C PRO H 371 -49.15 28.86 -15.49
N LEU H 372 -49.80 29.12 -14.35
CA LEU H 372 -51.02 28.40 -13.86
C LEU H 372 -52.17 29.41 -13.83
N ILE H 373 -53.01 29.40 -14.87
CA ILE H 373 -54.09 30.41 -15.07
C ILE H 373 -55.39 29.69 -15.46
N GLY H 374 -56.41 29.79 -14.61
CA GLY H 374 -57.78 29.40 -14.99
C GLY H 374 -58.43 28.57 -13.91
N GLY H 375 -59.33 27.68 -14.33
CA GLY H 375 -60.23 26.91 -13.45
C GLY H 375 -59.60 25.65 -12.95
N THR H 376 -60.28 24.99 -12.02
CA THR H 376 -59.83 23.79 -11.27
C THR H 376 -60.95 22.74 -11.38
N SER H 377 -60.69 21.51 -10.92
CA SER H 377 -61.70 20.43 -10.80
C SER H 377 -62.63 20.72 -9.61
N VAL H 378 -62.31 21.74 -8.81
CA VAL H 378 -63.13 22.25 -7.68
C VAL H 378 -63.89 23.49 -8.14
N GLU H 379 -65.22 23.46 -8.06
CA GLU H 379 -66.12 24.53 -8.54
C GLU H 379 -65.83 25.80 -7.73
N GLY H 380 -65.68 26.94 -8.42
CA GLY H 380 -65.44 28.26 -7.82
C GLY H 380 -63.98 28.49 -7.40
N LEU H 381 -63.08 27.51 -7.59
CA LEU H 381 -61.64 27.65 -7.25
C LEU H 381 -60.85 28.01 -8.50
N TRP H 382 -60.26 29.22 -8.51
CA TRP H 382 -59.47 29.74 -9.65
C TRP H 382 -58.06 30.06 -9.16
N MET H 383 -57.10 29.99 -10.09
CA MET H 383 -55.65 30.17 -9.81
C MET H 383 -55.10 31.17 -10.83
N LEU H 384 -54.23 32.06 -10.36
CA LEU H 384 -53.57 33.09 -11.21
C LEU H 384 -52.14 33.29 -10.69
N SER H 385 -51.19 32.50 -11.16
CA SER H 385 -49.79 32.46 -10.63
C SER H 385 -48.83 31.80 -11.61
N GLY H 386 -47.56 31.70 -11.20
CA GLY H 386 -46.47 31.05 -11.96
C GLY H 386 -46.05 31.89 -13.15
N THR H 387 -46.19 33.22 -13.05
CA THR H 387 -45.95 34.16 -14.18
C THR H 387 -44.46 34.49 -14.29
N TYR H 388 -43.64 34.07 -13.33
CA TYR H 388 -42.15 34.20 -13.37
C TYR H 388 -41.78 35.67 -13.62
N ARG H 389 -41.34 36.02 -14.84
CA ARG H 389 -40.70 37.34 -15.15
C ARG H 389 -41.71 38.40 -15.60
N ASP H 390 -42.93 38.01 -16.02
CA ASP H 390 -43.80 38.92 -16.81
C ASP H 390 -45.29 38.84 -16.40
N GLY H 391 -45.61 38.38 -15.20
CA GLY H 391 -46.98 38.48 -14.64
C GLY H 391 -47.51 39.90 -14.63
N LEU H 392 -46.69 40.85 -14.18
CA LEU H 392 -47.08 42.29 -14.11
C LEU H 392 -47.47 42.75 -15.50
N HIS H 393 -46.65 42.49 -16.51
CA HIS H 393 -46.92 42.90 -17.91
C HIS H 393 -48.25 42.30 -18.38
N MET H 394 -48.52 41.05 -18.03
CA MET H 394 -49.66 40.28 -18.57
C MET H 394 -50.92 40.51 -17.72
N SER H 395 -50.80 41.23 -16.59
CA SER H 395 -51.88 41.38 -15.57
C SER H 395 -53.22 41.75 -16.22
N PRO H 396 -53.33 42.82 -17.05
CA PRO H 396 -54.64 43.21 -17.57
C PRO H 396 -55.26 42.07 -18.40
N LEU H 397 -54.47 41.40 -19.25
CA LEU H 397 -54.98 40.29 -20.09
C LEU H 397 -55.42 39.14 -19.18
N LEU H 398 -54.59 38.75 -18.22
CA LEU H 398 -54.85 37.59 -17.34
C LEU H 398 -56.08 37.87 -16.47
N ALA H 399 -56.23 39.12 -16.01
CA ALA H 399 -57.37 39.56 -15.19
C ALA H 399 -58.67 39.34 -15.97
N ARG H 400 -58.74 39.87 -17.19
CA ARG H 400 -59.92 39.81 -18.08
C ARG H 400 -60.22 38.36 -18.47
N HIS H 401 -59.18 37.55 -18.65
CA HIS H 401 -59.35 36.11 -18.99
C HIS H 401 -60.07 35.40 -17.82
N VAL H 402 -59.57 35.54 -16.60
CA VAL H 402 -60.13 34.80 -15.43
C VAL H 402 -61.56 35.28 -15.18
N VAL H 403 -61.80 36.59 -15.29
CA VAL H 403 -63.14 37.23 -15.09
C VAL H 403 -64.12 36.65 -16.11
N SER H 404 -63.70 36.54 -17.38
CA SER H 404 -64.52 35.97 -18.47
C SER H 404 -64.88 34.52 -18.12
N LEU H 405 -63.91 33.70 -17.68
CA LEU H 405 -64.16 32.27 -17.31
C LEU H 405 -65.15 32.21 -16.14
N MET H 406 -65.06 33.15 -15.21
CA MET H 406 -65.89 33.17 -13.98
C MET H 406 -67.34 33.53 -14.35
N ASP H 407 -67.54 34.24 -15.46
CA ASP H 407 -68.84 34.74 -15.97
C ASP H 407 -69.44 33.73 -16.98
N GLY H 408 -69.38 34.02 -18.29
CA GLY H 408 -69.95 33.16 -19.34
C GLY H 408 -68.92 32.19 -19.95
N GLY H 409 -67.66 32.22 -19.49
CA GLY H 409 -66.59 31.33 -19.97
C GLY H 409 -65.94 31.84 -21.24
N THR H 410 -64.88 31.14 -21.66
CA THR H 410 -64.00 31.29 -22.86
C THR H 410 -62.72 32.11 -22.66
N GLY H 411 -62.83 33.39 -22.27
CA GLY H 411 -61.70 34.32 -22.14
C GLY H 411 -60.88 34.44 -23.41
N VAL H 412 -59.56 34.41 -23.29
CA VAL H 412 -58.58 34.57 -24.41
C VAL H 412 -58.16 33.19 -24.91
N ASP H 413 -58.03 33.03 -26.23
CA ASP H 413 -57.93 31.70 -26.91
C ASP H 413 -56.69 30.91 -26.46
N GLY H 414 -55.46 31.43 -26.59
CA GLY H 414 -54.24 30.62 -26.45
C GLY H 414 -53.83 30.39 -25.00
N LEU H 415 -54.67 30.72 -24.01
CA LEU H 415 -54.37 30.53 -22.56
C LEU H 415 -54.74 29.11 -22.12
N ARG H 416 -55.46 28.34 -22.94
CA ARG H 416 -56.01 27.01 -22.58
C ARG H 416 -54.91 26.08 -22.07
N GLU H 417 -53.74 26.09 -22.72
CA GLU H 417 -52.61 25.16 -22.40
C GLU H 417 -52.09 25.40 -20.97
N PHE H 418 -52.31 26.60 -20.41
CA PHE H 418 -51.74 27.02 -19.10
C PHE H 418 -52.77 26.88 -17.98
N ARG H 419 -53.84 26.09 -18.21
CA ARG H 419 -54.80 25.64 -17.17
C ARG H 419 -53.99 25.17 -15.97
N PRO H 420 -54.36 25.53 -14.73
CA PRO H 420 -53.56 25.19 -13.56
C PRO H 420 -53.51 23.71 -13.19
N GLU H 421 -54.59 22.98 -13.48
CA GLU H 421 -54.70 21.53 -13.16
C GLU H 421 -54.30 20.76 -14.42
N ARG H 422 -53.07 20.23 -14.43
CA ARG H 422 -52.44 19.61 -15.61
C ARG H 422 -51.30 18.69 -15.17
N ASP H 423 -50.95 17.75 -16.03
CA ASP H 423 -49.63 17.07 -16.07
C ASP H 423 -48.56 18.15 -16.28
N LEU H 424 -47.39 18.00 -15.68
CA LEU H 424 -46.21 18.86 -15.99
C LEU H 424 -46.02 18.87 -17.50
N ILE H 425 -45.83 20.06 -18.08
CA ILE H 425 -45.51 20.26 -19.51
C ILE H 425 -44.05 19.87 -19.77
N SER H 426 -43.79 19.30 -20.95
CA SER H 426 -42.46 18.94 -21.47
C SER H 426 -42.26 19.68 -22.80
N ALA H 427 -41.89 20.97 -22.72
CA ALA H 427 -41.81 21.89 -23.88
C ALA H 427 -40.49 21.67 -24.62
N TRP H 428 -39.52 21.00 -23.99
CA TRP H 428 -38.15 20.78 -24.54
C TRP H 428 -37.74 19.34 -24.29
N SER H 429 -36.95 18.77 -25.20
CA SER H 429 -36.24 17.47 -25.02
C SER H 429 -35.21 17.62 -23.89
N ARG H 430 -34.96 16.54 -23.17
CA ARG H 430 -33.88 16.43 -22.15
C ARG H 430 -32.58 16.97 -22.73
N GLU H 431 -32.27 16.60 -23.97
CA GLU H 431 -31.03 17.01 -24.69
C GLU H 431 -30.97 18.54 -24.80
N GLU H 432 -32.08 19.20 -25.17
CA GLU H 432 -32.14 20.68 -25.33
C GLU H 432 -31.83 21.35 -23.98
N ILE H 433 -32.38 20.82 -22.89
CA ILE H 433 -32.27 21.41 -21.54
C ILE H 433 -30.82 21.26 -21.04
N LEU H 434 -30.21 20.10 -21.25
CA LEU H 434 -28.82 19.82 -20.82
C LEU H 434 -27.84 20.74 -21.54
N ASP H 435 -28.03 21.00 -22.84
CA ASP H 435 -27.24 22.01 -23.59
C ASP H 435 -27.47 23.39 -22.95
N ASP H 436 -28.72 23.70 -22.60
CA ASP H 436 -29.12 25.02 -22.06
C ASP H 436 -28.45 25.22 -20.68
N VAL H 437 -28.52 24.24 -19.77
CA VAL H 437 -28.04 24.38 -18.36
C VAL H 437 -26.52 24.58 -18.35
N VAL H 438 -25.80 23.93 -19.27
CA VAL H 438 -24.33 24.04 -19.38
C VAL H 438 -23.98 25.43 -19.92
N ARG H 439 -24.68 25.85 -20.96
CA ARG H 439 -24.47 27.17 -21.62
C ARG H 439 -24.70 28.27 -20.58
N HIS H 440 -25.81 28.22 -19.84
CA HIS H 440 -26.22 29.22 -18.85
C HIS H 440 -25.20 29.22 -17.70
N THR H 441 -24.77 28.03 -17.24
CA THR H 441 -23.73 27.90 -16.20
C THR H 441 -22.47 28.64 -16.66
N MET H 442 -22.00 28.37 -17.89
CA MET H 442 -20.81 29.07 -18.44
C MET H 442 -21.11 30.58 -18.50
N ALA H 443 -22.33 30.96 -18.84
CA ALA H 443 -22.73 32.38 -18.96
C ALA H 443 -22.57 33.11 -17.62
N THR H 444 -22.70 32.45 -16.48
CA THR H 444 -22.49 33.13 -15.17
C THR H 444 -21.03 33.59 -15.10
N GLY H 445 -20.13 32.87 -15.77
CA GLY H 445 -18.71 33.23 -15.90
C GLY H 445 -18.53 34.45 -16.78
N TYR H 446 -19.09 34.43 -17.98
CA TYR H 446 -18.83 35.46 -19.00
C TYR H 446 -19.49 36.78 -18.57
N GLU H 447 -20.52 36.70 -17.73
CA GLU H 447 -21.32 37.88 -17.27
C GLU H 447 -20.63 38.56 -16.08
N PHE H 448 -19.67 37.91 -15.42
CA PHE H 448 -19.03 38.44 -14.19
C PHE H 448 -18.33 39.78 -14.48
N PRO H 449 -17.50 39.96 -15.54
CA PRO H 449 -16.96 38.89 -16.37
C PRO H 449 -15.69 38.35 -15.74
N TRP H 450 -15.44 37.04 -15.84
CA TRP H 450 -14.20 36.43 -15.32
C TRP H 450 -13.04 36.75 -16.26
N ARG H 451 -11.82 36.49 -15.79
CA ARG H 451 -10.58 36.42 -16.62
C ARG H 451 -9.88 35.12 -16.20
N LEU H 452 -9.74 34.20 -17.15
CA LEU H 452 -9.29 32.80 -16.94
C LEU H 452 -8.20 32.51 -17.94
N PRO H 453 -7.39 31.46 -17.71
CA PRO H 453 -6.55 30.93 -18.78
C PRO H 453 -7.47 30.43 -19.91
N LEU H 454 -7.03 30.54 -21.16
CA LEU H 454 -7.94 30.41 -22.32
C LEU H 454 -8.41 28.96 -22.52
N GLU H 455 -7.77 27.95 -21.93
CA GLU H 455 -8.19 26.53 -22.15
C GLU H 455 -9.21 26.12 -21.08
N TRP H 456 -9.34 26.88 -20.00
CA TRP H 456 -10.20 26.52 -18.83
C TRP H 456 -11.66 26.44 -19.23
N PRO H 457 -12.23 27.40 -19.98
CA PRO H 457 -13.65 27.34 -20.35
C PRO H 457 -14.04 26.05 -21.06
N HIS H 458 -13.28 25.60 -22.07
CA HIS H 458 -13.56 24.32 -22.79
C HIS H 458 -13.50 23.15 -21.79
N MET H 459 -12.57 23.17 -20.84
CA MET H 459 -12.41 22.09 -19.84
C MET H 459 -13.66 22.03 -18.94
N MET H 460 -14.13 23.17 -18.46
N MET H 460 -14.14 23.17 -18.44
CA MET H 460 -15.33 23.23 -17.58
CA MET H 460 -15.36 23.20 -17.56
C MET H 460 -16.57 22.84 -18.37
C MET H 460 -16.58 22.80 -18.39
N GLU H 461 -16.69 23.27 -19.64
CA GLU H 461 -17.80 22.87 -20.54
C GLU H 461 -17.90 21.34 -20.53
N THR H 462 -16.81 20.62 -20.80
CA THR H 462 -16.84 19.14 -20.98
C THR H 462 -17.08 18.45 -19.62
N PHE H 463 -16.64 19.04 -18.50
CA PHE H 463 -16.75 18.41 -17.15
C PHE H 463 -18.09 18.78 -16.49
N LEU H 464 -18.87 19.67 -17.09
CA LEU H 464 -20.21 20.06 -16.58
C LEU H 464 -21.26 19.11 -17.15
N GLN H 465 -21.08 18.63 -18.38
CA GLN H 465 -22.06 17.80 -19.13
C GLN H 465 -22.43 16.56 -18.32
N GLY H 466 -21.44 15.80 -17.83
CA GLY H 466 -21.64 14.53 -17.11
C GLY H 466 -22.52 14.69 -15.88
N PRO H 467 -22.12 15.50 -14.88
CA PRO H 467 -22.90 15.63 -13.64
C PRO H 467 -24.35 16.08 -13.82
N PHE H 468 -24.65 16.90 -14.83
CA PHE H 468 -26.02 17.40 -15.13
C PHE H 468 -26.82 16.32 -15.89
N ALA H 469 -26.18 15.57 -16.79
CA ALA H 469 -26.79 14.42 -17.50
C ALA H 469 -27.18 13.36 -16.46
N GLU H 470 -26.28 13.07 -15.51
CA GLU H 470 -26.49 12.11 -14.41
C GLU H 470 -27.67 12.55 -13.55
N LEU H 471 -27.77 13.84 -13.22
CA LEU H 471 -28.84 14.40 -12.36
C LEU H 471 -30.19 14.22 -13.06
N ALA H 472 -30.29 14.60 -14.33
CA ALA H 472 -31.53 14.54 -15.15
C ALA H 472 -32.06 13.10 -15.23
N ASP H 473 -31.17 12.11 -15.43
CA ASP H 473 -31.52 10.67 -15.54
C ASP H 473 -32.05 10.16 -14.19
N ARG H 474 -31.47 10.65 -13.09
CA ARG H 474 -31.75 10.21 -11.70
C ARG H 474 -33.12 10.73 -11.25
N LEU H 475 -33.54 11.90 -11.75
CA LEU H 475 -34.74 12.63 -11.24
C LEU H 475 -36.03 11.94 -11.71
N SER H 476 -36.09 11.51 -12.98
CA SER H 476 -37.30 10.94 -13.61
C SER H 476 -36.93 10.39 -14.99
N ASP H 477 -37.69 9.41 -15.48
CA ASP H 477 -37.51 8.82 -16.82
C ASP H 477 -38.32 9.62 -17.86
N THR H 478 -39.19 10.56 -17.43
CA THR H 478 -40.09 11.30 -18.36
C THR H 478 -39.95 12.82 -18.16
N TYR H 479 -39.90 13.35 -16.93
CA TYR H 479 -39.89 14.81 -16.66
C TYR H 479 -38.45 15.32 -16.50
N THR H 480 -38.19 16.49 -17.09
CA THR H 480 -36.91 17.23 -16.94
C THR H 480 -37.20 18.66 -16.50
N PRO H 481 -36.67 19.10 -15.34
CA PRO H 481 -36.83 20.49 -14.91
C PRO H 481 -36.15 21.41 -15.91
N PRO H 482 -36.70 22.61 -16.20
CA PRO H 482 -35.99 23.59 -17.01
C PRO H 482 -34.71 24.04 -16.28
N ALA H 483 -33.78 24.63 -17.05
CA ALA H 483 -32.41 24.97 -16.62
C ALA H 483 -32.42 25.72 -15.28
N ASP H 484 -33.25 26.76 -15.18
CA ASP H 484 -33.33 27.68 -14.01
C ASP H 484 -33.51 26.85 -12.75
N LEU H 485 -34.34 25.81 -12.82
CA LEU H 485 -34.68 24.97 -11.65
C LEU H 485 -33.63 23.87 -11.50
N MET H 486 -33.15 23.31 -12.62
CA MET H 486 -32.16 22.21 -12.57
C MET H 486 -30.89 22.68 -11.83
N THR H 487 -30.39 23.90 -12.07
CA THR H 487 -29.18 24.40 -11.38
C THR H 487 -29.45 24.47 -9.88
N ALA H 488 -30.61 24.96 -9.46
CA ALA H 488 -31.01 25.01 -8.04
C ALA H 488 -31.02 23.59 -7.45
N ILE H 489 -31.60 22.61 -8.16
CA ILE H 489 -31.66 21.19 -7.68
C ILE H 489 -30.24 20.63 -7.54
N MET H 490 -29.38 20.84 -8.54
CA MET H 490 -27.95 20.39 -8.59
C MET H 490 -27.19 20.80 -7.30
N PHE H 491 -27.47 21.96 -6.74
CA PHE H 491 -26.70 22.54 -5.59
C PHE H 491 -27.53 22.52 -4.31
N SER H 492 -28.67 21.81 -4.31
CA SER H 492 -29.52 21.58 -3.12
C SER H 492 -29.00 20.36 -2.35
N GLU H 493 -29.57 20.06 -1.18
CA GLU H 493 -29.20 18.89 -0.34
C GLU H 493 -29.72 17.59 -0.98
N ARG H 494 -29.13 16.45 -0.61
CA ARG H 494 -29.55 15.10 -1.08
C ARG H 494 -31.02 14.85 -0.74
N GLU H 495 -31.47 15.27 0.45
CA GLU H 495 -32.87 15.06 0.93
C GLU H 495 -33.83 15.80 -0.02
N GLN H 496 -33.50 17.05 -0.37
CA GLN H 496 -34.33 17.93 -1.23
C GLN H 496 -34.41 17.33 -2.65
N GLN H 497 -33.32 16.75 -3.14
CA GLN H 497 -33.26 16.04 -4.44
C GLN H 497 -34.17 14.81 -4.41
N ASP H 498 -34.06 13.99 -3.36
CA ASP H 498 -34.82 12.72 -3.22
C ASP H 498 -36.33 13.06 -3.15
N GLU H 499 -36.69 14.11 -2.41
CA GLU H 499 -38.08 14.61 -2.28
C GLU H 499 -38.62 14.96 -3.67
N LEU H 500 -37.78 15.51 -4.57
CA LEU H 500 -38.16 15.89 -5.95
C LEU H 500 -38.34 14.63 -6.82
N ILE H 501 -37.56 13.57 -6.56
CA ILE H 501 -37.67 12.28 -7.29
C ILE H 501 -39.05 11.67 -6.95
N ALA H 502 -39.43 11.72 -5.66
CA ALA H 502 -40.73 11.23 -5.15
C ALA H 502 -41.88 12.05 -5.76
N TYR H 503 -41.75 13.38 -5.79
CA TYR H 503 -42.74 14.30 -6.40
C TYR H 503 -42.97 13.93 -7.88
N TYR H 504 -41.89 13.87 -8.67
CA TYR H 504 -41.96 13.60 -10.13
C TYR H 504 -42.63 12.24 -10.37
N ALA H 505 -42.27 11.22 -9.59
CA ALA H 505 -42.80 9.84 -9.69
C ALA H 505 -44.31 9.84 -9.37
N ASP H 506 -44.70 10.52 -8.28
CA ASP H 506 -46.12 10.68 -7.86
C ASP H 506 -46.93 11.40 -8.96
N VAL H 507 -46.36 12.41 -9.63
CA VAL H 507 -47.07 13.14 -10.72
C VAL H 507 -47.30 12.17 -11.89
N HIS H 508 -46.33 11.31 -12.20
CA HIS H 508 -46.40 10.31 -13.30
C HIS H 508 -47.53 9.30 -13.01
N ARG H 509 -47.58 8.79 -11.77
CA ARG H 509 -48.64 7.89 -11.25
C ARG H 509 -50.02 8.52 -11.50
N GLU H 510 -50.21 9.79 -11.16
CA GLU H 510 -51.51 10.51 -11.23
C GLU H 510 -51.99 10.63 -12.68
N TRP H 511 -51.08 10.89 -13.64
CA TRP H 511 -51.43 11.36 -15.00
C TRP H 511 -51.22 10.31 -16.09
N HIS H 512 -50.36 9.29 -15.90
CA HIS H 512 -49.96 8.33 -16.98
C HIS H 512 -50.30 6.89 -16.60
#